data_2H3V
#
_entry.id   2H3V
#
_cell.length_a   1.000
_cell.length_b   1.000
_cell.length_c   1.000
_cell.angle_alpha   90.00
_cell.angle_beta   90.00
_cell.angle_gamma   90.00
#
_symmetry.space_group_name_H-M   'P 1'
#
loop_
_entity.id
_entity.type
_entity.pdbx_description
1 polymer 'Gag polyprotein'
2 non-polymer '[(2R)-2-octanoyloxy-3-[oxidanyl-[(1R,2R,3S,4R,5R,6S)-2,3,6-tris(oxidanyl)-4,5-diphosphonooxy-cyclohexyl]oxy-phosphoryl]oxy-propyl] octanoate'
#
_entity_poly.entity_id   1
_entity_poly.type   'polypeptide(L)'
_entity_poly.pdbx_seq_one_letter_code
;GARASVLSGGELDKWEKIRLRPGGKKQYKLKHIVWASRELERFAVNPGLLETSEGCRQILGQLQPSLQTGSEELRSLYNT
IAVLYCVHQRIDVKDTKEALDKIEEEQNKSKKKAQQAAADTGNNSQVSQNY
;
_entity_poly.pdbx_strand_id   A
#
loop_
_chem_comp.id
_chem_comp.type
_chem_comp.name
_chem_comp.formula
PIO non-polymer '[(2R)-2-octanoyloxy-3-[oxidanyl-[(1R,2R,3S,4R,5R,6S)-2,3,6-tris(oxidanyl)-4,5-diphosphonooxy-cyclohexyl]oxy-phosphoryl]oxy-propyl] octanoate' 'C25 H49 O19 P3'
#
# COMPACT_ATOMS: atom_id res chain seq x y z
N GLY A 1 1.52 26.16 4.64
CA GLY A 1 2.56 25.75 3.72
C GLY A 1 2.28 24.41 3.08
N ALA A 2 3.33 23.75 2.60
CA ALA A 2 3.18 22.45 1.96
C ALA A 2 2.74 21.39 2.96
N ARG A 3 2.25 20.26 2.45
CA ARG A 3 1.79 19.17 3.30
C ARG A 3 2.98 18.43 3.92
N ALA A 4 2.88 18.15 5.21
CA ALA A 4 3.94 17.43 5.91
C ALA A 4 3.40 16.18 6.61
N SER A 5 4.29 15.43 7.24
CA SER A 5 3.91 14.21 7.94
C SER A 5 3.29 13.20 6.97
N VAL A 6 3.08 11.98 7.46
CA VAL A 6 2.49 10.92 6.64
C VAL A 6 0.97 10.96 6.69
N LEU A 7 0.42 10.73 7.88
CA LEU A 7 -1.02 10.74 8.07
C LEU A 7 -1.44 11.87 9.00
N SER A 8 -2.33 12.73 8.52
CA SER A 8 -2.81 13.86 9.31
C SER A 8 -3.75 13.38 10.42
N GLY A 9 -4.34 14.33 11.14
CA GLY A 9 -5.24 13.99 12.22
C GLY A 9 -6.36 13.08 11.77
N GLY A 10 -7.03 13.46 10.68
CA GLY A 10 -8.12 12.66 10.16
C GLY A 10 -7.68 11.28 9.71
N GLU A 11 -6.62 11.24 8.92
CA GLU A 11 -6.08 9.98 8.41
C GLU A 11 -5.66 9.07 9.56
N LEU A 12 -5.04 9.67 10.58
CA LEU A 12 -4.58 8.92 11.74
C LEU A 12 -5.73 8.19 12.41
N ASP A 13 -6.88 8.85 12.48
CA ASP A 13 -8.07 8.27 13.09
C ASP A 13 -8.46 6.96 12.40
N LYS A 14 -8.71 7.04 11.11
CA LYS A 14 -9.10 5.86 10.33
C LYS A 14 -7.96 4.84 10.30
N TRP A 15 -6.73 5.34 10.26
CA TRP A 15 -5.55 4.47 10.23
C TRP A 15 -5.54 3.53 11.43
N GLU A 16 -5.70 4.10 12.63
CA GLU A 16 -5.70 3.31 13.85
C GLU A 16 -6.83 2.30 13.84
N LYS A 17 -7.89 2.59 13.08
CA LYS A 17 -9.04 1.71 12.98
C LYS A 17 -8.72 0.50 12.10
N ILE A 18 -8.16 0.76 10.93
CA ILE A 18 -7.81 -0.31 10.00
C ILE A 18 -6.97 -1.37 10.69
N ARG A 19 -7.24 -2.64 10.37
CA ARG A 19 -6.51 -3.75 10.96
C ARG A 19 -5.58 -4.38 9.93
N LEU A 20 -4.46 -4.90 10.41
CA LEU A 20 -3.47 -5.54 9.54
C LEU A 20 -4.09 -6.70 8.78
N ARG A 21 -5.02 -7.41 9.42
CA ARG A 21 -5.69 -8.53 8.80
C ARG A 21 -7.20 -8.39 8.89
N PRO A 22 -7.93 -9.11 8.03
CA PRO A 22 -9.39 -9.09 8.00
C PRO A 22 -10.02 -9.75 9.22
N GLY A 23 -9.35 -10.78 9.73
CA GLY A 23 -9.85 -11.47 10.89
C GLY A 23 -8.81 -11.63 11.99
N GLY A 24 -8.10 -10.53 12.27
CA GLY A 24 -7.08 -10.56 13.30
C GLY A 24 -7.44 -9.72 14.51
N LYS A 25 -6.47 -9.50 15.39
CA LYS A 25 -6.69 -8.71 16.59
C LYS A 25 -5.53 -7.74 16.82
N LYS A 26 -5.08 -7.11 15.76
CA LYS A 26 -3.96 -6.15 15.84
C LYS A 26 -4.19 -4.97 14.91
N GLN A 27 -4.86 -3.94 15.40
CA GLN A 27 -5.14 -2.75 14.61
C GLN A 27 -3.84 -2.11 14.13
N TYR A 28 -3.97 -1.08 13.29
CA TYR A 28 -2.81 -0.39 12.75
C TYR A 28 -2.34 0.70 13.73
N LYS A 29 -1.03 0.97 13.70
CA LYS A 29 -0.45 1.98 14.57
C LYS A 29 0.73 2.67 13.90
N LEU A 30 1.15 3.79 14.45
CA LEU A 30 2.28 4.55 13.91
C LEU A 30 3.49 3.64 13.72
N LYS A 31 3.61 2.63 14.57
CA LYS A 31 4.71 1.69 14.49
C LYS A 31 4.87 1.13 13.08
N HIS A 32 3.74 0.90 12.41
CA HIS A 32 3.75 0.36 11.06
C HIS A 32 4.09 1.46 10.05
N ILE A 33 3.69 2.71 10.28
CA ILE A 33 4.00 3.79 9.33
C ILE A 33 5.50 4.08 9.32
N VAL A 34 6.13 4.00 10.49
CA VAL A 34 7.55 4.26 10.62
C VAL A 34 8.37 3.05 10.18
N TRP A 35 7.88 1.86 10.50
CA TRP A 35 8.57 0.63 10.13
C TRP A 35 8.80 0.56 8.62
N ALA A 36 7.85 1.10 7.86
CA ALA A 36 7.96 1.10 6.41
C ALA A 36 8.82 2.26 5.92
N SER A 37 8.78 3.37 6.63
CA SER A 37 9.55 4.56 6.27
C SER A 37 11.05 4.26 6.34
N ARG A 38 11.42 3.38 7.27
CA ARG A 38 12.82 3.01 7.45
C ARG A 38 13.23 1.93 6.46
N GLU A 39 12.26 1.13 6.04
CA GLU A 39 12.52 0.05 5.08
C GLU A 39 12.52 0.57 3.65
N LEU A 40 11.80 1.66 3.43
CA LEU A 40 11.70 2.25 2.10
C LEU A 40 13.03 2.87 1.69
N GLU A 41 13.60 3.68 2.58
CA GLU A 41 14.88 4.34 2.30
C GLU A 41 15.95 3.31 1.95
N ARG A 42 15.77 2.09 2.44
CA ARG A 42 16.73 1.01 2.17
C ARG A 42 16.63 0.54 0.72
N PHE A 43 15.44 0.71 0.13
CA PHE A 43 15.22 0.30 -1.25
C PHE A 43 15.40 1.49 -2.20
N ALA A 44 16.25 2.43 -1.80
CA ALA A 44 16.51 3.61 -2.62
C ALA A 44 15.25 4.45 -2.80
N VAL A 45 14.30 4.27 -1.89
CA VAL A 45 13.04 5.02 -1.94
C VAL A 45 12.86 5.87 -0.69
N ASN A 46 12.86 7.19 -0.87
CA ASN A 46 12.70 8.11 0.24
C ASN A 46 11.33 7.94 0.90
N PRO A 47 11.29 8.11 2.23
CA PRO A 47 10.05 7.98 3.01
C PRO A 47 9.07 9.11 2.73
N GLY A 48 9.54 10.13 2.01
CA GLY A 48 8.69 11.26 1.69
C GLY A 48 7.56 10.89 0.74
N LEU A 49 7.70 9.75 0.08
CA LEU A 49 6.69 9.29 -0.87
C LEU A 49 5.48 8.72 -0.13
N LEU A 50 5.70 8.26 1.09
CA LEU A 50 4.63 7.70 1.90
C LEU A 50 3.56 8.75 2.21
N GLU A 51 3.97 10.01 2.19
CA GLU A 51 3.05 11.11 2.47
C GLU A 51 2.54 11.73 1.17
N THR A 52 2.56 10.95 0.09
CA THR A 52 2.11 11.42 -1.21
C THR A 52 1.22 10.38 -1.89
N SER A 53 0.00 10.81 -2.24
CA SER A 53 -0.95 9.91 -2.90
C SER A 53 -0.36 9.34 -4.18
N GLU A 54 0.61 10.05 -4.75
CA GLU A 54 1.26 9.62 -5.98
C GLU A 54 2.37 8.62 -5.69
N GLY A 55 3.24 8.97 -4.75
CA GLY A 55 4.35 8.09 -4.39
C GLY A 55 3.88 6.70 -4.01
N CYS A 56 2.89 6.63 -3.13
CA CYS A 56 2.35 5.34 -2.70
C CYS A 56 1.98 4.48 -3.90
N ARG A 57 1.35 5.09 -4.89
CA ARG A 57 0.93 4.37 -6.08
C ARG A 57 2.13 3.81 -6.84
N GLN A 58 3.23 4.57 -6.85
CA GLN A 58 4.44 4.15 -7.52
C GLN A 58 5.14 3.03 -6.75
N ILE A 59 5.26 3.22 -5.44
CA ILE A 59 5.90 2.23 -4.58
C ILE A 59 5.22 0.86 -4.70
N LEU A 60 3.90 0.88 -4.83
CA LEU A 60 3.13 -0.35 -4.95
C LEU A 60 3.33 -0.98 -6.34
N GLY A 61 3.66 -0.15 -7.32
CA GLY A 61 3.88 -0.63 -8.67
C GLY A 61 5.15 -1.46 -8.78
N GLN A 62 6.05 -1.30 -7.83
CA GLN A 62 7.31 -2.03 -7.83
C GLN A 62 7.20 -3.30 -7.00
N LEU A 63 6.30 -3.28 -6.02
CA LEU A 63 6.11 -4.43 -5.15
C LEU A 63 5.02 -5.35 -5.70
N GLN A 64 4.10 -4.78 -6.48
CA GLN A 64 3.02 -5.55 -7.07
C GLN A 64 3.55 -6.77 -7.81
N PRO A 65 4.38 -6.54 -8.84
CA PRO A 65 4.96 -7.61 -9.64
C PRO A 65 6.01 -8.41 -8.86
N SER A 66 6.48 -7.84 -7.76
CA SER A 66 7.49 -8.49 -6.93
C SER A 66 6.85 -9.07 -5.66
N LEU A 67 5.57 -9.40 -5.75
CA LEU A 67 4.85 -9.97 -4.62
C LEU A 67 5.14 -11.45 -4.48
N GLN A 68 5.23 -12.16 -5.61
CA GLN A 68 5.52 -13.58 -5.60
C GLN A 68 6.97 -13.85 -5.22
N THR A 69 7.88 -13.10 -5.83
CA THR A 69 9.30 -13.26 -5.55
C THR A 69 9.78 -12.25 -4.52
N GLY A 70 8.85 -11.79 -3.67
CA GLY A 70 9.20 -10.82 -2.65
C GLY A 70 9.28 -11.45 -1.27
N SER A 71 10.36 -11.15 -0.56
CA SER A 71 10.56 -11.69 0.79
C SER A 71 9.49 -11.18 1.74
N GLU A 72 9.57 -11.61 3.00
CA GLU A 72 8.61 -11.19 4.01
C GLU A 72 8.55 -9.67 4.12
N GLU A 73 9.71 -9.03 3.95
CA GLU A 73 9.80 -7.57 4.03
C GLU A 73 8.95 -6.92 2.94
N LEU A 74 9.02 -7.46 1.73
CA LEU A 74 8.27 -6.93 0.61
C LEU A 74 6.77 -7.03 0.86
N ARG A 75 6.33 -8.19 1.33
CA ARG A 75 4.92 -8.42 1.62
C ARG A 75 4.40 -7.39 2.62
N SER A 76 5.13 -7.22 3.72
CA SER A 76 4.74 -6.28 4.76
C SER A 76 4.60 -4.87 4.19
N LEU A 77 5.51 -4.52 3.30
CA LEU A 77 5.49 -3.20 2.67
C LEU A 77 4.20 -2.98 1.88
N TYR A 78 3.94 -3.88 0.93
CA TYR A 78 2.74 -3.79 0.10
C TYR A 78 1.49 -3.67 0.96
N ASN A 79 1.56 -4.25 2.16
CA ASN A 79 0.42 -4.21 3.08
C ASN A 79 0.24 -2.81 3.66
N THR A 80 1.29 -2.30 4.30
CA THR A 80 1.24 -0.97 4.91
C THR A 80 1.00 0.10 3.85
N ILE A 81 1.81 0.07 2.79
CA ILE A 81 1.67 1.04 1.71
C ILE A 81 0.26 1.03 1.13
N ALA A 82 -0.42 -0.10 1.27
CA ALA A 82 -1.78 -0.24 0.76
C ALA A 82 -2.76 0.51 1.63
N VAL A 83 -2.87 0.09 2.89
CA VAL A 83 -3.79 0.73 3.83
C VAL A 83 -3.58 2.25 3.85
N LEU A 84 -2.34 2.68 3.75
CA LEU A 84 -2.00 4.10 3.75
C LEU A 84 -2.45 4.76 2.44
N TYR A 85 -2.08 4.15 1.33
CA TYR A 85 -2.44 4.69 0.02
C TYR A 85 -3.94 4.95 -0.07
N CYS A 86 -4.73 3.96 0.30
CA CYS A 86 -6.19 4.09 0.26
C CYS A 86 -6.64 5.34 1.00
N VAL A 87 -5.88 5.74 2.01
CA VAL A 87 -6.19 6.91 2.81
C VAL A 87 -5.92 8.20 2.02
N HIS A 88 -4.79 8.22 1.32
CA HIS A 88 -4.41 9.38 0.53
C HIS A 88 -5.30 9.51 -0.72
N GLN A 89 -6.01 8.45 -1.12
CA GLN A 89 -6.86 8.52 -2.30
C GLN A 89 -8.31 8.79 -1.92
N ARG A 90 -8.96 7.79 -1.33
CA ARG A 90 -10.35 7.92 -0.92
C ARG A 90 -10.85 6.64 -0.26
N ILE A 91 -10.37 5.50 -0.77
CA ILE A 91 -10.77 4.21 -0.24
C ILE A 91 -10.58 4.15 1.28
N ASP A 92 -11.62 3.70 1.98
CA ASP A 92 -11.56 3.60 3.43
C ASP A 92 -11.71 2.15 3.88
N VAL A 93 -10.85 1.29 3.35
CA VAL A 93 -10.88 -0.13 3.69
C VAL A 93 -10.84 -0.33 5.21
N LYS A 94 -11.27 -1.51 5.65
CA LYS A 94 -11.28 -1.82 7.08
C LYS A 94 -10.05 -2.64 7.46
N ASP A 95 -9.50 -3.36 6.50
CA ASP A 95 -8.32 -4.18 6.74
C ASP A 95 -7.34 -4.09 5.57
N THR A 96 -6.16 -4.67 5.74
CA THR A 96 -5.13 -4.65 4.71
C THR A 96 -5.56 -5.46 3.49
N LYS A 97 -6.22 -6.59 3.74
CA LYS A 97 -6.68 -7.46 2.68
C LYS A 97 -7.57 -6.70 1.70
N GLU A 98 -8.58 -6.02 2.23
CA GLU A 98 -9.50 -5.25 1.41
C GLU A 98 -8.74 -4.23 0.55
N ALA A 99 -7.72 -3.64 1.13
CA ALA A 99 -6.90 -2.64 0.42
C ALA A 99 -6.26 -3.25 -0.81
N LEU A 100 -5.97 -4.55 -0.75
CA LEU A 100 -5.35 -5.25 -1.86
C LEU A 100 -6.35 -5.45 -3.01
N ASP A 101 -7.57 -5.81 -2.65
CA ASP A 101 -8.62 -6.03 -3.64
C ASP A 101 -8.99 -4.73 -4.33
N LYS A 102 -8.98 -3.64 -3.58
CA LYS A 102 -9.32 -2.33 -4.13
C LYS A 102 -8.29 -1.87 -5.15
N ILE A 103 -7.01 -2.04 -4.81
CA ILE A 103 -5.93 -1.65 -5.71
C ILE A 103 -5.77 -2.65 -6.85
N GLU A 104 -6.13 -3.90 -6.58
CA GLU A 104 -6.03 -4.95 -7.60
C GLU A 104 -7.05 -4.73 -8.71
N GLU A 105 -8.22 -4.22 -8.33
CA GLU A 105 -9.28 -3.95 -9.30
C GLU A 105 -8.92 -2.78 -10.21
N GLU A 106 -8.35 -1.74 -9.62
CA GLU A 106 -7.95 -0.56 -10.38
C GLU A 106 -6.94 -0.91 -11.46
N GLN A 107 -5.98 -1.76 -11.11
CA GLN A 107 -4.95 -2.18 -12.05
C GLN A 107 -5.49 -3.22 -13.02
N ASN A 108 -6.33 -4.11 -12.50
CA ASN A 108 -6.93 -5.17 -13.33
C ASN A 108 -7.75 -4.58 -14.46
N LYS A 109 -8.39 -3.45 -14.18
CA LYS A 109 -9.23 -2.77 -15.18
C LYS A 109 -8.42 -2.44 -16.43
N SER A 110 -7.12 -2.22 -16.24
CA SER A 110 -6.23 -1.89 -17.35
C SER A 110 -5.86 -3.14 -18.13
N LYS A 111 -5.85 -4.29 -17.45
CA LYS A 111 -5.52 -5.55 -18.08
C LYS A 111 -6.41 -5.82 -19.28
N LYS A 112 -7.69 -5.50 -19.15
CA LYS A 112 -8.66 -5.69 -20.22
C LYS A 112 -8.16 -5.07 -21.52
N LYS A 113 -7.42 -3.97 -21.40
CA LYS A 113 -6.88 -3.29 -22.57
C LYS A 113 -5.52 -3.84 -22.95
N ALA A 114 -4.59 -3.84 -22.01
CA ALA A 114 -3.25 -4.35 -22.25
C ALA A 114 -2.61 -3.68 -23.46
N GLN A 115 -2.78 -2.37 -23.56
CA GLN A 115 -2.22 -1.61 -24.67
C GLN A 115 -1.02 -0.76 -24.21
N GLN A 116 -1.11 -0.24 -22.99
CA GLN A 116 -0.05 0.59 -22.45
C GLN A 116 0.75 -0.19 -21.40
N ALA A 117 0.09 -1.15 -20.76
CA ALA A 117 0.75 -1.96 -19.74
C ALA A 117 1.23 -3.29 -20.31
N ALA A 118 1.52 -3.29 -21.62
CA ALA A 118 1.98 -4.49 -22.29
C ALA A 118 3.08 -4.16 -23.29
N ALA A 119 3.94 -3.21 -22.93
CA ALA A 119 5.04 -2.80 -23.79
C ALA A 119 6.37 -2.88 -23.05
N ASP A 120 6.42 -2.33 -21.86
CA ASP A 120 7.63 -2.34 -21.05
C ASP A 120 7.85 -3.71 -20.42
N THR A 121 6.77 -4.35 -19.99
CA THR A 121 6.84 -5.67 -19.38
C THR A 121 7.36 -6.71 -20.36
N GLY A 122 8.09 -7.69 -19.84
CA GLY A 122 8.64 -8.73 -20.68
C GLY A 122 7.71 -9.92 -20.83
N ASN A 123 7.36 -10.54 -19.70
CA ASN A 123 6.46 -11.68 -19.70
C ASN A 123 5.42 -11.57 -18.61
N ASN A 124 4.19 -11.25 -19.00
CA ASN A 124 3.09 -11.11 -18.04
C ASN A 124 2.59 -12.47 -17.59
N SER A 125 1.82 -12.49 -16.49
CA SER A 125 1.28 -13.73 -15.95
C SER A 125 -0.20 -13.86 -16.29
N GLN A 126 -0.59 -15.05 -16.73
CA GLN A 126 -1.98 -15.32 -17.09
C GLN A 126 -2.64 -16.24 -16.08
N VAL A 127 -2.19 -16.16 -14.83
CA VAL A 127 -2.75 -16.99 -13.77
C VAL A 127 -2.82 -16.22 -12.46
N SER A 128 -3.85 -15.39 -12.32
CA SER A 128 -4.04 -14.59 -11.12
C SER A 128 -5.02 -15.26 -10.17
N GLN A 129 -4.54 -15.66 -9.00
CA GLN A 129 -5.38 -16.32 -8.01
C GLN A 129 -5.48 -15.48 -6.74
N ASN A 130 -6.63 -15.56 -6.07
CA ASN A 130 -6.85 -14.80 -4.84
C ASN A 130 -6.06 -15.40 -3.69
N TYR A 131 -5.65 -14.54 -2.75
CA TYR A 131 -4.88 -14.97 -1.60
C TYR A 131 -5.75 -15.76 -0.62
C1 PIO B . 3.83 -8.49 12.06
O1 PIO B . 5.18 -8.15 12.71
P1 PIO B . 5.60 -7.14 13.97
C2 PIO B . 2.86 -9.35 12.94
O2 PIO B . 3.43 -10.57 13.39
C3 PIO B . 1.56 -9.65 12.17
O3 PIO B . 0.71 -10.44 13.02
C4 PIO B . 1.86 -10.39 10.80
O4 PIO B . 0.56 -10.62 10.05
P4 PIO B . -0.31 -12.02 9.79
C5 PIO B . 2.84 -9.48 9.95
O5 PIO B . 3.17 -10.19 8.71
P5 PIO B . 4.04 -11.55 8.38
C6 PIO B . 4.15 -9.15 10.71
O6 PIO B . 4.98 -8.24 9.98
O11 PIO B . 4.43 -6.15 14.03
O12 PIO B . 5.78 -8.07 15.14
O13 PIO B . 6.91 -6.50 13.60
C1A PIO B . 5.78 -4.79 9.68
O1A PIO B . 6.21 -5.56 8.86
C1B PIO B . 8.56 -4.16 14.66
O1B PIO B . 7.87 -4.02 15.65
C1C PIO B . 7.10 -6.04 12.28
C2A PIO B . 4.30 -4.36 9.62
C2B PIO B . 10.00 -4.71 14.78
C2C PIO B . 6.36 -4.71 12.03
O2C PIO B . 6.61 -4.28 10.70
C3A PIO B . 3.87 -4.13 8.16
C3B PIO B . 10.10 -6.23 14.59
C3C PIO B . 6.80 -3.60 13.01
O3C PIO B . 8.16 -3.80 13.36
O41 PIO B . -1.21 -11.52 8.65
O42 PIO B . 0.70 -13.05 9.36
O43 PIO B . -1.02 -12.44 11.06
C4A PIO B . 2.35 -4.31 8.04
C4B PIO B . 10.00 -6.97 15.93
O51 PIO B . 3.16 -12.19 7.33
O52 PIO B . 5.39 -11.00 7.93
O53 PIO B . 4.06 -12.28 9.70
C5A PIO B . 2.03 -5.79 7.75
C5B PIO B . 10.00 -8.49 15.67
C6A PIO B . 0.57 -6.09 8.14
C6B PIO B . 11.13 -9.16 16.49
C7A PIO B . 0.31 -7.60 8.04
C7B PIO B . 10.80 -10.65 16.70
C8A PIO B . -0.62 -7.89 6.86
C8B PIO B . 10.87 -11.39 15.34
H1 PIO B . 3.28 -7.57 11.92
H2 PIO B . 2.61 -8.74 13.81
H3 PIO B . 1.04 -8.73 11.92
H4 PIO B . 2.33 -11.35 10.93
H5 PIO B . 2.28 -8.57 9.75
H6 PIO B . 4.70 -10.07 10.84
HO2 PIO B . 3.80 -11.12 12.73
HO3 PIO B . 1.10 -11.30 13.18
HO6 PIO B . 5.46 -8.67 9.29
HC11 PIO B . 8.13 -5.89 12.12
HC12 PIO B . 6.72 -6.75 11.59
HC2 PIO B . 5.32 -4.85 12.19
HC31 PIO B . 6.73 -2.65 12.55
HC32 PIO B . 6.18 -3.57 13.86
H2A1 PIO B . 4.17 -3.48 10.16
H2A2 PIO B . 3.71 -5.12 10.03
H3A1 PIO B . 4.36 -4.82 7.54
H3A2 PIO B . 4.12 -3.15 7.86
H4A1 PIO B . 1.89 -4.02 8.93
H4A2 PIO B . 1.99 -3.72 7.25
H5A1 PIO B . 2.68 -6.40 8.31
H5A2 PIO B . 2.17 -5.99 6.73
H6A1 PIO B . 0.41 -5.76 9.12
H6A2 PIO B . -0.08 -5.59 7.49
H7A1 PIO B . -0.13 -7.94 8.93
H7A2 PIO B . 1.22 -8.11 7.90
H8A1 PIO B . -1.61 -7.73 7.14
H8A2 PIO B . -0.50 -8.89 6.55
H8A3 PIO B . -0.37 -7.25 6.05
H2B1 PIO B . 10.60 -4.24 14.07
H2B2 PIO B . 10.35 -4.48 15.75
H3B1 PIO B . 9.31 -6.55 13.96
H3B2 PIO B . 11.02 -6.46 14.12
H4B1 PIO B . 9.13 -6.71 16.43
H4B2 PIO B . 10.83 -6.73 16.52
H5B1 PIO B . 10.16 -8.68 14.64
H5B2 PIO B . 9.07 -8.90 15.95
H6B1 PIO B . 11.21 -8.68 17.42
H6B2 PIO B . 12.03 -9.06 15.97
H7B1 PIO B . 9.84 -10.74 17.09
H7B2 PIO B . 11.49 -11.07 17.36
H8B1 PIO B . 10.57 -12.38 15.47
H8B2 PIO B . 11.85 -11.35 14.99
H8B3 PIO B . 10.23 -10.91 14.66
N GLY A 1 10.44 13.60 12.34
CA GLY A 1 9.71 13.31 11.12
C GLY A 1 10.52 13.62 9.88
N ALA A 2 10.45 12.74 8.88
CA ALA A 2 11.19 12.93 7.64
C ALA A 2 10.40 13.78 6.65
N ARG A 3 10.57 15.09 6.74
CA ARG A 3 9.86 16.02 5.85
C ARG A 3 8.36 15.92 6.05
N ALA A 4 7.83 16.77 6.92
CA ALA A 4 6.39 16.78 7.20
C ALA A 4 5.93 15.43 7.75
N SER A 5 4.62 15.27 7.86
CA SER A 5 4.05 14.02 8.38
C SER A 5 3.40 13.22 7.25
N VAL A 6 2.98 12.00 7.58
CA VAL A 6 2.34 11.13 6.60
C VAL A 6 0.82 11.30 6.61
N LEU A 7 0.19 10.86 7.69
CA LEU A 7 -1.26 10.97 7.82
C LEU A 7 -1.64 12.19 8.66
N SER A 8 -2.75 12.82 8.30
CA SER A 8 -3.22 14.01 9.02
C SER A 8 -4.12 13.61 10.19
N GLY A 9 -4.75 14.60 10.80
CA GLY A 9 -5.63 14.35 11.92
C GLY A 9 -6.80 13.43 11.54
N GLY A 10 -7.51 13.80 10.49
CA GLY A 10 -8.64 13.00 10.04
C GLY A 10 -8.23 11.62 9.58
N GLU A 11 -7.10 11.55 8.87
CA GLU A 11 -6.61 10.27 8.37
C GLU A 11 -6.14 9.38 9.51
N LEU A 12 -5.50 9.99 10.51
CA LEU A 12 -5.01 9.25 11.66
C LEU A 12 -6.12 8.42 12.30
N ASP A 13 -7.31 9.01 12.39
CA ASP A 13 -8.46 8.32 12.97
C ASP A 13 -8.74 7.02 12.24
N LYS A 14 -8.90 7.10 10.92
CA LYS A 14 -9.18 5.92 10.10
C LYS A 14 -8.02 4.94 10.17
N TRP A 15 -6.81 5.45 10.14
CA TRP A 15 -5.62 4.59 10.21
C TRP A 15 -5.64 3.73 11.46
N GLU A 16 -5.74 4.36 12.62
CA GLU A 16 -5.77 3.65 13.88
C GLU A 16 -6.91 2.63 13.91
N LYS A 17 -7.93 2.89 13.12
CA LYS A 17 -9.09 2.00 13.05
C LYS A 17 -8.79 0.79 12.17
N ILE A 18 -8.23 1.04 10.99
CA ILE A 18 -7.89 -0.04 10.06
C ILE A 18 -7.05 -1.11 10.75
N ARG A 19 -7.37 -2.37 10.47
CA ARG A 19 -6.65 -3.49 11.06
C ARG A 19 -5.56 -3.99 10.12
N LEU A 20 -4.55 -4.64 10.69
CA LEU A 20 -3.44 -5.17 9.90
C LEU A 20 -3.91 -6.31 9.00
N ARG A 21 -4.98 -6.98 9.40
CA ARG A 21 -5.52 -8.09 8.62
C ARG A 21 -7.03 -8.21 8.84
N PRO A 22 -7.71 -8.88 7.90
CA PRO A 22 -9.16 -9.08 7.97
C PRO A 22 -9.56 -10.04 9.08
N GLY A 23 -8.71 -11.02 9.35
CA GLY A 23 -8.99 -11.99 10.39
C GLY A 23 -8.19 -11.73 11.66
N GLY A 24 -7.84 -10.48 11.89
CA GLY A 24 -7.08 -10.12 13.07
C GLY A 24 -7.70 -8.99 13.85
N LYS A 25 -7.12 -8.67 15.01
CA LYS A 25 -7.62 -7.60 15.85
C LYS A 25 -6.60 -6.48 15.98
N LYS A 26 -5.32 -6.83 15.82
CA LYS A 26 -4.24 -5.85 15.92
C LYS A 26 -4.48 -4.68 14.97
N GLN A 27 -4.93 -3.56 15.53
CA GLN A 27 -5.20 -2.37 14.73
C GLN A 27 -3.89 -1.74 14.23
N TYR A 28 -4.02 -0.77 13.34
CA TYR A 28 -2.85 -0.10 12.78
C TYR A 28 -2.36 1.00 13.72
N LYS A 29 -1.05 1.24 13.71
CA LYS A 29 -0.45 2.27 14.56
C LYS A 29 0.72 2.93 13.85
N LEU A 30 1.15 4.07 14.39
CA LEU A 30 2.28 4.80 13.81
C LEU A 30 3.48 3.90 13.61
N LYS A 31 3.60 2.90 14.48
CA LYS A 31 4.72 1.96 14.41
C LYS A 31 4.84 1.37 13.01
N HIS A 32 3.70 1.12 12.37
CA HIS A 32 3.69 0.56 11.02
C HIS A 32 4.01 1.64 9.99
N ILE A 33 3.60 2.89 10.18
CA ILE A 33 3.90 3.94 9.22
C ILE A 33 5.39 4.25 9.18
N VAL A 34 6.03 4.20 10.35
CA VAL A 34 7.45 4.47 10.44
C VAL A 34 8.28 3.25 10.05
N TRP A 35 7.80 2.07 10.44
CA TRP A 35 8.48 0.82 10.14
C TRP A 35 8.70 0.67 8.63
N ALA A 36 7.75 1.17 7.85
CA ALA A 36 7.83 1.09 6.40
C ALA A 36 8.74 2.19 5.84
N SER A 37 8.85 3.29 6.58
CA SER A 37 9.68 4.42 6.16
C SER A 37 11.16 4.07 6.27
N ARG A 38 11.53 3.41 7.36
CA ARG A 38 12.91 3.01 7.59
C ARG A 38 13.29 1.83 6.71
N GLU A 39 12.30 1.02 6.36
CA GLU A 39 12.52 -0.15 5.52
C GLU A 39 12.49 0.23 4.04
N LEU A 40 11.76 1.29 3.73
CA LEU A 40 11.65 1.75 2.35
C LEU A 40 12.96 2.32 1.85
N GLU A 41 13.57 3.20 2.65
CA GLU A 41 14.84 3.81 2.28
C GLU A 41 15.90 2.75 1.98
N ARG A 42 15.73 1.57 2.58
CA ARG A 42 16.66 0.47 2.37
C ARG A 42 16.51 -0.13 0.98
N PHE A 43 15.30 -0.01 0.42
CA PHE A 43 15.03 -0.54 -0.90
C PHE A 43 15.18 0.54 -1.97
N ALA A 44 16.02 1.53 -1.68
CA ALA A 44 16.25 2.63 -2.60
C ALA A 44 14.98 3.45 -2.82
N VAL A 45 14.05 3.36 -1.87
CA VAL A 45 12.79 4.08 -1.96
C VAL A 45 12.63 5.05 -0.81
N ASN A 46 12.61 6.34 -1.12
CA ASN A 46 12.47 7.38 -0.10
C ASN A 46 11.13 7.26 0.60
N PRO A 47 11.13 7.55 1.92
CA PRO A 47 9.91 7.48 2.74
C PRO A 47 8.91 8.59 2.39
N GLY A 48 9.36 9.56 1.59
CA GLY A 48 8.50 10.65 1.20
C GLY A 48 7.37 10.21 0.29
N LEU A 49 7.48 8.98 -0.23
CA LEU A 49 6.47 8.43 -1.12
C LEU A 49 5.24 7.98 -0.33
N LEU A 50 5.44 7.69 0.95
CA LEU A 50 4.34 7.25 1.81
C LEU A 50 3.49 8.43 2.25
N GLU A 51 4.05 9.63 2.18
CA GLU A 51 3.34 10.83 2.58
C GLU A 51 2.71 11.52 1.36
N THR A 52 2.47 10.73 0.32
CA THR A 52 1.88 11.25 -0.92
C THR A 52 1.01 10.20 -1.60
N SER A 53 -0.27 10.48 -1.72
CA SER A 53 -1.21 9.55 -2.36
C SER A 53 -0.77 9.25 -3.79
N GLU A 54 0.01 10.14 -4.37
CA GLU A 54 0.48 9.98 -5.73
C GLU A 54 1.81 9.20 -5.77
N GLY A 55 2.79 9.69 -5.02
CA GLY A 55 4.09 9.04 -4.97
C GLY A 55 3.99 7.60 -4.47
N CYS A 56 2.89 7.29 -3.80
CA CYS A 56 2.69 5.94 -3.28
C CYS A 56 2.45 4.95 -4.40
N ARG A 57 1.64 5.33 -5.38
CA ARG A 57 1.33 4.49 -6.52
C ARG A 57 2.61 3.97 -7.17
N GLN A 58 3.68 4.76 -7.08
CA GLN A 58 4.96 4.38 -7.67
C GLN A 58 5.56 3.19 -6.94
N ILE A 59 5.38 3.16 -5.62
CA ILE A 59 5.90 2.08 -4.79
C ILE A 59 5.23 0.76 -5.14
N LEU A 60 3.93 0.69 -4.95
CA LEU A 60 3.16 -0.52 -5.24
C LEU A 60 3.40 -0.98 -6.68
N GLY A 61 3.70 -0.02 -7.56
CA GLY A 61 3.95 -0.35 -8.95
C GLY A 61 5.20 -1.18 -9.14
N GLN A 62 6.08 -1.14 -8.14
CA GLN A 62 7.33 -1.90 -8.20
C GLN A 62 7.26 -3.14 -7.33
N LEU A 63 6.47 -3.07 -6.25
CA LEU A 63 6.32 -4.19 -5.34
C LEU A 63 5.30 -5.18 -5.86
N GLN A 64 4.37 -4.70 -6.69
CA GLN A 64 3.33 -5.55 -7.26
C GLN A 64 3.95 -6.77 -7.93
N PRO A 65 4.78 -6.53 -8.97
CA PRO A 65 5.44 -7.60 -9.71
C PRO A 65 6.52 -8.30 -8.89
N SER A 66 6.93 -7.66 -7.80
CA SER A 66 7.96 -8.22 -6.93
C SER A 66 7.34 -8.83 -5.68
N LEU A 67 6.08 -9.26 -5.80
CA LEU A 67 5.37 -9.87 -4.68
C LEU A 67 5.79 -11.31 -4.49
N GLN A 68 6.03 -12.01 -5.60
CA GLN A 68 6.44 -13.41 -5.55
C GLN A 68 7.96 -13.53 -5.39
N THR A 69 8.69 -12.74 -6.18
CA THR A 69 10.14 -12.76 -6.14
C THR A 69 10.66 -12.12 -4.85
N GLY A 70 9.93 -11.13 -4.35
CA GLY A 70 10.33 -10.46 -3.13
C GLY A 70 10.27 -11.37 -1.91
N SER A 71 10.79 -10.88 -0.79
CA SER A 71 10.80 -11.66 0.44
C SER A 71 9.73 -11.16 1.40
N GLU A 72 9.72 -11.72 2.61
CA GLU A 72 8.74 -11.34 3.62
C GLU A 72 8.78 -9.83 3.86
N GLU A 73 9.96 -9.23 3.69
CA GLU A 73 10.13 -7.81 3.88
C GLU A 73 9.26 -7.01 2.90
N LEU A 74 9.06 -7.58 1.72
CA LEU A 74 8.26 -6.93 0.68
C LEU A 74 6.77 -7.05 1.01
N ARG A 75 6.37 -8.21 1.51
CA ARG A 75 4.97 -8.46 1.86
C ARG A 75 4.47 -7.41 2.84
N SER A 76 5.17 -7.27 3.96
CA SER A 76 4.79 -6.31 4.99
C SER A 76 4.62 -4.92 4.40
N LEU A 77 5.52 -4.55 3.49
CA LEU A 77 5.47 -3.25 2.85
C LEU A 77 4.18 -3.08 2.03
N TYR A 78 3.98 -3.99 1.08
CA TYR A 78 2.80 -3.95 0.24
C TYR A 78 1.52 -3.87 1.08
N ASN A 79 1.58 -4.45 2.28
CA ASN A 79 0.44 -4.44 3.18
C ASN A 79 0.18 -3.04 3.73
N THR A 80 1.21 -2.45 4.32
CA THR A 80 1.09 -1.11 4.88
C THR A 80 0.84 -0.07 3.79
N ILE A 81 1.69 -0.06 2.77
CA ILE A 81 1.54 0.87 1.66
C ILE A 81 0.14 0.82 1.08
N ALA A 82 -0.49 -0.34 1.17
CA ALA A 82 -1.84 -0.52 0.66
C ALA A 82 -2.86 0.27 1.48
N VAL A 83 -2.90 0.00 2.78
CA VAL A 83 -3.83 0.69 3.67
C VAL A 83 -3.57 2.20 3.66
N LEU A 84 -2.31 2.58 3.59
CA LEU A 84 -1.93 3.99 3.57
C LEU A 84 -2.49 4.69 2.33
N TYR A 85 -2.12 4.18 1.16
CA TYR A 85 -2.59 4.75 -0.10
C TYR A 85 -4.11 4.88 -0.11
N CYS A 86 -4.78 3.87 0.42
CA CYS A 86 -6.24 3.87 0.47
C CYS A 86 -6.76 5.03 1.32
N VAL A 87 -6.07 5.30 2.43
CA VAL A 87 -6.46 6.39 3.33
C VAL A 87 -6.22 7.74 2.69
N HIS A 88 -5.02 7.92 2.12
CA HIS A 88 -4.67 9.18 1.47
C HIS A 88 -5.66 9.52 0.36
N GLN A 89 -6.15 8.55 -0.40
CA GLN A 89 -7.10 8.82 -1.47
C GLN A 89 -8.48 9.09 -0.91
N ARG A 90 -9.12 8.05 -0.38
CA ARG A 90 -10.46 8.18 0.19
C ARG A 90 -10.95 6.85 0.73
N ILE A 91 -10.57 5.76 0.07
CA ILE A 91 -10.97 4.44 0.49
C ILE A 91 -10.65 4.20 1.96
N ASP A 92 -11.66 3.83 2.74
CA ASP A 92 -11.48 3.57 4.16
C ASP A 92 -11.68 2.09 4.47
N VAL A 93 -10.85 1.24 3.86
CA VAL A 93 -10.93 -0.19 4.09
C VAL A 93 -10.91 -0.53 5.57
N LYS A 94 -11.40 -1.72 5.91
CA LYS A 94 -11.43 -2.16 7.30
C LYS A 94 -10.19 -2.98 7.64
N ASP A 95 -9.64 -3.65 6.63
CA ASP A 95 -8.45 -4.48 6.82
C ASP A 95 -7.44 -4.24 5.70
N THR A 96 -6.24 -4.80 5.85
CA THR A 96 -5.20 -4.65 4.85
C THR A 96 -5.53 -5.44 3.58
N LYS A 97 -6.33 -6.48 3.74
CA LYS A 97 -6.73 -7.32 2.61
C LYS A 97 -7.58 -6.52 1.63
N GLU A 98 -8.62 -5.87 2.14
CA GLU A 98 -9.52 -5.08 1.32
C GLU A 98 -8.74 -4.04 0.51
N ALA A 99 -7.75 -3.42 1.16
CA ALA A 99 -6.94 -2.41 0.50
C ALA A 99 -6.25 -2.98 -0.74
N LEU A 100 -6.00 -4.28 -0.72
CA LEU A 100 -5.35 -4.94 -1.86
C LEU A 100 -6.35 -5.22 -2.97
N ASP A 101 -7.52 -5.74 -2.59
CA ASP A 101 -8.56 -6.07 -3.55
C ASP A 101 -9.02 -4.81 -4.29
N LYS A 102 -8.97 -3.67 -3.60
CA LYS A 102 -9.39 -2.41 -4.18
C LYS A 102 -8.41 -1.96 -5.28
N ILE A 103 -7.12 -2.00 -4.96
CA ILE A 103 -6.09 -1.61 -5.92
C ILE A 103 -5.96 -2.64 -7.03
N GLU A 104 -6.25 -3.89 -6.70
CA GLU A 104 -6.16 -4.98 -7.66
C GLU A 104 -7.31 -4.92 -8.66
N GLU A 105 -8.46 -4.44 -8.20
CA GLU A 105 -9.63 -4.32 -9.04
C GLU A 105 -9.48 -3.20 -10.06
N GLU A 106 -9.03 -2.03 -9.59
CA GLU A 106 -8.84 -0.88 -10.46
C GLU A 106 -7.77 -1.17 -11.51
N GLN A 107 -6.80 -2.01 -11.15
CA GLN A 107 -5.72 -2.37 -12.05
C GLN A 107 -5.81 -3.83 -12.47
N ASN A 108 -7.04 -4.37 -12.46
CA ASN A 108 -7.26 -5.75 -12.85
C ASN A 108 -7.00 -5.97 -14.33
N LYS A 109 -7.28 -4.94 -15.12
CA LYS A 109 -7.08 -5.00 -16.56
C LYS A 109 -5.59 -5.07 -16.90
N SER A 110 -4.78 -4.40 -16.10
CA SER A 110 -3.34 -4.38 -16.32
C SER A 110 -2.74 -5.79 -16.18
N LYS A 111 -3.24 -6.54 -15.21
CA LYS A 111 -2.77 -7.90 -14.98
C LYS A 111 -2.84 -8.72 -16.26
N LYS A 112 -3.86 -8.46 -17.06
CA LYS A 112 -4.05 -9.18 -18.33
C LYS A 112 -2.83 -9.01 -19.23
N LYS A 113 -2.33 -7.78 -19.33
CA LYS A 113 -1.17 -7.49 -20.15
C LYS A 113 0.11 -7.92 -19.46
N ALA A 114 0.44 -7.25 -18.36
CA ALA A 114 1.65 -7.57 -17.60
C ALA A 114 2.88 -7.52 -18.48
N GLN A 115 2.85 -6.63 -19.48
CA GLN A 115 3.98 -6.48 -20.39
C GLN A 115 5.25 -6.07 -19.65
N GLN A 116 5.07 -5.36 -18.54
CA GLN A 116 6.19 -4.91 -17.74
C GLN A 116 6.69 -6.02 -16.83
N ALA A 117 5.80 -6.93 -16.46
CA ALA A 117 6.15 -8.04 -15.58
C ALA A 117 6.40 -9.30 -16.40
N ALA A 118 6.85 -9.12 -17.64
CA ALA A 118 7.14 -10.25 -18.51
C ALA A 118 8.40 -10.00 -19.34
N ALA A 119 9.29 -9.17 -18.81
CA ALA A 119 10.54 -8.85 -19.49
C ALA A 119 11.71 -8.79 -18.52
N ASP A 120 11.58 -9.50 -17.41
CA ASP A 120 12.64 -9.54 -16.40
C ASP A 120 12.61 -10.85 -15.63
N THR A 121 12.35 -11.94 -16.34
CA THR A 121 12.29 -13.26 -15.73
C THR A 121 13.00 -14.30 -16.59
N GLY A 122 14.32 -14.31 -16.54
CA GLY A 122 15.09 -15.26 -17.33
C GLY A 122 15.39 -16.53 -16.57
N ASN A 123 16.34 -16.45 -15.63
CA ASN A 123 16.73 -17.61 -14.84
C ASN A 123 15.80 -17.75 -13.62
N ASN A 124 15.62 -18.99 -13.18
CA ASN A 124 14.77 -19.27 -12.03
C ASN A 124 15.22 -20.54 -11.32
N SER A 125 15.31 -20.47 -9.99
CA SER A 125 15.73 -21.61 -9.19
C SER A 125 14.89 -21.72 -7.92
N GLN A 126 15.30 -22.64 -7.04
CA GLN A 126 14.58 -22.84 -5.77
C GLN A 126 14.77 -21.64 -4.85
N VAL A 127 13.74 -20.80 -4.77
CA VAL A 127 13.78 -19.61 -3.91
C VAL A 127 13.59 -19.99 -2.45
N SER A 128 13.91 -19.06 -1.56
CA SER A 128 13.77 -19.29 -0.13
C SER A 128 12.34 -19.66 0.23
N GLN A 129 12.12 -20.03 1.49
CA GLN A 129 10.80 -20.41 1.95
C GLN A 129 9.84 -19.22 1.89
N ASN A 130 9.08 -19.14 0.80
CA ASN A 130 8.12 -18.06 0.62
C ASN A 130 6.78 -18.39 1.25
N TYR A 131 6.11 -19.41 0.70
CA TYR A 131 4.81 -19.84 1.21
C TYR A 131 4.95 -20.43 2.61
C1 PIO B . 3.77 -8.23 12.62
O1 PIO B . 5.11 -7.80 13.23
P1 PIO B . 5.49 -6.68 14.42
C2 PIO B . 2.78 -8.97 13.60
O2 PIO B . 3.36 -10.12 14.21
C3 PIO B . 1.49 -9.39 12.86
O3 PIO B . 0.64 -10.06 13.80
C4 PIO B . 1.83 -10.30 11.61
O4 PIO B . 0.54 -10.65 10.89
P4 PIO B . -0.20 -12.12 10.61
C5 PIO B . 2.81 -9.52 10.65
O5 PIO B . 3.17 -10.39 9.53
P5 PIO B . 2.60 -10.53 7.98
C6 PIO B . 4.10 -9.07 11.38
O6 PIO B . 4.94 -8.26 10.54
O11 PIO B . 4.32 -5.70 14.36
O12 PIO B . 5.63 -7.51 15.67
O13 PIO B . 6.81 -6.08 14.05
C1A PIO B . 5.79 -4.72 9.97
O1A PIO B . 6.25 -5.56 9.23
C1B PIO B . 8.48 -3.62 14.93
O1B PIO B . 7.71 -3.55 15.88
C1C PIO B . 7.04 -5.73 12.69
C2A PIO B . 4.31 -4.31 9.84
C2B PIO B . 9.98 -3.90 15.16
C2C PIO B . 6.31 -4.42 12.32
O2C PIO B . 6.60 -4.11 10.96
C3A PIO B . 3.91 -4.23 8.36
C3B PIO B . 10.25 -4.91 16.29
C3C PIO B . 6.75 -3.23 13.20
O3C PIO B . 8.10 -3.41 13.58
O41 PIO B . -1.00 -11.74 9.37
O42 PIO B . 0.92 -13.09 10.36
O43 PIO B . -1.02 -12.53 11.83
C4A PIO B . 2.39 -4.10 8.24
C4B PIO B . 11.02 -4.26 17.46
O51 PIO B . 3.32 -11.79 7.55
O52 PIO B . 1.10 -10.61 8.16
O53 PIO B . 3.10 -9.27 7.32
C5A PIO B . 1.73 -5.44 8.65
C5B PIO B . 11.91 -5.31 18.13
C6A PIO B . 0.82 -5.94 7.52
C6B PIO B . 13.29 -5.33 17.44
C7A PIO B . -0.13 -7.03 8.05
C7B PIO B . 13.32 -6.46 16.39
C8A PIO B . -0.38 -8.07 6.95
C8B PIO B . 14.51 -7.39 16.67
H1 PIO B . 3.20 -7.35 12.34
H2 PIO B . 2.52 -8.25 14.38
H3 PIO B . 0.98 -8.51 12.47
H4 PIO B . 2.31 -11.23 11.88
H5 PIO B . 2.25 -8.65 10.32
H6 PIO B . 4.66 -9.97 11.65
HO2 PIO B . 3.74 -10.74 13.66
HO3 PIO B . 1.04 -10.89 14.08
HO6 PIO B . 5.44 -8.78 9.93
HC11 PIO B . 8.08 -5.59 12.56
HC12 PIO B . 6.69 -6.49 12.05
HC2 PIO B . 5.28 -4.54 12.47
HC31 PIO B . 6.70 -2.33 12.66
HC32 PIO B . 6.11 -3.12 14.03
H2A1 PIO B . 4.17 -3.38 10.30
H2A2 PIO B . 3.71 -5.04 10.32
H3A1 PIO B . 4.24 -5.09 7.85
H3A2 PIO B . 4.35 -3.38 7.92
H4A1 PIO B . 2.04 -3.34 8.88
H4A2 PIO B . 2.12 -3.88 7.25
H5A1 PIO B . 1.16 -5.29 9.52
H5A2 PIO B . 2.48 -6.15 8.84
H6A1 PIO B . 0.26 -5.13 7.14
H6A2 PIO B . 1.42 -6.33 6.74
H7A1 PIO B . -1.03 -6.58 8.34
H7A2 PIO B . 0.31 -7.49 8.89
H8A1 PIO B . -1.13 -7.72 6.30
H8A2 PIO B . -0.69 -8.97 7.40
H8A3 PIO B . 0.50 -8.23 6.41
H2B1 PIO B . 10.39 -4.29 14.26
H2B2 PIO B . 10.44 -2.99 15.41
H3B1 PIO B . 9.33 -5.27 16.65
H3B2 PIO B . 10.81 -5.71 15.91
H4B1 PIO B . 10.35 -3.85 18.16
H4B2 PIO B . 11.62 -3.47 17.07
H5B1 PIO B . 11.47 -6.25 18.05
H5B2 PIO B . 12.04 -5.07 19.14
H6B1 PIO B . 14.04 -5.49 18.15
H6B2 PIO B . 13.46 -4.41 16.97
H7B1 PIO B . 13.41 -6.04 15.43
H7B2 PIO B . 12.42 -7.01 16.44
H8B1 PIO B . 14.58 -8.12 15.92
H8B2 PIO B . 14.37 -7.87 17.60
H8B3 PIO B . 15.40 -6.83 16.71
N GLY A 1 3.28 22.96 6.91
CA GLY A 1 3.71 21.60 7.18
C GLY A 1 2.91 20.57 6.41
N ALA A 2 2.66 20.86 5.14
CA ALA A 2 1.90 19.95 4.29
C ALA A 2 2.82 19.12 3.41
N ARG A 3 3.90 18.61 4.01
CA ARG A 3 4.86 17.79 3.28
C ARG A 3 5.85 17.14 4.23
N ALA A 4 5.36 16.71 5.39
CA ALA A 4 6.20 16.06 6.38
C ALA A 4 5.47 14.89 7.03
N SER A 5 4.28 15.15 7.56
CA SER A 5 3.49 14.11 8.20
C SER A 5 2.90 13.16 7.17
N VAL A 6 2.71 11.90 7.59
CA VAL A 6 2.15 10.88 6.70
C VAL A 6 0.63 10.90 6.74
N LEU A 7 0.07 10.90 7.95
CA LEU A 7 -1.38 10.91 8.11
C LEU A 7 -1.81 12.06 9.02
N SER A 8 -2.76 12.86 8.53
CA SER A 8 -3.26 14.00 9.29
C SER A 8 -4.18 13.54 10.41
N GLY A 9 -4.83 14.50 11.07
CA GLY A 9 -5.74 14.19 12.16
C GLY A 9 -6.81 13.20 11.73
N GLY A 10 -7.48 13.49 10.62
CA GLY A 10 -8.52 12.61 10.14
C GLY A 10 -7.99 11.26 9.69
N GLU A 11 -6.91 11.29 8.91
CA GLU A 11 -6.30 10.07 8.41
C GLU A 11 -5.81 9.19 9.56
N LEU A 12 -5.43 9.83 10.65
CA LEU A 12 -4.92 9.12 11.82
C LEU A 12 -6.04 8.28 12.46
N ASP A 13 -7.22 8.88 12.59
CA ASP A 13 -8.36 8.18 13.18
C ASP A 13 -8.64 6.88 12.43
N LYS A 14 -8.84 6.98 11.12
CA LYS A 14 -9.13 5.81 10.30
C LYS A 14 -7.96 4.82 10.33
N TRP A 15 -6.75 5.35 10.31
CA TRP A 15 -5.55 4.51 10.34
C TRP A 15 -5.54 3.63 11.57
N GLU A 16 -5.63 4.24 12.74
CA GLU A 16 -5.63 3.50 14.00
C GLU A 16 -6.76 2.48 14.03
N LYS A 17 -7.80 2.74 13.25
CA LYS A 17 -8.96 1.85 13.17
C LYS A 17 -8.66 0.65 12.28
N ILE A 18 -8.12 0.93 11.10
CA ILE A 18 -7.80 -0.13 10.14
C ILE A 18 -6.95 -1.21 10.80
N ARG A 19 -7.24 -2.46 10.46
CA ARG A 19 -6.50 -3.59 11.02
C ARG A 19 -5.59 -4.22 9.97
N LEU A 20 -4.49 -4.82 10.42
CA LEU A 20 -3.53 -5.44 9.52
C LEU A 20 -4.16 -6.64 8.80
N ARG A 21 -4.92 -7.44 9.55
CA ARG A 21 -5.57 -8.61 8.98
C ARG A 21 -7.10 -8.42 8.95
N PRO A 22 -7.77 -9.20 8.11
CA PRO A 22 -9.23 -9.14 7.96
C PRO A 22 -9.96 -9.68 9.19
N GLY A 23 -9.36 -10.67 9.84
CA GLY A 23 -9.97 -11.27 11.01
C GLY A 23 -8.98 -11.43 12.15
N GLY A 24 -8.54 -10.31 12.71
CA GLY A 24 -7.58 -10.36 13.81
C GLY A 24 -7.92 -9.38 14.91
N LYS A 25 -7.16 -9.42 16.00
CA LYS A 25 -7.38 -8.53 17.13
C LYS A 25 -6.28 -7.48 17.22
N LYS A 26 -5.71 -7.12 16.08
CA LYS A 26 -4.65 -6.12 16.02
C LYS A 26 -5.00 -4.99 15.06
N GLN A 27 -4.69 -3.76 15.45
CA GLN A 27 -4.98 -2.60 14.63
C GLN A 27 -3.68 -1.95 14.12
N TYR A 28 -3.83 -0.90 13.34
CA TYR A 28 -2.68 -0.19 12.79
C TYR A 28 -2.19 0.89 13.74
N LYS A 29 -0.89 1.15 13.72
CA LYS A 29 -0.29 2.16 14.59
C LYS A 29 0.87 2.86 13.87
N LEU A 30 1.30 3.99 14.44
CA LEU A 30 2.40 4.75 13.86
C LEU A 30 3.62 3.85 13.64
N LYS A 31 3.76 2.84 14.48
CA LYS A 31 4.88 1.90 14.38
C LYS A 31 4.99 1.36 12.96
N HIS A 32 3.85 1.08 12.34
CA HIS A 32 3.82 0.55 10.98
C HIS A 32 4.13 1.65 9.97
N ILE A 33 3.70 2.88 10.18
CA ILE A 33 3.99 3.96 9.24
C ILE A 33 5.48 4.26 9.17
N VAL A 34 6.14 4.18 10.32
CA VAL A 34 7.57 4.44 10.39
C VAL A 34 8.38 3.21 9.97
N TRP A 35 7.89 2.04 10.35
CA TRP A 35 8.57 0.79 10.01
C TRP A 35 8.77 0.67 8.51
N ALA A 36 7.80 1.18 7.74
CA ALA A 36 7.88 1.13 6.28
C ALA A 36 8.83 2.19 5.75
N SER A 37 8.97 3.27 6.49
CA SER A 37 9.86 4.37 6.09
C SER A 37 11.31 3.95 6.18
N ARG A 38 11.65 3.23 7.25
CA ARG A 38 13.03 2.78 7.46
C ARG A 38 13.38 1.68 6.46
N GLU A 39 12.39 0.90 6.07
CA GLU A 39 12.60 -0.20 5.12
C GLU A 39 12.62 0.33 3.69
N LEU A 40 11.93 1.45 3.46
CA LEU A 40 11.86 2.06 2.14
C LEU A 40 13.21 2.63 1.73
N GLU A 41 13.81 3.41 2.62
CA GLU A 41 15.12 4.02 2.35
C GLU A 41 16.15 2.96 1.99
N ARG A 42 15.92 1.74 2.49
CA ARG A 42 16.84 0.64 2.23
C ARG A 42 16.74 0.17 0.78
N PHE A 43 15.57 0.38 0.18
CA PHE A 43 15.33 -0.02 -1.20
C PHE A 43 15.57 1.16 -2.15
N ALA A 44 16.42 2.09 -1.74
CA ALA A 44 16.73 3.25 -2.56
C ALA A 44 15.49 4.13 -2.74
N VAL A 45 14.51 3.96 -1.87
CA VAL A 45 13.27 4.74 -1.93
C VAL A 45 13.09 5.59 -0.70
N ASN A 46 13.12 6.90 -0.87
CA ASN A 46 12.96 7.84 0.23
C ASN A 46 11.63 7.60 0.95
N PRO A 47 11.64 7.79 2.29
CA PRO A 47 10.45 7.59 3.12
C PRO A 47 9.39 8.66 2.88
N GLY A 48 9.76 9.68 2.11
CA GLY A 48 8.82 10.75 1.81
C GLY A 48 7.82 10.37 0.74
N LEU A 49 7.83 9.10 0.36
CA LEU A 49 6.91 8.60 -0.66
C LEU A 49 5.72 7.89 -0.04
N LEU A 50 5.41 8.25 1.21
CA LEU A 50 4.30 7.65 1.93
C LEU A 50 3.23 8.69 2.24
N GLU A 51 3.64 9.96 2.30
CA GLU A 51 2.71 11.04 2.59
C GLU A 51 2.21 11.69 1.30
N THR A 52 2.28 10.94 0.20
CA THR A 52 1.84 11.44 -1.10
C THR A 52 0.99 10.41 -1.83
N SER A 53 -0.21 10.81 -2.23
CA SER A 53 -1.12 9.92 -2.94
C SER A 53 -0.46 9.36 -4.19
N GLU A 54 0.52 10.09 -4.72
CA GLU A 54 1.23 9.66 -5.92
C GLU A 54 2.33 8.66 -5.58
N GLY A 55 3.19 9.03 -4.64
CA GLY A 55 4.28 8.17 -4.23
C GLY A 55 3.80 6.79 -3.85
N CYS A 56 2.76 6.72 -3.03
CA CYS A 56 2.20 5.44 -2.60
C CYS A 56 1.91 4.54 -3.79
N ARG A 57 1.23 5.10 -4.79
CA ARG A 57 0.88 4.34 -5.98
C ARG A 57 2.13 3.90 -6.73
N GLN A 58 3.17 4.72 -6.67
CA GLN A 58 4.43 4.41 -7.34
C GLN A 58 5.13 3.23 -6.66
N ILE A 59 5.19 3.28 -5.33
CA ILE A 59 5.84 2.22 -4.56
C ILE A 59 5.20 0.86 -4.84
N LEU A 60 3.88 0.87 -4.98
CA LEU A 60 3.14 -0.36 -5.26
C LEU A 60 3.44 -0.88 -6.66
N GLY A 61 3.81 0.03 -7.56
CA GLY A 61 4.11 -0.35 -8.93
C GLY A 61 5.37 -1.19 -9.03
N GLN A 62 6.21 -1.13 -7.99
CA GLN A 62 7.45 -1.89 -7.97
C GLN A 62 7.29 -3.18 -7.16
N LEU A 63 6.51 -3.09 -6.09
CA LEU A 63 6.27 -4.25 -5.23
C LEU A 63 5.23 -5.18 -5.84
N GLN A 64 4.35 -4.62 -6.67
CA GLN A 64 3.31 -5.39 -7.33
C GLN A 64 3.90 -6.61 -8.03
N PRO A 65 4.77 -6.36 -9.02
CA PRO A 65 5.41 -7.42 -9.79
C PRO A 65 6.43 -8.21 -8.96
N SER A 66 6.83 -7.64 -7.82
CA SER A 66 7.80 -8.28 -6.94
C SER A 66 7.10 -8.89 -5.73
N LEU A 67 5.83 -9.24 -5.90
CA LEU A 67 5.05 -9.84 -4.81
C LEU A 67 5.35 -11.33 -4.69
N GLN A 68 5.69 -11.96 -5.81
CA GLN A 68 6.00 -13.39 -5.81
C GLN A 68 7.50 -13.62 -5.67
N THR A 69 8.29 -12.77 -6.32
CA THR A 69 9.74 -12.87 -6.26
C THR A 69 10.32 -11.96 -5.19
N GLY A 70 9.51 -11.66 -4.18
CA GLY A 70 9.96 -10.79 -3.10
C GLY A 70 10.12 -11.54 -1.79
N SER A 71 10.59 -10.84 -0.77
CA SER A 71 10.79 -11.44 0.54
C SER A 71 9.72 -10.97 1.53
N GLU A 72 9.74 -11.54 2.74
CA GLU A 72 8.77 -11.19 3.76
C GLU A 72 8.72 -9.67 3.96
N GLU A 73 9.88 -9.03 3.83
CA GLU A 73 9.97 -7.58 4.01
C GLU A 73 9.14 -6.85 2.94
N LEU A 74 9.18 -7.38 1.72
CA LEU A 74 8.43 -6.78 0.61
C LEU A 74 6.92 -6.90 0.84
N ARG A 75 6.48 -8.11 1.19
CA ARG A 75 5.07 -8.36 1.44
C ARG A 75 4.51 -7.38 2.46
N SER A 76 5.17 -7.28 3.60
CA SER A 76 4.74 -6.37 4.67
C SER A 76 4.55 -4.96 4.13
N LEU A 77 5.46 -4.53 3.27
CA LEU A 77 5.40 -3.19 2.68
C LEU A 77 4.10 -3.01 1.89
N TYR A 78 3.88 -3.89 0.92
CA TYR A 78 2.69 -3.83 0.09
C TYR A 78 1.43 -3.77 0.95
N ASN A 79 1.50 -4.39 2.13
CA ASN A 79 0.37 -4.41 3.05
C ASN A 79 0.16 -3.03 3.68
N THR A 80 1.25 -2.37 4.04
CA THR A 80 1.19 -1.05 4.65
C THR A 80 0.84 0.02 3.62
N ILE A 81 1.61 0.03 2.53
CA ILE A 81 1.38 1.00 1.46
C ILE A 81 -0.08 1.02 1.01
N ALA A 82 -0.73 -0.14 1.12
CA ALA A 82 -2.12 -0.27 0.74
C ALA A 82 -3.03 0.52 1.68
N VAL A 83 -3.04 0.11 2.96
CA VAL A 83 -3.86 0.78 3.96
C VAL A 83 -3.63 2.28 3.95
N LEU A 84 -2.38 2.68 3.74
CA LEU A 84 -2.02 4.10 3.71
C LEU A 84 -2.54 4.76 2.44
N TYR A 85 -2.19 4.16 1.30
CA TYR A 85 -2.61 4.71 0.00
C TYR A 85 -4.12 4.93 -0.03
N CYS A 86 -4.87 3.92 0.40
CA CYS A 86 -6.33 4.00 0.42
C CYS A 86 -6.79 5.26 1.15
N VAL A 87 -5.99 5.71 2.12
CA VAL A 87 -6.32 6.90 2.89
C VAL A 87 -6.09 8.16 2.07
N HIS A 88 -5.00 8.18 1.31
CA HIS A 88 -4.66 9.33 0.48
C HIS A 88 -5.50 9.34 -0.79
N GLN A 89 -6.13 8.23 -1.18
CA GLN A 89 -6.94 8.19 -2.39
C GLN A 89 -8.41 8.47 -2.08
N ARG A 90 -9.08 7.49 -1.48
CA ARG A 90 -10.49 7.63 -1.13
C ARG A 90 -11.01 6.37 -0.44
N ILE A 91 -10.52 5.21 -0.90
CA ILE A 91 -10.93 3.94 -0.33
C ILE A 91 -10.79 3.94 1.19
N ASP A 92 -11.87 3.56 1.88
CA ASP A 92 -11.87 3.51 3.33
C ASP A 92 -12.01 2.07 3.83
N VAL A 93 -11.10 1.21 3.42
CA VAL A 93 -11.13 -0.19 3.82
C VAL A 93 -11.02 -0.33 5.34
N LYS A 94 -11.45 -1.47 5.86
CA LYS A 94 -11.39 -1.73 7.29
C LYS A 94 -10.13 -2.50 7.66
N ASP A 95 -9.60 -3.25 6.69
CA ASP A 95 -8.39 -4.03 6.92
C ASP A 95 -7.51 -4.02 5.68
N THR A 96 -6.28 -4.50 5.84
CA THR A 96 -5.31 -4.54 4.74
C THR A 96 -5.79 -5.47 3.63
N LYS A 97 -6.47 -6.56 4.02
CA LYS A 97 -6.97 -7.53 3.07
C LYS A 97 -7.88 -6.84 2.04
N GLU A 98 -8.81 -6.03 2.52
CA GLU A 98 -9.74 -5.33 1.63
C GLU A 98 -9.00 -4.28 0.80
N ALA A 99 -8.02 -3.63 1.40
CA ALA A 99 -7.23 -2.61 0.71
C ALA A 99 -6.54 -3.20 -0.51
N LEU A 100 -6.28 -4.50 -0.49
CA LEU A 100 -5.62 -5.18 -1.59
C LEU A 100 -6.61 -5.50 -2.70
N ASP A 101 -7.76 -6.05 -2.33
CA ASP A 101 -8.79 -6.40 -3.29
C ASP A 101 -9.23 -5.19 -4.10
N LYS A 102 -9.15 -4.01 -3.48
CA LYS A 102 -9.52 -2.77 -4.14
C LYS A 102 -8.48 -2.36 -5.17
N ILE A 103 -7.25 -2.15 -4.71
CA ILE A 103 -6.15 -1.75 -5.59
C ILE A 103 -5.95 -2.78 -6.70
N GLU A 104 -6.07 -4.05 -6.34
CA GLU A 104 -5.89 -5.13 -7.31
C GLU A 104 -6.99 -5.10 -8.36
N GLU A 105 -8.17 -4.63 -7.97
CA GLU A 105 -9.31 -4.55 -8.87
C GLU A 105 -9.14 -3.40 -9.87
N GLU A 106 -8.67 -2.27 -9.38
CA GLU A 106 -8.45 -1.10 -10.23
C GLU A 106 -7.31 -1.35 -11.20
N GLN A 107 -6.34 -2.15 -10.78
CA GLN A 107 -5.19 -2.46 -11.62
C GLN A 107 -5.19 -3.94 -12.03
N ASN A 108 -6.37 -4.53 -12.07
CA ASN A 108 -6.51 -5.93 -12.44
C ASN A 108 -6.04 -6.17 -13.86
N LYS A 109 -6.28 -5.20 -14.74
CA LYS A 109 -5.87 -5.30 -16.13
C LYS A 109 -4.38 -5.03 -16.29
N SER A 110 -3.87 -4.09 -15.50
CA SER A 110 -2.45 -3.74 -15.55
C SER A 110 -1.58 -4.95 -15.22
N LYS A 111 -2.09 -5.82 -14.36
CA LYS A 111 -1.35 -7.02 -13.96
C LYS A 111 -1.19 -7.97 -15.15
N LYS A 112 -2.20 -8.03 -16.00
CA LYS A 112 -2.17 -8.89 -17.17
C LYS A 112 -0.94 -8.62 -18.02
N LYS A 113 -0.59 -7.34 -18.15
CA LYS A 113 0.58 -6.95 -18.93
C LYS A 113 1.86 -7.53 -18.33
N ALA A 114 1.84 -7.75 -17.02
CA ALA A 114 3.00 -8.31 -16.34
C ALA A 114 2.80 -9.79 -16.04
N GLN A 115 2.02 -10.46 -16.88
CA GLN A 115 1.74 -11.88 -16.70
C GLN A 115 2.23 -12.68 -17.91
N GLN A 116 1.91 -12.19 -19.11
CA GLN A 116 2.31 -12.85 -20.33
C GLN A 116 3.82 -13.08 -20.38
N ALA A 117 4.56 -12.19 -19.71
CA ALA A 117 6.01 -12.28 -19.66
C ALA A 117 6.45 -13.54 -18.93
N ALA A 118 5.72 -13.90 -17.88
CA ALA A 118 6.04 -15.09 -17.09
C ALA A 118 5.04 -16.21 -17.35
N ALA A 119 4.60 -16.33 -18.60
CA ALA A 119 3.64 -17.36 -18.98
C ALA A 119 4.26 -18.35 -19.96
N ASP A 120 5.14 -17.85 -20.82
CA ASP A 120 5.80 -18.69 -21.81
C ASP A 120 7.17 -19.14 -21.31
N THR A 121 7.22 -19.60 -20.07
CA THR A 121 8.48 -20.06 -19.47
C THR A 121 8.34 -21.48 -18.94
N GLY A 122 7.21 -21.76 -18.30
CA GLY A 122 6.98 -23.09 -17.75
C GLY A 122 7.01 -23.10 -16.24
N ASN A 123 6.41 -24.14 -15.64
CA ASN A 123 6.38 -24.25 -14.20
C ASN A 123 7.74 -24.67 -13.64
N ASN A 124 7.94 -24.45 -12.35
CA ASN A 124 9.20 -24.81 -11.70
C ASN A 124 9.16 -26.25 -11.19
N SER A 125 10.02 -27.09 -11.75
CA SER A 125 10.08 -28.49 -11.34
C SER A 125 10.76 -28.64 -9.98
N GLN A 126 11.98 -28.12 -9.88
CA GLN A 126 12.73 -28.19 -8.64
C GLN A 126 12.78 -26.83 -7.94
N VAL A 127 12.45 -26.82 -6.66
CA VAL A 127 12.44 -25.57 -5.88
C VAL A 127 13.46 -25.65 -4.76
N SER A 128 13.58 -24.54 -4.01
CA SER A 128 14.52 -24.47 -2.90
C SER A 128 13.79 -24.26 -1.58
N GLN A 129 13.90 -25.24 -0.68
CA GLN A 129 13.25 -25.15 0.62
C GLN A 129 14.21 -25.56 1.73
N ASN A 130 13.88 -25.16 2.96
CA ASN A 130 14.71 -25.48 4.11
C ASN A 130 14.47 -26.91 4.58
N TYR A 131 15.29 -27.84 4.12
CA TYR A 131 15.16 -29.24 4.49
C TYR A 131 15.64 -29.47 5.92
C1 PIO B . 3.67 -8.10 12.26
O1 PIO B . 4.95 -7.80 13.05
P1 PIO B . 5.30 -6.70 14.24
C2 PIO B . 2.52 -8.78 13.08
O2 PIO B . 2.93 -9.99 13.71
C3 PIO B . 1.30 -9.06 12.17
O3 PIO B . 0.29 -9.69 12.98
C4 PIO B . 1.71 -9.95 10.93
O4 PIO B . 0.49 -10.17 10.05
P4 PIO B . 0.27 -11.12 8.68
C5 PIO B . 2.86 -9.22 10.14
O5 PIO B . 3.27 -10.07 9.02
P5 PIO B . 4.31 -11.35 8.89
C6 PIO B . 4.09 -8.92 11.02
O6 PIO B . 5.09 -8.15 10.33
O11 PIO B . 4.21 -5.64 14.07
O12 PIO B . 5.30 -7.50 15.52
O13 PIO B . 6.68 -6.17 13.96
C1A PIO B . 5.93 -4.86 9.83
O1A PIO B . 6.34 -5.77 9.14
C1B PIO B . 8.76 -3.28 14.68
O1B PIO B . 8.06 -3.12 15.65
C1C PIO B . 7.04 -5.86 12.63
C2A PIO B . 4.50 -4.34 9.65
C2B PIO B . 10.30 -3.16 14.79
C2C PIO B . 6.42 -4.51 12.18
O2C PIO B . 6.76 -4.29 10.83
C3A PIO B . 4.14 -4.27 8.15
C3B PIO B . 10.86 -3.61 16.15
C3C PIO B . 6.91 -3.31 13.04
O3C PIO B . 8.27 -3.53 13.37
O41 PIO B . -1.23 -11.32 8.79
O42 PIO B . 0.70 -10.25 7.53
O43 PIO B . 1.12 -12.36 8.79
C4A PIO B . 2.63 -4.04 7.99
C4B PIO B . 10.88 -5.15 16.26
O51 PIO B . 3.70 -12.08 7.71
O52 PIO B . 5.66 -10.69 8.69
O53 PIO B . 4.15 -12.05 10.22
C5A PIO B . 1.87 -5.29 8.45
C5B PIO B . 11.39 -5.55 17.65
C6A PIO B . 1.14 -5.92 7.26
C6B PIO B . 12.92 -5.37 17.70
C7A PIO B . 0.67 -7.34 7.63
C7B PIO B . 13.60 -6.75 17.49
C8A PIO B . -0.72 -7.60 7.02
C8B PIO B . 15.00 -6.54 16.88
H1 PIO B . 3.21 -7.15 11.96
H2 PIO B . 2.23 -8.07 13.85
H3 PIO B . 0.91 -8.13 11.77
H4 PIO B . 2.07 -10.93 11.22
H5 PIO B . 2.42 -8.28 9.78
H6 PIO B . 4.52 -9.86 11.32
HO2 PIO B . 3.32 -10.63 13.17
HO3 PIO B . 0.58 -10.56 13.26
HO6 PIO B . 5.60 -8.69 9.76
HC11 PIO B . 8.09 -5.77 12.57
HC12 PIO B . 6.70 -6.61 11.99
HC2 PIO B . 5.37 -4.55 12.31
HC31 PIO B . 6.87 -2.43 12.47
HC32 PIO B . 6.31 -3.18 13.88
H2A1 PIO B . 4.42 -3.38 10.06
H2A2 PIO B . 3.82 -4.99 10.13
H3A1 PIO B . 4.41 -5.18 7.69
H3A2 PIO B . 4.65 -3.48 7.69
H4A1 PIO B . 2.34 -3.22 8.57
H4A2 PIO B . 2.42 -3.85 6.98
H5A1 PIO B . 1.16 -5.02 9.18
H5A2 PIO B . 2.54 -5.98 8.86
H6A1 PIO B . 0.31 -5.34 7.00
H6A2 PIO B . 1.80 -5.98 6.44
H7A1 PIO B . 0.62 -7.43 8.68
H7A2 PIO B . 1.35 -8.05 7.25
H8A1 PIO B . -1.46 -7.18 7.64
H8A2 PIO B . -0.88 -8.64 6.94
H8A3 PIO B . -0.78 -7.17 6.07
H2B1 PIO B . 10.75 -3.75 14.04
H2B2 PIO B . 10.56 -2.15 14.65
H3B1 PIO B . 11.84 -3.24 16.27
H3B2 PIO B . 10.25 -3.22 16.91
H4B1 PIO B . 11.49 -5.57 15.52
H4B2 PIO B . 9.90 -5.52 16.13
H5B1 PIO B . 11.14 -6.55 17.84
H5B2 PIO B . 10.96 -4.94 18.39
H6B1 PIO B . 13.21 -4.99 18.64
H6B2 PIO B . 13.22 -4.72 16.95
H7B1 PIO B . 13.02 -7.32 16.83
H7B2 PIO B . 13.68 -7.24 18.40
H8B1 PIO B . 15.43 -7.47 16.66
H8B2 PIO B . 15.61 -6.03 17.57
H8B3 PIO B . 14.92 -5.97 16.01
N GLY A 1 14.89 13.37 14.12
CA GLY A 1 15.03 14.76 13.73
C GLY A 1 13.93 15.21 12.79
N ALA A 2 13.48 14.31 11.93
CA ALA A 2 12.43 14.62 10.97
C ALA A 2 11.07 14.71 11.67
N ARG A 3 10.13 15.41 11.05
CA ARG A 3 8.80 15.58 11.60
C ARG A 3 7.80 14.67 10.90
N ALA A 4 6.71 14.34 11.60
CA ALA A 4 5.68 13.47 11.04
C ALA A 4 4.70 14.27 10.19
N SER A 5 4.28 13.69 9.07
CA SER A 5 3.35 14.33 8.17
C SER A 5 2.80 13.35 7.14
N VAL A 6 2.64 12.10 7.56
CA VAL A 6 2.13 11.06 6.68
C VAL A 6 0.61 11.01 6.71
N LEU A 7 0.06 10.82 7.91
CA LEU A 7 -1.40 10.75 8.08
C LEU A 7 -1.89 11.89 8.98
N SER A 8 -2.79 12.71 8.44
CA SER A 8 -3.33 13.83 9.19
C SER A 8 -4.25 13.35 10.31
N GLY A 9 -4.88 14.29 11.01
CA GLY A 9 -5.78 13.93 12.10
C GLY A 9 -6.85 12.94 11.67
N GLY A 10 -7.52 13.25 10.56
CA GLY A 10 -8.57 12.38 10.07
C GLY A 10 -8.04 11.02 9.65
N GLU A 11 -6.97 11.02 8.86
CA GLU A 11 -6.38 9.78 8.39
C GLU A 11 -5.90 8.92 9.56
N LEU A 12 -5.37 9.59 10.59
CA LEU A 12 -4.88 8.89 11.77
C LEU A 12 -6.01 8.14 12.47
N ASP A 13 -7.16 8.79 12.60
CA ASP A 13 -8.32 8.18 13.23
C ASP A 13 -8.69 6.86 12.57
N LYS A 14 -8.93 6.91 11.26
CA LYS A 14 -9.30 5.73 10.50
C LYS A 14 -8.13 4.75 10.44
N TRP A 15 -6.91 5.28 10.47
CA TRP A 15 -5.70 4.46 10.41
C TRP A 15 -5.62 3.54 11.62
N GLU A 16 -5.79 4.12 12.81
CA GLU A 16 -5.72 3.35 14.05
C GLU A 16 -6.82 2.30 14.09
N LYS A 17 -7.89 2.54 13.35
CA LYS A 17 -9.01 1.61 13.30
C LYS A 17 -8.71 0.43 12.38
N ILE A 18 -8.18 0.72 11.20
CA ILE A 18 -7.83 -0.31 10.24
C ILE A 18 -6.96 -1.39 10.87
N ARG A 19 -7.29 -2.65 10.58
CA ARG A 19 -6.54 -3.77 11.12
C ARG A 19 -5.53 -4.29 10.11
N LEU A 20 -4.45 -4.90 10.62
CA LEU A 20 -3.41 -5.45 9.75
C LEU A 20 -3.95 -6.54 8.85
N ARG A 21 -4.84 -7.37 9.40
CA ARG A 21 -5.43 -8.46 8.64
C ARG A 21 -6.95 -8.48 8.81
N PRO A 22 -7.64 -9.13 7.87
CA PRO A 22 -9.10 -9.23 7.89
C PRO A 22 -9.61 -10.13 9.03
N GLY A 23 -8.83 -11.15 9.35
CA GLY A 23 -9.22 -12.06 10.42
C GLY A 23 -8.37 -11.89 11.66
N GLY A 24 -7.94 -10.66 11.92
CA GLY A 24 -7.10 -10.39 13.08
C GLY A 24 -7.64 -9.25 13.92
N LYS A 25 -6.95 -8.96 15.02
CA LYS A 25 -7.36 -7.87 15.91
C LYS A 25 -6.30 -6.78 15.96
N LYS A 26 -5.06 -7.16 15.69
CA LYS A 26 -3.95 -6.21 15.71
C LYS A 26 -4.25 -5.01 14.82
N GLN A 27 -4.60 -3.90 15.46
CA GLN A 27 -4.93 -2.67 14.73
C GLN A 27 -3.65 -2.00 14.21
N TYR A 28 -3.83 -0.99 13.37
CA TYR A 28 -2.69 -0.28 12.79
C TYR A 28 -2.22 0.83 13.73
N LYS A 29 -0.92 1.12 13.70
CA LYS A 29 -0.35 2.16 14.54
C LYS A 29 0.82 2.85 13.83
N LEU A 30 1.22 4.01 14.36
CA LEU A 30 2.32 4.77 13.78
C LEU A 30 3.56 3.88 13.59
N LYS A 31 3.70 2.90 14.47
CA LYS A 31 4.83 1.97 14.39
C LYS A 31 4.98 1.38 12.99
N HIS A 32 3.83 1.12 12.35
CA HIS A 32 3.82 0.55 11.01
C HIS A 32 4.14 1.63 9.97
N ILE A 33 3.69 2.87 10.15
CA ILE A 33 3.96 3.92 9.19
C ILE A 33 5.45 4.25 9.13
N VAL A 34 6.11 4.21 10.29
CA VAL A 34 7.53 4.49 10.37
C VAL A 34 8.36 3.28 9.96
N TRP A 35 7.90 2.09 10.33
CA TRP A 35 8.59 0.86 9.99
C TRP A 35 8.80 0.75 8.49
N ALA A 36 7.81 1.19 7.72
CA ALA A 36 7.90 1.14 6.27
C ALA A 36 8.82 2.24 5.73
N SER A 37 8.93 3.33 6.48
CA SER A 37 9.76 4.46 6.08
C SER A 37 11.24 4.08 6.16
N ARG A 38 11.62 3.42 7.23
CA ARG A 38 13.01 3.00 7.43
C ARG A 38 13.38 1.90 6.44
N GLU A 39 12.39 1.14 6.00
CA GLU A 39 12.62 0.06 5.05
C GLU A 39 12.65 0.59 3.62
N LEU A 40 11.97 1.70 3.39
CA LEU A 40 11.91 2.30 2.06
C LEU A 40 13.26 2.88 1.67
N GLU A 41 13.85 3.66 2.58
CA GLU A 41 15.16 4.27 2.32
C GLU A 41 16.19 3.21 1.96
N ARG A 42 15.98 1.99 2.43
CA ARG A 42 16.89 0.89 2.16
C ARG A 42 16.78 0.43 0.71
N PHE A 43 15.62 0.65 0.11
CA PHE A 43 15.38 0.25 -1.27
C PHE A 43 15.61 1.44 -2.21
N ALA A 44 16.46 2.37 -1.80
CA ALA A 44 16.76 3.54 -2.61
C ALA A 44 15.54 4.41 -2.80
N VAL A 45 14.54 4.23 -1.93
CA VAL A 45 13.31 4.99 -2.00
C VAL A 45 13.11 5.85 -0.76
N ASN A 46 13.14 7.16 -0.93
CA ASN A 46 12.97 8.09 0.18
C ASN A 46 11.66 7.83 0.92
N PRO A 47 11.68 8.01 2.24
CA PRO A 47 10.50 7.79 3.08
C PRO A 47 9.42 8.85 2.86
N GLY A 48 9.76 9.88 2.09
CA GLY A 48 8.81 10.93 1.80
C GLY A 48 7.80 10.54 0.74
N LEU A 49 7.83 9.27 0.35
CA LEU A 49 6.91 8.76 -0.67
C LEU A 49 5.74 8.02 -0.02
N LEU A 50 5.44 8.37 1.22
CA LEU A 50 4.34 7.72 1.94
C LEU A 50 3.24 8.73 2.26
N GLU A 51 3.60 10.01 2.27
CA GLU A 51 2.64 11.07 2.55
C GLU A 51 2.08 11.65 1.27
N THR A 52 2.15 10.88 0.18
CA THR A 52 1.66 11.32 -1.12
C THR A 52 0.85 10.21 -1.80
N SER A 53 -0.39 10.52 -2.15
CA SER A 53 -1.26 9.55 -2.81
C SER A 53 -0.62 9.04 -4.09
N GLU A 54 0.29 9.83 -4.66
CA GLU A 54 0.97 9.45 -5.89
C GLU A 54 2.16 8.55 -5.60
N GLY A 55 3.02 8.98 -4.68
CA GLY A 55 4.18 8.20 -4.32
C GLY A 55 3.83 6.77 -3.95
N CYS A 56 2.83 6.61 -3.11
CA CYS A 56 2.40 5.28 -2.67
C CYS A 56 2.14 4.38 -3.88
N ARG A 57 1.54 4.94 -4.92
CA ARG A 57 1.24 4.19 -6.13
C ARG A 57 2.52 3.69 -6.80
N GLN A 58 3.57 4.51 -6.76
CA GLN A 58 4.84 4.15 -7.36
C GLN A 58 5.52 3.04 -6.57
N ILE A 59 5.46 3.14 -5.25
CA ILE A 59 6.08 2.14 -4.38
C ILE A 59 5.42 0.77 -4.57
N LEU A 60 4.10 0.79 -4.75
CA LEU A 60 3.35 -0.45 -4.94
C LEU A 60 3.58 -1.01 -6.34
N GLY A 61 3.92 -0.14 -7.28
CA GLY A 61 4.16 -0.57 -8.64
C GLY A 61 5.41 -1.40 -8.78
N GLN A 62 6.30 -1.29 -7.79
CA GLN A 62 7.55 -2.04 -7.80
C GLN A 62 7.43 -3.32 -6.99
N LEU A 63 6.52 -3.31 -6.01
CA LEU A 63 6.30 -4.48 -5.16
C LEU A 63 5.24 -5.40 -5.76
N GLN A 64 4.35 -4.82 -6.56
CA GLN A 64 3.28 -5.59 -7.19
C GLN A 64 3.85 -6.80 -7.92
N PRO A 65 4.69 -6.54 -8.93
CA PRO A 65 5.32 -7.60 -9.72
C PRO A 65 6.36 -8.40 -8.93
N SER A 66 6.78 -7.85 -7.80
CA SER A 66 7.76 -8.50 -6.95
C SER A 66 7.09 -9.10 -5.72
N LEU A 67 5.82 -9.43 -5.84
CA LEU A 67 5.06 -10.01 -4.74
C LEU A 67 5.35 -11.50 -4.60
N GLN A 68 5.48 -12.19 -5.73
CA GLN A 68 5.76 -13.61 -5.74
C GLN A 68 7.22 -13.87 -5.38
N THR A 69 8.13 -13.15 -6.02
CA THR A 69 9.56 -13.30 -5.77
C THR A 69 9.97 -12.60 -4.47
N GLY A 70 9.21 -11.57 -4.10
CA GLY A 70 9.51 -10.83 -2.89
C GLY A 70 9.54 -11.72 -1.65
N SER A 71 9.86 -11.13 -0.51
CA SER A 71 9.92 -11.88 0.74
C SER A 71 8.99 -11.28 1.78
N GLU A 72 9.07 -11.79 3.01
CA GLU A 72 8.23 -11.30 4.09
C GLU A 72 8.33 -9.78 4.22
N GLU A 73 9.51 -9.24 3.93
CA GLU A 73 9.73 -7.80 4.01
C GLU A 73 8.93 -7.06 2.94
N LEU A 74 8.94 -7.60 1.73
CA LEU A 74 8.22 -6.99 0.62
C LEU A 74 6.72 -7.00 0.87
N ARG A 75 6.19 -8.16 1.23
CA ARG A 75 4.77 -8.30 1.51
C ARG A 75 4.31 -7.26 2.52
N SER A 76 5.07 -7.10 3.59
CA SER A 76 4.74 -6.14 4.64
C SER A 76 4.54 -4.75 4.05
N LEU A 77 5.51 -4.32 3.25
CA LEU A 77 5.44 -3.00 2.62
C LEU A 77 4.17 -2.86 1.79
N TYR A 78 3.99 -3.76 0.83
CA TYR A 78 2.81 -3.73 -0.03
C TYR A 78 1.53 -3.67 0.80
N ASN A 79 1.57 -4.25 1.99
CA ASN A 79 0.42 -4.26 2.88
C ASN A 79 0.19 -2.87 3.49
N THR A 80 1.17 -2.39 4.25
CA THR A 80 1.07 -1.09 4.88
C THR A 80 0.81 0.01 3.86
N ILE A 81 1.60 0.01 2.79
CA ILE A 81 1.45 1.00 1.73
C ILE A 81 0.03 1.00 1.17
N ALA A 82 -0.64 -0.13 1.29
CA ALA A 82 -2.01 -0.27 0.80
C ALA A 82 -2.99 0.48 1.70
N VAL A 83 -3.03 0.11 2.97
CA VAL A 83 -3.92 0.75 3.93
C VAL A 83 -3.77 2.26 3.91
N LEU A 84 -2.54 2.73 3.72
CA LEU A 84 -2.26 4.15 3.68
C LEU A 84 -2.68 4.75 2.34
N TYR A 85 -2.26 4.11 1.25
CA TYR A 85 -2.60 4.57 -0.09
C TYR A 85 -4.10 4.78 -0.23
N CYS A 86 -4.87 3.81 0.23
CA CYS A 86 -6.33 3.87 0.16
C CYS A 86 -6.84 5.18 0.78
N VAL A 87 -6.42 5.45 2.01
CA VAL A 87 -6.84 6.66 2.71
C VAL A 87 -6.41 7.90 1.95
N HIS A 88 -5.22 7.84 1.34
CA HIS A 88 -4.70 8.98 0.57
C HIS A 88 -5.52 9.20 -0.69
N GLN A 89 -6.03 8.15 -1.35
CA GLN A 89 -6.81 8.32 -2.56
C GLN A 89 -8.25 8.72 -2.24
N ARG A 90 -9.04 7.77 -1.75
CA ARG A 90 -10.42 8.03 -1.41
C ARG A 90 -11.10 6.76 -0.87
N ILE A 91 -10.32 5.95 -0.17
CA ILE A 91 -10.85 4.71 0.40
C ILE A 91 -10.55 4.61 1.88
N ASP A 92 -11.50 4.06 2.64
CA ASP A 92 -11.33 3.92 4.08
C ASP A 92 -11.60 2.48 4.51
N VAL A 93 -10.91 1.54 3.89
CA VAL A 93 -11.08 0.13 4.20
C VAL A 93 -10.93 -0.12 5.70
N LYS A 94 -11.27 -1.34 6.12
CA LYS A 94 -11.18 -1.70 7.53
C LYS A 94 -10.01 -2.64 7.78
N ASP A 95 -9.62 -3.37 6.74
CA ASP A 95 -8.51 -4.31 6.85
C ASP A 95 -7.56 -4.17 5.65
N THR A 96 -6.31 -4.57 5.84
CA THR A 96 -5.31 -4.49 4.80
C THR A 96 -5.76 -5.23 3.54
N LYS A 97 -6.47 -6.34 3.73
CA LYS A 97 -6.96 -7.14 2.62
C LYS A 97 -7.88 -6.31 1.72
N GLU A 98 -8.86 -5.65 2.34
CA GLU A 98 -9.81 -4.83 1.59
C GLU A 98 -9.08 -3.84 0.69
N ALA A 99 -8.06 -3.18 1.25
CA ALA A 99 -7.29 -2.20 0.49
C ALA A 99 -6.50 -2.88 -0.63
N LEU A 100 -5.98 -4.07 -0.35
CA LEU A 100 -5.21 -4.82 -1.34
C LEU A 100 -6.03 -5.05 -2.60
N ASP A 101 -7.32 -5.32 -2.43
CA ASP A 101 -8.22 -5.56 -3.55
C ASP A 101 -8.35 -4.31 -4.41
N LYS A 102 -8.27 -3.14 -3.77
CA LYS A 102 -8.39 -1.88 -4.47
C LYS A 102 -7.16 -1.63 -5.36
N ILE A 103 -6.01 -2.07 -4.89
CA ILE A 103 -4.77 -1.90 -5.64
C ILE A 103 -4.77 -2.73 -6.91
N GLU A 104 -5.37 -3.92 -6.83
CA GLU A 104 -5.45 -4.81 -7.99
C GLU A 104 -6.61 -4.43 -8.89
N GLU A 105 -7.67 -3.90 -8.29
CA GLU A 105 -8.85 -3.49 -9.05
C GLU A 105 -8.53 -2.31 -9.96
N GLU A 106 -7.68 -1.41 -9.48
CA GLU A 106 -7.29 -0.24 -10.25
C GLU A 106 -6.40 -0.62 -11.42
N GLN A 107 -5.58 -1.64 -11.22
CA GLN A 107 -4.67 -2.10 -12.27
C GLN A 107 -5.38 -3.04 -13.23
N ASN A 108 -6.39 -3.76 -12.73
CA ASN A 108 -7.15 -4.68 -13.55
C ASN A 108 -8.07 -3.93 -14.51
N LYS A 109 -8.67 -2.85 -14.02
CA LYS A 109 -9.56 -2.04 -14.84
C LYS A 109 -8.88 -1.62 -16.14
N SER A 110 -7.56 -1.48 -16.09
CA SER A 110 -6.80 -1.08 -17.27
C SER A 110 -6.65 -2.24 -18.25
N LYS A 111 -6.47 -3.43 -17.72
CA LYS A 111 -6.32 -4.63 -18.53
C LYS A 111 -7.51 -4.80 -19.47
N LYS A 112 -8.71 -4.52 -18.95
CA LYS A 112 -9.93 -4.65 -19.73
C LYS A 112 -9.86 -3.77 -20.99
N LYS A 113 -9.12 -2.67 -20.90
CA LYS A 113 -8.97 -1.76 -22.02
C LYS A 113 -7.55 -1.81 -22.58
N ALA A 114 -6.93 -2.98 -22.50
CA ALA A 114 -5.57 -3.17 -22.99
C ALA A 114 -5.44 -4.50 -23.73
N GLN A 115 -5.99 -5.55 -23.15
CA GLN A 115 -5.93 -6.88 -23.76
C GLN A 115 -6.87 -6.98 -24.95
N GLN A 116 -8.16 -6.91 -24.68
CA GLN A 116 -9.18 -6.99 -25.73
C GLN A 116 -9.02 -8.28 -26.53
N ALA A 117 -8.49 -9.32 -25.88
CA ALA A 117 -8.29 -10.60 -26.54
C ALA A 117 -7.76 -11.64 -25.56
N ALA A 118 -6.91 -11.19 -24.63
CA ALA A 118 -6.33 -12.08 -23.63
C ALA A 118 -6.89 -11.78 -22.25
N ALA A 119 -8.09 -11.23 -22.20
CA ALA A 119 -8.74 -10.89 -20.93
C ALA A 119 -9.74 -11.97 -20.53
N ASP A 120 -10.40 -12.56 -21.52
CA ASP A 120 -11.39 -13.60 -21.26
C ASP A 120 -10.76 -14.79 -20.54
N THR A 121 -9.70 -15.33 -21.14
CA THR A 121 -9.00 -16.48 -20.57
C THR A 121 -8.42 -16.13 -19.20
N GLY A 122 -9.13 -16.52 -18.15
CA GLY A 122 -8.67 -16.24 -16.80
C GLY A 122 -8.14 -17.49 -16.10
N ASN A 123 -6.83 -17.61 -16.04
CA ASN A 123 -6.20 -18.76 -15.39
C ASN A 123 -6.41 -18.72 -13.88
N ASN A 124 -6.64 -19.89 -13.28
CA ASN A 124 -6.86 -19.98 -11.85
C ASN A 124 -5.53 -20.14 -11.10
N SER A 125 -5.61 -20.28 -9.78
CA SER A 125 -4.42 -20.44 -8.96
C SER A 125 -4.67 -21.44 -7.83
N GLN A 126 -3.64 -21.68 -7.02
CA GLN A 126 -3.74 -22.62 -5.91
C GLN A 126 -3.09 -22.04 -4.67
N VAL A 127 -3.90 -21.75 -3.65
CA VAL A 127 -3.40 -21.20 -2.40
C VAL A 127 -4.07 -21.86 -1.20
N SER A 128 -3.59 -21.52 -0.01
CA SER A 128 -4.14 -22.09 1.22
C SER A 128 -5.59 -21.64 1.42
N GLN A 129 -6.49 -22.62 1.53
CA GLN A 129 -7.91 -22.33 1.72
C GLN A 129 -8.32 -22.60 3.16
N ASN A 130 -7.77 -21.83 4.09
CA ASN A 130 -8.08 -21.99 5.51
C ASN A 130 -7.66 -23.37 6.01
N TYR A 131 -6.49 -23.82 5.56
CA TYR A 131 -5.98 -25.13 5.97
C TYR A 131 -5.22 -25.03 7.27
C1 PIO B . 4.10 -8.54 12.39
O1 PIO B . 5.42 -7.89 12.85
P1 PIO B . 5.78 -6.84 14.09
C2 PIO B . 3.31 -9.32 13.50
O2 PIO B . 4.08 -10.33 14.14
C3 PIO B . 2.03 -9.95 12.90
O3 PIO B . 1.36 -10.64 13.96
C4 PIO B . 2.37 -10.91 11.70
O4 PIO B . 1.09 -11.47 11.12
P4 PIO B . -0.16 -12.31 11.83
C5 PIO B . 3.16 -10.08 10.60
O5 PIO B . 3.54 -10.98 9.52
P5 PIO B . 4.05 -10.74 7.97
C6 PIO B . 4.45 -9.43 11.17
O6 PIO B . 5.10 -8.58 10.21
O11 PIO B . 4.58 -5.88 14.08
O12 PIO B . 5.93 -7.73 15.30
O13 PIO B . 7.08 -6.19 13.76
C1A PIO B . 5.94 -4.66 9.79
O1A PIO B . 6.36 -5.48 8.99
C1B PIO B . 8.79 -4.02 14.56
O1B PIO B . 8.08 -4.19 15.52
C1C PIO B . 7.31 -5.76 12.43
C2A PIO B . 4.46 -4.25 9.72
C2B PIO B . 10.30 -4.38 14.62
C2C PIO B . 6.55 -4.45 12.12
O2C PIO B . 6.79 -4.09 10.76
C3A PIO B . 4.01 -4.10 8.26
C3B PIO B . 10.78 -4.76 16.05
C3C PIO B . 7.01 -3.28 13.03
O3C PIO B . 8.37 -3.45 13.34
O41 PIO B . -0.87 -12.79 10.57
O42 PIO B . 0.50 -13.40 12.63
O43 PIO B . -0.97 -11.39 12.72
C4A PIO B . 2.47 -4.22 8.18
C4B PIO B . 11.17 -3.49 16.85
O51 PIO B . 3.32 -11.87 7.26
O52 PIO B . 3.60 -9.32 7.67
O53 PIO B . 5.54 -10.92 8.06
C5A PIO B . 2.06 -5.68 8.47
C5B PIO B . 12.47 -3.76 17.62
C6A PIO B . 1.75 -6.39 7.14
C6B PIO B . 13.66 -3.34 16.75
C7A PIO B . 0.63 -7.42 7.37
C7B PIO B . 14.84 -4.32 16.98
C8A PIO B . -0.74 -6.77 7.12
C8B PIO B . 15.20 -4.98 15.64
H1 PIO B . 3.40 -7.75 12.11
H2 PIO B . 3.02 -8.58 14.25
H3 PIO B . 1.37 -9.18 12.51
H4 PIO B . 2.99 -11.75 11.99
H5 PIO B . 2.47 -9.31 10.26
H6 PIO B . 5.13 -10.22 11.46
HO2 PIO B . 4.49 -10.94 13.58
HO3 PIO B . 1.87 -11.40 14.26
HO6 PIO B . 5.61 -9.07 9.59
HC11 PIO B . 8.34 -5.59 12.30
HC12 PIO B . 6.97 -6.49 11.76
HC2 PIO B . 5.52 -4.59 12.31
HC31 PIO B . 6.91 -2.37 12.52
HC32 PIO B . 6.41 -3.22 13.89
H2A1 PIO B . 4.33 -3.33 10.22
H2A2 PIO B . 3.87 -4.99 10.19
H3A1 PIO B . 4.45 -4.85 7.68
H3A2 PIO B . 4.28 -3.16 7.90
H4A1 PIO B . 2.04 -3.58 8.90
H4A2 PIO B . 2.15 -3.94 7.22
H5A1 PIO B . 1.20 -5.68 9.08
H5A2 PIO B . 2.84 -6.17 8.96
H6A1 PIO B . 1.43 -5.69 6.43
H6A2 PIO B . 2.61 -6.87 6.79
H7A1 PIO B . 0.68 -7.78 8.35
H7A2 PIO B . 0.76 -8.24 6.70
H8A1 PIO B . -1.03 -6.25 7.98
H8A2 PIO B . -1.45 -7.51 6.90
H8A3 PIO B . -0.67 -6.11 6.32
H2B1 PIO B . 10.47 -5.21 13.99
H2B2 PIO B . 10.85 -3.55 14.30
H3B1 PIO B . 9.99 -5.25 16.55
H3B2 PIO B . 11.61 -5.39 15.97
H4B1 PIO B . 10.40 -3.24 17.53
H4B2 PIO B . 11.30 -2.70 16.19
H5B1 PIO B . 12.55 -4.79 17.84
H5B2 PIO B . 12.47 -3.21 18.51
H6B1 PIO B . 13.96 -2.37 17.02
H6B2 PIO B . 13.39 -3.35 15.75
H7B1 PIO B . 14.55 -5.06 17.66
H7B2 PIO B . 15.66 -3.79 17.34
H8B1 PIO B . 15.94 -5.71 15.79
H8B2 PIO B . 15.56 -4.26 14.97
H8B3 PIO B . 14.35 -5.43 15.22
N GLY A 1 -6.51 20.79 6.17
CA GLY A 1 -6.11 22.15 6.45
C GLY A 1 -4.64 22.25 6.84
N ALA A 2 -4.17 21.28 7.60
CA ALA A 2 -2.77 21.25 8.03
C ALA A 2 -2.04 20.05 7.45
N ARG A 3 -0.72 20.02 7.65
CA ARG A 3 0.10 18.93 7.14
C ARG A 3 1.14 18.51 8.18
N ALA A 4 1.07 17.26 8.62
CA ALA A 4 2.00 16.74 9.61
C ALA A 4 2.17 15.22 9.46
N SER A 5 3.41 14.77 9.46
CA SER A 5 3.70 13.34 9.33
C SER A 5 3.09 12.77 8.05
N VAL A 6 3.15 11.46 7.90
CA VAL A 6 2.60 10.79 6.72
C VAL A 6 1.08 10.90 6.70
N LEU A 7 0.46 10.71 7.86
CA LEU A 7 -0.99 10.79 7.97
C LEU A 7 -1.41 11.98 8.82
N SER A 8 -2.35 12.76 8.32
CA SER A 8 -2.84 13.93 9.04
C SER A 8 -3.75 13.52 10.19
N GLY A 9 -4.37 14.50 10.82
CA GLY A 9 -5.27 14.23 11.94
C GLY A 9 -6.43 13.34 11.54
N GLY A 10 -7.14 13.73 10.48
CA GLY A 10 -8.27 12.96 10.03
C GLY A 10 -7.88 11.57 9.57
N GLU A 11 -6.73 11.47 8.91
CA GLU A 11 -6.24 10.19 8.41
C GLU A 11 -5.80 9.30 9.56
N LEU A 12 -5.16 9.89 10.56
CA LEU A 12 -4.68 9.16 11.72
C LEU A 12 -5.82 8.40 12.40
N ASP A 13 -6.96 9.08 12.54
CA ASP A 13 -8.13 8.48 13.17
C ASP A 13 -8.51 7.17 12.48
N LYS A 14 -8.69 7.23 11.17
CA LYS A 14 -9.06 6.05 10.39
C LYS A 14 -7.93 5.02 10.42
N TRP A 15 -6.69 5.50 10.31
CA TRP A 15 -5.54 4.62 10.31
C TRP A 15 -5.54 3.71 11.55
N GLU A 16 -5.65 4.33 12.72
CA GLU A 16 -5.67 3.59 13.98
C GLU A 16 -6.82 2.58 14.00
N LYS A 17 -7.86 2.87 13.21
CA LYS A 17 -9.03 2.00 13.14
C LYS A 17 -8.74 0.78 12.27
N ILE A 18 -8.21 1.03 11.07
CA ILE A 18 -7.88 -0.05 10.14
C ILE A 18 -7.04 -1.12 10.81
N ARG A 19 -7.34 -2.38 10.52
CA ARG A 19 -6.60 -3.50 11.09
C ARG A 19 -5.66 -4.11 10.06
N LEU A 20 -4.56 -4.67 10.53
CA LEU A 20 -3.57 -5.29 9.66
C LEU A 20 -4.17 -6.48 8.91
N ARG A 21 -4.97 -7.28 9.62
CA ARG A 21 -5.61 -8.44 9.02
C ARG A 21 -7.12 -8.42 9.28
N PRO A 22 -7.88 -9.07 8.39
CA PRO A 22 -9.34 -9.15 8.51
C PRO A 22 -9.79 -10.02 9.67
N GLY A 23 -9.01 -11.07 9.96
CA GLY A 23 -9.34 -11.95 11.05
C GLY A 23 -8.34 -11.87 12.20
N GLY A 24 -7.84 -10.66 12.44
CA GLY A 24 -6.88 -10.48 13.51
C GLY A 24 -7.43 -9.64 14.65
N LYS A 25 -6.57 -9.21 15.56
CA LYS A 25 -6.97 -8.40 16.70
C LYS A 25 -5.94 -7.32 16.99
N LYS A 26 -5.21 -6.92 15.96
CA LYS A 26 -4.19 -5.88 16.11
C LYS A 26 -4.41 -4.76 15.11
N GLN A 27 -4.95 -3.63 15.59
CA GLN A 27 -5.21 -2.49 14.73
C GLN A 27 -3.90 -1.88 14.23
N TYR A 28 -4.02 -0.88 13.35
CA TYR A 28 -2.85 -0.22 12.80
C TYR A 28 -2.34 0.87 13.74
N LYS A 29 -1.03 1.09 13.73
CA LYS A 29 -0.42 2.09 14.59
C LYS A 29 0.77 2.75 13.88
N LEU A 30 1.24 3.86 14.43
CA LEU A 30 2.36 4.59 13.87
C LEU A 30 3.56 3.67 13.66
N LYS A 31 3.68 2.66 14.53
CA LYS A 31 4.78 1.71 14.44
C LYS A 31 4.89 1.13 13.03
N HIS A 32 3.74 0.92 12.40
CA HIS A 32 3.71 0.36 11.05
C HIS A 32 4.06 1.43 10.02
N ILE A 33 3.65 2.68 10.20
CA ILE A 33 3.96 3.74 9.24
C ILE A 33 5.46 4.00 9.19
N VAL A 34 6.10 3.96 10.36
CA VAL A 34 7.54 4.19 10.45
C VAL A 34 8.32 2.94 10.04
N TRP A 35 7.80 1.77 10.42
CA TRP A 35 8.46 0.51 10.09
C TRP A 35 8.68 0.38 8.59
N ALA A 36 7.77 0.96 7.81
CA ALA A 36 7.87 0.91 6.36
C ALA A 36 8.79 2.00 5.82
N SER A 37 8.63 3.21 6.38
CA SER A 37 9.45 4.34 5.95
C SER A 37 10.94 4.01 6.05
N ARG A 38 11.29 3.22 7.06
CA ARG A 38 12.68 2.84 7.28
C ARG A 38 13.13 1.82 6.22
N GLU A 39 12.24 0.89 5.89
CA GLU A 39 12.54 -0.13 4.90
C GLU A 39 12.58 0.47 3.49
N LEU A 40 11.84 1.55 3.30
CA LEU A 40 11.78 2.22 2.01
C LEU A 40 13.13 2.85 1.66
N GLU A 41 13.63 3.69 2.55
CA GLU A 41 14.91 4.36 2.33
C GLU A 41 16.01 3.34 2.05
N ARG A 42 15.84 2.13 2.56
CA ARG A 42 16.82 1.07 2.36
C ARG A 42 16.86 0.64 0.90
N PHE A 43 15.72 0.75 0.22
CA PHE A 43 15.62 0.37 -1.17
C PHE A 43 15.80 1.59 -2.09
N ALA A 44 16.54 2.58 -1.59
CA ALA A 44 16.79 3.79 -2.36
C ALA A 44 15.49 4.56 -2.61
N VAL A 45 14.49 4.33 -1.76
CA VAL A 45 13.20 4.98 -1.89
C VAL A 45 12.89 5.85 -0.68
N ASN A 46 12.82 7.15 -0.88
CA ASN A 46 12.55 8.09 0.20
C ASN A 46 11.19 7.78 0.84
N PRO A 47 11.11 7.95 2.17
CA PRO A 47 9.88 7.71 2.92
C PRO A 47 8.80 8.74 2.63
N GLY A 48 9.20 9.86 2.03
CA GLY A 48 8.25 10.91 1.69
C GLY A 48 7.21 10.45 0.69
N LEU A 49 7.58 9.48 -0.14
CA LEU A 49 6.68 8.96 -1.15
C LEU A 49 5.38 8.46 -0.52
N LEU A 50 5.45 8.07 0.75
CA LEU A 50 4.29 7.57 1.47
C LEU A 50 3.39 8.72 1.91
N GLU A 51 3.99 9.89 2.10
CA GLU A 51 3.25 11.08 2.53
C GLU A 51 2.46 11.67 1.37
N THR A 52 2.67 11.12 0.18
CA THR A 52 1.97 11.59 -1.01
C THR A 52 1.25 10.45 -1.72
N SER A 53 -0.03 10.66 -2.02
CA SER A 53 -0.83 9.65 -2.70
C SER A 53 -0.17 9.21 -4.00
N GLU A 54 0.62 10.09 -4.58
CA GLU A 54 1.32 9.80 -5.84
C GLU A 54 2.50 8.87 -5.59
N GLY A 55 3.30 9.20 -4.58
CA GLY A 55 4.46 8.38 -4.26
C GLY A 55 4.10 6.93 -3.99
N CYS A 56 3.08 6.73 -3.16
CA CYS A 56 2.64 5.38 -2.82
C CYS A 56 2.38 4.55 -4.08
N ARG A 57 1.67 5.14 -5.03
CA ARG A 57 1.35 4.46 -6.28
C ARG A 57 2.62 3.99 -6.98
N GLN A 58 3.66 4.82 -6.94
CA GLN A 58 4.93 4.48 -7.57
C GLN A 58 5.60 3.33 -6.84
N ILE A 59 5.47 3.31 -5.52
CA ILE A 59 6.08 2.26 -4.70
C ILE A 59 5.38 0.91 -4.94
N LEU A 60 4.05 0.93 -4.86
CA LEU A 60 3.27 -0.28 -5.06
C LEU A 60 3.50 -0.86 -6.46
N GLY A 61 3.88 0.01 -7.40
CA GLY A 61 4.14 -0.43 -8.75
C GLY A 61 5.37 -1.30 -8.86
N GLN A 62 6.30 -1.12 -7.94
CA GLN A 62 7.54 -1.90 -7.93
C GLN A 62 7.37 -3.18 -7.11
N LEU A 63 6.54 -3.11 -6.09
CA LEU A 63 6.30 -4.27 -5.23
C LEU A 63 5.24 -5.18 -5.83
N GLN A 64 4.37 -4.60 -6.67
CA GLN A 64 3.31 -5.37 -7.31
C GLN A 64 3.88 -6.60 -8.01
N PRO A 65 4.75 -6.36 -9.00
CA PRO A 65 5.38 -7.43 -9.78
C PRO A 65 6.39 -8.23 -8.95
N SER A 66 6.82 -7.65 -7.83
CA SER A 66 7.78 -8.30 -6.95
C SER A 66 7.08 -8.92 -5.74
N LEU A 67 5.81 -9.26 -5.92
CA LEU A 67 5.02 -9.86 -4.84
C LEU A 67 5.33 -11.35 -4.71
N GLN A 68 5.59 -12.00 -5.84
CA GLN A 68 5.90 -13.42 -5.84
C GLN A 68 7.37 -13.66 -5.53
N THR A 69 8.25 -12.85 -6.12
CA THR A 69 9.67 -12.97 -5.90
C THR A 69 10.09 -12.32 -4.58
N GLY A 70 9.31 -11.34 -4.15
CA GLY A 70 9.61 -10.65 -2.90
C GLY A 70 9.60 -11.59 -1.71
N SER A 71 10.17 -11.13 -0.60
CA SER A 71 10.23 -11.94 0.61
C SER A 71 9.22 -11.44 1.65
N GLU A 72 9.27 -12.03 2.84
CA GLU A 72 8.35 -11.64 3.91
C GLU A 72 8.40 -10.14 4.14
N GLU A 73 9.54 -9.53 3.88
CA GLU A 73 9.71 -8.09 4.06
C GLU A 73 8.89 -7.31 3.04
N LEU A 74 9.07 -7.67 1.76
CA LEU A 74 8.34 -7.00 0.68
C LEU A 74 6.84 -7.11 0.89
N ARG A 75 6.39 -8.30 1.28
CA ARG A 75 4.97 -8.54 1.51
C ARG A 75 4.40 -7.54 2.50
N SER A 76 5.02 -7.44 3.67
CA SER A 76 4.57 -6.53 4.70
C SER A 76 4.44 -5.11 4.15
N LEU A 77 5.41 -4.72 3.32
CA LEU A 77 5.40 -3.39 2.73
C LEU A 77 4.12 -3.15 1.92
N TYR A 78 3.89 -4.03 0.95
CA TYR A 78 2.70 -3.92 0.10
C TYR A 78 1.44 -3.81 0.94
N ASN A 79 1.46 -4.43 2.11
CA ASN A 79 0.31 -4.40 3.01
C ASN A 79 0.12 -3.00 3.61
N THR A 80 1.17 -2.49 4.25
CA THR A 80 1.12 -1.17 4.86
C THR A 80 0.89 -0.09 3.81
N ILE A 81 1.70 -0.12 2.75
CA ILE A 81 1.58 0.87 1.68
C ILE A 81 0.18 0.88 1.10
N ALA A 82 -0.52 -0.25 1.21
CA ALA A 82 -1.87 -0.37 0.70
C ALA A 82 -2.87 0.40 1.57
N VAL A 83 -2.93 0.03 2.84
CA VAL A 83 -3.83 0.69 3.78
C VAL A 83 -3.61 2.20 3.80
N LEU A 84 -2.35 2.60 3.69
CA LEU A 84 -1.99 4.01 3.69
C LEU A 84 -2.48 4.70 2.42
N TYR A 85 -2.15 4.11 1.27
CA TYR A 85 -2.56 4.66 -0.01
C TYR A 85 -4.07 4.88 -0.06
N CYS A 86 -4.82 3.87 0.32
CA CYS A 86 -6.28 3.95 0.33
C CYS A 86 -6.75 5.18 1.09
N VAL A 87 -6.01 5.54 2.13
CA VAL A 87 -6.35 6.70 2.95
C VAL A 87 -6.13 8.00 2.18
N HIS A 88 -5.01 8.07 1.46
CA HIS A 88 -4.70 9.26 0.68
C HIS A 88 -5.64 9.40 -0.52
N GLN A 89 -6.11 8.31 -1.12
CA GLN A 89 -7.01 8.40 -2.25
C GLN A 89 -8.44 8.70 -1.80
N ARG A 90 -9.09 7.69 -1.24
CA ARG A 90 -10.47 7.84 -0.76
C ARG A 90 -10.96 6.54 -0.12
N ILE A 91 -10.53 5.41 -0.68
CA ILE A 91 -10.94 4.11 -0.15
C ILE A 91 -10.69 4.02 1.35
N ASP A 92 -11.73 3.67 2.09
CA ASP A 92 -11.62 3.54 3.54
C ASP A 92 -11.81 2.09 3.97
N VAL A 93 -10.99 1.21 3.43
CA VAL A 93 -11.05 -0.22 3.76
C VAL A 93 -10.94 -0.44 5.26
N LYS A 94 -11.57 -1.50 5.75
CA LYS A 94 -11.53 -1.83 7.17
C LYS A 94 -10.23 -2.53 7.53
N ASP A 95 -9.78 -3.42 6.65
CA ASP A 95 -8.53 -4.16 6.88
C ASP A 95 -7.59 -4.01 5.70
N THR A 96 -6.45 -4.70 5.77
CA THR A 96 -5.46 -4.64 4.70
C THR A 96 -5.84 -5.57 3.55
N LYS A 97 -6.62 -6.59 3.86
CA LYS A 97 -7.05 -7.56 2.85
C LYS A 97 -7.91 -6.88 1.79
N GLU A 98 -8.85 -6.05 2.23
CA GLU A 98 -9.73 -5.34 1.31
C GLU A 98 -8.95 -4.35 0.46
N ALA A 99 -8.05 -3.61 1.10
CA ALA A 99 -7.23 -2.63 0.41
C ALA A 99 -6.49 -3.26 -0.76
N LEU A 100 -6.22 -4.56 -0.66
CA LEU A 100 -5.51 -5.29 -1.70
C LEU A 100 -6.43 -5.55 -2.90
N ASP A 101 -7.65 -5.99 -2.62
CA ASP A 101 -8.63 -6.28 -3.66
C ASP A 101 -8.99 -5.01 -4.42
N LYS A 102 -9.11 -3.90 -3.70
CA LYS A 102 -9.46 -2.63 -4.31
C LYS A 102 -8.38 -2.19 -5.31
N ILE A 103 -7.13 -2.17 -4.85
CA ILE A 103 -6.02 -1.78 -5.71
C ILE A 103 -5.77 -2.81 -6.80
N GLU A 104 -6.15 -4.06 -6.52
CA GLU A 104 -5.95 -5.14 -7.48
C GLU A 104 -7.04 -5.10 -8.56
N GLU A 105 -8.22 -4.63 -8.18
CA GLU A 105 -9.33 -4.53 -9.13
C GLU A 105 -9.21 -3.28 -9.99
N GLU A 106 -8.69 -2.22 -9.39
CA GLU A 106 -8.54 -0.96 -10.11
C GLU A 106 -7.40 -1.04 -11.13
N GLN A 107 -6.26 -1.55 -10.69
CA GLN A 107 -5.10 -1.69 -11.56
C GLN A 107 -5.45 -2.51 -12.80
N ASN A 108 -6.40 -3.43 -12.65
CA ASN A 108 -6.82 -4.27 -13.75
C ASN A 108 -7.30 -3.43 -14.94
N LYS A 109 -7.87 -2.27 -14.64
CA LYS A 109 -8.36 -1.37 -15.67
C LYS A 109 -7.23 -0.93 -16.60
N SER A 110 -6.05 -0.70 -16.02
CA SER A 110 -4.89 -0.28 -16.79
C SER A 110 -4.35 -1.43 -17.64
N LYS A 111 -4.55 -2.65 -17.16
CA LYS A 111 -4.09 -3.84 -17.87
C LYS A 111 -4.63 -3.87 -19.30
N LYS A 112 -5.93 -3.61 -19.42
CA LYS A 112 -6.59 -3.61 -20.73
C LYS A 112 -6.03 -2.50 -21.62
N LYS A 113 -5.52 -1.45 -20.98
CA LYS A 113 -4.95 -0.32 -21.71
C LYS A 113 -3.42 -0.39 -21.72
N ALA A 114 -2.89 -1.61 -21.75
CA ALA A 114 -1.46 -1.82 -21.76
C ALA A 114 -1.11 -3.30 -21.91
N GLN A 115 -1.91 -4.01 -22.71
CA GLN A 115 -1.70 -5.43 -22.94
C GLN A 115 -0.99 -5.67 -24.26
N GLN A 116 -0.22 -4.68 -24.71
CA GLN A 116 0.50 -4.78 -25.96
C GLN A 116 1.98 -5.07 -25.71
N ALA A 117 2.49 -4.61 -24.57
CA ALA A 117 3.88 -4.82 -24.22
C ALA A 117 4.01 -5.69 -22.98
N ALA A 118 3.29 -5.33 -21.92
CA ALA A 118 3.32 -6.09 -20.68
C ALA A 118 2.94 -7.54 -20.92
N ALA A 119 2.12 -7.78 -21.93
CA ALA A 119 1.68 -9.13 -22.26
C ALA A 119 2.87 -10.05 -22.50
N ASP A 120 3.86 -9.55 -23.23
CA ASP A 120 5.06 -10.33 -23.53
C ASP A 120 5.92 -10.51 -22.27
N THR A 121 6.09 -9.43 -21.52
CA THR A 121 6.89 -9.47 -20.30
C THR A 121 6.07 -9.04 -19.09
N GLY A 122 5.45 -10.00 -18.43
CA GLY A 122 4.63 -9.71 -17.26
C GLY A 122 4.07 -10.96 -16.62
N ASN A 123 3.00 -10.79 -15.86
CA ASN A 123 2.36 -11.91 -15.17
C ASN A 123 0.89 -12.01 -15.56
N ASN A 124 0.39 -13.24 -15.64
CA ASN A 124 -1.00 -13.47 -16.00
C ASN A 124 -1.88 -13.60 -14.75
N SER A 125 -1.73 -12.63 -13.85
CA SER A 125 -2.51 -12.63 -12.61
C SER A 125 -2.21 -13.88 -11.78
N GLN A 126 -2.94 -14.03 -10.68
CA GLN A 126 -2.75 -15.19 -9.80
C GLN A 126 -3.30 -16.45 -10.43
N VAL A 127 -2.41 -17.34 -10.86
CA VAL A 127 -2.81 -18.59 -11.48
C VAL A 127 -2.29 -19.79 -10.69
N SER A 128 -2.22 -19.64 -9.37
CA SER A 128 -1.73 -20.71 -8.50
C SER A 128 -2.29 -20.55 -7.09
N GLN A 129 -3.00 -21.57 -6.62
CA GLN A 129 -3.58 -21.55 -5.29
C GLN A 129 -2.50 -21.48 -4.22
N ASN A 130 -2.88 -21.03 -3.03
CA ASN A 130 -1.94 -20.91 -1.93
C ASN A 130 -1.69 -22.27 -1.26
N TYR A 131 -0.59 -22.36 -0.52
CA TYR A 131 -0.23 -23.60 0.16
C TYR A 131 -0.53 -23.50 1.65
C1 PIO B . 3.44 -8.51 12.76
O1 PIO B . 4.82 -8.05 13.22
P1 PIO B . 5.30 -6.93 14.37
C2 PIO B . 2.59 -9.28 13.82
O2 PIO B . 3.26 -10.41 14.36
C3 PIO B . 1.24 -9.73 13.22
O3 PIO B . 0.52 -10.43 14.25
C4 PIO B . 1.46 -10.63 11.94
O4 PIO B . 0.12 -11.01 11.36
P4 PIO B . -0.47 -12.48 10.81
C5 PIO B . 2.31 -9.82 10.89
O5 PIO B . 2.57 -10.68 9.73
P5 PIO B . 1.73 -10.98 8.34
C6 PIO B . 3.67 -9.34 11.46
O6 PIO B . 4.39 -8.50 10.55
O11 PIO B . 4.18 -5.88 14.32
O12 PIO B . 5.42 -7.74 15.64
O13 PIO B . 6.64 -6.41 13.95
C1A PIO B . 5.65 -5.05 9.87
O1A PIO B . 6.07 -5.92 9.13
C1B PIO B . 8.39 -4.20 14.76
O1B PIO B . 7.60 -4.34 15.67
C1C PIO B . 6.86 -6.09 12.60
C2A PIO B . 4.19 -4.60 9.74
C2B PIO B . 9.92 -4.40 15.01
C2C PIO B . 6.19 -4.75 12.20
O2C PIO B . 6.48 -4.47 10.85
C3A PIO B . 3.78 -4.51 8.25
C3B PIO B . 10.35 -4.02 16.43
C3C PIO B . 6.69 -3.58 13.08
O3C PIO B . 8.04 -3.82 13.45
O41 PIO B . -1.27 -12.89 12.05
O42 PIO B . -1.29 -12.16 9.60
O43 PIO B . 0.69 -13.39 10.45
C4A PIO B . 2.26 -4.29 8.15
C4B PIO B . 11.72 -4.63 16.77
O51 PIO B . 2.55 -10.21 7.34
O52 PIO B . 1.76 -12.50 8.25
O53 PIO B . 0.37 -10.40 8.63
C5A PIO B . 1.53 -5.59 8.54
C5B PIO B . 12.84 -3.67 16.32
C6A PIO B . 0.86 -6.19 7.28
C6B PIO B . 14.15 -4.46 16.13
C7A PIO B . 0.38 -7.63 7.60
C7B PIO B . 15.21 -3.56 15.48
C8A PIO B . -1.09 -7.78 7.17
C8B PIO B . 15.29 -3.85 13.97
H1 PIO B . 2.82 -7.64 12.54
H2 PIO B . 2.39 -8.57 14.63
H3 PIO B . 0.66 -8.87 12.90
H4 PIO B . 2.00 -11.55 12.15
H5 PIO B . 1.70 -8.96 10.62
H6 PIO B . 4.27 -10.21 11.68
HO2 PIO B . 3.59 -11.02 13.76
HO3 PIO B . 0.96 -11.25 14.48
HO6 PIO B . 4.82 -9.00 9.89
HC11 PIO B . 7.89 -6.02 12.42
HC12 PIO B . 6.44 -6.85 11.97
HC2 PIO B . 5.15 -4.82 12.38
HC31 PIO B . 6.68 -2.68 12.52
HC32 PIO B . 6.08 -3.44 13.92
H2A1 PIO B . 4.08 -3.64 10.18
H2A2 PIO B . 3.56 -5.28 10.22
H3A1 PIO B . 4.04 -5.41 7.77
H3A2 PIO B . 4.26 -3.71 7.80
H4A1 PIO B . 1.97 -3.52 8.81
H4A2 PIO B . 2.00 -4.03 7.17
H5A1 PIO B . 0.79 -5.38 9.26
H5A2 PIO B . 2.21 -6.28 8.94
H6A1 PIO B . 0.04 -5.61 7.01
H6A2 PIO B . 1.56 -6.22 6.49
H7A1 PIO B . 0.47 -7.81 8.63
H7A2 PIO B . 0.97 -8.32 7.07
H8A1 PIO B . -1.72 -7.40 7.92
H8A2 PIO B . -1.31 -8.80 7.03
H8A3 PIO B . -1.26 -7.26 6.28
H2B1 PIO B . 10.15 -5.41 14.85
H2B2 PIO B . 10.43 -3.79 14.32
H3B1 PIO B . 10.43 -2.97 16.49
H3B2 PIO B . 9.64 -4.36 17.12
H4B1 PIO B . 11.85 -5.56 16.29
H4B2 PIO B . 11.79 -4.78 17.81
H5B1 PIO B . 12.99 -2.94 17.07
H5B2 PIO B . 12.57 -3.21 15.42
H6B1 PIO B . 13.97 -5.29 15.50
H6B2 PIO B . 14.50 -4.81 17.05
H7B1 PIO B . 16.14 -3.73 15.92
H7B2 PIO B . 14.94 -2.54 15.62
H8B1 PIO B . 16.07 -3.29 13.54
H8B2 PIO B . 14.38 -3.60 13.51
H8B3 PIO B . 15.48 -4.87 13.82
N GLY A 1 8.87 10.38 11.27
CA GLY A 1 7.86 11.33 11.71
C GLY A 1 7.77 11.43 13.22
N ALA A 2 6.72 12.07 13.71
CA ALA A 2 6.52 12.24 15.15
C ALA A 2 5.07 12.54 15.47
N ARG A 3 4.61 13.72 15.05
CA ARG A 3 3.23 14.13 15.30
C ARG A 3 2.42 14.10 14.01
N ALA A 4 2.94 14.74 12.97
CA ALA A 4 2.26 14.78 11.68
C ALA A 4 3.27 14.89 10.53
N SER A 5 3.04 14.10 9.48
CA SER A 5 3.92 14.10 8.33
C SER A 5 3.35 13.24 7.21
N VAL A 6 2.91 12.04 7.56
CA VAL A 6 2.34 11.11 6.59
C VAL A 6 0.82 11.17 6.60
N LEU A 7 0.22 10.71 7.70
CA LEU A 7 -1.23 10.71 7.84
C LEU A 7 -1.69 11.90 8.67
N SER A 8 -2.60 12.70 8.10
CA SER A 8 -3.13 13.87 8.78
C SER A 8 -4.02 13.47 9.95
N GLY A 9 -4.69 14.45 10.54
CA GLY A 9 -5.57 14.18 11.67
C GLY A 9 -6.65 13.18 11.32
N GLY A 10 -7.39 13.46 10.25
CA GLY A 10 -8.45 12.57 9.83
C GLY A 10 -7.95 11.20 9.43
N GLU A 11 -6.82 11.16 8.71
CA GLU A 11 -6.24 9.91 8.27
C GLU A 11 -5.73 9.10 9.45
N LEU A 12 -5.24 9.79 10.47
CA LEU A 12 -4.72 9.14 11.66
C LEU A 12 -5.82 8.36 12.39
N ASP A 13 -6.96 9.01 12.58
CA ASP A 13 -8.09 8.39 13.26
C ASP A 13 -8.46 7.07 12.58
N LYS A 14 -8.70 7.13 11.28
CA LYS A 14 -9.07 5.94 10.51
C LYS A 14 -7.94 4.93 10.51
N TRP A 15 -6.71 5.41 10.35
CA TRP A 15 -5.54 4.53 10.34
C TRP A 15 -5.52 3.64 11.57
N GLU A 16 -5.66 4.24 12.75
CA GLU A 16 -5.65 3.50 13.99
C GLU A 16 -6.79 2.48 14.03
N LYS A 17 -7.85 2.76 13.28
CA LYS A 17 -9.01 1.87 13.22
C LYS A 17 -8.73 0.67 12.33
N ILE A 18 -8.17 0.93 11.15
CA ILE A 18 -7.85 -0.13 10.21
C ILE A 18 -7.02 -1.23 10.87
N ARG A 19 -7.39 -2.48 10.60
CA ARG A 19 -6.68 -3.62 11.17
C ARG A 19 -5.77 -4.27 10.14
N LEU A 20 -4.65 -4.81 10.59
CA LEU A 20 -3.69 -5.47 9.71
C LEU A 20 -4.36 -6.61 8.94
N ARG A 21 -5.32 -7.27 9.59
CA ARG A 21 -6.03 -8.38 8.97
C ARG A 21 -7.54 -8.21 9.11
N PRO A 22 -8.30 -8.90 8.25
CA PRO A 22 -9.76 -8.84 8.26
C PRO A 22 -10.36 -9.51 9.48
N GLY A 23 -9.70 -10.57 9.96
CA GLY A 23 -10.19 -11.28 11.12
C GLY A 23 -9.12 -11.47 12.18
N GLY A 24 -8.58 -10.35 12.67
CA GLY A 24 -7.54 -10.43 13.69
C GLY A 24 -7.81 -9.48 14.85
N LYS A 25 -6.81 -9.31 15.71
CA LYS A 25 -6.94 -8.44 16.86
C LYS A 25 -5.72 -7.53 17.00
N LYS A 26 -5.28 -6.97 15.88
CA LYS A 26 -4.13 -6.08 15.88
C LYS A 26 -4.36 -4.88 14.97
N GLN A 27 -4.86 -3.80 15.53
CA GLN A 27 -5.14 -2.59 14.77
C GLN A 27 -3.84 -1.96 14.27
N TYR A 28 -3.96 -0.97 13.38
CA TYR A 28 -2.81 -0.30 12.82
C TYR A 28 -2.30 0.80 13.76
N LYS A 29 -1.00 1.03 13.74
CA LYS A 29 -0.39 2.04 14.58
C LYS A 29 0.79 2.70 13.89
N LEU A 30 1.26 3.83 14.43
CA LEU A 30 2.38 4.55 13.86
C LEU A 30 3.58 3.62 13.67
N LYS A 31 3.69 2.62 14.53
CA LYS A 31 4.79 1.66 14.45
C LYS A 31 4.91 1.08 13.05
N HIS A 32 3.77 0.85 12.41
CA HIS A 32 3.73 0.30 11.06
C HIS A 32 4.09 1.37 10.03
N ILE A 33 3.68 2.62 10.22
CA ILE A 33 4.00 3.67 9.26
C ILE A 33 5.50 3.94 9.21
N VAL A 34 6.15 3.86 10.37
CA VAL A 34 7.58 4.09 10.46
C VAL A 34 8.37 2.86 10.02
N TRP A 35 7.86 1.68 10.37
CA TRP A 35 8.51 0.43 10.02
C TRP A 35 8.73 0.33 8.51
N ALA A 36 7.84 0.95 7.75
CA ALA A 36 7.93 0.94 6.30
C ALA A 36 8.85 2.05 5.80
N SER A 37 8.71 3.23 6.38
CA SER A 37 9.53 4.37 5.99
C SER A 37 11.02 4.04 6.09
N ARG A 38 11.38 3.29 7.12
CA ARG A 38 12.76 2.90 7.34
C ARG A 38 13.20 1.85 6.33
N GLU A 39 12.23 1.09 5.82
CA GLU A 39 12.51 0.05 4.84
C GLU A 39 12.58 0.62 3.43
N LEU A 40 11.87 1.73 3.22
CA LEU A 40 11.84 2.38 1.92
C LEU A 40 13.20 3.01 1.60
N GLU A 41 13.74 3.76 2.55
CA GLU A 41 15.03 4.42 2.38
C GLU A 41 16.11 3.41 2.00
N ARG A 42 15.90 2.16 2.41
CA ARG A 42 16.86 1.09 2.13
C ARG A 42 16.81 0.71 0.65
N PHE A 43 15.65 0.89 0.03
CA PHE A 43 15.48 0.56 -1.39
C PHE A 43 15.68 1.79 -2.26
N ALA A 44 16.47 2.74 -1.77
CA ALA A 44 16.75 3.97 -2.50
C ALA A 44 15.48 4.79 -2.69
N VAL A 45 14.50 4.57 -1.83
CA VAL A 45 13.23 5.28 -1.89
C VAL A 45 13.00 6.11 -0.63
N ASN A 46 12.85 7.41 -0.79
CA ASN A 46 12.62 8.31 0.33
C ASN A 46 11.28 8.02 0.99
N PRO A 47 11.22 8.13 2.33
CA PRO A 47 10.01 7.88 3.11
C PRO A 47 8.95 8.97 2.88
N GLY A 48 9.35 10.03 2.20
CA GLY A 48 8.43 11.12 1.93
C GLY A 48 7.52 10.84 0.75
N LEU A 49 7.53 9.59 0.29
CA LEU A 49 6.69 9.20 -0.85
C LEU A 49 5.38 8.59 -0.36
N LEU A 50 5.40 8.02 0.84
CA LEU A 50 4.21 7.40 1.43
C LEU A 50 3.20 8.46 1.83
N GLU A 51 3.69 9.66 2.13
CA GLU A 51 2.82 10.76 2.54
C GLU A 51 2.07 11.33 1.34
N THR A 52 2.41 10.85 0.15
CA THR A 52 1.78 11.33 -1.07
C THR A 52 1.15 10.17 -1.84
N SER A 53 -0.12 10.34 -2.23
CA SER A 53 -0.84 9.31 -2.97
C SER A 53 -0.07 8.91 -4.23
N GLU A 54 0.74 9.83 -4.74
CA GLU A 54 1.52 9.57 -5.95
C GLU A 54 2.72 8.67 -5.64
N GLY A 55 3.44 9.01 -4.58
CA GLY A 55 4.60 8.23 -4.18
C GLY A 55 4.24 6.78 -3.88
N CYS A 56 3.17 6.59 -3.13
CA CYS A 56 2.72 5.25 -2.77
C CYS A 56 2.58 4.37 -4.00
N ARG A 57 1.86 4.87 -5.01
CA ARG A 57 1.64 4.12 -6.24
C ARG A 57 2.97 3.74 -6.88
N GLN A 58 3.90 4.69 -6.93
CA GLN A 58 5.21 4.44 -7.51
C GLN A 58 5.92 3.29 -6.80
N ILE A 59 5.63 3.13 -5.52
CA ILE A 59 6.24 2.07 -4.73
C ILE A 59 5.56 0.73 -4.99
N LEU A 60 4.23 0.72 -4.93
CA LEU A 60 3.46 -0.48 -5.16
C LEU A 60 3.67 -1.00 -6.59
N GLY A 61 4.01 -0.08 -7.50
CA GLY A 61 4.21 -0.47 -8.88
C GLY A 61 5.44 -1.34 -9.05
N GLN A 62 6.34 -1.29 -8.08
CA GLN A 62 7.57 -2.09 -8.13
C GLN A 62 7.42 -3.37 -7.32
N LEU A 63 6.61 -3.30 -6.26
CA LEU A 63 6.38 -4.46 -5.41
C LEU A 63 5.31 -5.37 -5.99
N GLN A 64 4.41 -4.79 -6.78
CA GLN A 64 3.34 -5.55 -7.41
C GLN A 64 3.88 -6.77 -8.14
N PRO A 65 4.73 -6.54 -9.15
CA PRO A 65 5.33 -7.61 -9.94
C PRO A 65 6.35 -8.42 -9.14
N SER A 66 6.80 -7.86 -8.02
CA SER A 66 7.78 -8.52 -7.17
C SER A 66 7.12 -9.12 -5.94
N LEU A 67 5.83 -9.45 -6.07
CA LEU A 67 5.08 -10.04 -4.98
C LEU A 67 5.37 -11.53 -4.84
N GLN A 68 5.65 -12.17 -5.97
CA GLN A 68 5.94 -13.60 -5.99
C GLN A 68 7.41 -13.85 -5.64
N THR A 69 8.29 -12.99 -6.13
CA THR A 69 9.72 -13.12 -5.87
C THR A 69 10.17 -12.14 -4.79
N GLY A 70 9.23 -11.75 -3.93
CA GLY A 70 9.55 -10.82 -2.85
C GLY A 70 9.79 -11.53 -1.53
N SER A 71 10.47 -10.85 -0.62
CA SER A 71 10.77 -11.42 0.70
C SER A 71 9.74 -10.97 1.73
N GLU A 72 9.94 -11.39 2.98
CA GLU A 72 9.03 -11.03 4.05
C GLU A 72 8.84 -9.51 4.12
N GLU A 73 9.94 -8.78 3.96
CA GLU A 73 9.90 -7.33 4.01
C GLU A 73 9.00 -6.77 2.91
N LEU A 74 9.25 -7.21 1.68
CA LEU A 74 8.47 -6.76 0.53
C LEU A 74 6.98 -7.03 0.75
N ARG A 75 6.66 -8.21 1.27
CA ARG A 75 5.28 -8.59 1.53
C ARG A 75 4.62 -7.60 2.48
N SER A 76 5.20 -7.45 3.67
CA SER A 76 4.67 -6.54 4.67
C SER A 76 4.49 -5.13 4.10
N LEU A 77 5.41 -4.75 3.22
CA LEU A 77 5.36 -3.43 2.60
C LEU A 77 4.07 -3.24 1.80
N TYR A 78 3.85 -4.14 0.85
CA TYR A 78 2.65 -4.08 0.02
C TYR A 78 1.39 -3.99 0.88
N ASN A 79 1.46 -4.57 2.07
CA ASN A 79 0.32 -4.56 3.00
C ASN A 79 0.14 -3.17 3.60
N THR A 80 1.19 -2.65 4.20
CA THR A 80 1.15 -1.33 4.82
C THR A 80 0.87 -0.24 3.79
N ILE A 81 1.68 -0.21 2.74
CA ILE A 81 1.51 0.78 1.68
C ILE A 81 0.08 0.79 1.16
N ALA A 82 -0.57 -0.36 1.21
CA ALA A 82 -1.95 -0.48 0.75
C ALA A 82 -2.90 0.30 1.65
N VAL A 83 -2.95 -0.08 2.93
CA VAL A 83 -3.81 0.57 3.90
C VAL A 83 -3.59 2.08 3.89
N LEU A 84 -2.34 2.50 3.72
CA LEU A 84 -1.99 3.91 3.70
C LEU A 84 -2.45 4.57 2.40
N TYR A 85 -2.10 3.94 1.28
CA TYR A 85 -2.47 4.46 -0.04
C TYR A 85 -3.97 4.68 -0.12
N CYS A 86 -4.74 3.67 0.28
CA CYS A 86 -6.20 3.75 0.24
C CYS A 86 -6.69 5.00 0.96
N VAL A 87 -6.05 5.33 2.07
CA VAL A 87 -6.42 6.50 2.85
C VAL A 87 -6.22 7.79 2.05
N HIS A 88 -5.15 7.82 1.26
CA HIS A 88 -4.85 8.99 0.44
C HIS A 88 -5.80 9.07 -0.76
N GLN A 89 -6.41 7.98 -1.19
CA GLN A 89 -7.32 8.01 -2.33
C GLN A 89 -8.78 8.12 -1.85
N ARG A 90 -8.95 8.69 -0.66
CA ARG A 90 -10.29 8.86 -0.09
C ARG A 90 -11.01 7.52 0.00
N ILE A 91 -10.24 6.45 0.09
CA ILE A 91 -10.81 5.10 0.19
C ILE A 91 -10.91 4.66 1.64
N ASP A 92 -12.10 4.18 2.02
CA ASP A 92 -12.33 3.72 3.39
C ASP A 92 -12.38 2.20 3.44
N VAL A 93 -11.36 1.60 4.07
CA VAL A 93 -11.28 0.16 4.19
C VAL A 93 -11.45 -0.29 5.64
N LYS A 94 -11.48 -1.60 5.85
CA LYS A 94 -11.63 -2.15 7.20
C LYS A 94 -10.39 -2.94 7.60
N ASP A 95 -9.69 -3.49 6.61
CA ASP A 95 -8.48 -4.26 6.87
C ASP A 95 -7.48 -4.12 5.71
N THR A 96 -6.30 -4.71 5.88
CA THR A 96 -5.27 -4.64 4.86
C THR A 96 -5.68 -5.42 3.61
N LYS A 97 -6.51 -6.44 3.80
CA LYS A 97 -6.98 -7.26 2.70
C LYS A 97 -7.90 -6.47 1.77
N GLU A 98 -8.95 -5.90 2.35
CA GLU A 98 -9.91 -5.10 1.57
C GLU A 98 -9.19 -4.03 0.76
N ALA A 99 -8.25 -3.34 1.41
CA ALA A 99 -7.49 -2.29 0.75
C ALA A 99 -6.79 -2.80 -0.50
N LEU A 100 -6.25 -4.01 -0.41
CA LEU A 100 -5.55 -4.62 -1.54
C LEU A 100 -6.53 -4.96 -2.66
N ASP A 101 -7.75 -5.31 -2.29
CA ASP A 101 -8.78 -5.65 -3.27
C ASP A 101 -9.23 -4.41 -4.03
N LYS A 102 -9.23 -3.27 -3.36
CA LYS A 102 -9.65 -2.01 -3.97
C LYS A 102 -8.65 -1.58 -5.05
N ILE A 103 -7.37 -1.64 -4.72
CA ILE A 103 -6.32 -1.26 -5.66
C ILE A 103 -6.24 -2.23 -6.83
N GLU A 104 -6.64 -3.48 -6.57
CA GLU A 104 -6.62 -4.51 -7.61
C GLU A 104 -7.85 -4.42 -8.49
N GLU A 105 -8.96 -3.97 -7.90
CA GLU A 105 -10.21 -3.83 -8.63
C GLU A 105 -10.17 -2.63 -9.58
N GLU A 106 -9.70 -1.49 -9.06
CA GLU A 106 -9.61 -0.28 -9.86
C GLU A 106 -8.70 -0.48 -11.06
N GLN A 107 -7.74 -1.40 -10.93
CA GLN A 107 -6.80 -1.69 -12.00
C GLN A 107 -7.39 -2.72 -12.97
N ASN A 108 -8.27 -3.56 -12.46
CA ASN A 108 -8.90 -4.59 -13.28
C ASN A 108 -9.52 -3.98 -14.53
N LYS A 109 -10.19 -2.84 -14.36
CA LYS A 109 -10.83 -2.15 -15.48
C LYS A 109 -9.83 -1.91 -16.61
N SER A 110 -8.56 -1.73 -16.25
CA SER A 110 -7.51 -1.49 -17.23
C SER A 110 -6.71 -2.75 -17.49
N LYS A 111 -7.38 -3.89 -17.45
CA LYS A 111 -6.73 -5.18 -17.69
C LYS A 111 -7.53 -6.02 -18.69
N LYS A 112 -8.81 -6.20 -18.42
CA LYS A 112 -9.68 -6.98 -19.29
C LYS A 112 -9.80 -6.32 -20.66
N LYS A 113 -9.67 -5.00 -20.70
CA LYS A 113 -9.75 -4.26 -21.95
C LYS A 113 -8.51 -4.48 -22.80
N ALA A 114 -7.37 -4.71 -22.13
CA ALA A 114 -6.11 -4.94 -22.83
C ALA A 114 -6.06 -6.35 -23.42
N GLN A 115 -6.78 -7.27 -22.80
CA GLN A 115 -6.81 -8.66 -23.26
C GLN A 115 -8.17 -8.99 -23.85
N GLN A 116 -8.79 -8.02 -24.50
CA GLN A 116 -10.10 -8.21 -25.11
C GLN A 116 -9.96 -8.89 -26.48
N ALA A 117 -8.83 -8.69 -27.13
CA ALA A 117 -8.57 -9.28 -28.43
C ALA A 117 -8.33 -10.78 -28.31
N ALA A 118 -7.81 -11.21 -27.16
CA ALA A 118 -7.52 -12.62 -26.93
C ALA A 118 -8.53 -13.22 -25.95
N ALA A 119 -9.75 -12.71 -25.98
CA ALA A 119 -10.81 -13.20 -25.09
C ALA A 119 -12.17 -13.12 -25.76
N ASP A 120 -12.18 -13.24 -27.09
CA ASP A 120 -13.42 -13.19 -27.85
C ASP A 120 -13.60 -14.46 -28.68
N THR A 121 -13.37 -15.61 -28.03
CA THR A 121 -13.51 -16.89 -28.70
C THR A 121 -14.93 -17.44 -28.55
N GLY A 122 -15.61 -17.01 -27.50
CA GLY A 122 -16.97 -17.46 -27.26
C GLY A 122 -17.07 -18.44 -26.11
N ASN A 123 -17.75 -19.56 -26.34
CA ASN A 123 -17.92 -20.58 -25.31
C ASN A 123 -16.75 -21.56 -25.32
N ASN A 124 -15.84 -21.42 -24.36
CA ASN A 124 -14.68 -22.29 -24.26
C ASN A 124 -14.47 -22.75 -22.82
N SER A 125 -15.40 -23.54 -22.31
CA SER A 125 -15.31 -24.04 -20.95
C SER A 125 -15.34 -22.89 -19.94
N GLN A 126 -15.39 -23.24 -18.66
CA GLN A 126 -15.42 -22.23 -17.60
C GLN A 126 -14.41 -22.56 -16.50
N VAL A 127 -13.91 -21.53 -15.84
CA VAL A 127 -12.94 -21.70 -14.77
C VAL A 127 -13.60 -21.56 -13.40
N SER A 128 -14.09 -22.68 -12.86
CA SER A 128 -14.74 -22.67 -11.55
C SER A 128 -14.02 -23.60 -10.58
N GLN A 129 -13.83 -23.13 -9.36
CA GLN A 129 -13.15 -23.92 -8.33
C GLN A 129 -13.98 -23.97 -7.06
N ASN A 130 -13.49 -24.71 -6.07
CA ASN A 130 -14.18 -24.84 -4.79
C ASN A 130 -13.42 -24.13 -3.68
N TYR A 131 -14.15 -23.43 -2.81
CA TYR A 131 -13.54 -22.71 -1.71
C TYR A 131 -13.07 -23.67 -0.61
C1 PIO B . 3.63 -8.66 12.33
O1 PIO B . 5.00 -8.28 12.90
P1 PIO B . 5.47 -7.24 14.11
C2 PIO B . 2.74 -9.54 13.27
O2 PIO B . 3.38 -10.75 13.68
C3 PIO B . 1.39 -9.89 12.59
O3 PIO B . 0.64 -10.70 13.49
C4 PIO B . 1.64 -10.62 11.20
O4 PIO B . 0.30 -10.90 10.54
P4 PIO B . -0.81 -12.12 10.79
C5 PIO B . 2.53 -9.69 10.29
O5 PIO B . 2.81 -10.40 9.04
P5 PIO B . 3.43 -11.87 8.67
C6 PIO B . 3.87 -9.31 10.96
O6 PIO B . 4.63 -8.38 10.18
O11 PIO B . 4.32 -6.23 14.16
O12 PIO B . 5.65 -8.14 15.31
O13 PIO B . 6.79 -6.64 13.70
C1A PIO B . 5.60 -5.01 9.76
O1A PIO B . 5.99 -5.82 8.95
C1B PIO B . 8.53 -4.21 14.66
O1B PIO B . 7.93 -3.88 15.66
C1C PIO B . 6.95 -6.22 12.36
C2A PIO B . 4.12 -4.55 9.73
C2B PIO B . 9.91 -4.92 14.78
C2C PIO B . 6.23 -4.87 12.09
O2C PIO B . 6.47 -4.50 10.75
C3A PIO B . 3.66 -4.35 8.27
C3B PIO B . 9.98 -5.92 15.95
C3C PIO B . 6.73 -3.75 13.03
O3C PIO B . 8.09 -3.98 13.34
O41 PIO B . -1.43 -12.15 9.39
O42 PIO B . 0.01 -13.34 11.13
O43 PIO B . -1.75 -11.75 11.92
C4A PIO B . 2.13 -4.37 8.22
C4B PIO B . 11.35 -5.88 16.63
O51 PIO B . 2.20 -12.57 8.13
O52 PIO B . 4.54 -11.55 7.69
O53 PIO B . 3.90 -12.38 10.01
C5A PIO B . 1.65 -5.46 7.24
C5B PIO B . 11.15 -5.95 18.16
C6A PIO B . 1.70 -6.82 7.94
C6B PIO B . 11.04 -7.42 18.60
C7A PIO B . 0.70 -7.79 7.24
C7B PIO B . 12.45 -7.96 18.91
C8A PIO B . -0.74 -7.42 7.62
C8B PIO B . 12.84 -7.61 20.35
H1 PIO B . 3.03 -7.75 12.22
H2 PIO B . 2.54 -8.94 14.16
H3 PIO B . 0.84 -8.98 12.36
H4 PIO B . 2.15 -11.57 11.31
H5 PIO B . 1.94 -8.80 10.12
H6 PIO B . 4.46 -10.22 11.06
HO2 PIO B . 3.72 -11.28 13.01
HO3 PIO B . 1.07 -11.55 13.63
HO6 PIO B . 5.08 -8.79 9.46
HC11 PIO B . 7.98 -6.09 12.17
HC12 PIO B . 6.55 -6.94 11.70
HC2 PIO B . 5.20 -4.99 12.29
HC31 PIO B . 6.67 -2.82 12.53
HC32 PIO B . 6.14 -3.69 13.89
H2A1 PIO B . 4.03 -3.64 10.25
H2A2 PIO B . 3.53 -5.29 10.18
H3A1 PIO B . 4.05 -5.12 7.68
H3A2 PIO B . 4.01 -3.43 7.91
H4A1 PIO B . 1.74 -4.57 9.18
H4A2 PIO B . 1.77 -3.43 7.88
H5A1 PIO B . 2.30 -5.47 6.40
H5A2 PIO B . 0.68 -5.24 6.92
H6A1 PIO B . 2.66 -7.23 7.89
H6A2 PIO B . 1.42 -6.72 8.95
H7A1 PIO B . 0.91 -8.77 7.54
H7A2 PIO B . 0.83 -7.71 6.20
H8A1 PIO B . -0.97 -7.84 8.56
H8A2 PIO B . -1.39 -7.78 6.90
H8A3 PIO B . -0.82 -6.36 7.68
H2B1 PIO B . 10.10 -5.42 13.88
H2B2 PIO B . 10.63 -4.16 14.95
H3B1 PIO B . 9.23 -5.69 16.65
H3B2 PIO B . 9.81 -6.89 15.56
H4B1 PIO B . 11.87 -5.00 16.39
H4B2 PIO B . 11.92 -6.70 16.32
H5B1 PIO B . 10.27 -5.43 18.42
H5B2 PIO B . 11.97 -5.49 18.64
H6B1 PIO B . 10.60 -7.98 17.84
H6B2 PIO B . 10.45 -7.48 19.47
H7B1 PIO B . 13.14 -7.55 18.24
H7B2 PIO B . 12.45 -9.01 18.78
H8B1 PIO B . 13.83 -7.90 20.53
H8B2 PIO B . 12.20 -8.09 21.02
H8B3 PIO B . 12.76 -6.57 20.48
N GLY A 1 7.66 24.61 3.47
CA GLY A 1 6.50 25.33 3.97
C GLY A 1 5.88 24.64 5.18
N ALA A 2 5.23 23.52 4.95
CA ALA A 2 4.60 22.76 6.02
C ALA A 2 5.58 21.84 6.71
N ARG A 3 5.09 21.04 7.65
CA ARG A 3 5.93 20.10 8.39
C ARG A 3 5.79 18.70 7.83
N ALA A 4 6.82 17.87 8.06
CA ALA A 4 6.82 16.50 7.58
C ALA A 4 5.74 15.68 8.27
N SER A 5 4.68 15.36 7.56
CA SER A 5 3.58 14.57 8.10
C SER A 5 3.04 13.59 7.07
N VAL A 6 2.76 12.36 7.51
CA VAL A 6 2.24 11.33 6.63
C VAL A 6 0.71 11.31 6.67
N LEU A 7 0.15 11.11 7.86
CA LEU A 7 -1.29 11.06 8.03
C LEU A 7 -1.77 12.18 8.94
N SER A 8 -2.69 13.00 8.43
CA SER A 8 -3.22 14.12 9.20
C SER A 8 -4.15 13.63 10.30
N GLY A 9 -4.78 14.56 11.01
CA GLY A 9 -5.68 14.21 12.09
C GLY A 9 -6.76 13.25 11.63
N GLY A 10 -7.44 13.59 10.53
CA GLY A 10 -8.50 12.74 10.02
C GLY A 10 -8.00 11.37 9.59
N GLU A 11 -6.92 11.36 8.80
CA GLU A 11 -6.34 10.11 8.33
C GLU A 11 -5.90 9.24 9.50
N LEU A 12 -5.31 9.87 10.51
CA LEU A 12 -4.82 9.15 11.69
C LEU A 12 -5.97 8.41 12.37
N ASP A 13 -7.15 9.03 12.39
CA ASP A 13 -8.32 8.43 13.01
C ASP A 13 -8.66 7.09 12.34
N LYS A 14 -8.95 7.15 11.05
CA LYS A 14 -9.29 5.94 10.29
C LYS A 14 -8.13 4.95 10.29
N TRP A 15 -6.91 5.48 10.15
CA TRP A 15 -5.72 4.64 10.13
C TRP A 15 -5.68 3.72 11.35
N GLU A 16 -5.86 4.30 12.53
CA GLU A 16 -5.85 3.52 13.77
C GLU A 16 -6.97 2.50 13.79
N LYS A 17 -8.02 2.77 13.02
CA LYS A 17 -9.16 1.87 12.94
C LYS A 17 -8.83 0.64 12.10
N ILE A 18 -8.30 0.87 10.91
CA ILE A 18 -7.93 -0.21 10.00
C ILE A 18 -7.05 -1.23 10.70
N ARG A 19 -7.30 -2.51 10.41
CA ARG A 19 -6.52 -3.60 11.01
C ARG A 19 -5.55 -4.20 10.01
N LEU A 20 -4.42 -4.69 10.51
CA LEU A 20 -3.40 -5.30 9.64
C LEU A 20 -3.99 -6.45 8.83
N ARG A 21 -4.98 -7.13 9.41
CA ARG A 21 -5.63 -8.25 8.74
C ARG A 21 -7.12 -8.30 9.08
N PRO A 22 -7.89 -8.99 8.24
CA PRO A 22 -9.33 -9.14 8.43
C PRO A 22 -9.68 -10.02 9.63
N GLY A 23 -8.84 -11.02 9.87
CA GLY A 23 -9.07 -11.92 10.98
C GLY A 23 -8.01 -11.81 12.06
N GLY A 24 -7.86 -10.60 12.61
CA GLY A 24 -6.86 -10.38 13.64
C GLY A 24 -7.36 -9.46 14.74
N LYS A 25 -6.47 -9.08 15.64
CA LYS A 25 -6.82 -8.20 16.75
C LYS A 25 -5.74 -7.14 16.98
N LYS A 26 -4.99 -6.83 15.92
CA LYS A 26 -3.93 -5.84 15.99
C LYS A 26 -4.18 -4.69 15.02
N GLN A 27 -4.89 -3.67 15.48
CA GLN A 27 -5.19 -2.52 14.64
C GLN A 27 -3.91 -1.87 14.12
N TYR A 28 -4.07 -0.87 13.26
CA TYR A 28 -2.92 -0.17 12.69
C TYR A 28 -2.44 0.93 13.62
N LYS A 29 -1.14 1.20 13.58
CA LYS A 29 -0.55 2.23 14.42
C LYS A 29 0.67 2.86 13.74
N LEU A 30 1.17 3.95 14.31
CA LEU A 30 2.33 4.63 13.77
C LEU A 30 3.49 3.67 13.56
N LYS A 31 3.54 2.62 14.40
CA LYS A 31 4.60 1.62 14.31
C LYS A 31 4.74 1.09 12.88
N HIS A 32 3.60 0.91 12.21
CA HIS A 32 3.59 0.41 10.85
C HIS A 32 3.99 1.52 9.86
N ILE A 33 3.61 2.76 10.10
CA ILE A 33 3.97 3.86 9.19
C ILE A 33 5.47 4.10 9.20
N VAL A 34 6.08 3.98 10.37
CA VAL A 34 7.52 4.18 10.52
C VAL A 34 8.30 2.94 10.12
N TRP A 35 7.75 1.77 10.45
CA TRP A 35 8.39 0.51 10.13
C TRP A 35 8.65 0.39 8.64
N ALA A 36 7.76 0.96 7.84
CA ALA A 36 7.89 0.92 6.39
C ALA A 36 8.89 1.97 5.91
N SER A 37 8.78 3.18 6.44
CA SER A 37 9.66 4.27 6.06
C SER A 37 11.13 3.86 6.21
N ARG A 38 11.43 3.11 7.27
CA ARG A 38 12.79 2.65 7.53
C ARG A 38 13.21 1.61 6.50
N GLU A 39 12.22 0.91 5.94
CA GLU A 39 12.49 -0.13 4.95
C GLU A 39 12.59 0.47 3.55
N LEU A 40 11.89 1.59 3.35
CA LEU A 40 11.88 2.27 2.05
C LEU A 40 13.26 2.84 1.73
N GLU A 41 13.83 3.55 2.70
CA GLU A 41 15.15 4.15 2.53
C GLU A 41 16.18 3.10 2.12
N ARG A 42 15.93 1.85 2.51
CA ARG A 42 16.83 0.75 2.20
C ARG A 42 16.75 0.39 0.72
N PHE A 43 15.59 0.64 0.11
CA PHE A 43 15.38 0.33 -1.30
C PHE A 43 15.62 1.57 -2.16
N ALA A 44 16.45 2.48 -1.66
CA ALA A 44 16.76 3.70 -2.38
C ALA A 44 15.52 4.58 -2.56
N VAL A 45 14.53 4.37 -1.70
CA VAL A 45 13.29 5.14 -1.76
C VAL A 45 13.09 5.94 -0.48
N ASN A 46 12.85 7.24 -0.64
CA ASN A 46 12.64 8.13 0.49
C ASN A 46 11.29 7.85 1.15
N PRO A 47 11.25 7.95 2.49
CA PRO A 47 10.04 7.71 3.27
C PRO A 47 9.01 8.81 3.06
N GLY A 48 9.40 9.88 2.38
CA GLY A 48 8.50 10.99 2.14
C GLY A 48 7.61 10.75 0.93
N LEU A 49 7.60 9.52 0.44
CA LEU A 49 6.79 9.16 -0.71
C LEU A 49 5.45 8.56 -0.28
N LEU A 50 5.44 7.97 0.91
CA LEU A 50 4.22 7.35 1.45
C LEU A 50 3.21 8.42 1.86
N GLU A 51 3.72 9.61 2.18
CA GLU A 51 2.85 10.71 2.58
C GLU A 51 2.12 11.30 1.38
N THR A 52 2.48 10.85 0.19
CA THR A 52 1.87 11.32 -1.04
C THR A 52 1.19 10.19 -1.80
N SER A 53 -0.05 10.42 -2.20
CA SER A 53 -0.81 9.42 -2.94
C SER A 53 -0.06 8.98 -4.19
N GLU A 54 0.79 9.86 -4.71
CA GLU A 54 1.57 9.57 -5.90
C GLU A 54 2.71 8.61 -5.58
N GLY A 55 3.47 8.94 -4.54
CA GLY A 55 4.59 8.10 -4.14
C GLY A 55 4.18 6.67 -3.89
N CYS A 56 3.10 6.48 -3.14
CA CYS A 56 2.61 5.15 -2.83
C CYS A 56 2.40 4.33 -4.10
N ARG A 57 1.69 4.92 -5.06
CA ARG A 57 1.42 4.24 -6.32
C ARG A 57 2.71 3.81 -7.00
N GLN A 58 3.71 4.68 -6.99
CA GLN A 58 4.99 4.38 -7.61
C GLN A 58 5.67 3.21 -6.90
N ILE A 59 5.66 3.24 -5.57
CA ILE A 59 6.27 2.18 -4.78
C ILE A 59 5.57 0.85 -5.01
N LEU A 60 4.24 0.86 -4.92
CA LEU A 60 3.44 -0.34 -5.11
C LEU A 60 3.63 -0.89 -6.53
N GLY A 61 3.96 0.00 -7.46
CA GLY A 61 4.15 -0.41 -8.84
C GLY A 61 5.36 -1.31 -9.01
N GLN A 62 6.28 -1.26 -8.05
CA GLN A 62 7.49 -2.07 -8.10
C GLN A 62 7.33 -3.33 -7.26
N LEU A 63 6.49 -3.26 -6.24
CA LEU A 63 6.25 -4.39 -5.35
C LEU A 63 5.15 -5.29 -5.91
N GLN A 64 4.27 -4.72 -6.72
CA GLN A 64 3.18 -5.47 -7.32
C GLN A 64 3.69 -6.72 -8.03
N PRO A 65 4.54 -6.50 -9.05
CA PRO A 65 5.13 -7.59 -9.83
C PRO A 65 6.15 -8.39 -9.03
N SER A 66 6.61 -7.83 -7.92
CA SER A 66 7.59 -8.49 -7.07
C SER A 66 6.92 -9.07 -5.83
N LEU A 67 5.64 -9.39 -5.96
CA LEU A 67 4.88 -9.95 -4.84
C LEU A 67 5.15 -11.45 -4.70
N GLN A 68 5.40 -12.11 -5.83
CA GLN A 68 5.67 -13.54 -5.83
C GLN A 68 7.14 -13.81 -5.53
N THR A 69 8.02 -13.00 -6.11
CA THR A 69 9.46 -13.15 -5.91
C THR A 69 9.91 -12.43 -4.64
N GLY A 70 9.17 -11.41 -4.24
CA GLY A 70 9.51 -10.66 -3.04
C GLY A 70 9.58 -11.54 -1.82
N SER A 71 9.96 -10.95 -0.68
CA SER A 71 10.07 -11.69 0.57
C SER A 71 9.15 -11.10 1.63
N GLU A 72 9.30 -11.58 2.86
CA GLU A 72 8.48 -11.11 3.98
C GLU A 72 8.61 -9.59 4.13
N GLU A 73 9.80 -9.08 3.82
CA GLU A 73 10.05 -7.64 3.94
C GLU A 73 9.27 -6.86 2.88
N LEU A 74 9.25 -7.38 1.66
CA LEU A 74 8.54 -6.74 0.57
C LEU A 74 7.04 -6.95 0.70
N ARG A 75 6.65 -8.06 1.31
CA ARG A 75 5.23 -8.38 1.51
C ARG A 75 4.59 -7.40 2.49
N SER A 76 5.21 -7.23 3.64
CA SER A 76 4.70 -6.34 4.67
C SER A 76 4.56 -4.92 4.13
N LEU A 77 5.50 -4.52 3.27
CA LEU A 77 5.48 -3.19 2.69
C LEU A 77 4.21 -2.98 1.86
N TYR A 78 3.99 -3.85 0.88
CA TYR A 78 2.82 -3.75 0.03
C TYR A 78 1.54 -3.67 0.86
N ASN A 79 1.56 -4.28 2.04
CA ASN A 79 0.42 -4.27 2.93
C ASN A 79 0.19 -2.88 3.52
N THR A 80 1.20 -2.37 4.22
CA THR A 80 1.12 -1.06 4.83
C THR A 80 0.90 0.03 3.79
N ILE A 81 1.68 0.00 2.72
CA ILE A 81 1.56 0.98 1.66
C ILE A 81 0.15 0.98 1.07
N ALA A 82 -0.53 -0.15 1.20
CA ALA A 82 -1.90 -0.27 0.69
C ALA A 82 -2.88 0.49 1.57
N VAL A 83 -2.99 0.07 2.83
CA VAL A 83 -3.90 0.70 3.78
C VAL A 83 -3.69 2.21 3.81
N LEU A 84 -2.43 2.63 3.70
CA LEU A 84 -2.09 4.05 3.73
C LEU A 84 -2.57 4.74 2.45
N TYR A 85 -2.19 4.18 1.30
CA TYR A 85 -2.58 4.74 0.01
C TYR A 85 -4.08 4.96 -0.06
N CYS A 86 -4.84 3.94 0.33
CA CYS A 86 -6.29 4.01 0.31
C CYS A 86 -6.79 5.25 1.08
N VAL A 87 -6.05 5.62 2.12
CA VAL A 87 -6.40 6.77 2.93
C VAL A 87 -6.22 8.07 2.14
N HIS A 88 -5.09 8.19 1.47
CA HIS A 88 -4.79 9.39 0.68
C HIS A 88 -5.79 9.54 -0.47
N GLN A 89 -6.27 8.46 -1.06
CA GLN A 89 -7.23 8.56 -2.16
C GLN A 89 -8.64 8.83 -1.63
N ARG A 90 -9.24 7.81 -1.02
CA ARG A 90 -10.58 7.93 -0.48
C ARG A 90 -11.02 6.63 0.18
N ILE A 91 -10.60 5.50 -0.40
CA ILE A 91 -10.95 4.19 0.12
C ILE A 91 -10.63 4.09 1.62
N ASP A 92 -11.62 3.71 2.40
CA ASP A 92 -11.45 3.58 3.85
C ASP A 92 -11.71 2.14 4.29
N VAL A 93 -10.97 1.19 3.71
CA VAL A 93 -11.13 -0.22 4.05
C VAL A 93 -11.05 -0.43 5.56
N LYS A 94 -11.47 -1.60 6.00
CA LYS A 94 -11.43 -1.94 7.42
C LYS A 94 -10.17 -2.72 7.78
N ASP A 95 -9.62 -3.40 6.78
CA ASP A 95 -8.39 -4.18 7.00
C ASP A 95 -7.44 -4.02 5.81
N THR A 96 -6.34 -4.75 5.86
CA THR A 96 -5.33 -4.69 4.80
C THR A 96 -5.75 -5.55 3.60
N LYS A 97 -6.58 -6.55 3.86
CA LYS A 97 -7.05 -7.44 2.81
C LYS A 97 -7.94 -6.69 1.82
N GLU A 98 -8.90 -5.95 2.34
CA GLU A 98 -9.81 -5.18 1.50
C GLU A 98 -9.05 -4.21 0.60
N ALA A 99 -8.07 -3.53 1.19
CA ALA A 99 -7.25 -2.58 0.45
C ALA A 99 -6.56 -3.24 -0.73
N LEU A 100 -6.32 -4.54 -0.61
CA LEU A 100 -5.65 -5.29 -1.67
C LEU A 100 -6.62 -5.58 -2.82
N ASP A 101 -7.85 -5.93 -2.48
CA ASP A 101 -8.87 -6.22 -3.48
C ASP A 101 -9.20 -4.98 -4.29
N LYS A 102 -9.24 -3.84 -3.62
CA LYS A 102 -9.55 -2.57 -4.28
C LYS A 102 -8.49 -2.21 -5.31
N ILE A 103 -7.24 -2.21 -4.88
CA ILE A 103 -6.13 -1.90 -5.77
C ILE A 103 -5.99 -2.95 -6.88
N GLU A 104 -6.17 -4.21 -6.50
CA GLU A 104 -6.07 -5.30 -7.46
C GLU A 104 -7.14 -5.18 -8.55
N GLU A 105 -8.27 -4.60 -8.18
CA GLU A 105 -9.38 -4.42 -9.13
C GLU A 105 -9.04 -3.36 -10.17
N GLU A 106 -8.56 -2.21 -9.69
CA GLU A 106 -8.21 -1.11 -10.58
C GLU A 106 -7.15 -1.55 -11.60
N GLN A 107 -6.36 -2.54 -11.22
CA GLN A 107 -5.31 -3.06 -12.10
C GLN A 107 -5.57 -4.52 -12.46
N ASN A 108 -6.84 -4.91 -12.43
CA ASN A 108 -7.23 -6.28 -12.75
C ASN A 108 -6.96 -6.59 -14.22
N LYS A 109 -7.24 -5.62 -15.08
CA LYS A 109 -7.05 -5.78 -16.52
C LYS A 109 -5.58 -5.54 -16.89
N SER A 110 -4.89 -4.73 -16.08
CA SER A 110 -3.50 -4.42 -16.32
C SER A 110 -2.61 -5.62 -16.01
N LYS A 111 -2.95 -6.34 -14.95
CA LYS A 111 -2.18 -7.51 -14.54
C LYS A 111 -2.21 -8.58 -15.62
N LYS A 112 -3.37 -8.76 -16.25
CA LYS A 112 -3.53 -9.74 -17.31
C LYS A 112 -2.51 -9.52 -18.42
N LYS A 113 -2.30 -8.26 -18.78
CA LYS A 113 -1.34 -7.92 -19.83
C LYS A 113 0.08 -7.90 -19.28
N ALA A 114 0.35 -7.00 -18.35
CA ALA A 114 1.68 -6.88 -17.74
C ALA A 114 2.75 -6.75 -18.82
N GLN A 115 2.41 -6.08 -19.90
CA GLN A 115 3.35 -5.87 -21.00
C GLN A 115 4.40 -4.84 -20.63
N GLN A 116 4.00 -3.85 -19.84
CA GLN A 116 4.91 -2.79 -19.41
C GLN A 116 6.12 -3.37 -18.69
N ALA A 117 5.89 -4.45 -17.95
CA ALA A 117 6.97 -5.10 -17.20
C ALA A 117 7.97 -5.77 -18.15
N ALA A 118 7.46 -6.30 -19.26
CA ALA A 118 8.30 -6.97 -20.25
C ALA A 118 9.42 -6.04 -20.72
N ALA A 119 9.14 -4.75 -20.75
CA ALA A 119 10.13 -3.76 -21.18
C ALA A 119 11.34 -3.77 -20.26
N ASP A 120 11.13 -4.10 -19.00
CA ASP A 120 12.21 -4.15 -18.01
C ASP A 120 12.16 -5.44 -17.22
N THR A 121 12.22 -6.58 -17.94
CA THR A 121 12.18 -7.89 -17.29
C THR A 121 13.34 -8.05 -16.31
N GLY A 122 13.26 -9.10 -15.49
CA GLY A 122 14.31 -9.35 -14.52
C GLY A 122 14.39 -10.81 -14.12
N ASN A 123 13.98 -11.69 -15.02
CA ASN A 123 14.00 -13.12 -14.75
C ASN A 123 14.78 -13.86 -15.82
N ASN A 124 15.97 -14.33 -15.47
CA ASN A 124 16.83 -15.05 -16.41
C ASN A 124 16.29 -16.46 -16.65
N SER A 125 16.33 -17.30 -15.62
CA SER A 125 15.86 -18.67 -15.72
C SER A 125 15.86 -19.35 -14.35
N GLN A 126 16.95 -19.18 -13.63
CA GLN A 126 17.10 -19.78 -12.30
C GLN A 126 16.11 -19.15 -11.32
N VAL A 127 15.37 -20.01 -10.61
CA VAL A 127 14.38 -19.54 -9.64
C VAL A 127 14.47 -20.34 -8.34
N SER A 128 15.68 -20.74 -7.99
CA SER A 128 15.91 -21.52 -6.77
C SER A 128 16.00 -20.61 -5.56
N GLN A 129 15.12 -20.82 -4.59
CA GLN A 129 15.10 -20.02 -3.37
C GLN A 129 15.09 -20.91 -2.13
N ASN A 130 14.09 -21.78 -2.04
CA ASN A 130 13.97 -22.69 -0.91
C ASN A 130 14.48 -24.08 -1.27
N TYR A 131 14.50 -24.97 -0.28
CA TYR A 131 14.95 -26.34 -0.49
C TYR A 131 14.43 -27.26 0.60
C1 PIO B . 3.92 -8.34 12.40
O1 PIO B . 5.18 -7.98 13.20
P1 PIO B . 5.51 -6.77 14.30
C2 PIO B . 2.87 -9.22 13.16
O2 PIO B . 3.41 -10.43 13.66
C3 PIO B . 1.66 -9.54 12.24
O3 PIO B . 0.75 -10.35 13.00
C4 PIO B . 2.13 -10.26 10.92
O4 PIO B . 0.92 -10.52 10.04
P4 PIO B . 0.56 -11.79 9.02
C5 PIO B . 3.18 -9.34 10.19
O5 PIO B . 3.66 -10.04 8.99
P5 PIO B . 4.74 -11.25 8.75
C6 PIO B . 4.40 -8.99 11.08
O6 PIO B . 5.29 -8.06 10.46
O11 PIO B . 4.22 -5.94 14.30
O12 PIO B . 5.84 -7.52 15.58
O13 PIO B . 6.71 -6.03 13.81
C1A PIO B . 5.10 -3.61 9.96
O1A PIO B . 5.10 -2.45 9.62
C1B PIO B . 7.74 -3.17 14.82
O1B PIO B . 7.23 -2.38 15.58
C1C PIO B . 6.80 -5.72 12.43
C2A PIO B . 3.95 -4.53 9.53
C2B PIO B . 8.89 -4.09 15.31
C2C PIO B . 5.88 -4.53 12.06
O2C PIO B . 6.17 -4.13 10.74
C3A PIO B . 3.55 -4.25 8.06
C3B PIO B . 9.00 -4.18 16.84
C3C PIO B . 6.07 -3.32 13.01
O3C PIO B . 7.41 -3.30 13.45
O41 PIO B . -0.82 -12.13 9.56
O42 PIO B . 0.58 -11.21 7.63
O43 PIO B . 1.61 -12.89 9.18
C4A PIO B . 2.02 -4.22 7.95
C4B PIO B . 8.49 -5.54 17.35
O51 PIO B . 4.13 -11.93 7.54
O52 PIO B . 6.06 -10.52 8.55
O53 PIO B . 4.65 -12.06 10.02
C5A PIO B . 1.45 -5.62 8.24
C5B PIO B . 9.62 -6.27 18.10
C6A PIO B . 1.92 -6.60 7.15
C6B PIO B . 9.03 -7.02 19.31
C7A PIO B . 1.13 -7.92 7.28
C7B PIO B . 8.58 -8.43 18.87
C8A PIO B . -0.34 -7.67 6.90
C8B PIO B . 7.81 -9.10 20.03
H1 PIO B . 3.35 -7.42 12.20
H2 PIO B . 2.52 -8.61 14.01
H3 PIO B . 1.16 -8.62 11.94
H4 PIO B . 2.60 -11.22 11.11
H5 PIO B . 2.64 -8.44 9.93
H6 PIO B . 4.94 -9.90 11.28
HO2 PIO B . 3.85 -10.97 13.06
HO3 PIO B . 1.13 -11.20 13.21
HO6 PIO B . 5.85 -8.47 9.82
HC11 PIO B . 7.79 -5.45 12.20
HC12 PIO B . 6.50 -6.54 11.85
HC2 PIO B . 4.87 -4.83 12.16
HC31 PIO B . 5.90 -2.42 12.48
HC32 PIO B . 5.39 -3.35 13.81
H2A1 PIO B . 3.11 -4.36 10.15
H2A2 PIO B . 4.25 -5.53 9.62
H3A1 PIO B . 3.94 -5.00 7.45
H3A2 PIO B . 3.94 -3.32 7.77
H4A1 PIO B . 1.62 -3.53 8.63
H4A2 PIO B . 1.75 -3.94 6.97
H5A1 PIO B . 0.41 -5.58 8.25
H5A2 PIO B . 1.80 -5.95 9.18
H6A1 PIO B . 1.75 -6.18 6.20
H6A2 PIO B . 2.94 -6.80 7.27
H7A1 PIO B . 1.18 -8.27 8.26
H7A2 PIO B . 1.53 -8.64 6.63
H8A1 PIO B . -0.85 -7.28 7.73
H8A2 PIO B . -0.79 -8.58 6.62
H8A3 PIO B . -0.39 -7.00 6.10
H2B1 PIO B . 8.73 -5.05 14.93
H2B2 PIO B . 9.80 -3.71 14.93
H3B1 PIO B . 10.00 -4.08 17.13
H3B2 PIO B . 8.42 -3.42 17.27
H4B1 PIO B . 8.15 -6.14 16.56
H4B2 PIO B . 7.67 -5.37 18.01
H5B1 PIO B . 10.32 -5.57 18.43
H5B2 PIO B . 10.09 -6.95 17.45
H6B1 PIO B . 8.21 -6.49 19.69
H6B2 PIO B . 9.77 -7.11 20.05
H7B1 PIO B . 9.42 -9.00 18.62
H7B2 PIO B . 7.94 -8.35 18.04
H8B1 PIO B . 7.58 -10.09 19.76
H8B2 PIO B . 6.94 -8.57 20.23
H8B3 PIO B . 8.42 -9.11 20.88
N GLY A 1 9.42 21.69 2.48
CA GLY A 1 9.29 20.39 3.11
C GLY A 1 8.55 20.46 4.43
N ALA A 2 8.08 19.31 4.90
CA ALA A 2 7.36 19.25 6.17
C ALA A 2 8.18 18.51 7.23
N ARG A 3 7.78 18.66 8.48
CA ARG A 3 8.47 18.01 9.58
C ARG A 3 8.05 16.55 9.71
N ALA A 4 6.77 16.33 9.98
CA ALA A 4 6.24 14.97 10.12
C ALA A 4 4.71 14.98 10.16
N SER A 5 4.11 14.62 9.03
CA SER A 5 2.65 14.59 8.93
C SER A 5 2.20 13.72 7.76
N VAL A 6 2.35 12.42 7.91
CA VAL A 6 1.96 11.47 6.86
C VAL A 6 0.45 11.41 6.71
N LEU A 7 -0.25 11.30 7.84
CA LEU A 7 -1.71 11.24 7.83
C LEU A 7 -2.32 12.44 8.54
N SER A 8 -3.47 12.88 8.07
CA SER A 8 -4.15 14.03 8.67
C SER A 8 -5.04 13.59 9.82
N GLY A 9 -5.83 14.52 10.34
CA GLY A 9 -6.73 14.22 11.44
C GLY A 9 -7.71 13.12 11.11
N GLY A 10 -8.41 13.27 9.98
CA GLY A 10 -9.38 12.28 9.57
C GLY A 10 -8.74 10.96 9.22
N GLU A 11 -7.61 11.00 8.55
CA GLU A 11 -6.88 9.79 8.16
C GLU A 11 -6.34 9.07 9.38
N LEU A 12 -5.93 9.83 10.39
CA LEU A 12 -5.39 9.26 11.62
C LEU A 12 -6.39 8.33 12.27
N ASP A 13 -7.64 8.79 12.40
CA ASP A 13 -8.69 7.98 13.01
C ASP A 13 -8.83 6.65 12.30
N LYS A 14 -9.03 6.70 10.98
CA LYS A 14 -9.19 5.49 10.19
C LYS A 14 -7.94 4.62 10.26
N TRP A 15 -6.78 5.26 10.28
CA TRP A 15 -5.51 4.55 10.36
C TRP A 15 -5.44 3.69 11.62
N GLU A 16 -5.80 4.29 12.75
CA GLU A 16 -5.79 3.57 14.03
C GLU A 16 -6.91 2.55 14.09
N LYS A 17 -7.82 2.60 13.13
CA LYS A 17 -8.95 1.68 13.07
C LYS A 17 -8.62 0.48 12.19
N ILE A 18 -8.02 0.75 11.04
CA ILE A 18 -7.65 -0.32 10.11
C ILE A 18 -6.86 -1.41 10.80
N ARG A 19 -7.30 -2.66 10.64
CA ARG A 19 -6.63 -3.79 11.25
C ARG A 19 -5.69 -4.48 10.26
N LEU A 20 -4.57 -4.98 10.75
CA LEU A 20 -3.60 -5.65 9.90
C LEU A 20 -4.23 -6.85 9.19
N ARG A 21 -5.19 -7.47 9.85
CA ARG A 21 -5.88 -8.62 9.28
C ARG A 21 -7.40 -8.45 9.37
N PRO A 22 -8.13 -9.20 8.53
CA PRO A 22 -9.59 -9.15 8.50
C PRO A 22 -10.22 -9.75 9.74
N GLY A 23 -9.58 -10.80 10.28
CA GLY A 23 -10.09 -11.45 11.46
C GLY A 23 -9.23 -11.20 12.68
N GLY A 24 -8.42 -10.13 12.63
CA GLY A 24 -7.55 -9.81 13.74
C GLY A 24 -8.11 -8.68 14.60
N LYS A 25 -7.38 -8.33 15.65
CA LYS A 25 -7.80 -7.26 16.54
C LYS A 25 -6.81 -6.09 16.50
N LYS A 26 -5.56 -6.39 16.17
CA LYS A 26 -4.53 -5.37 16.07
C LYS A 26 -4.91 -4.30 15.07
N GLN A 27 -4.43 -3.08 15.30
CA GLN A 27 -4.71 -1.96 14.40
C GLN A 27 -3.43 -1.39 13.81
N TYR A 28 -3.56 -0.32 13.02
CA TYR A 28 -2.41 0.32 12.40
C TYR A 28 -2.04 1.61 13.14
N LYS A 29 -0.85 1.61 13.74
CA LYS A 29 -0.37 2.77 14.48
C LYS A 29 0.84 3.40 13.79
N LEU A 30 1.46 4.35 14.46
CA LEU A 30 2.64 5.03 13.90
C LEU A 30 3.81 4.07 13.77
N LYS A 31 3.88 3.11 14.69
CA LYS A 31 4.95 2.12 14.66
C LYS A 31 5.06 1.45 13.30
N HIS A 32 3.91 1.17 12.69
CA HIS A 32 3.87 0.53 11.38
C HIS A 32 4.29 1.52 10.29
N ILE A 33 3.92 2.80 10.37
CA ILE A 33 4.30 3.77 9.36
C ILE A 33 5.81 3.93 9.29
N VAL A 34 6.47 3.88 10.45
CA VAL A 34 7.92 4.01 10.51
C VAL A 34 8.61 2.72 10.08
N TRP A 35 8.02 1.59 10.46
CA TRP A 35 8.59 0.29 10.11
C TRP A 35 8.76 0.15 8.60
N ALA A 36 7.80 0.69 7.85
CA ALA A 36 7.85 0.63 6.40
C ALA A 36 8.76 1.71 5.83
N SER A 37 8.66 2.92 6.40
CA SER A 37 9.48 4.04 5.95
C SER A 37 10.96 3.66 5.92
N ARG A 38 11.38 2.89 6.90
CA ARG A 38 12.77 2.44 6.99
C ARG A 38 13.13 1.55 5.82
N GLU A 39 12.28 0.55 5.56
CA GLU A 39 12.52 -0.39 4.48
C GLU A 39 12.51 0.33 3.13
N LEU A 40 11.79 1.45 3.07
CA LEU A 40 11.70 2.23 1.85
C LEU A 40 13.04 2.85 1.48
N GLU A 41 13.58 3.66 2.40
CA GLU A 41 14.87 4.31 2.16
C GLU A 41 15.95 3.30 1.81
N ARG A 42 15.78 2.07 2.30
CA ARG A 42 16.73 0.99 2.03
C ARG A 42 16.77 0.66 0.54
N PHE A 43 15.63 0.81 -0.12
CA PHE A 43 15.52 0.53 -1.54
C PHE A 43 15.70 1.80 -2.37
N ALA A 44 16.44 2.75 -1.83
CA ALA A 44 16.69 4.02 -2.51
C ALA A 44 15.39 4.80 -2.70
N VAL A 45 14.41 4.52 -1.84
CA VAL A 45 13.12 5.20 -1.92
C VAL A 45 12.83 5.99 -0.65
N ASN A 46 12.77 7.31 -0.78
CA ASN A 46 12.50 8.18 0.36
C ASN A 46 11.15 7.85 0.98
N PRO A 47 11.09 7.94 2.33
CA PRO A 47 9.87 7.67 3.08
C PRO A 47 8.79 8.72 2.86
N GLY A 48 9.19 9.87 2.32
CA GLY A 48 8.25 10.94 2.06
C GLY A 48 7.19 10.55 1.04
N LEU A 49 7.54 9.62 0.16
CA LEU A 49 6.61 9.16 -0.87
C LEU A 49 5.32 8.63 -0.24
N LEU A 50 5.41 8.17 1.00
CA LEU A 50 4.26 7.65 1.72
C LEU A 50 3.32 8.77 2.14
N GLU A 51 3.89 9.96 2.34
CA GLU A 51 3.10 11.12 2.74
C GLU A 51 2.32 11.69 1.56
N THR A 52 2.56 11.14 0.38
CA THR A 52 1.88 11.59 -0.83
C THR A 52 1.24 10.42 -1.56
N SER A 53 -0.04 10.57 -1.91
CA SER A 53 -0.78 9.53 -2.61
C SER A 53 -0.05 9.12 -3.89
N GLU A 54 0.71 10.06 -4.45
CA GLU A 54 1.45 9.81 -5.68
C GLU A 54 2.68 8.94 -5.41
N GLY A 55 3.42 9.28 -4.36
CA GLY A 55 4.61 8.53 -4.01
C GLY A 55 4.31 7.07 -3.74
N CYS A 56 3.21 6.81 -3.04
CA CYS A 56 2.82 5.45 -2.70
C CYS A 56 2.64 4.61 -3.97
N ARG A 57 1.97 5.19 -4.96
CA ARG A 57 1.73 4.49 -6.22
C ARG A 57 3.03 3.94 -6.79
N GLN A 58 4.07 4.77 -6.81
CA GLN A 58 5.37 4.36 -7.32
C GLN A 58 5.96 3.22 -6.50
N ILE A 59 5.71 3.26 -5.19
CA ILE A 59 6.22 2.23 -4.28
C ILE A 59 5.46 0.91 -4.48
N LEU A 60 4.16 1.02 -4.70
CA LEU A 60 3.33 -0.16 -4.90
C LEU A 60 3.52 -0.73 -6.29
N GLY A 61 3.91 0.13 -7.23
CA GLY A 61 4.12 -0.31 -8.60
C GLY A 61 5.34 -1.21 -8.74
N GLN A 62 6.33 -1.00 -7.88
CA GLN A 62 7.55 -1.80 -7.92
C GLN A 62 7.36 -3.10 -7.15
N LEU A 63 6.59 -3.05 -6.07
CA LEU A 63 6.34 -4.23 -5.25
C LEU A 63 5.24 -5.09 -5.87
N GLN A 64 4.36 -4.46 -6.65
CA GLN A 64 3.27 -5.17 -7.30
C GLN A 64 3.79 -6.38 -8.07
N PRO A 65 4.64 -6.12 -9.07
CA PRO A 65 5.23 -7.17 -9.91
C PRO A 65 6.24 -8.03 -9.14
N SER A 66 6.71 -7.50 -8.02
CA SER A 66 7.68 -8.22 -7.20
C SER A 66 7.00 -8.88 -6.00
N LEU A 67 5.71 -9.19 -6.16
CA LEU A 67 4.95 -9.83 -5.10
C LEU A 67 5.25 -11.32 -5.02
N GLN A 68 5.50 -11.93 -6.18
CA GLN A 68 5.80 -13.35 -6.25
C GLN A 68 7.29 -13.60 -6.06
N THR A 69 8.11 -12.72 -6.63
CA THR A 69 9.55 -12.85 -6.54
C THR A 69 10.10 -11.98 -5.42
N GLY A 70 9.27 -11.72 -4.42
CA GLY A 70 9.70 -10.90 -3.29
C GLY A 70 9.92 -11.71 -2.04
N SER A 71 10.22 -11.03 -0.93
CA SER A 71 10.47 -11.70 0.34
C SER A 71 9.43 -11.28 1.39
N GLU A 72 9.57 -11.82 2.59
CA GLU A 72 8.65 -11.50 3.67
C GLU A 72 8.52 -9.99 3.85
N GLU A 73 9.66 -9.30 3.97
CA GLU A 73 9.67 -7.86 4.14
C GLU A 73 8.88 -7.17 3.03
N LEU A 74 9.06 -7.65 1.80
CA LEU A 74 8.37 -7.08 0.65
C LEU A 74 6.86 -7.19 0.82
N ARG A 75 6.39 -8.39 1.16
CA ARG A 75 4.97 -8.62 1.35
C ARG A 75 4.39 -7.68 2.40
N SER A 76 5.02 -7.64 3.57
CA SER A 76 4.58 -6.78 4.65
C SER A 76 4.45 -5.33 4.19
N LEU A 77 5.37 -4.91 3.33
CA LEU A 77 5.37 -3.55 2.81
C LEU A 77 4.10 -3.29 1.99
N TYR A 78 3.88 -4.10 0.96
CA TYR A 78 2.72 -3.97 0.11
C TYR A 78 1.44 -3.92 0.93
N ASN A 79 1.46 -4.59 2.08
CA ASN A 79 0.30 -4.63 2.96
C ASN A 79 0.07 -3.27 3.61
N THR A 80 1.08 -2.77 4.31
CA THR A 80 0.99 -1.48 4.99
C THR A 80 0.79 -0.35 3.98
N ILE A 81 1.65 -0.30 2.98
CA ILE A 81 1.58 0.73 1.95
C ILE A 81 0.20 0.76 1.30
N ALA A 82 -0.47 -0.39 1.31
CA ALA A 82 -1.80 -0.51 0.72
C ALA A 82 -2.84 0.23 1.55
N VAL A 83 -2.75 0.07 2.87
CA VAL A 83 -3.68 0.72 3.78
C VAL A 83 -3.49 2.24 3.76
N LEU A 84 -2.24 2.67 3.65
CA LEU A 84 -1.93 4.10 3.62
C LEU A 84 -2.40 4.73 2.32
N TYR A 85 -1.98 4.14 1.20
CA TYR A 85 -2.35 4.65 -0.12
C TYR A 85 -3.87 4.75 -0.25
N CYS A 86 -4.56 3.71 0.18
CA CYS A 86 -6.02 3.68 0.11
C CYS A 86 -6.62 4.90 0.79
N VAL A 87 -6.07 5.27 1.95
CA VAL A 87 -6.54 6.42 2.70
C VAL A 87 -6.32 7.71 1.93
N HIS A 88 -5.09 7.91 1.46
CA HIS A 88 -4.75 9.11 0.70
C HIS A 88 -5.66 9.27 -0.51
N GLN A 89 -6.02 8.19 -1.21
CA GLN A 89 -6.89 8.29 -2.38
C GLN A 89 -8.33 8.55 -1.96
N ARG A 90 -8.96 7.55 -1.36
CA ARG A 90 -10.34 7.67 -0.91
C ARG A 90 -10.82 6.39 -0.23
N ILE A 91 -10.34 5.25 -0.74
CA ILE A 91 -10.71 3.96 -0.17
C ILE A 91 -10.48 3.92 1.33
N ASP A 92 -11.54 3.61 2.08
CA ASP A 92 -11.45 3.54 3.53
C ASP A 92 -11.68 2.12 4.01
N VAL A 93 -10.89 1.18 3.51
CA VAL A 93 -11.00 -0.22 3.90
C VAL A 93 -10.98 -0.38 5.40
N LYS A 94 -11.36 -1.56 5.88
CA LYS A 94 -11.39 -1.85 7.31
C LYS A 94 -10.15 -2.63 7.72
N ASP A 95 -9.59 -3.38 6.79
CA ASP A 95 -8.40 -4.18 7.05
C ASP A 95 -7.45 -4.15 5.87
N THR A 96 -6.35 -4.89 5.99
CA THR A 96 -5.35 -4.95 4.92
C THR A 96 -5.80 -5.86 3.79
N LYS A 97 -6.50 -6.94 4.15
CA LYS A 97 -7.00 -7.89 3.17
C LYS A 97 -7.82 -7.19 2.09
N GLU A 98 -8.71 -6.30 2.52
CA GLU A 98 -9.55 -5.55 1.59
C GLU A 98 -8.71 -4.58 0.76
N ALA A 99 -7.80 -3.88 1.42
CA ALA A 99 -6.94 -2.92 0.74
C ALA A 99 -6.14 -3.59 -0.38
N LEU A 100 -5.92 -4.89 -0.24
CA LEU A 100 -5.17 -5.64 -1.23
C LEU A 100 -6.06 -6.03 -2.41
N ASP A 101 -7.12 -6.76 -2.12
CA ASP A 101 -8.06 -7.18 -3.16
C ASP A 101 -8.53 -6.00 -4.00
N LYS A 102 -8.77 -4.88 -3.34
CA LYS A 102 -9.22 -3.67 -4.02
C LYS A 102 -8.21 -3.23 -5.07
N ILE A 103 -6.98 -2.98 -4.63
CA ILE A 103 -5.92 -2.56 -5.54
C ILE A 103 -5.61 -3.62 -6.56
N GLU A 104 -5.87 -4.88 -6.21
CA GLU A 104 -5.63 -6.00 -7.11
C GLU A 104 -6.69 -6.06 -8.21
N GLU A 105 -7.90 -5.61 -7.88
CA GLU A 105 -9.00 -5.61 -8.84
C GLU A 105 -8.89 -4.42 -9.79
N GLU A 106 -8.66 -3.24 -9.23
CA GLU A 106 -8.53 -2.03 -10.03
C GLU A 106 -7.49 -2.20 -11.13
N GLN A 107 -6.45 -2.96 -10.82
CA GLN A 107 -5.37 -3.21 -11.78
C GLN A 107 -5.88 -4.00 -12.97
N ASN A 108 -6.56 -5.10 -12.69
CA ASN A 108 -7.10 -5.95 -13.75
C ASN A 108 -8.21 -5.24 -14.52
N LYS A 109 -8.99 -4.45 -13.80
CA LYS A 109 -10.10 -3.71 -14.41
C LYS A 109 -9.56 -2.65 -15.38
N SER A 110 -8.44 -2.04 -15.02
CA SER A 110 -7.83 -1.02 -15.86
C SER A 110 -7.54 -1.55 -17.26
N LYS A 111 -7.30 -2.86 -17.35
CA LYS A 111 -7.01 -3.49 -18.62
C LYS A 111 -8.29 -3.68 -19.44
N LYS A 112 -9.28 -4.33 -18.84
CA LYS A 112 -10.55 -4.57 -19.52
C LYS A 112 -11.20 -3.26 -19.93
N LYS A 113 -10.93 -2.20 -19.17
CA LYS A 113 -11.48 -0.88 -19.46
C LYS A 113 -10.42 0.03 -20.07
N ALA A 114 -9.46 -0.56 -20.78
CA ALA A 114 -8.39 0.21 -21.42
C ALA A 114 -8.96 1.14 -22.47
N GLN A 115 -10.08 0.76 -23.08
CA GLN A 115 -10.71 1.58 -24.11
C GLN A 115 -11.24 2.88 -23.53
N GLN A 116 -12.21 2.76 -22.62
CA GLN A 116 -12.80 3.93 -21.99
C GLN A 116 -13.36 4.90 -23.03
N ALA A 117 -13.76 4.35 -24.19
CA ALA A 117 -14.31 5.16 -25.27
C ALA A 117 -14.86 4.28 -26.39
N ALA A 118 -14.11 3.26 -26.75
CA ALA A 118 -14.51 2.34 -27.81
C ALA A 118 -15.36 1.20 -27.24
N ALA A 119 -15.15 0.89 -25.96
CA ALA A 119 -15.88 -0.19 -25.31
C ALA A 119 -17.39 0.07 -25.38
N ASP A 120 -17.80 1.23 -24.90
CA ASP A 120 -19.22 1.60 -24.89
C ASP A 120 -19.52 2.61 -26.00
N THR A 121 -19.25 2.22 -27.23
CA THR A 121 -19.49 3.09 -28.38
C THR A 121 -20.97 3.44 -28.50
N GLY A 122 -21.77 2.46 -28.88
CA GLY A 122 -23.20 2.69 -29.04
C GLY A 122 -23.97 2.40 -27.75
N ASN A 123 -23.69 1.25 -27.14
CA ASN A 123 -24.35 0.86 -25.90
C ASN A 123 -23.84 1.69 -24.72
N ASN A 124 -24.29 1.34 -23.53
CA ASN A 124 -23.89 2.04 -22.32
C ASN A 124 -23.39 1.06 -21.27
N SER A 125 -22.79 1.60 -20.21
CA SER A 125 -22.26 0.77 -19.13
C SER A 125 -23.07 0.95 -17.85
N GLN A 126 -22.99 -0.03 -16.96
CA GLN A 126 -23.72 0.02 -15.70
C GLN A 126 -22.77 0.00 -14.52
N VAL A 127 -23.31 0.27 -13.33
CA VAL A 127 -22.50 0.29 -12.11
C VAL A 127 -23.28 -0.28 -10.93
N SER A 128 -22.63 -1.12 -10.14
CA SER A 128 -23.25 -1.73 -8.98
C SER A 128 -22.47 -1.42 -7.70
N GLN A 129 -23.19 -1.19 -6.61
CA GLN A 129 -22.57 -0.88 -5.33
C GLN A 129 -22.77 -2.03 -4.33
N ASN A 130 -21.97 -2.03 -3.28
CA ASN A 130 -22.05 -3.06 -2.25
C ASN A 130 -21.35 -2.62 -0.98
N TYR A 131 -22.06 -2.75 0.15
CA TYR A 131 -21.51 -2.35 1.44
C TYR A 131 -21.31 -3.58 2.33
C1 PIO B . 3.40 -8.16 13.03
O1 PIO B . 4.66 -7.88 13.85
P1 PIO B . 5.10 -6.60 14.82
C2 PIO B . 2.12 -8.54 13.85
O2 PIO B . 2.33 -9.67 14.71
C3 PIO B . 0.94 -8.85 12.91
O3 PIO B . -0.19 -9.20 13.73
C4 PIO B . 1.29 -9.98 11.89
O4 PIO B . 0.11 -10.21 10.95
P4 PIO B . -0.34 -11.55 10.07
C5 PIO B . 2.58 -9.55 11.07
O5 PIO B . 2.94 -10.64 10.16
P5 PIO B . 3.59 -10.68 8.65
C6 PIO B . 3.78 -9.24 11.99
O6 PIO B . 4.91 -8.73 11.26
O11 PIO B . 3.98 -5.58 14.59
O12 PIO B . 5.19 -7.20 16.20
O13 PIO B . 6.45 -6.14 14.37
C1A PIO B . 5.68 -5.39 10.06
O1A PIO B . 6.15 -6.33 9.48
C1B PIO B . 8.11 -3.74 14.94
O1B PIO B . 7.33 -3.58 15.84
C1C PIO B . 6.71 -6.04 12.98
C2A PIO B . 4.22 -4.96 9.77
C2B PIO B . 9.61 -4.06 15.25
C2C PIO B . 6.05 -4.77 12.38
O2C PIO B . 6.43 -4.67 11.02
C3A PIO B . 3.92 -5.08 8.27
C3B PIO B . 10.09 -3.45 16.57
C3C PIO B . 6.46 -3.48 13.12
O3C PIO B . 7.80 -3.62 13.57
O41 PIO B . -1.62 -11.91 10.82
O42 PIO B . -0.55 -11.05 8.66
O43 PIO B . 0.76 -12.60 10.12
C4A PIO B . 2.41 -4.87 8.02
C4B PIO B . 11.50 -3.97 16.94
O51 PIO B . 3.15 -12.06 8.20
O52 PIO B . 2.95 -9.48 7.96
O53 PIO B . 5.07 -10.55 8.90
C5A PIO B . 1.64 -6.08 8.58
C5B PIO B . 12.45 -2.77 17.14
C6A PIO B . 1.15 -6.96 7.40
C6B PIO B . 13.56 -3.17 18.13
C7A PIO B . 0.06 -7.93 7.91
C7B PIO B . 14.65 -3.98 17.39
C8A PIO B . -0.98 -8.14 6.79
C8B PIO B . 15.17 -5.09 18.30
H1 PIO B . 3.09 -7.24 12.53
H2 PIO B . 1.88 -7.68 14.47
H3 PIO B . 0.69 -7.96 12.33
H4 PIO B . 1.51 -10.93 12.36
H5 PIO B . 2.28 -8.66 10.52
H6 PIO B . 4.08 -10.15 12.48
HO2 PIO B . 2.67 -10.43 14.32
HO3 PIO B . -0.03 -10.02 14.19
HO6 PIO B . 5.38 -9.42 10.82
HC11 PIO B . 7.74 -5.97 12.83
HC12 PIO B . 6.31 -6.87 12.48
HC2 PIO B . 5.00 -4.85 12.47
HC31 PIO B . 6.44 -2.66 12.46
HC32 PIO B . 5.80 -3.27 13.91
H2A1 PIO B . 4.08 -3.97 10.08
H2A2 PIO B . 3.57 -5.60 10.30
H3A1 PIO B . 4.21 -6.02 7.92
H3A2 PIO B . 4.45 -4.33 7.75
H4A1 PIO B . 2.10 -4.01 8.52
H4A2 PIO B . 2.23 -4.78 7.00
H5A1 PIO B . 0.81 -5.75 9.13
H5A2 PIO B . 2.27 -6.65 9.20
H6A1 PIO B . 0.76 -6.34 6.65
H6A2 PIO B . 1.96 -7.52 7.03
H7A1 PIO B . -0.42 -7.51 8.75
H7A2 PIO B . 0.49 -8.84 8.16
H8A1 PIO B . -1.66 -7.35 6.79
H8A2 PIO B . -1.49 -9.04 6.96
H8A3 PIO B . -0.49 -8.18 5.86
H2B1 PIO B . 9.72 -5.10 15.29
H2B2 PIO B . 10.19 -3.67 14.47
H3B1 PIO B . 10.13 -2.41 16.47
H3B2 PIO B . 9.42 -3.71 17.33
H4B1 PIO B . 11.87 -4.59 16.18
H4B2 PIO B . 11.43 -4.53 17.83
H5B1 PIO B . 11.90 -1.96 17.54
H5B2 PIO B . 12.87 -2.50 16.23
H6B1 PIO B . 13.16 -3.76 18.90
H6B2 PIO B . 13.99 -2.31 18.54
H7B1 PIO B . 15.43 -3.33 17.11
H7B2 PIO B . 14.22 -4.41 16.52
H8B1 PIO B . 15.97 -5.59 17.83
H8B2 PIO B . 14.41 -5.77 18.50
H8B3 PIO B . 15.52 -4.67 19.20
N GLY A 1 1.89 20.40 -3.13
CA GLY A 1 2.57 19.27 -2.53
C GLY A 1 3.11 19.59 -1.15
N ALA A 2 2.22 19.78 -0.18
CA ALA A 2 2.62 20.08 1.18
C ALA A 2 3.50 18.97 1.76
N ARG A 3 4.44 19.36 2.61
CA ARG A 3 5.34 18.40 3.24
C ARG A 3 5.28 18.50 4.76
N ALA A 4 4.51 17.61 5.37
CA ALA A 4 4.36 17.60 6.83
C ALA A 4 3.65 16.33 7.30
N SER A 5 4.39 15.46 7.98
CA SER A 5 3.84 14.21 8.48
C SER A 5 3.34 13.34 7.33
N VAL A 6 2.75 12.20 7.68
CA VAL A 6 2.22 11.28 6.67
C VAL A 6 0.70 11.32 6.62
N LEU A 7 0.07 10.99 7.75
CA LEU A 7 -1.38 10.99 7.85
C LEU A 7 -1.88 12.18 8.66
N SER A 8 -2.94 12.82 8.18
CA SER A 8 -3.51 13.98 8.86
C SER A 8 -4.35 13.54 10.06
N GLY A 9 -5.00 14.50 10.70
CA GLY A 9 -5.82 14.20 11.85
C GLY A 9 -6.90 13.18 11.54
N GLY A 10 -7.65 13.42 10.46
CA GLY A 10 -8.71 12.51 10.08
C GLY A 10 -8.17 11.15 9.65
N GLU A 11 -7.10 11.16 8.87
CA GLU A 11 -6.49 9.92 8.39
C GLU A 11 -5.91 9.11 9.56
N LEU A 12 -5.44 9.82 10.58
CA LEU A 12 -4.87 9.17 11.75
C LEU A 12 -5.92 8.39 12.52
N ASP A 13 -7.05 9.03 12.81
CA ASP A 13 -8.13 8.39 13.53
C ASP A 13 -8.52 7.07 12.88
N LYS A 14 -8.77 7.11 11.57
CA LYS A 14 -9.14 5.91 10.83
C LYS A 14 -7.97 4.94 10.73
N TRP A 15 -6.78 5.48 10.51
CA TRP A 15 -5.57 4.65 10.40
C TRP A 15 -5.43 3.74 11.60
N GLU A 16 -5.76 4.27 12.78
CA GLU A 16 -5.66 3.50 14.01
C GLU A 16 -6.75 2.43 14.08
N LYS A 17 -7.86 2.67 13.39
CA LYS A 17 -8.97 1.74 13.35
C LYS A 17 -8.69 0.58 12.41
N ILE A 18 -8.14 0.90 11.24
CA ILE A 18 -7.81 -0.12 10.24
C ILE A 18 -6.98 -1.24 10.86
N ARG A 19 -7.39 -2.48 10.59
CA ARG A 19 -6.69 -3.65 11.11
C ARG A 19 -5.59 -4.10 10.14
N LEU A 20 -4.68 -4.92 10.64
CA LEU A 20 -3.59 -5.43 9.83
C LEU A 20 -4.05 -6.61 8.98
N ARG A 21 -5.04 -7.35 9.48
CA ARG A 21 -5.56 -8.50 8.76
C ARG A 21 -7.08 -8.54 8.83
N PRO A 22 -7.70 -9.27 7.90
CA PRO A 22 -9.16 -9.40 7.83
C PRO A 22 -9.73 -10.22 8.98
N GLY A 23 -8.99 -11.24 9.41
CA GLY A 23 -9.43 -12.08 10.51
C GLY A 23 -8.57 -11.93 11.74
N GLY A 24 -8.00 -10.74 11.93
CA GLY A 24 -7.15 -10.50 13.07
C GLY A 24 -7.76 -9.53 14.06
N LYS A 25 -7.05 -9.26 15.15
CA LYS A 25 -7.53 -8.33 16.17
C LYS A 25 -6.62 -7.12 16.28
N LYS A 26 -5.36 -7.29 15.90
CA LYS A 26 -4.39 -6.20 15.96
C LYS A 26 -4.81 -5.06 15.04
N GLN A 27 -4.56 -3.83 15.48
CA GLN A 27 -4.91 -2.65 14.71
C GLN A 27 -3.66 -1.94 14.20
N TYR A 28 -3.85 -0.97 13.32
CA TYR A 28 -2.73 -0.22 12.75
C TYR A 28 -2.28 0.89 13.70
N LYS A 29 -1.00 1.22 13.65
CA LYS A 29 -0.44 2.26 14.50
C LYS A 29 0.68 3.00 13.79
N LEU A 30 1.37 3.86 14.52
CA LEU A 30 2.47 4.63 13.96
C LEU A 30 3.68 3.75 13.69
N LYS A 31 3.84 2.71 14.50
CA LYS A 31 4.95 1.77 14.35
C LYS A 31 5.04 1.27 12.92
N HIS A 32 3.89 1.07 12.29
CA HIS A 32 3.83 0.58 10.92
C HIS A 32 4.16 1.70 9.94
N ILE A 33 3.76 2.94 10.19
CA ILE A 33 4.06 4.04 9.27
C ILE A 33 5.55 4.32 9.22
N VAL A 34 6.23 4.19 10.36
CA VAL A 34 7.65 4.43 10.43
C VAL A 34 8.43 3.19 9.99
N TRP A 35 7.94 2.01 10.35
CA TRP A 35 8.58 0.76 9.98
C TRP A 35 8.78 0.67 8.48
N ALA A 36 7.85 1.23 7.72
CA ALA A 36 7.93 1.21 6.27
C ALA A 36 8.94 2.23 5.76
N SER A 37 8.93 3.42 6.35
CA SER A 37 9.85 4.48 5.97
C SER A 37 11.30 4.02 6.08
N ARG A 38 11.57 3.20 7.09
CA ARG A 38 12.92 2.68 7.31
C ARG A 38 13.27 1.60 6.29
N GLU A 39 12.24 0.94 5.77
CA GLU A 39 12.43 -0.11 4.78
C GLU A 39 12.51 0.47 3.37
N LEU A 40 11.88 1.62 3.18
CA LEU A 40 11.87 2.28 1.88
C LEU A 40 13.25 2.84 1.55
N GLU A 41 13.84 3.54 2.51
CA GLU A 41 15.17 4.13 2.31
C GLU A 41 16.17 3.07 1.90
N ARG A 42 15.92 1.82 2.29
CA ARG A 42 16.81 0.72 1.97
C ARG A 42 16.69 0.34 0.49
N PHE A 43 15.54 0.63 -0.10
CA PHE A 43 15.31 0.32 -1.51
C PHE A 43 15.58 1.54 -2.39
N ALA A 44 16.45 2.43 -1.90
CA ALA A 44 16.79 3.64 -2.63
C ALA A 44 15.58 4.55 -2.80
N VAL A 45 14.58 4.35 -1.95
CA VAL A 45 13.37 5.15 -2.01
C VAL A 45 13.17 5.95 -0.72
N ASN A 46 13.01 7.25 -0.86
CA ASN A 46 12.82 8.13 0.30
C ASN A 46 11.49 7.82 0.99
N PRO A 47 11.50 7.92 2.33
CA PRO A 47 10.30 7.66 3.15
C PRO A 47 9.24 8.74 2.96
N GLY A 48 9.59 9.80 2.26
CA GLY A 48 8.64 10.88 2.03
C GLY A 48 7.71 10.60 0.87
N LEU A 49 7.73 9.36 0.39
CA LEU A 49 6.88 8.96 -0.73
C LEU A 49 5.65 8.21 -0.24
N LEU A 50 5.27 8.46 1.00
CA LEU A 50 4.10 7.81 1.59
C LEU A 50 3.03 8.83 1.94
N GLU A 51 3.45 10.05 2.24
CA GLU A 51 2.53 11.13 2.60
C GLU A 51 1.81 11.65 1.36
N THR A 52 2.21 11.17 0.20
CA THR A 52 1.61 11.59 -1.06
C THR A 52 1.00 10.41 -1.80
N SER A 53 -0.25 10.57 -2.23
CA SER A 53 -0.96 9.52 -2.95
C SER A 53 -0.17 9.07 -4.17
N GLU A 54 0.65 9.98 -4.70
CA GLU A 54 1.47 9.68 -5.87
C GLU A 54 2.66 8.80 -5.51
N GLY A 55 3.33 9.15 -4.41
CA GLY A 55 4.47 8.38 -3.97
C GLY A 55 4.15 6.91 -3.76
N CYS A 56 3.10 6.65 -2.99
CA CYS A 56 2.70 5.27 -2.71
C CYS A 56 2.49 4.50 -4.01
N ARG A 57 1.86 5.14 -4.98
CA ARG A 57 1.59 4.50 -6.26
C ARG A 57 2.89 3.99 -6.90
N GLN A 58 3.90 4.85 -6.91
CA GLN A 58 5.19 4.49 -7.49
C GLN A 58 5.84 3.35 -6.71
N ILE A 59 5.64 3.36 -5.39
CA ILE A 59 6.21 2.33 -4.54
C ILE A 59 5.52 0.98 -4.77
N LEU A 60 4.19 1.00 -4.82
CA LEU A 60 3.42 -0.21 -5.05
C LEU A 60 3.69 -0.78 -6.43
N GLY A 61 4.08 0.08 -7.36
CA GLY A 61 4.36 -0.35 -8.71
C GLY A 61 5.57 -1.26 -8.79
N GLN A 62 6.42 -1.21 -7.77
CA GLN A 62 7.61 -2.03 -7.72
C GLN A 62 7.36 -3.33 -6.97
N LEU A 63 6.60 -3.24 -5.88
CA LEU A 63 6.28 -4.41 -5.06
C LEU A 63 5.20 -5.25 -5.73
N GLN A 64 4.37 -4.60 -6.56
CA GLN A 64 3.30 -5.29 -7.26
C GLN A 64 3.82 -6.51 -8.00
N PRO A 65 4.73 -6.28 -8.96
CA PRO A 65 5.34 -7.34 -9.76
C PRO A 65 6.28 -8.22 -8.94
N SER A 66 6.69 -7.72 -7.78
CA SER A 66 7.60 -8.45 -6.91
C SER A 66 6.84 -9.06 -5.73
N LEU A 67 5.56 -9.32 -5.92
CA LEU A 67 4.73 -9.90 -4.88
C LEU A 67 4.95 -11.41 -4.79
N GLN A 68 5.12 -12.05 -5.93
CA GLN A 68 5.34 -13.50 -5.97
C GLN A 68 6.71 -13.86 -5.39
N THR A 69 7.74 -13.16 -5.86
CA THR A 69 9.10 -13.39 -5.39
C THR A 69 9.52 -12.37 -4.35
N GLY A 70 8.53 -11.84 -3.62
CA GLY A 70 8.82 -10.85 -2.60
C GLY A 70 8.91 -11.45 -1.21
N SER A 71 10.05 -11.27 -0.56
CA SER A 71 10.26 -11.80 0.78
C SER A 71 9.24 -11.23 1.76
N GLU A 72 9.27 -11.73 3.00
CA GLU A 72 8.35 -11.27 4.03
C GLU A 72 8.42 -9.75 4.17
N GLU A 73 9.58 -9.18 3.86
CA GLU A 73 9.78 -7.75 3.96
C GLU A 73 8.98 -7.01 2.90
N LEU A 74 8.95 -7.57 1.69
CA LEU A 74 8.23 -6.97 0.58
C LEU A 74 6.72 -7.01 0.83
N ARG A 75 6.23 -8.16 1.27
CA ARG A 75 4.81 -8.34 1.55
C ARG A 75 4.33 -7.32 2.58
N SER A 76 5.03 -7.23 3.70
CA SER A 76 4.67 -6.29 4.76
C SER A 76 4.53 -4.88 4.20
N LEU A 77 5.40 -4.52 3.26
CA LEU A 77 5.37 -3.20 2.64
C LEU A 77 4.07 -2.98 1.89
N TYR A 78 3.79 -3.86 0.94
CA TYR A 78 2.58 -3.76 0.14
C TYR A 78 1.34 -3.64 1.03
N ASN A 79 1.42 -4.23 2.21
CA ASN A 79 0.31 -4.19 3.16
C ASN A 79 0.13 -2.78 3.72
N THR A 80 1.20 -2.24 4.30
CA THR A 80 1.16 -0.91 4.88
C THR A 80 0.90 0.15 3.81
N ILE A 81 1.73 0.14 2.77
CA ILE A 81 1.59 1.09 1.68
C ILE A 81 0.17 1.07 1.11
N ALA A 82 -0.49 -0.07 1.23
CA ALA A 82 -1.86 -0.23 0.72
C ALA A 82 -2.84 0.54 1.59
N VAL A 83 -2.92 0.16 2.87
CA VAL A 83 -3.83 0.81 3.81
C VAL A 83 -3.65 2.32 3.78
N LEU A 84 -2.42 2.77 3.62
CA LEU A 84 -2.11 4.20 3.58
C LEU A 84 -2.60 4.82 2.28
N TYR A 85 -2.15 4.26 1.16
CA TYR A 85 -2.53 4.76 -0.16
C TYR A 85 -4.05 4.85 -0.27
N CYS A 86 -4.74 3.79 0.12
CA CYS A 86 -6.19 3.76 0.06
C CYS A 86 -6.79 4.98 0.75
N VAL A 87 -6.18 5.39 1.84
CA VAL A 87 -6.65 6.55 2.59
C VAL A 87 -6.49 7.83 1.79
N HIS A 88 -5.29 8.05 1.26
CA HIS A 88 -5.01 9.25 0.47
C HIS A 88 -5.94 9.32 -0.73
N GLN A 89 -6.24 8.22 -1.40
CA GLN A 89 -7.13 8.24 -2.56
C GLN A 89 -8.58 8.48 -2.14
N ARG A 90 -9.17 7.48 -1.51
CA ARG A 90 -10.56 7.56 -1.06
C ARG A 90 -10.99 6.28 -0.36
N ILE A 91 -10.48 5.15 -0.85
CA ILE A 91 -10.81 3.85 -0.26
C ILE A 91 -10.58 3.85 1.25
N ASP A 92 -11.64 3.54 2.00
CA ASP A 92 -11.54 3.50 3.45
C ASP A 92 -11.70 2.07 3.97
N VAL A 93 -10.87 1.16 3.45
CA VAL A 93 -10.93 -0.23 3.86
C VAL A 93 -10.88 -0.36 5.38
N LYS A 94 -11.27 -1.53 5.88
CA LYS A 94 -11.27 -1.79 7.31
C LYS A 94 -10.00 -2.54 7.73
N ASP A 95 -9.43 -3.29 6.80
CA ASP A 95 -8.22 -4.06 7.07
C ASP A 95 -7.25 -3.97 5.90
N THR A 96 -6.12 -4.66 6.02
CA THR A 96 -5.11 -4.66 4.98
C THR A 96 -5.55 -5.49 3.78
N LYS A 97 -6.13 -6.64 4.05
CA LYS A 97 -6.60 -7.53 2.99
C LYS A 97 -7.58 -6.80 2.06
N GLU A 98 -8.60 -6.19 2.66
CA GLU A 98 -9.59 -5.46 1.89
C GLU A 98 -8.93 -4.46 0.95
N ALA A 99 -7.95 -3.72 1.47
CA ALA A 99 -7.23 -2.73 0.68
C ALA A 99 -6.37 -3.40 -0.38
N LEU A 100 -5.95 -4.63 -0.12
CA LEU A 100 -5.11 -5.38 -1.04
C LEU A 100 -5.94 -5.89 -2.23
N ASP A 101 -7.25 -5.96 -2.04
CA ASP A 101 -8.15 -6.42 -3.10
C ASP A 101 -8.63 -5.26 -3.95
N LYS A 102 -8.95 -4.14 -3.31
CA LYS A 102 -9.42 -2.96 -4.01
C LYS A 102 -8.29 -2.29 -4.78
N ILE A 103 -7.06 -2.49 -4.30
CA ILE A 103 -5.89 -1.91 -4.95
C ILE A 103 -5.72 -2.46 -6.36
N GLU A 104 -6.18 -3.68 -6.58
CA GLU A 104 -6.08 -4.33 -7.88
C GLU A 104 -7.17 -3.83 -8.82
N GLU A 105 -8.33 -3.52 -8.26
CA GLU A 105 -9.46 -3.04 -9.04
C GLU A 105 -9.24 -1.60 -9.48
N GLU A 106 -8.99 -0.72 -8.51
CA GLU A 106 -8.77 0.70 -8.80
C GLU A 106 -7.61 0.87 -9.78
N GLN A 107 -6.69 -0.10 -9.78
CA GLN A 107 -5.53 -0.05 -10.67
C GLN A 107 -5.59 -1.17 -11.70
N ASN A 108 -6.81 -1.62 -12.01
CA ASN A 108 -7.00 -2.68 -12.99
C ASN A 108 -6.45 -2.28 -14.35
N LYS A 109 -6.66 -1.02 -14.71
CA LYS A 109 -6.19 -0.51 -15.99
C LYS A 109 -4.67 -0.59 -16.09
N SER A 110 -4.00 -0.42 -14.95
CA SER A 110 -2.54 -0.48 -14.90
C SER A 110 -2.05 -1.89 -15.16
N LYS A 111 -2.61 -2.85 -14.45
CA LYS A 111 -2.22 -4.25 -14.60
C LYS A 111 -2.44 -4.72 -16.04
N LYS A 112 -3.40 -4.10 -16.72
CA LYS A 112 -3.69 -4.46 -18.10
C LYS A 112 -2.60 -3.97 -19.04
N LYS A 113 -2.02 -2.81 -18.72
CA LYS A 113 -0.96 -2.24 -19.54
C LYS A 113 0.41 -2.71 -19.06
N ALA A 114 0.83 -2.24 -17.89
CA ALA A 114 2.12 -2.63 -17.33
C ALA A 114 3.26 -2.33 -18.31
N GLN A 115 3.07 -1.31 -19.13
CA GLN A 115 4.08 -0.93 -20.12
C GLN A 115 4.43 0.55 -19.99
N GLN A 116 4.66 0.99 -18.76
CA GLN A 116 5.00 2.39 -18.50
C GLN A 116 6.14 2.49 -17.49
N ALA A 117 5.99 1.76 -16.37
CA ALA A 117 7.01 1.77 -15.32
C ALA A 117 8.23 0.97 -15.75
N ALA A 118 8.03 -0.03 -16.60
CA ALA A 118 9.12 -0.86 -17.08
C ALA A 118 10.12 -0.05 -17.88
N ALA A 119 9.64 1.05 -18.47
CA ALA A 119 10.50 1.92 -19.27
C ALA A 119 10.58 3.31 -18.68
N ASP A 120 11.36 4.18 -19.30
CA ASP A 120 11.53 5.55 -18.84
C ASP A 120 12.00 5.58 -17.38
N THR A 121 12.71 4.54 -16.98
CA THR A 121 13.22 4.44 -15.62
C THR A 121 14.69 4.03 -15.61
N GLY A 122 15.27 3.95 -14.42
CA GLY A 122 16.67 3.57 -14.30
C GLY A 122 16.87 2.07 -14.34
N ASN A 123 18.10 1.64 -14.61
CA ASN A 123 18.42 0.23 -14.68
C ASN A 123 18.01 -0.49 -13.39
N ASN A 124 17.55 -1.73 -13.52
CA ASN A 124 17.13 -2.52 -12.37
C ASN A 124 18.30 -3.31 -11.80
N SER A 125 18.38 -3.36 -10.48
CA SER A 125 19.45 -4.08 -9.80
C SER A 125 19.23 -4.13 -8.29
N GLN A 126 20.04 -4.92 -7.59
CA GLN A 126 19.92 -5.04 -6.14
C GLN A 126 21.29 -5.10 -5.49
N VAL A 127 21.75 -3.97 -4.97
CA VAL A 127 23.05 -3.89 -4.31
C VAL A 127 22.93 -4.17 -2.82
N SER A 128 23.89 -4.91 -2.28
CA SER A 128 23.89 -5.26 -0.87
C SER A 128 22.56 -5.85 -0.45
N GLN A 129 22.26 -7.04 -0.97
CA GLN A 129 21.01 -7.72 -0.65
C GLN A 129 20.94 -8.06 0.83
N ASN A 130 19.73 -8.38 1.30
CA ASN A 130 19.53 -8.72 2.70
C ASN A 130 18.36 -9.69 2.86
N TYR A 131 18.68 -10.96 3.03
CA TYR A 131 17.66 -11.99 3.18
C TYR A 131 16.71 -11.64 4.32
C1 PIO B . 3.64 -8.35 12.32
O1 PIO B . 4.97 -7.94 12.97
P1 PIO B . 5.35 -6.82 14.16
C2 PIO B . 2.62 -9.04 13.29
O2 PIO B . 3.14 -10.19 13.93
C3 PIO B . 1.34 -9.45 12.52
O3 PIO B . 0.44 -10.08 13.44
C4 PIO B . 1.67 -10.38 11.29
O4 PIO B . 0.40 -10.71 10.53
P4 PIO B . -0.69 -11.95 10.72
C5 PIO B . 2.71 -9.64 10.35
O5 PIO B . 3.06 -10.53 9.25
P5 PIO B . 3.06 -10.36 7.61
C6 PIO B . 3.99 -9.21 11.10
O6 PIO B . 4.87 -8.44 10.28
O11 PIO B . 4.21 -5.81 14.05
O12 PIO B . 5.44 -7.64 15.42
O13 PIO B . 6.70 -6.27 13.81
C1A PIO B . 5.75 -4.95 9.71
O1A PIO B . 6.17 -5.84 9.00
C1B PIO B . 8.63 -3.21 14.52
O1B PIO B . 8.26 -2.23 15.13
C1C PIO B . 6.98 -5.94 12.46
C2A PIO B . 4.30 -4.48 9.58
C2B PIO B . 9.79 -4.09 15.10
C2C PIO B . 6.30 -4.61 12.05
O2C PIO B . 6.60 -4.37 10.69
C3A PIO B . 3.90 -4.41 8.09
C3B PIO B . 9.45 -4.73 16.45
C3C PIO B . 6.79 -3.42 12.90
O3C PIO B . 8.14 -3.63 13.27
O41 PIO B . -1.86 -11.15 11.30
O42 PIO B . -0.94 -12.49 9.33
O43 PIO B . -0.11 -13.02 11.63
C4A PIO B . 2.40 -4.08 7.99
C4B PIO B . 10.71 -5.31 17.12
O51 PIO B . 1.70 -10.97 7.28
O52 PIO B . 3.23 -8.87 7.40
O53 PIO B . 4.23 -11.21 7.17
C5A PIO B . 1.57 -5.25 8.54
C5B PIO B . 10.31 -6.11 18.38
C6A PIO B . 0.64 -5.79 7.44
C6B PIO B . 10.29 -5.17 19.61
C7A PIO B . -0.21 -6.94 8.01
C7B PIO B . 11.64 -5.28 20.34
C8A PIO B . -0.10 -8.16 7.10
C8B PIO B . 12.19 -3.87 20.61
H1 PIO B . 3.10 -7.45 12.02
H2 PIO B . 2.36 -8.32 14.06
H3 PIO B . 0.86 -8.55 12.11
H4 PIO B . 2.12 -11.32 11.58
H5 PIO B . 2.18 -8.75 9.99
H6 PIO B . 4.52 -10.12 11.40
HO2 PIO B . 3.53 -10.85 13.38
HO3 PIO B . 0.80 -10.91 13.75
HO6 PIO B . 5.36 -8.98 9.69
HC11 PIO B . 8.03 -5.83 12.35
HC12 PIO B . 6.63 -6.71 11.83
HC2 PIO B . 5.26 -4.70 12.21
HC31 PIO B . 6.76 -2.53 12.33
HC32 PIO B . 6.17 -3.27 13.74
H2A1 PIO B . 4.20 -3.53 10.01
H2A2 PIO B . 3.67 -5.15 10.07
H3A1 PIO B . 4.09 -5.33 7.63
H3A2 PIO B . 4.45 -3.66 7.61
H4A1 PIO B . 2.19 -3.20 8.54
H4A2 PIO B . 2.15 -3.92 6.97
H5A1 PIO B . 0.99 -4.90 9.35
H5A2 PIO B . 2.21 -6.01 8.87
H6A1 PIO B . 0.02 -5.02 7.11
H6A2 PIO B . 1.22 -6.15 6.64
H7A1 PIO B . -1.22 -6.63 8.07
H7A2 PIO B . 0.13 -7.19 8.98
H8A1 PIO B . -0.76 -8.07 6.29
H8A2 PIO B . -0.34 -9.03 7.64
H8A3 PIO B . 0.88 -8.25 6.74
H2B1 PIO B . 10.00 -4.85 14.41
H2B2 PIO B . 10.63 -3.47 15.22
H3B1 PIO B . 9.02 -4.01 17.08
H3B2 PIO B . 8.76 -5.51 16.30
H4B1 PIO B . 11.37 -4.53 17.41
H4B2 PIO B . 11.21 -5.94 16.45
H5B1 PIO B . 10.99 -6.88 18.54
H5B2 PIO B . 9.34 -6.51 18.24
H6B1 PIO B . 9.51 -5.46 20.25
H6B2 PIO B . 10.14 -4.19 19.29
H7B1 PIO B . 12.33 -5.81 19.75
H7B2 PIO B . 11.50 -5.78 21.25
H8B1 PIO B . 13.15 -3.93 21.04
H8B2 PIO B . 11.55 -3.36 21.27
H8B3 PIO B . 12.25 -3.34 19.70
N GLY A 1 9.64 15.01 18.26
CA GLY A 1 8.91 15.96 17.45
C GLY A 1 9.15 15.75 15.97
N ALA A 2 10.29 16.21 15.48
CA ALA A 2 10.64 16.07 14.07
C ALA A 2 9.58 16.73 13.18
N ARG A 3 9.71 16.52 11.88
CA ARG A 3 8.78 17.11 10.92
C ARG A 3 8.16 16.02 10.03
N ALA A 4 7.77 14.91 10.66
CA ALA A 4 7.16 13.81 9.94
C ALA A 4 5.65 13.98 9.83
N SER A 5 5.16 14.07 8.61
CA SER A 5 3.73 14.25 8.36
C SER A 5 3.25 13.32 7.25
N VAL A 6 2.60 12.23 7.65
CA VAL A 6 2.08 11.27 6.69
C VAL A 6 0.55 11.24 6.69
N LEU A 7 -0.03 10.90 7.83
CA LEU A 7 -1.47 10.84 7.97
C LEU A 7 -1.99 11.98 8.83
N SER A 8 -2.91 12.77 8.29
CA SER A 8 -3.49 13.90 9.01
C SER A 8 -4.38 13.42 10.14
N GLY A 9 -5.06 14.36 10.79
CA GLY A 9 -5.94 14.03 11.89
C GLY A 9 -7.00 13.01 11.49
N GLY A 10 -7.69 13.30 10.39
CA GLY A 10 -8.73 12.40 9.91
C GLY A 10 -8.18 11.06 9.47
N GLU A 11 -7.08 11.07 8.74
CA GLU A 11 -6.46 9.85 8.26
C GLU A 11 -5.94 9.01 9.43
N LEU A 12 -5.52 9.68 10.49
CA LEU A 12 -5.00 9.00 11.67
C LEU A 12 -6.10 8.21 12.36
N ASP A 13 -7.22 8.86 12.63
CA ASP A 13 -8.35 8.22 13.28
C ASP A 13 -8.74 6.94 12.57
N LYS A 14 -8.93 7.03 11.26
CA LYS A 14 -9.30 5.87 10.45
C LYS A 14 -8.15 4.87 10.38
N TRP A 15 -6.93 5.38 10.27
CA TRP A 15 -5.75 4.53 10.19
C TRP A 15 -5.67 3.58 11.39
N GLU A 16 -6.04 4.11 12.56
CA GLU A 16 -6.01 3.31 13.79
C GLU A 16 -7.21 2.37 13.85
N LYS A 17 -8.16 2.56 12.93
CA LYS A 17 -9.35 1.72 12.88
C LYS A 17 -9.25 0.70 11.75
N ILE A 18 -8.04 0.19 11.52
CA ILE A 18 -7.82 -0.80 10.48
C ILE A 18 -7.04 -1.99 11.00
N ARG A 19 -7.64 -3.18 10.93
CA ARG A 19 -6.99 -4.40 11.41
C ARG A 19 -6.03 -4.94 10.36
N LEU A 20 -4.84 -5.34 10.79
CA LEU A 20 -3.83 -5.88 9.89
C LEU A 20 -4.36 -7.09 9.14
N ARG A 21 -5.33 -7.77 9.73
CA ARG A 21 -5.93 -8.94 9.11
C ARG A 21 -7.46 -8.87 9.17
N PRO A 22 -8.12 -9.64 8.29
CA PRO A 22 -9.59 -9.69 8.22
C PRO A 22 -10.21 -10.37 9.44
N GLY A 23 -9.50 -11.35 9.99
CA GLY A 23 -10.00 -12.06 11.15
C GLY A 23 -9.22 -11.74 12.40
N GLY A 24 -8.52 -10.61 12.39
CA GLY A 24 -7.73 -10.20 13.54
C GLY A 24 -8.29 -8.96 14.21
N LYS A 25 -7.66 -8.55 15.31
CA LYS A 25 -8.09 -7.37 16.04
C LYS A 25 -7.00 -6.31 16.04
N LYS A 26 -5.75 -6.75 15.95
CA LYS A 26 -4.62 -5.82 15.95
C LYS A 26 -4.80 -4.75 14.89
N GLN A 27 -5.02 -3.51 15.33
CA GLN A 27 -5.21 -2.39 14.42
C GLN A 27 -3.87 -1.86 13.94
N TYR A 28 -3.92 -0.81 13.11
CA TYR A 28 -2.71 -0.20 12.58
C TYR A 28 -2.26 0.96 13.46
N LYS A 29 -0.94 1.15 13.55
CA LYS A 29 -0.38 2.23 14.34
C LYS A 29 0.77 2.90 13.60
N LEU A 30 1.23 4.03 14.15
CA LEU A 30 2.33 4.77 13.54
C LEU A 30 3.57 3.91 13.40
N LYS A 31 3.75 2.97 14.34
CA LYS A 31 4.89 2.07 14.32
C LYS A 31 5.02 1.39 12.96
N HIS A 32 3.89 1.05 12.37
CA HIS A 32 3.88 0.39 11.07
C HIS A 32 4.18 1.38 9.95
N ILE A 33 3.69 2.62 10.02
CA ILE A 33 3.96 3.60 8.98
C ILE A 33 5.45 3.91 8.88
N VAL A 34 6.12 3.95 10.03
CA VAL A 34 7.54 4.21 10.07
C VAL A 34 8.36 2.98 9.71
N TRP A 35 7.89 1.82 10.16
CA TRP A 35 8.57 0.56 9.88
C TRP A 35 8.78 0.37 8.38
N ALA A 36 7.84 0.87 7.59
CA ALA A 36 7.92 0.76 6.14
C ALA A 36 8.87 1.81 5.56
N SER A 37 8.79 3.02 6.09
CA SER A 37 9.64 4.11 5.62
C SER A 37 11.11 3.75 5.75
N ARG A 38 11.48 3.15 6.88
CA ARG A 38 12.86 2.75 7.12
C ARG A 38 13.32 1.74 6.07
N GLU A 39 12.38 1.01 5.50
CA GLU A 39 12.69 0.01 4.49
C GLU A 39 12.75 0.64 3.10
N LEU A 40 11.94 1.68 2.89
CA LEU A 40 11.90 2.37 1.61
C LEU A 40 13.25 3.00 1.29
N GLU A 41 13.82 3.70 2.28
CA GLU A 41 15.11 4.35 2.10
C GLU A 41 16.17 3.35 1.65
N ARG A 42 15.96 2.08 1.99
CA ARG A 42 16.90 1.03 1.63
C ARG A 42 16.77 0.68 0.14
N PHE A 43 15.59 0.91 -0.42
CA PHE A 43 15.34 0.62 -1.82
C PHE A 43 15.53 1.88 -2.68
N ALA A 44 16.36 2.79 -2.20
CA ALA A 44 16.62 4.04 -2.92
C ALA A 44 15.37 4.89 -3.03
N VAL A 45 14.41 4.64 -2.14
CA VAL A 45 13.15 5.38 -2.15
C VAL A 45 12.97 6.16 -0.85
N ASN A 46 12.74 7.46 -0.97
CA ASN A 46 12.55 8.32 0.20
C ASN A 46 11.22 8.01 0.88
N PRO A 47 11.22 8.06 2.22
CA PRO A 47 10.04 7.80 3.03
C PRO A 47 8.98 8.89 2.88
N GLY A 48 9.35 9.98 2.22
CA GLY A 48 8.42 11.08 2.03
C GLY A 48 7.49 10.86 0.85
N LEU A 49 7.48 9.63 0.33
CA LEU A 49 6.63 9.28 -0.80
C LEU A 49 5.32 8.66 -0.34
N LEU A 50 5.36 8.04 0.84
CA LEU A 50 4.17 7.41 1.41
C LEU A 50 3.16 8.45 1.88
N GLU A 51 3.65 9.64 2.21
CA GLU A 51 2.80 10.72 2.67
C GLU A 51 2.05 11.35 1.51
N THR A 52 2.38 10.93 0.30
CA THR A 52 1.75 11.46 -0.91
C THR A 52 1.14 10.34 -1.74
N SER A 53 -0.13 10.51 -2.12
CA SER A 53 -0.84 9.52 -2.92
C SER A 53 -0.06 9.20 -4.20
N GLU A 54 0.73 10.16 -4.65
CA GLU A 54 1.52 9.99 -5.87
C GLU A 54 2.75 9.13 -5.59
N GLY A 55 3.38 9.37 -4.45
CA GLY A 55 4.57 8.62 -4.09
C GLY A 55 4.27 7.16 -3.82
N CYS A 56 3.20 6.89 -3.09
CA CYS A 56 2.80 5.53 -2.77
C CYS A 56 2.68 4.69 -4.03
N ARG A 57 1.91 5.17 -5.00
CA ARG A 57 1.72 4.46 -6.25
C ARG A 57 3.06 4.07 -6.88
N GLN A 58 4.02 4.98 -6.78
CA GLN A 58 5.35 4.74 -7.34
C GLN A 58 6.05 3.58 -6.63
N ILE A 59 5.87 3.52 -5.31
CA ILE A 59 6.47 2.46 -4.50
C ILE A 59 5.80 1.12 -4.77
N LEU A 60 4.49 1.09 -4.60
CA LEU A 60 3.71 -0.13 -4.83
C LEU A 60 3.97 -0.69 -6.22
N GLY A 61 3.91 0.18 -7.21
CA GLY A 61 4.14 -0.25 -8.59
C GLY A 61 5.49 -0.91 -8.77
N GLN A 62 6.46 -0.51 -7.95
CA GLN A 62 7.80 -1.07 -8.02
C GLN A 62 7.83 -2.49 -7.44
N LEU A 63 7.07 -2.71 -6.38
CA LEU A 63 7.01 -4.01 -5.73
C LEU A 63 5.82 -4.82 -6.24
N GLN A 64 5.38 -4.52 -7.46
CA GLN A 64 4.26 -5.23 -8.06
C GLN A 64 4.63 -6.67 -8.41
N PRO A 65 5.62 -6.83 -9.29
CA PRO A 65 6.09 -8.15 -9.72
C PRO A 65 6.84 -8.89 -8.61
N SER A 66 7.59 -8.14 -7.81
CA SER A 66 8.36 -8.72 -6.71
C SER A 66 7.45 -9.54 -5.79
N LEU A 67 6.19 -9.14 -5.72
CA LEU A 67 5.22 -9.83 -4.87
C LEU A 67 5.14 -11.31 -5.23
N GLN A 68 5.46 -11.63 -6.49
CA GLN A 68 5.43 -13.00 -6.96
C GLN A 68 6.24 -13.91 -6.04
N THR A 69 7.49 -13.53 -5.79
CA THR A 69 8.37 -14.32 -4.93
C THR A 69 9.11 -13.42 -3.93
N GLY A 70 8.37 -12.49 -3.33
CA GLY A 70 8.98 -11.58 -2.36
C GLY A 70 9.15 -12.22 -1.00
N SER A 71 9.85 -11.52 -0.11
CA SER A 71 10.09 -12.03 1.24
C SER A 71 9.16 -11.37 2.25
N GLU A 72 9.39 -11.66 3.53
CA GLU A 72 8.57 -11.08 4.59
C GLU A 72 8.69 -9.56 4.62
N GLU A 73 9.83 -9.06 4.13
CA GLU A 73 10.08 -7.62 4.10
C GLU A 73 9.33 -6.97 2.94
N LEU A 74 9.67 -7.36 1.72
CA LEU A 74 9.03 -6.80 0.53
C LEU A 74 7.51 -6.91 0.63
N ARG A 75 7.03 -8.09 1.02
CA ARG A 75 5.59 -8.31 1.16
C ARG A 75 4.99 -7.37 2.19
N SER A 76 5.57 -7.36 3.39
CA SER A 76 5.09 -6.51 4.47
C SER A 76 4.98 -5.05 4.01
N LEU A 77 5.94 -4.64 3.18
CA LEU A 77 5.96 -3.27 2.67
C LEU A 77 4.72 -2.99 1.82
N TYR A 78 4.52 -3.81 0.79
CA TYR A 78 3.37 -3.64 -0.09
C TYR A 78 2.07 -3.58 0.71
N ASN A 79 2.05 -4.26 1.85
CA ASN A 79 0.87 -4.28 2.71
C ASN A 79 0.66 -2.92 3.37
N THR A 80 1.61 -2.53 4.21
CA THR A 80 1.53 -1.25 4.92
C THR A 80 1.36 -0.09 3.94
N ILE A 81 2.13 -0.14 2.86
CA ILE A 81 2.07 0.91 1.84
C ILE A 81 0.72 0.92 1.14
N ALA A 82 0.05 -0.23 1.14
CA ALA A 82 -1.26 -0.36 0.50
C ALA A 82 -2.35 0.25 1.37
N VAL A 83 -2.47 -0.23 2.60
CA VAL A 83 -3.47 0.27 3.53
C VAL A 83 -3.41 1.78 3.65
N LEU A 84 -2.19 2.32 3.61
CA LEU A 84 -2.00 3.76 3.70
C LEU A 84 -2.44 4.46 2.42
N TYR A 85 -2.07 3.90 1.28
CA TYR A 85 -2.42 4.47 -0.01
C TYR A 85 -3.93 4.70 -0.11
N CYS A 86 -4.70 3.67 0.24
CA CYS A 86 -6.15 3.77 0.19
C CYS A 86 -6.65 4.99 0.96
N VAL A 87 -5.98 5.29 2.07
CA VAL A 87 -6.35 6.43 2.89
C VAL A 87 -6.19 7.74 2.13
N HIS A 88 -5.15 7.81 1.31
CA HIS A 88 -4.88 9.00 0.51
C HIS A 88 -5.83 9.10 -0.67
N GLN A 89 -6.42 7.99 -1.14
CA GLN A 89 -7.33 8.03 -2.26
C GLN A 89 -8.78 8.13 -1.79
N ARG A 90 -8.98 8.67 -0.60
CA ARG A 90 -10.31 8.82 -0.03
C ARG A 90 -11.02 7.46 0.05
N ILE A 91 -10.23 6.40 0.17
CA ILE A 91 -10.78 5.06 0.25
C ILE A 91 -10.84 4.57 1.71
N ASP A 92 -12.04 4.24 2.15
CA ASP A 92 -12.25 3.76 3.52
C ASP A 92 -12.17 2.24 3.58
N VAL A 93 -11.45 1.73 4.58
CA VAL A 93 -11.30 0.28 4.76
C VAL A 93 -11.44 -0.11 6.22
N LYS A 94 -11.53 -1.41 6.47
CA LYS A 94 -11.67 -1.92 7.82
C LYS A 94 -10.46 -2.77 8.21
N ASP A 95 -9.81 -3.35 7.22
CA ASP A 95 -8.64 -4.18 7.45
C ASP A 95 -7.78 -4.28 6.19
N THR A 96 -6.63 -4.96 6.32
CA THR A 96 -5.72 -5.12 5.19
C THR A 96 -6.39 -5.84 4.03
N LYS A 97 -7.20 -6.84 4.35
CA LYS A 97 -7.92 -7.60 3.34
C LYS A 97 -8.74 -6.68 2.44
N GLU A 98 -9.53 -5.82 3.06
CA GLU A 98 -10.37 -4.88 2.32
C GLU A 98 -9.52 -3.95 1.47
N ALA A 99 -8.47 -3.40 2.08
CA ALA A 99 -7.58 -2.47 1.38
C ALA A 99 -6.99 -3.14 0.14
N LEU A 100 -6.46 -4.34 0.31
CA LEU A 100 -5.86 -5.08 -0.79
C LEU A 100 -6.90 -5.43 -1.85
N ASP A 101 -8.12 -5.66 -1.41
CA ASP A 101 -9.22 -6.00 -2.31
C ASP A 101 -9.53 -4.83 -3.25
N LYS A 102 -9.63 -3.64 -2.68
CA LYS A 102 -9.93 -2.44 -3.46
C LYS A 102 -8.88 -2.23 -4.54
N ILE A 103 -7.61 -2.16 -4.13
CA ILE A 103 -6.51 -1.96 -5.07
C ILE A 103 -6.47 -3.06 -6.12
N GLU A 104 -6.96 -4.25 -5.74
CA GLU A 104 -6.98 -5.39 -6.65
C GLU A 104 -8.06 -5.22 -7.72
N GLU A 105 -9.20 -4.66 -7.31
CA GLU A 105 -10.31 -4.44 -8.23
C GLU A 105 -10.00 -3.31 -9.20
N GLU A 106 -9.63 -2.15 -8.66
CA GLU A 106 -9.30 -0.99 -9.48
C GLU A 106 -8.12 -1.30 -10.39
N GLN A 107 -7.23 -2.17 -9.93
CA GLN A 107 -6.05 -2.54 -10.71
C GLN A 107 -6.15 -3.98 -11.20
N ASN A 108 -7.37 -4.46 -11.36
CA ASN A 108 -7.60 -5.83 -11.83
C ASN A 108 -7.20 -5.99 -13.29
N LYS A 109 -7.47 -4.95 -14.08
CA LYS A 109 -7.15 -4.97 -15.50
C LYS A 109 -5.63 -5.08 -15.71
N SER A 110 -4.87 -4.41 -14.85
CA SER A 110 -3.42 -4.44 -14.94
C SER A 110 -2.88 -5.85 -14.73
N LYS A 111 -3.39 -6.52 -13.69
CA LYS A 111 -2.97 -7.87 -13.38
C LYS A 111 -3.33 -8.83 -14.50
N LYS A 112 -4.53 -8.68 -15.03
CA LYS A 112 -5.00 -9.53 -16.12
C LYS A 112 -4.08 -9.43 -17.33
N LYS A 113 -3.67 -8.21 -17.66
CA LYS A 113 -2.78 -7.98 -18.80
C LYS A 113 -1.39 -8.53 -18.51
N ALA A 114 -0.98 -8.46 -17.26
CA ALA A 114 0.34 -8.96 -16.86
C ALA A 114 0.24 -10.37 -16.30
N GLN A 115 -0.80 -11.10 -16.71
CA GLN A 115 -1.01 -12.47 -16.24
C GLN A 115 -1.89 -13.25 -17.22
N GLN A 116 -1.64 -13.05 -18.51
CA GLN A 116 -2.41 -13.74 -19.54
C GLN A 116 -2.03 -15.22 -19.62
N ALA A 117 -0.73 -15.48 -19.76
CA ALA A 117 -0.24 -16.85 -19.84
C ALA A 117 -0.64 -17.66 -18.62
N ALA A 118 -0.37 -17.11 -17.44
CA ALA A 118 -0.71 -17.79 -16.18
C ALA A 118 -2.17 -17.58 -15.83
N ALA A 119 -3.07 -18.07 -16.68
CA ALA A 119 -4.50 -17.94 -16.46
C ALA A 119 -5.28 -18.98 -17.26
N ASP A 120 -4.86 -19.21 -18.49
CA ASP A 120 -5.52 -20.18 -19.35
C ASP A 120 -5.46 -21.58 -18.75
N THR A 121 -4.45 -21.82 -17.92
CA THR A 121 -4.29 -23.12 -17.28
C THR A 121 -5.37 -23.35 -16.23
N GLY A 122 -5.47 -24.59 -15.75
CA GLY A 122 -6.46 -24.92 -14.74
C GLY A 122 -5.96 -25.93 -13.74
N ASN A 123 -5.91 -25.54 -12.48
CA ASN A 123 -5.44 -26.42 -11.41
C ASN A 123 -6.50 -26.57 -10.32
N ASN A 124 -6.49 -27.71 -9.65
CA ASN A 124 -7.44 -27.97 -8.57
C ASN A 124 -6.78 -27.84 -7.20
N SER A 125 -6.55 -26.60 -6.79
CA SER A 125 -5.92 -26.34 -5.50
C SER A 125 -6.93 -26.46 -4.36
N GLN A 126 -6.43 -26.67 -3.15
CA GLN A 126 -7.29 -26.80 -1.97
C GLN A 126 -6.52 -26.49 -0.70
N VAL A 127 -6.90 -25.40 -0.04
CA VAL A 127 -6.24 -24.99 1.20
C VAL A 127 -7.22 -25.00 2.36
N SER A 128 -6.69 -24.88 3.57
CA SER A 128 -7.52 -24.87 4.78
C SER A 128 -7.92 -23.45 5.15
N GLN A 129 -9.13 -23.31 5.69
CA GLN A 129 -9.64 -22.00 6.09
C GLN A 129 -9.26 -21.68 7.54
N ASN A 130 -9.54 -20.46 7.97
CA ASN A 130 -9.23 -20.04 9.33
C ASN A 130 -10.42 -20.30 10.26
N TYR A 131 -10.12 -20.63 11.51
CA TYR A 131 -11.15 -20.90 12.50
C TYR A 131 -10.72 -20.43 13.88
C1 PIO B . 3.34 -8.36 13.15
O1 PIO B . 4.72 -7.78 13.49
P1 PIO B . 5.23 -6.66 14.61
C2 PIO B . 2.60 -9.09 14.33
O2 PIO B . 3.38 -10.14 14.90
C3 PIO B . 1.25 -9.65 13.85
O3 PIO B . 0.64 -10.31 14.97
C4 PIO B . 1.43 -10.63 12.62
O4 PIO B . 0.08 -11.12 12.16
P4 PIO B . -0.97 -12.24 12.82
C5 PIO B . 2.17 -9.85 11.47
O5 PIO B . 2.40 -10.77 10.35
P5 PIO B . 1.39 -11.51 9.27
C6 PIO B . 3.53 -9.26 11.91
O6 PIO B . 4.14 -8.46 10.90
O11 PIO B . 4.22 -5.52 14.44
O12 PIO B . 5.20 -7.40 15.92
O13 PIO B . 6.64 -6.27 14.26
C1A PIO B . 5.94 -5.06 10.06
O1A PIO B . 6.26 -6.02 9.39
C1B PIO B . 9.05 -3.26 14.62
O1B PIO B . 8.50 -2.60 15.48
C1C PIO B . 6.97 -6.07 12.91
C2A PIO B . 4.56 -4.43 9.85
C2B PIO B . 10.57 -3.54 14.70
C2C PIO B . 6.44 -4.69 12.40
O2C PIO B . 6.81 -4.54 11.03
C3A PIO B . 4.22 -4.36 8.35
C3B PIO B . 11.15 -3.36 16.11
C3C PIO B . 7.03 -3.51 13.22
O3C PIO B . 8.40 -3.76 13.47
O41 PIO B . -1.84 -12.51 11.60
O42 PIO B . -0.10 -13.39 13.26
O43 PIO B . -1.70 -11.62 14.02
C4A PIO B . 2.77 -4.81 8.12
C4B PIO B . 10.67 -4.47 17.07
O51 PIO B . 2.02 -11.05 7.97
O52 PIO B . 1.52 -12.99 9.62
O53 PIO B . 0.05 -10.89 9.57
C5A PIO B . 2.67 -6.34 8.36
C5B PIO B . 11.89 -5.21 17.63
C6A PIO B . 1.25 -6.69 8.86
C6B PIO B . 12.48 -6.15 16.55
C7A PIO B . 0.74 -7.94 8.12
C7B PIO B . 13.97 -6.39 16.83
C8A PIO B . -0.79 -7.87 7.99
C8B PIO B . 14.22 -7.89 17.03
H1 PIO B . 2.66 -7.53 12.93
H2 PIO B . 2.43 -8.33 15.09
H3 PIO B . 0.61 -8.84 13.51
H4 PIO B . 2.03 -11.50 12.86
H5 PIO B . 1.50 -9.04 11.18
H6 PIO B . 4.19 -10.08 12.14
HO2 PIO B . 3.71 -10.78 14.31
HO3 PIO B . 1.14 -11.08 15.23
HO6 PIO B . 4.56 -8.98 10.24
HC11 PIO B . 8.01 -6.09 12.80
HC12 PIO B . 6.52 -6.82 12.30
HC2 PIO B . 5.40 -4.66 12.52
HC31 PIO B . 6.97 -2.63 12.66
HC32 PIO B . 6.48 -3.37 14.11
H2A1 PIO B . 4.56 -3.45 10.24
H2A2 PIO B . 3.83 -5.01 10.34
H3A1 PIO B . 4.87 -4.99 7.82
H3A2 PIO B . 4.32 -3.37 8.00
H4A1 PIO B . 2.14 -4.32 8.80
H4A2 PIO B . 2.47 -4.58 7.15
H5A1 PIO B . 3.37 -6.63 9.08
H5A2 PIO B . 2.85 -6.83 7.45
H6A1 PIO B . 1.28 -6.88 9.88
H6A2 PIO B . 0.60 -5.88 8.67
H7A1 PIO B . 1.01 -8.80 8.66
H7A2 PIO B . 1.17 -7.98 7.16
H8A1 PIO B . -1.23 -8.21 8.89
H8A2 PIO B . -1.11 -8.48 7.20
H8A3 PIO B . -1.09 -6.88 7.81
H2B1 PIO B . 10.74 -4.54 14.40
H2B2 PIO B . 11.06 -2.89 14.06
H3B1 PIO B . 12.20 -3.38 16.06
H3B2 PIO B . 10.83 -2.43 16.49
H4B1 PIO B . 10.05 -5.15 16.57
H4B2 PIO B . 10.13 -4.03 17.86
H5B1 PIO B . 11.60 -5.79 18.46
H5B2 PIO B . 12.62 -4.52 17.92
H6B1 PIO B . 12.36 -5.69 15.60
H6B2 PIO B . 11.96 -7.06 16.57
H7B1 PIO B . 14.25 -5.86 17.69
H7B2 PIO B . 14.54 -6.06 16.00
H8B1 PIO B . 15.22 -8.05 17.30
H8B2 PIO B . 14.00 -8.41 16.14
H8B3 PIO B . 13.58 -8.25 17.80
N GLY A 1 10.54 22.82 2.28
CA GLY A 1 10.18 21.80 3.24
C GLY A 1 9.07 20.90 2.74
N ALA A 2 8.15 21.47 1.97
CA ALA A 2 7.03 20.71 1.43
C ALA A 2 6.28 19.96 2.52
N ARG A 3 6.07 20.64 3.65
CA ARG A 3 5.36 20.05 4.77
C ARG A 3 6.14 18.85 5.32
N ALA A 4 5.68 18.31 6.44
CA ALA A 4 6.32 17.16 7.06
C ALA A 4 5.32 16.36 7.89
N SER A 5 4.63 15.43 7.24
CA SER A 5 3.64 14.59 7.92
C SER A 5 3.10 13.52 6.98
N VAL A 6 2.93 12.32 7.50
CA VAL A 6 2.42 11.20 6.71
C VAL A 6 0.89 11.18 6.72
N LEU A 7 0.31 10.92 7.88
CA LEU A 7 -1.14 10.87 8.02
C LEU A 7 -1.63 12.00 8.91
N SER A 8 -2.60 12.77 8.40
CA SER A 8 -3.17 13.88 9.15
C SER A 8 -4.09 13.39 10.25
N GLY A 9 -4.67 14.32 11.00
CA GLY A 9 -5.57 13.96 12.09
C GLY A 9 -6.66 13.01 11.62
N GLY A 10 -7.30 13.33 10.51
CA GLY A 10 -8.35 12.49 9.99
C GLY A 10 -7.86 11.11 9.58
N GLU A 11 -6.79 11.09 8.78
CA GLU A 11 -6.21 9.83 8.32
C GLU A 11 -5.75 8.97 9.49
N LEU A 12 -5.22 9.64 10.52
CA LEU A 12 -4.73 8.94 11.70
C LEU A 12 -5.86 8.23 12.43
N ASP A 13 -7.00 8.93 12.55
CA ASP A 13 -8.17 8.36 13.22
C ASP A 13 -8.56 7.03 12.60
N LYS A 14 -8.77 7.03 11.29
CA LYS A 14 -9.16 5.83 10.57
C LYS A 14 -8.02 4.81 10.54
N TRP A 15 -6.81 5.32 10.31
CA TRP A 15 -5.62 4.45 10.27
C TRP A 15 -5.55 3.58 11.51
N GLU A 16 -5.71 4.19 12.68
CA GLU A 16 -5.65 3.46 13.93
C GLU A 16 -6.77 2.42 14.02
N LYS A 17 -7.85 2.67 13.30
CA LYS A 17 -8.99 1.76 13.28
C LYS A 17 -8.72 0.57 12.38
N ILE A 18 -8.17 0.83 11.20
CA ILE A 18 -7.87 -0.23 10.25
C ILE A 18 -7.03 -1.33 10.90
N ARG A 19 -7.41 -2.58 10.64
CA ARG A 19 -6.70 -3.72 11.20
C ARG A 19 -5.69 -4.28 10.20
N LEU A 20 -4.66 -4.95 10.72
CA LEU A 20 -3.64 -5.53 9.86
C LEU A 20 -4.20 -6.65 9.00
N ARG A 21 -5.28 -7.27 9.48
CA ARG A 21 -5.92 -8.36 8.75
C ARG A 21 -7.44 -8.32 8.95
N PRO A 22 -8.17 -8.97 8.03
CA PRO A 22 -9.63 -9.02 8.09
C PRO A 22 -10.14 -9.88 9.24
N GLY A 23 -9.40 -10.92 9.57
CA GLY A 23 -9.79 -11.81 10.66
C GLY A 23 -8.89 -11.65 11.88
N GLY A 24 -8.22 -10.51 11.98
CA GLY A 24 -7.34 -10.26 13.10
C GLY A 24 -7.85 -9.16 14.01
N LYS A 25 -7.10 -8.88 15.07
CA LYS A 25 -7.48 -7.84 16.02
C LYS A 25 -6.43 -6.74 16.07
N LYS A 26 -5.17 -7.11 15.85
CA LYS A 26 -4.07 -6.14 15.87
C LYS A 26 -4.37 -4.97 14.95
N GLN A 27 -4.74 -3.84 15.55
CA GLN A 27 -5.05 -2.63 14.80
C GLN A 27 -3.78 -1.97 14.27
N TYR A 28 -3.94 -1.03 13.35
CA TYR A 28 -2.81 -0.33 12.77
C TYR A 28 -2.31 0.78 13.70
N LYS A 29 -1.01 1.05 13.65
CA LYS A 29 -0.42 2.08 14.48
C LYS A 29 0.76 2.74 13.77
N LEU A 30 1.21 3.88 14.31
CA LEU A 30 2.33 4.60 13.72
C LEU A 30 3.53 3.69 13.53
N LYS A 31 3.66 2.70 14.39
CA LYS A 31 4.76 1.74 14.33
C LYS A 31 4.89 1.16 12.91
N HIS A 32 3.75 0.92 12.28
CA HIS A 32 3.73 0.37 10.93
C HIS A 32 4.06 1.44 9.90
N ILE A 33 3.71 2.70 10.12
CA ILE A 33 4.01 3.76 9.17
C ILE A 33 5.50 4.05 9.12
N VAL A 34 6.14 4.00 10.28
CA VAL A 34 7.57 4.25 10.39
C VAL A 34 8.38 3.03 9.96
N TRP A 35 7.88 1.85 10.31
CA TRP A 35 8.57 0.62 9.96
C TRP A 35 8.79 0.52 8.46
N ALA A 36 7.86 1.05 7.69
CA ALA A 36 7.94 1.03 6.23
C ALA A 36 8.83 2.17 5.72
N SER A 37 8.86 3.26 6.46
CA SER A 37 9.66 4.42 6.08
C SER A 37 11.15 4.09 6.16
N ARG A 38 11.55 3.42 7.22
CA ARG A 38 12.94 3.03 7.42
C ARG A 38 13.35 1.95 6.43
N GLU A 39 12.38 1.15 6.00
CA GLU A 39 12.65 0.06 5.07
C GLU A 39 12.63 0.58 3.63
N LEU A 40 11.90 1.66 3.40
CA LEU A 40 11.81 2.26 2.07
C LEU A 40 13.13 2.90 1.66
N GLU A 41 13.69 3.70 2.56
CA GLU A 41 14.96 4.38 2.30
C GLU A 41 16.04 3.38 1.93
N ARG A 42 15.88 2.15 2.41
CA ARG A 42 16.86 1.09 2.13
C ARG A 42 16.76 0.63 0.68
N PHE A 43 15.57 0.78 0.10
CA PHE A 43 15.34 0.38 -1.28
C PHE A 43 15.52 1.56 -2.23
N ALA A 44 16.34 2.52 -1.83
CA ALA A 44 16.59 3.70 -2.65
C ALA A 44 15.32 4.53 -2.82
N VAL A 45 14.37 4.33 -1.91
CA VAL A 45 13.10 5.06 -1.95
C VAL A 45 12.91 5.91 -0.70
N ASN A 46 12.90 7.22 -0.87
CA ASN A 46 12.73 8.14 0.25
C ASN A 46 11.35 7.95 0.90
N PRO A 47 11.31 8.10 2.23
CA PRO A 47 10.08 7.96 3.00
C PRO A 47 9.09 9.08 2.73
N GLY A 48 9.54 10.10 2.01
CA GLY A 48 8.68 11.22 1.69
C GLY A 48 7.55 10.86 0.75
N LEU A 49 7.70 9.71 0.09
CA LEU A 49 6.68 9.25 -0.85
C LEU A 49 5.48 8.65 -0.11
N LEU A 50 5.72 8.19 1.10
CA LEU A 50 4.66 7.60 1.92
C LEU A 50 3.59 8.64 2.26
N GLU A 51 4.00 9.91 2.27
CA GLU A 51 3.08 11.00 2.58
C GLU A 51 2.53 11.63 1.31
N THR A 52 2.54 10.86 0.22
CA THR A 52 2.05 11.35 -1.07
C THR A 52 1.17 10.31 -1.74
N SER A 53 -0.06 10.70 -2.08
CA SER A 53 -1.01 9.80 -2.73
C SER A 53 -0.42 9.24 -4.02
N GLU A 54 0.53 9.97 -4.60
CA GLU A 54 1.17 9.55 -5.84
C GLU A 54 2.30 8.55 -5.56
N GLY A 55 3.20 8.94 -4.65
CA GLY A 55 4.31 8.07 -4.30
C GLY A 55 3.87 6.67 -3.94
N CYS A 56 2.85 6.58 -3.08
CA CYS A 56 2.33 5.29 -2.65
C CYS A 56 2.02 4.40 -3.85
N ARG A 57 1.33 4.95 -4.84
CA ARG A 57 0.96 4.21 -6.03
C ARG A 57 2.20 3.77 -6.79
N GLN A 58 3.25 4.59 -6.75
CA GLN A 58 4.50 4.28 -7.43
C GLN A 58 5.23 3.14 -6.74
N ILE A 59 5.32 3.23 -5.42
CA ILE A 59 6.01 2.21 -4.63
C ILE A 59 5.36 0.84 -4.83
N LEU A 60 4.04 0.82 -4.95
CA LEU A 60 3.31 -0.42 -5.14
C LEU A 60 3.57 -0.99 -6.54
N GLY A 61 3.90 -0.11 -7.48
CA GLY A 61 4.18 -0.55 -8.84
C GLY A 61 5.43 -1.39 -8.94
N GLN A 62 6.29 -1.29 -7.94
CA GLN A 62 7.53 -2.05 -7.92
C GLN A 62 7.38 -3.33 -7.10
N LEU A 63 6.55 -3.26 -6.06
CA LEU A 63 6.32 -4.42 -5.20
C LEU A 63 5.26 -5.35 -5.81
N GLN A 64 4.39 -4.78 -6.63
CA GLN A 64 3.34 -5.55 -7.28
C GLN A 64 3.91 -6.78 -7.98
N PRO A 65 4.79 -6.54 -8.97
CA PRO A 65 5.43 -7.61 -9.74
C PRO A 65 6.44 -8.39 -8.91
N SER A 66 6.85 -7.82 -7.78
CA SER A 66 7.81 -8.46 -6.90
C SER A 66 7.12 -9.05 -5.68
N LEU A 67 5.85 -9.39 -5.84
CA LEU A 67 5.07 -9.96 -4.74
C LEU A 67 5.36 -11.45 -4.58
N GLN A 68 5.61 -12.12 -5.71
CA GLN A 68 5.90 -13.54 -5.69
C GLN A 68 7.35 -13.80 -5.29
N THR A 69 8.27 -13.04 -5.89
CA THR A 69 9.69 -13.19 -5.58
C THR A 69 10.05 -12.48 -4.28
N GLY A 70 9.35 -11.39 -3.99
CA GLY A 70 9.62 -10.63 -2.78
C GLY A 70 9.54 -11.50 -1.54
N SER A 71 10.29 -11.12 -0.51
CA SER A 71 10.31 -11.87 0.74
C SER A 71 9.30 -11.30 1.73
N GLU A 72 9.36 -11.79 2.97
CA GLU A 72 8.45 -11.34 4.01
C GLU A 72 8.48 -9.82 4.14
N GLU A 73 9.66 -9.23 3.89
CA GLU A 73 9.82 -7.79 3.98
C GLU A 73 9.02 -7.08 2.89
N LEU A 74 9.22 -7.51 1.64
CA LEU A 74 8.51 -6.92 0.51
C LEU A 74 7.01 -7.01 0.70
N ARG A 75 6.54 -8.15 1.22
CA ARG A 75 5.13 -8.37 1.46
C ARG A 75 4.58 -7.35 2.44
N SER A 76 5.23 -7.24 3.60
CA SER A 76 4.81 -6.30 4.64
C SER A 76 4.64 -4.91 4.07
N LEU A 77 5.54 -4.52 3.18
CA LEU A 77 5.49 -3.19 2.56
C LEU A 77 4.21 -3.02 1.76
N TYR A 78 3.98 -3.92 0.81
CA TYR A 78 2.80 -3.85 -0.03
C TYR A 78 1.53 -3.77 0.82
N ASN A 79 1.59 -4.35 2.02
CA ASN A 79 0.46 -4.34 2.93
C ASN A 79 0.23 -2.94 3.50
N THR A 80 1.24 -2.42 4.18
CA THR A 80 1.14 -1.10 4.78
C THR A 80 0.90 -0.03 3.72
N ILE A 81 1.70 -0.06 2.65
CA ILE A 81 1.57 0.90 1.57
C ILE A 81 0.14 0.90 1.00
N ALA A 82 -0.54 -0.23 1.16
CA ALA A 82 -1.90 -0.36 0.66
C ALA A 82 -2.89 0.38 1.56
N VAL A 83 -2.97 -0.04 2.82
CA VAL A 83 -3.88 0.59 3.77
C VAL A 83 -3.67 2.11 3.81
N LEU A 84 -2.43 2.53 3.68
CA LEU A 84 -2.09 3.95 3.70
C LEU A 84 -2.53 4.62 2.39
N TYR A 85 -2.15 4.03 1.27
CA TYR A 85 -2.50 4.57 -0.04
C TYR A 85 -3.99 4.82 -0.14
N CYS A 86 -4.79 3.82 0.22
CA CYS A 86 -6.24 3.93 0.17
C CYS A 86 -6.71 5.18 0.91
N VAL A 87 -5.98 5.54 1.97
CA VAL A 87 -6.33 6.71 2.77
C VAL A 87 -6.06 8.00 2.00
N HIS A 88 -4.87 8.09 1.40
CA HIS A 88 -4.49 9.27 0.64
C HIS A 88 -5.41 9.46 -0.56
N GLN A 89 -6.08 8.43 -1.04
CA GLN A 89 -6.97 8.56 -2.19
C GLN A 89 -8.40 8.85 -1.74
N ARG A 90 -9.04 7.85 -1.13
CA ARG A 90 -10.40 8.00 -0.65
C ARG A 90 -10.88 6.71 0.02
N ILE A 91 -10.48 5.58 -0.54
CA ILE A 91 -10.88 4.29 0.01
C ILE A 91 -10.57 4.20 1.50
N ASP A 92 -11.59 3.88 2.29
CA ASP A 92 -11.43 3.77 3.73
C ASP A 92 -11.64 2.34 4.19
N VAL A 93 -10.85 1.42 3.65
CA VAL A 93 -10.96 0.00 4.00
C VAL A 93 -10.92 -0.19 5.51
N LYS A 94 -11.22 -1.39 5.96
CA LYS A 94 -11.22 -1.72 7.38
C LYS A 94 -10.02 -2.58 7.74
N ASP A 95 -9.52 -3.33 6.76
CA ASP A 95 -8.37 -4.20 6.97
C ASP A 95 -7.38 -4.08 5.82
N THR A 96 -6.26 -4.78 5.93
CA THR A 96 -5.23 -4.77 4.89
C THR A 96 -5.66 -5.58 3.68
N LYS A 97 -6.50 -6.58 3.91
CA LYS A 97 -6.99 -7.43 2.84
C LYS A 97 -7.96 -6.67 1.94
N GLU A 98 -8.96 -6.05 2.56
CA GLU A 98 -9.97 -5.29 1.81
C GLU A 98 -9.30 -4.27 0.90
N ALA A 99 -8.22 -3.66 1.38
CA ALA A 99 -7.49 -2.67 0.60
C ALA A 99 -6.65 -3.34 -0.49
N LEU A 100 -6.24 -4.57 -0.24
CA LEU A 100 -5.43 -5.32 -1.19
C LEU A 100 -6.28 -5.78 -2.38
N ASP A 101 -7.58 -5.82 -2.18
CA ASP A 101 -8.51 -6.24 -3.24
C ASP A 101 -8.97 -5.04 -4.07
N LYS A 102 -9.25 -3.93 -3.38
CA LYS A 102 -9.71 -2.72 -4.05
C LYS A 102 -8.57 -2.06 -4.82
N ILE A 103 -7.34 -2.30 -4.36
CA ILE A 103 -6.17 -1.73 -5.01
C ILE A 103 -6.01 -2.26 -6.44
N GLU A 104 -6.52 -3.46 -6.68
CA GLU A 104 -6.44 -4.08 -7.99
C GLU A 104 -7.53 -3.53 -8.91
N GLU A 105 -8.69 -3.21 -8.33
CA GLU A 105 -9.81 -2.68 -9.09
C GLU A 105 -9.60 -1.21 -9.41
N GLU A 106 -8.98 -0.49 -8.49
CA GLU A 106 -8.71 0.94 -8.68
C GLU A 106 -7.65 1.15 -9.75
N GLN A 107 -6.60 0.33 -9.71
CA GLN A 107 -5.51 0.44 -10.68
C GLN A 107 -6.00 0.17 -12.09
N ASN A 108 -6.93 -0.78 -12.21
CA ASN A 108 -7.49 -1.14 -13.51
C ASN A 108 -8.10 0.08 -14.20
N LYS A 109 -8.91 0.83 -13.44
CA LYS A 109 -9.56 2.02 -13.97
C LYS A 109 -8.52 3.04 -14.46
N SER A 110 -7.39 3.10 -13.76
CA SER A 110 -6.33 4.03 -14.11
C SER A 110 -5.73 3.67 -15.47
N LYS A 111 -5.57 2.37 -15.72
CA LYS A 111 -5.00 1.88 -16.97
C LYS A 111 -5.82 2.37 -18.16
N LYS A 112 -7.12 2.12 -18.12
CA LYS A 112 -8.02 2.54 -19.19
C LYS A 112 -7.93 4.05 -19.42
N LYS A 113 -7.77 4.80 -18.33
CA LYS A 113 -7.67 6.25 -18.41
C LYS A 113 -6.21 6.70 -18.34
N ALA A 114 -5.31 5.82 -18.75
CA ALA A 114 -3.87 6.12 -18.73
C ALA A 114 -3.59 7.43 -19.46
N GLN A 115 -4.39 7.72 -20.48
CA GLN A 115 -4.21 8.93 -21.27
C GLN A 115 -5.32 9.93 -20.98
N GLN A 116 -6.52 9.42 -20.69
CA GLN A 116 -7.66 10.26 -20.41
C GLN A 116 -7.43 11.07 -19.13
N ALA A 117 -6.68 10.48 -18.20
CA ALA A 117 -6.38 11.14 -16.93
C ALA A 117 -4.98 11.74 -16.94
N ALA A 118 -4.48 12.04 -18.13
CA ALA A 118 -3.14 12.62 -18.27
C ALA A 118 -3.11 13.63 -19.40
N ALA A 119 -4.21 14.35 -19.59
CA ALA A 119 -4.30 15.36 -20.64
C ALA A 119 -5.16 16.53 -20.20
N ASP A 120 -6.38 16.23 -19.77
CA ASP A 120 -7.31 17.27 -19.32
C ASP A 120 -7.11 17.57 -17.83
N THR A 121 -6.17 18.46 -17.53
CA THR A 121 -5.89 18.82 -16.15
C THR A 121 -6.68 20.06 -15.74
N GLY A 122 -7.51 19.91 -14.70
CA GLY A 122 -8.31 21.02 -14.22
C GLY A 122 -8.42 21.05 -12.71
N ASN A 123 -9.08 20.04 -12.16
CA ASN A 123 -9.27 19.95 -10.71
C ASN A 123 -8.58 18.70 -10.16
N ASN A 124 -7.87 18.87 -9.04
CA ASN A 124 -7.17 17.77 -8.42
C ASN A 124 -7.99 17.19 -7.26
N SER A 125 -7.45 16.15 -6.62
CA SER A 125 -8.13 15.52 -5.49
C SER A 125 -8.22 16.46 -4.30
N GLN A 126 -9.43 16.89 -3.97
CA GLN A 126 -9.65 17.79 -2.85
C GLN A 126 -10.43 17.10 -1.74
N VAL A 127 -9.80 16.96 -0.57
CA VAL A 127 -10.44 16.32 0.57
C VAL A 127 -10.01 16.99 1.87
N SER A 128 -10.96 17.07 2.82
CA SER A 128 -10.68 17.68 4.11
C SER A 128 -10.77 16.65 5.23
N GLN A 129 -10.65 17.13 6.47
CA GLN A 129 -10.71 16.25 7.63
C GLN A 129 -12.13 15.78 7.88
N ASN A 130 -12.30 14.82 8.80
CA ASN A 130 -13.61 14.30 9.13
C ASN A 130 -13.78 14.20 10.65
N TYR A 131 -12.81 13.59 11.31
CA TYR A 131 -12.86 13.43 12.76
C TYR A 131 -11.52 12.91 13.30
C1 PIO B . 3.87 -8.50 12.03
O1 PIO B . 5.20 -8.13 12.70
P1 PIO B . 5.58 -7.09 13.94
C2 PIO B . 2.79 -9.13 12.98
O2 PIO B . 3.26 -10.30 13.66
C3 PIO B . 1.52 -9.49 12.18
O3 PIO B . 0.57 -10.08 13.10
C4 PIO B . 1.84 -10.47 10.99
O4 PIO B . 0.57 -10.76 10.21
P4 PIO B . 0.12 -12.07 9.29
C5 PIO B . 2.92 -9.79 10.06
O5 PIO B . 3.27 -10.71 8.98
P5 PIO B . 3.60 -10.51 7.37
C6 PIO B . 4.21 -9.40 10.83
O6 PIO B . 5.14 -8.68 10.01
O11 PIO B . 4.40 -6.12 13.96
O12 PIO B . 5.75 -7.98 15.14
O13 PIO B . 6.90 -6.44 13.59
C1A PIO B . 5.79 -4.86 9.61
O1A PIO B . 6.25 -5.65 8.82
C1B PIO B . 8.55 -3.94 14.59
O1B PIO B . 7.80 -3.91 15.55
C1C PIO B . 7.10 -6.00 12.26
C2A PIO B . 4.30 -4.46 9.53
C2B PIO B . 10.07 -4.18 14.80
C2C PIO B . 6.35 -4.68 11.97
O2C PIO B . 6.60 -4.30 10.63
C3A PIO B . 3.88 -4.29 8.07
C3B PIO B . 10.39 -5.50 15.52
C3C PIO B . 6.78 -3.54 12.91
O3C PIO B . 8.14 -3.72 13.26
O41 PIO B . -1.14 -12.46 10.05
O42 PIO B . -0.12 -11.53 7.91
O43 PIO B . 1.24 -13.11 9.30
C4A PIO B . 2.34 -4.24 7.97
C4B PIO B . 11.90 -5.80 15.47
O51 PIO B . 2.71 -11.59 6.78
O52 PIO B . 3.21 -9.07 7.11
O53 PIO B . 5.08 -10.80 7.28
C5A PIO B . 1.76 -5.62 8.32
C5B PIO B . 12.24 -6.84 16.56
C6A PIO B . 0.68 -6.00 7.28
C6B PIO B . 13.34 -7.79 16.03
C7A PIO B . -0.37 -6.91 7.94
C7B PIO B . 14.29 -8.15 17.19
C8A PIO B . -0.42 -8.25 7.20
C8B PIO B . 14.82 -9.58 16.98
H1 PIO B . 3.38 -7.58 11.70
H2 PIO B . 2.55 -8.38 13.72
H3 PIO B . 1.07 -8.59 11.75
H4 PIO B . 2.25 -11.42 11.31
H5 PIO B . 2.45 -8.89 9.67
H6 PIO B . 4.69 -10.31 11.16
HO2 PIO B . 3.63 -10.97 13.13
HO3 PIO B . 0.91 -10.91 13.43
HO6 PIO B . 5.63 -9.24 9.44
HC11 PIO B . 8.13 -5.85 12.10
HC12 PIO B . 6.75 -6.74 11.58
HC2 PIO B . 5.31 -4.83 12.14
HC31 PIO B . 6.71 -2.61 12.42
HC32 PIO B . 6.16 -3.50 13.76
H2A1 PIO B . 4.16 -3.56 10.05
H2A2 PIO B . 3.72 -5.22 9.98
H3A1 PIO B . 4.24 -5.10 7.50
H3A2 PIO B . 4.27 -3.39 7.68
H4A1 PIO B . 1.98 -3.53 8.66
H4A2 PIO B . 2.06 -3.97 7.01
H5A1 PIO B . 1.33 -5.60 9.27
H5A2 PIO B . 2.53 -6.34 8.29
H6A1 PIO B . 0.22 -5.12 6.92
H6A2 PIO B . 1.13 -6.51 6.48
H7A1 PIO B . -1.31 -6.44 7.90
H7A2 PIO B . -0.11 -7.06 8.95
H8A1 PIO B . -1.02 -8.16 6.34
H8A2 PIO B . -0.83 -8.99 7.84
H8A3 PIO B . 0.55 -8.53 6.92
H2B1 PIO B . 10.53 -4.19 13.85
H2B2 PIO B . 10.45 -3.39 15.37
H3B1 PIO B . 10.09 -5.42 16.52
H3B2 PIO B . 9.86 -6.28 15.05
H4B1 PIO B . 12.46 -4.94 15.62
H4B2 PIO B . 12.14 -6.20 14.53
H5B1 PIO B . 11.38 -7.40 16.79
H5B2 PIO B . 12.58 -6.35 17.42
H6B1 PIO B . 13.88 -7.31 15.27
H6B2 PIO B . 12.90 -8.66 15.66
H7B1 PIO B . 13.77 -8.10 18.10
H7B2 PIO B . 15.10 -7.48 17.21
H8B1 PIO B . 15.41 -9.86 17.81
H8B2 PIO B . 15.41 -9.62 16.11
H8B3 PIO B . 14.01 -10.25 16.88
N GLY A 1 -3.47 22.68 9.95
CA GLY A 1 -3.85 21.67 10.91
C GLY A 1 -2.66 20.97 11.54
N ALA A 2 -2.92 19.86 12.23
CA ALA A 2 -1.85 19.11 12.88
C ALA A 2 -0.74 18.77 11.89
N ARG A 3 -1.07 17.97 10.88
CA ARG A 3 -0.10 17.58 9.88
C ARG A 3 1.16 17.00 10.53
N ALA A 4 1.12 15.71 10.83
CA ALA A 4 2.25 15.04 11.46
C ALA A 4 3.41 14.89 10.47
N SER A 5 3.17 14.16 9.39
CA SER A 5 4.20 13.93 8.38
C SER A 5 3.65 13.10 7.23
N VAL A 6 2.92 12.03 7.56
CA VAL A 6 2.35 11.15 6.56
C VAL A 6 0.82 11.21 6.59
N LEU A 7 0.25 10.91 7.75
CA LEU A 7 -1.19 10.93 7.91
C LEU A 7 -1.64 12.14 8.74
N SER A 8 -2.65 12.85 8.25
CA SER A 8 -3.16 14.03 8.94
C SER A 8 -4.02 13.63 10.14
N GLY A 9 -4.68 14.60 10.75
CA GLY A 9 -5.52 14.33 11.90
C GLY A 9 -6.61 13.34 11.58
N GLY A 10 -7.35 13.57 10.50
CA GLY A 10 -8.42 12.67 10.12
C GLY A 10 -7.91 11.31 9.70
N GLU A 11 -6.80 11.30 8.96
CA GLU A 11 -6.22 10.05 8.49
C GLU A 11 -5.66 9.24 9.65
N LEU A 12 -5.19 9.94 10.68
CA LEU A 12 -4.63 9.28 11.85
C LEU A 12 -5.69 8.47 12.58
N ASP A 13 -6.78 9.13 12.95
CA ASP A 13 -7.87 8.46 13.65
C ASP A 13 -8.33 7.22 12.90
N LYS A 14 -8.64 7.40 11.62
CA LYS A 14 -9.10 6.29 10.78
C LYS A 14 -8.01 5.23 10.66
N TRP A 15 -6.77 5.66 10.54
CA TRP A 15 -5.64 4.75 10.41
C TRP A 15 -5.61 3.76 11.57
N GLU A 16 -5.92 4.24 12.76
CA GLU A 16 -5.93 3.40 13.96
C GLU A 16 -7.10 2.42 13.93
N LYS A 17 -8.09 2.72 13.08
CA LYS A 17 -9.26 1.87 12.94
C LYS A 17 -9.10 0.89 11.79
N ILE A 18 -7.87 0.47 11.54
CA ILE A 18 -7.57 -0.46 10.46
C ILE A 18 -6.95 -1.74 11.00
N ARG A 19 -7.63 -2.87 10.79
CA ARG A 19 -7.13 -4.16 11.25
C ARG A 19 -6.09 -4.71 10.29
N LEU A 20 -4.95 -5.10 10.84
CA LEU A 20 -3.85 -5.65 10.04
C LEU A 20 -4.32 -6.85 9.23
N ARG A 21 -5.36 -7.52 9.74
CA ARG A 21 -5.90 -8.70 9.06
C ARG A 21 -7.43 -8.64 9.01
N PRO A 22 -8.02 -9.40 8.08
CA PRO A 22 -9.47 -9.45 7.92
C PRO A 22 -10.17 -10.15 9.08
N GLY A 23 -9.50 -11.14 9.65
CA GLY A 23 -10.07 -11.87 10.77
C GLY A 23 -9.32 -11.63 12.07
N GLY A 24 -8.61 -10.50 12.14
CA GLY A 24 -7.87 -10.18 13.34
C GLY A 24 -8.43 -8.98 14.07
N LYS A 25 -7.82 -8.63 15.20
CA LYS A 25 -8.28 -7.50 16.00
C LYS A 25 -7.20 -6.43 16.07
N LYS A 26 -5.94 -6.84 15.91
CA LYS A 26 -4.82 -5.90 15.94
C LYS A 26 -5.05 -4.73 14.98
N GLN A 27 -5.01 -3.51 15.52
CA GLN A 27 -5.21 -2.33 14.72
C GLN A 27 -3.88 -1.76 14.24
N TYR A 28 -3.94 -0.80 13.32
CA TYR A 28 -2.74 -0.18 12.78
C TYR A 28 -2.26 0.96 13.68
N LYS A 29 -0.95 1.15 13.75
CA LYS A 29 -0.38 2.20 14.57
C LYS A 29 0.77 2.90 13.85
N LEU A 30 1.15 4.07 14.33
CA LEU A 30 2.23 4.84 13.72
C LEU A 30 3.48 3.98 13.56
N LYS A 31 3.67 3.04 14.47
CA LYS A 31 4.83 2.15 14.42
C LYS A 31 4.95 1.49 13.05
N HIS A 32 3.81 1.16 12.45
CA HIS A 32 3.80 0.53 11.14
C HIS A 32 4.07 1.56 10.04
N ILE A 33 3.53 2.77 10.13
CA ILE A 33 3.75 3.78 9.10
C ILE A 33 5.23 4.14 9.00
N VAL A 34 5.90 4.18 10.15
CA VAL A 34 7.33 4.50 10.19
C VAL A 34 8.17 3.29 9.82
N TRP A 35 7.74 2.12 10.27
CA TRP A 35 8.46 0.88 9.99
C TRP A 35 8.68 0.70 8.49
N ALA A 36 7.72 1.16 7.69
CA ALA A 36 7.80 1.06 6.25
C ALA A 36 8.76 2.10 5.67
N SER A 37 8.75 3.29 6.27
CA SER A 37 9.61 4.37 5.82
C SER A 37 11.09 4.00 5.96
N ARG A 38 11.43 3.38 7.09
CA ARG A 38 12.79 2.97 7.36
C ARG A 38 13.24 1.91 6.35
N GLU A 39 12.29 1.17 5.81
CA GLU A 39 12.58 0.12 4.84
C GLU A 39 12.64 0.70 3.43
N LEU A 40 11.87 1.75 3.19
CA LEU A 40 11.83 2.38 1.87
C LEU A 40 13.19 3.00 1.53
N GLU A 41 13.76 3.73 2.48
CA GLU A 41 15.06 4.36 2.27
C GLU A 41 16.11 3.33 1.88
N ARG A 42 15.89 2.09 2.27
CA ARG A 42 16.83 1.01 1.95
C ARG A 42 16.71 0.60 0.48
N PHE A 43 15.53 0.82 -0.09
CA PHE A 43 15.28 0.48 -1.48
C PHE A 43 15.48 1.70 -2.38
N ALA A 44 16.31 2.63 -1.94
CA ALA A 44 16.59 3.84 -2.70
C ALA A 44 15.33 4.68 -2.86
N VAL A 45 14.37 4.48 -1.97
CA VAL A 45 13.12 5.23 -2.01
C VAL A 45 12.94 6.06 -0.74
N ASN A 46 12.72 7.36 -0.92
CA ASN A 46 12.52 8.26 0.21
C ASN A 46 11.20 7.99 0.90
N PRO A 47 11.19 8.10 2.24
CA PRO A 47 9.99 7.87 3.05
C PRO A 47 8.94 8.96 2.86
N GLY A 48 9.32 10.02 2.15
CA GLY A 48 8.39 11.11 1.91
C GLY A 48 7.47 10.84 0.73
N LEU A 49 7.46 9.61 0.27
CA LEU A 49 6.62 9.22 -0.86
C LEU A 49 5.31 8.62 -0.37
N LEU A 50 5.33 8.04 0.83
CA LEU A 50 4.14 7.43 1.41
C LEU A 50 3.12 8.49 1.82
N GLU A 51 3.62 9.70 2.10
CA GLU A 51 2.75 10.80 2.50
C GLU A 51 2.00 11.36 1.30
N THR A 52 2.35 10.88 0.11
CA THR A 52 1.70 11.34 -1.12
C THR A 52 1.09 10.17 -1.88
N SER A 53 -0.16 10.32 -2.28
CA SER A 53 -0.87 9.28 -3.02
C SER A 53 -0.09 8.89 -4.28
N GLU A 54 0.69 9.83 -4.79
CA GLU A 54 1.49 9.59 -5.98
C GLU A 54 2.70 8.73 -5.67
N GLY A 55 3.39 9.06 -4.59
CA GLY A 55 4.58 8.30 -4.20
C GLY A 55 4.25 6.85 -3.90
N CYS A 56 3.16 6.63 -3.17
CA CYS A 56 2.76 5.27 -2.81
C CYS A 56 2.60 4.41 -4.05
N ARG A 57 1.88 4.91 -5.03
CA ARG A 57 1.65 4.18 -6.28
C ARG A 57 2.98 3.72 -6.88
N GLN A 58 3.93 4.64 -6.98
CA GLN A 58 5.24 4.33 -7.55
C GLN A 58 5.90 3.20 -6.77
N ILE A 59 5.68 3.16 -5.46
CA ILE A 59 6.27 2.13 -4.62
C ILE A 59 5.54 0.80 -4.80
N LEU A 60 4.22 0.86 -4.94
CA LEU A 60 3.42 -0.34 -5.13
C LEU A 60 3.61 -0.91 -6.53
N GLY A 61 3.98 -0.06 -7.47
CA GLY A 61 4.20 -0.50 -8.83
C GLY A 61 5.41 -1.40 -8.96
N GLN A 62 6.38 -1.21 -8.09
CA GLN A 62 7.60 -2.02 -8.11
C GLN A 62 7.42 -3.29 -7.30
N LEU A 63 6.67 -3.19 -6.21
CA LEU A 63 6.43 -4.35 -5.34
C LEU A 63 5.35 -5.25 -5.95
N GLN A 64 4.48 -4.66 -6.75
CA GLN A 64 3.40 -5.41 -7.39
C GLN A 64 3.95 -6.64 -8.11
N PRO A 65 4.81 -6.41 -9.12
CA PRO A 65 5.42 -7.47 -9.91
C PRO A 65 6.43 -8.28 -9.10
N SER A 66 6.87 -7.72 -7.97
CA SER A 66 7.84 -8.39 -7.11
C SER A 66 7.14 -9.05 -5.93
N LEU A 67 5.87 -9.40 -6.10
CA LEU A 67 5.10 -10.03 -5.05
C LEU A 67 5.38 -11.53 -4.99
N GLN A 68 5.64 -12.13 -6.15
CA GLN A 68 5.93 -13.56 -6.22
C GLN A 68 7.35 -13.85 -5.76
N THR A 69 8.29 -12.99 -6.15
CA THR A 69 9.69 -13.15 -5.80
C THR A 69 10.09 -12.18 -4.69
N GLY A 70 9.10 -11.74 -3.91
CA GLY A 70 9.37 -10.81 -2.83
C GLY A 70 9.33 -11.48 -1.47
N SER A 71 10.45 -11.46 -0.77
CA SER A 71 10.55 -12.07 0.56
C SER A 71 9.52 -11.46 1.51
N GLU A 72 9.48 -11.98 2.74
CA GLU A 72 8.55 -11.48 3.74
C GLU A 72 8.68 -9.96 3.91
N GLU A 73 9.88 -9.46 3.67
CA GLU A 73 10.14 -8.03 3.79
C GLU A 73 9.30 -7.23 2.80
N LEU A 74 9.11 -7.80 1.61
CA LEU A 74 8.33 -7.14 0.58
C LEU A 74 6.84 -7.20 0.89
N ARG A 75 6.37 -8.37 1.30
CA ARG A 75 4.97 -8.57 1.64
C ARG A 75 4.52 -7.55 2.69
N SER A 76 5.35 -7.36 3.71
CA SER A 76 5.04 -6.42 4.78
C SER A 76 4.85 -5.01 4.23
N LEU A 77 5.80 -4.57 3.41
CA LEU A 77 5.75 -3.24 2.82
C LEU A 77 4.47 -3.07 2.00
N TYR A 78 4.27 -3.93 1.01
CA TYR A 78 3.10 -3.87 0.16
C TYR A 78 1.82 -3.83 1.00
N ASN A 79 1.87 -4.45 2.17
CA ASN A 79 0.73 -4.49 3.07
C ASN A 79 0.42 -3.10 3.62
N THR A 80 1.40 -2.51 4.28
CA THR A 80 1.24 -1.18 4.86
C THR A 80 1.02 -0.13 3.79
N ILE A 81 1.88 -0.13 2.77
CA ILE A 81 1.76 0.83 1.67
C ILE A 81 0.39 0.74 1.01
N ALA A 82 -0.25 -0.42 1.13
CA ALA A 82 -1.56 -0.64 0.54
C ALA A 82 -2.65 0.05 1.38
N VAL A 83 -2.58 -0.14 2.69
CA VAL A 83 -3.56 0.45 3.59
C VAL A 83 -3.38 1.98 3.68
N LEU A 84 -2.13 2.42 3.64
CA LEU A 84 -1.83 3.84 3.70
C LEU A 84 -2.29 4.56 2.44
N TYR A 85 -2.00 3.96 1.28
CA TYR A 85 -2.39 4.54 0.01
C TYR A 85 -3.89 4.79 -0.04
N CYS A 86 -4.67 3.78 0.32
CA CYS A 86 -6.12 3.89 0.32
C CYS A 86 -6.58 5.12 1.09
N VAL A 87 -5.92 5.38 2.22
CA VAL A 87 -6.26 6.53 3.05
C VAL A 87 -6.14 7.83 2.26
N HIS A 88 -5.14 7.91 1.39
CA HIS A 88 -4.92 9.09 0.57
C HIS A 88 -5.90 9.13 -0.60
N GLN A 89 -6.48 8.00 -1.01
CA GLN A 89 -7.41 8.00 -2.13
C GLN A 89 -8.86 8.08 -1.64
N ARG A 90 -9.04 8.68 -0.46
CA ARG A 90 -10.36 8.83 0.13
C ARG A 90 -11.05 7.47 0.28
N ILE A 91 -10.25 6.44 0.55
CA ILE A 91 -10.76 5.09 0.72
C ILE A 91 -10.75 4.69 2.19
N ASP A 92 -11.87 4.15 2.67
CA ASP A 92 -11.98 3.71 4.06
C ASP A 92 -12.12 2.19 4.14
N VAL A 93 -11.01 1.49 3.99
CA VAL A 93 -11.00 0.03 4.05
C VAL A 93 -11.31 -0.46 5.46
N LYS A 94 -11.37 -1.78 5.61
CA LYS A 94 -11.67 -2.38 6.91
C LYS A 94 -10.43 -3.09 7.47
N ASP A 95 -9.58 -3.58 6.57
CA ASP A 95 -8.37 -4.29 6.96
C ASP A 95 -7.31 -4.20 5.88
N THR A 96 -6.17 -4.85 6.09
CA THR A 96 -5.08 -4.85 5.13
C THR A 96 -5.49 -5.59 3.85
N LYS A 97 -6.10 -6.75 4.01
CA LYS A 97 -6.53 -7.55 2.87
C LYS A 97 -7.53 -6.78 2.01
N GLU A 98 -8.48 -6.11 2.68
CA GLU A 98 -9.50 -5.34 1.98
C GLU A 98 -8.86 -4.33 1.02
N ALA A 99 -7.86 -3.60 1.52
CA ALA A 99 -7.16 -2.61 0.72
C ALA A 99 -6.35 -3.27 -0.39
N LEU A 100 -5.93 -4.51 -0.15
CA LEU A 100 -5.14 -5.25 -1.13
C LEU A 100 -6.02 -5.71 -2.29
N ASP A 101 -7.32 -5.75 -2.07
CA ASP A 101 -8.27 -6.17 -3.10
C ASP A 101 -8.75 -4.97 -3.90
N LYS A 102 -9.03 -3.87 -3.22
CA LYS A 102 -9.49 -2.65 -3.88
C LYS A 102 -8.37 -1.99 -4.67
N ILE A 103 -7.14 -2.23 -4.24
CA ILE A 103 -5.98 -1.66 -4.91
C ILE A 103 -5.86 -2.17 -6.34
N GLU A 104 -6.37 -3.38 -6.57
CA GLU A 104 -6.32 -3.99 -7.89
C GLU A 104 -7.43 -3.44 -8.78
N GLU A 105 -8.57 -3.12 -8.17
CA GLU A 105 -9.71 -2.58 -8.91
C GLU A 105 -9.43 -1.16 -9.38
N GLU A 106 -8.77 -0.38 -8.55
CA GLU A 106 -8.43 1.00 -8.89
C GLU A 106 -7.49 1.06 -10.08
N GLN A 107 -6.44 0.23 -10.04
CA GLN A 107 -5.46 0.19 -11.12
C GLN A 107 -6.10 -0.29 -12.42
N ASN A 108 -7.13 -1.11 -12.29
CA ASN A 108 -7.83 -1.65 -13.46
C ASN A 108 -8.28 -0.51 -14.38
N LYS A 109 -8.79 0.56 -13.78
CA LYS A 109 -9.26 1.70 -14.55
C LYS A 109 -8.16 2.23 -15.47
N SER A 110 -6.93 2.18 -14.99
CA SER A 110 -5.79 2.65 -15.77
C SER A 110 -5.34 1.60 -16.77
N LYS A 111 -5.55 0.33 -16.44
CA LYS A 111 -5.18 -0.77 -17.31
C LYS A 111 -5.74 -0.57 -18.71
N LYS A 112 -7.01 -0.19 -18.78
CA LYS A 112 -7.68 0.04 -20.06
C LYS A 112 -6.88 1.01 -20.92
N LYS A 113 -6.31 2.03 -20.27
CA LYS A 113 -5.52 3.04 -20.97
C LYS A 113 -4.03 2.82 -20.74
N ALA A 114 -3.65 1.59 -20.45
CA ALA A 114 -2.25 1.25 -20.21
C ALA A 114 -1.91 -0.13 -20.74
N GLN A 115 -2.46 -0.46 -21.92
CA GLN A 115 -2.20 -1.76 -22.54
C GLN A 115 -1.10 -1.66 -23.58
N GLN A 116 -0.19 -0.71 -23.39
CA GLN A 116 0.92 -0.51 -24.31
C GLN A 116 2.24 -0.90 -23.67
N ALA A 117 2.31 -0.80 -22.35
CA ALA A 117 3.52 -1.15 -21.61
C ALA A 117 3.27 -2.32 -20.67
N ALA A 118 2.05 -2.40 -20.14
CA ALA A 118 1.69 -3.48 -19.23
C ALA A 118 0.90 -4.56 -19.94
N ALA A 119 1.16 -4.72 -21.24
CA ALA A 119 0.47 -5.72 -22.04
C ALA A 119 1.33 -6.99 -22.20
N ASP A 120 2.64 -6.81 -22.23
CA ASP A 120 3.56 -7.92 -22.37
C ASP A 120 3.44 -8.88 -21.19
N THR A 121 3.69 -8.38 -19.99
CA THR A 121 3.62 -9.19 -18.78
C THR A 121 4.42 -10.48 -18.93
N GLY A 122 4.27 -11.37 -17.97
CA GLY A 122 4.98 -12.64 -18.01
C GLY A 122 4.07 -13.82 -18.25
N ASN A 123 4.60 -15.02 -18.08
CA ASN A 123 3.82 -16.24 -18.29
C ASN A 123 3.66 -17.01 -16.98
N ASN A 124 3.00 -16.40 -16.01
CA ASN A 124 2.78 -17.02 -14.71
C ASN A 124 1.41 -16.66 -14.16
N SER A 125 0.66 -17.68 -13.73
CA SER A 125 -0.68 -17.46 -13.18
C SER A 125 -0.62 -17.23 -11.67
N GLN A 126 -1.58 -16.48 -11.16
CA GLN A 126 -1.64 -16.20 -9.73
C GLN A 126 -2.81 -16.91 -9.06
N VAL A 127 -2.54 -18.10 -8.53
CA VAL A 127 -3.57 -18.89 -7.88
C VAL A 127 -3.18 -19.22 -6.44
N SER A 128 -4.12 -19.06 -5.52
CA SER A 128 -3.86 -19.34 -4.11
C SER A 128 -5.12 -19.10 -3.27
N GLN A 129 -5.49 -20.09 -2.47
CA GLN A 129 -6.66 -20.00 -1.62
C GLN A 129 -6.36 -19.22 -0.35
N ASN A 130 -6.19 -17.90 -0.49
CA ASN A 130 -5.88 -17.05 0.64
C ASN A 130 -6.93 -15.95 0.81
N TYR A 131 -7.71 -16.02 1.88
CA TYR A 131 -8.75 -15.03 2.13
C TYR A 131 -9.27 -15.16 3.56
C1 PIO B . 3.42 -8.16 13.05
O1 PIO B . 4.78 -7.58 13.50
P1 PIO B . 5.18 -6.42 14.64
C2 PIO B . 2.63 -8.95 14.14
O2 PIO B . 3.38 -10.01 14.72
C3 PIO B . 1.32 -9.51 13.57
O3 PIO B . 0.64 -10.22 14.61
C4 PIO B . 1.59 -10.43 12.31
O4 PIO B . 0.27 -10.91 11.74
P4 PIO B . -0.83 -12.04 12.32
C5 PIO B . 2.38 -9.58 11.24
O5 PIO B . 2.69 -10.45 10.09
P5 PIO B . 3.17 -12.03 9.96
C6 PIO B . 3.71 -9.00 11.79
O6 PIO B . 4.36 -8.14 10.85
O11 PIO B . 4.17 -5.31 14.37
O12 PIO B . 5.08 -7.15 15.95
O13 PIO B . 6.61 -6.02 14.37
C1A PIO B . 6.10 -4.95 10.13
O1A PIO B . 6.49 -5.92 9.51
C1B PIO B . 9.02 -3.03 14.74
O1B PIO B . 8.48 -3.03 15.83
C1C PIO B . 7.02 -5.83 13.03
C2A PIO B . 4.70 -4.37 9.85
C2B PIO B . 10.46 -2.45 14.59
C2C PIO B . 6.50 -4.47 12.47
O2C PIO B . 6.92 -4.36 11.11
C3A PIO B . 4.41 -4.40 8.33
C3B PIO B . 11.55 -3.35 15.19
C3C PIO B . 7.05 -3.27 13.27
O3C PIO B . 8.42 -3.49 13.55
O41 PIO B . -1.32 -12.58 10.98
O42 PIO B . -0.02 -13.00 13.13
O43 PIO B . -1.87 -11.34 13.18
C4A PIO B . 2.89 -4.27 8.10
C4B PIO B . 11.84 -4.55 14.26
O51 PIO B . 3.29 -12.14 8.45
O52 PIO B . 4.44 -12.09 10.78
O53 PIO B . 2.00 -12.79 10.55
C5A PIO B . 2.20 -5.57 8.55
C5B PIO B . 10.88 -5.70 14.60
C6A PIO B . 1.52 -6.24 7.34
C6B PIO B . 11.28 -6.96 13.81
C7A PIO B . 1.21 -7.71 7.68
C7B PIO B . 12.24 -7.82 14.66
C8A PIO B . -0.31 -7.86 7.92
C8B PIO B . 13.61 -7.90 13.97
H1 PIO B . 2.75 -7.34 12.83
H2 PIO B . 2.40 -8.24 14.93
H3 PIO B . 0.68 -8.69 13.22
H4 PIO B . 2.18 -11.30 12.54
H5 PIO B . 1.72 -8.78 10.94
H6 PIO B . 4.37 -9.83 12.02
HO2 PIO B . 3.76 -10.63 14.12
HO3 PIO B . 1.15 -11.01 14.87
HO6 PIO B . 4.83 -8.63 10.19
HC11 PIO B . 8.07 -5.82 12.99
HC12 PIO B . 6.63 -6.59 12.42
HC2 PIO B . 5.46 -4.44 12.56
HC31 PIO B . 6.99 -2.39 12.70
HC32 PIO B . 6.50 -3.12 14.15
H2A1 PIO B . 4.66 -3.38 10.19
H2A2 PIO B . 3.99 -4.96 10.34
H3A1 PIO B . 4.77 -5.29 7.93
H3A2 PIO B . 4.89 -3.59 7.86
H4A1 PIO B . 2.52 -3.46 8.65
H4A2 PIO B . 2.71 -4.12 7.08
H5A1 PIO B . 1.48 -5.35 9.28
H5A2 PIO B . 2.91 -6.22 8.96
H6A1 PIO B . 0.64 -5.73 7.11
H6A2 PIO B . 2.18 -6.20 6.51
H7A1 PIO B . 1.73 -8.00 8.53
H7A2 PIO B . 1.49 -8.33 6.88
H8A1 PIO B . -0.53 -7.57 8.91
H8A2 PIO B . -0.59 -8.87 7.78
H8A3 PIO B . -0.83 -7.25 7.25
H2B1 PIO B . 10.65 -2.32 13.56
H2B2 PIO B . 10.48 -1.52 15.08
H3B1 PIO B . 12.43 -2.80 15.30
H3B2 PIO B . 11.23 -3.71 16.12
H4B1 PIO B . 12.83 -4.88 14.38
H4B2 PIO B . 11.71 -4.25 13.26
H5B1 PIO B . 9.90 -5.43 14.33
H5B2 PIO B . 10.92 -5.91 15.62
H6B1 PIO B . 11.77 -6.67 12.92
H6B2 PIO B . 10.43 -7.52 13.57
H7B1 PIO B . 11.84 -8.78 14.76
H7B2 PIO B . 12.35 -7.38 15.61
H8B1 PIO B . 14.24 -8.55 14.51
H8B2 PIO B . 14.04 -6.95 13.94
H8B3 PIO B . 13.49 -8.27 13.00
N GLY A 1 10.39 23.97 4.58
CA GLY A 1 10.47 22.90 5.56
C GLY A 1 9.76 23.27 6.86
N ALA A 2 8.48 23.58 6.75
CA ALA A 2 7.69 23.94 7.94
C ALA A 2 7.28 22.71 8.72
N ARG A 3 6.73 21.72 8.02
CA ARG A 3 6.29 20.48 8.65
C ARG A 3 6.33 19.31 7.68
N ALA A 4 6.68 18.14 8.18
CA ALA A 4 6.76 16.95 7.34
C ALA A 4 6.07 15.76 8.02
N SER A 5 4.83 15.49 7.59
CA SER A 5 4.05 14.39 8.16
C SER A 5 3.47 13.53 7.04
N VAL A 6 2.91 12.38 7.42
CA VAL A 6 2.31 11.45 6.47
C VAL A 6 0.79 11.53 6.52
N LEU A 7 0.22 11.04 7.62
CA LEU A 7 -1.23 11.05 7.79
C LEU A 7 -1.68 12.25 8.61
N SER A 8 -2.80 12.85 8.22
CA SER A 8 -3.34 14.00 8.92
C SER A 8 -4.18 13.57 10.12
N GLY A 9 -4.82 14.55 10.76
CA GLY A 9 -5.66 14.25 11.91
C GLY A 9 -6.79 13.31 11.58
N GLY A 10 -7.54 13.62 10.52
CA GLY A 10 -8.65 12.78 10.12
C GLY A 10 -8.20 11.41 9.67
N GLU A 11 -7.07 11.35 8.97
CA GLU A 11 -6.53 10.09 8.48
C GLU A 11 -6.00 9.23 9.63
N LEU A 12 -5.41 9.90 10.62
CA LEU A 12 -4.85 9.20 11.77
C LEU A 12 -5.94 8.47 12.55
N ASP A 13 -7.12 9.08 12.62
CA ASP A 13 -8.24 8.48 13.33
C ASP A 13 -8.61 7.14 12.71
N LYS A 14 -8.98 7.15 11.43
CA LYS A 14 -9.35 5.93 10.73
C LYS A 14 -8.17 4.97 10.63
N TRP A 15 -6.99 5.53 10.40
CA TRP A 15 -5.78 4.71 10.28
C TRP A 15 -5.61 3.81 11.50
N GLU A 16 -5.94 4.34 12.68
CA GLU A 16 -5.82 3.58 13.92
C GLU A 16 -6.89 2.50 14.00
N LYS A 17 -7.99 2.73 13.30
CA LYS A 17 -9.11 1.78 13.29
C LYS A 17 -8.82 0.62 12.33
N ILE A 18 -8.27 0.95 11.17
CA ILE A 18 -7.95 -0.07 10.16
C ILE A 18 -7.13 -1.19 10.77
N ARG A 19 -7.57 -2.43 10.56
CA ARG A 19 -6.87 -3.60 11.08
C ARG A 19 -5.81 -4.08 10.10
N LEU A 20 -4.90 -4.91 10.58
CA LEU A 20 -3.83 -5.45 9.75
C LEU A 20 -4.33 -6.62 8.90
N ARG A 21 -5.05 -7.54 9.54
CA ARG A 21 -5.60 -8.69 8.84
C ARG A 21 -7.11 -8.69 8.89
N PRO A 22 -7.73 -9.44 7.96
CA PRO A 22 -9.19 -9.54 7.87
C PRO A 22 -9.79 -10.31 9.03
N GLY A 23 -9.05 -11.30 9.53
CA GLY A 23 -9.53 -12.11 10.64
C GLY A 23 -8.65 -11.96 11.87
N GLY A 24 -8.27 -10.72 12.18
CA GLY A 24 -7.44 -10.48 13.34
C GLY A 24 -7.99 -9.39 14.24
N LYS A 25 -7.26 -9.07 15.30
CA LYS A 25 -7.69 -8.04 16.24
C LYS A 25 -6.71 -6.87 16.24
N LYS A 26 -5.46 -7.13 15.86
CA LYS A 26 -4.44 -6.10 15.81
C LYS A 26 -4.89 -4.94 14.92
N GLN A 27 -4.65 -3.72 15.39
CA GLN A 27 -5.02 -2.53 14.63
C GLN A 27 -3.77 -1.80 14.13
N TYR A 28 -3.98 -0.87 13.19
CA TYR A 28 -2.87 -0.11 12.63
C TYR A 28 -2.44 1.01 13.58
N LYS A 29 -1.16 1.36 13.51
CA LYS A 29 -0.62 2.42 14.36
C LYS A 29 0.51 3.16 13.66
N LEU A 30 1.20 4.02 14.40
CA LEU A 30 2.31 4.80 13.84
C LEU A 30 3.53 3.92 13.60
N LYS A 31 3.69 2.90 14.45
CA LYS A 31 4.82 1.98 14.33
C LYS A 31 4.93 1.43 12.92
N HIS A 32 3.78 1.20 12.28
CA HIS A 32 3.75 0.68 10.92
C HIS A 32 4.10 1.77 9.91
N ILE A 33 3.67 3.01 10.11
CA ILE A 33 3.97 4.09 9.17
C ILE A 33 5.48 4.35 9.12
N VAL A 34 6.14 4.24 10.27
CA VAL A 34 7.58 4.46 10.36
C VAL A 34 8.35 3.21 9.97
N TRP A 35 7.82 2.05 10.36
CA TRP A 35 8.47 0.78 10.05
C TRP A 35 8.67 0.61 8.55
N ALA A 36 7.75 1.18 7.78
CA ALA A 36 7.83 1.11 6.32
C ALA A 36 8.84 2.11 5.76
N SER A 37 8.95 3.25 6.44
CA SER A 37 9.88 4.30 6.01
C SER A 37 11.33 3.83 6.16
N ARG A 38 11.61 3.19 7.27
CA ARG A 38 12.96 2.69 7.53
C ARG A 38 13.33 1.56 6.57
N GLU A 39 12.32 0.83 6.11
CA GLU A 39 12.52 -0.27 5.19
C GLU A 39 12.55 0.22 3.75
N LEU A 40 11.88 1.34 3.50
CA LEU A 40 11.83 1.92 2.16
C LEU A 40 13.18 2.48 1.76
N GLU A 41 13.77 3.29 2.63
CA GLU A 41 15.07 3.90 2.36
C GLU A 41 16.11 2.83 2.05
N ARG A 42 15.89 1.62 2.56
CA ARG A 42 16.80 0.51 2.33
C ARG A 42 16.73 0.03 0.89
N PHE A 43 15.55 0.20 0.28
CA PHE A 43 15.35 -0.21 -1.10
C PHE A 43 15.57 0.95 -2.06
N ALA A 44 16.39 1.91 -1.66
CA ALA A 44 16.69 3.06 -2.48
C ALA A 44 15.44 3.91 -2.71
N VAL A 45 14.44 3.74 -1.84
CA VAL A 45 13.19 4.49 -1.96
C VAL A 45 12.97 5.38 -0.74
N ASN A 46 12.91 6.69 -0.98
CA ASN A 46 12.70 7.65 0.10
C ASN A 46 11.33 7.43 0.76
N PRO A 47 11.28 7.65 2.08
CA PRO A 47 10.04 7.49 2.85
C PRO A 47 9.02 8.57 2.54
N GLY A 48 9.46 9.62 1.84
CA GLY A 48 8.58 10.71 1.49
C GLY A 48 7.53 10.29 0.49
N LEU A 49 7.66 9.09 -0.05
CA LEU A 49 6.72 8.58 -1.04
C LEU A 49 5.46 8.06 -0.36
N LEU A 50 5.57 7.73 0.91
CA LEU A 50 4.43 7.22 1.68
C LEU A 50 3.52 8.36 2.11
N GLU A 51 4.06 9.58 2.11
CA GLU A 51 3.29 10.76 2.50
C GLU A 51 2.71 11.45 1.28
N THR A 52 2.56 10.71 0.20
CA THR A 52 2.02 11.26 -1.05
C THR A 52 1.15 10.24 -1.76
N SER A 53 -0.13 10.57 -1.92
CA SER A 53 -1.07 9.68 -2.58
C SER A 53 -0.63 9.38 -4.01
N GLU A 54 0.20 10.26 -4.55
CA GLU A 54 0.70 10.09 -5.91
C GLU A 54 1.97 9.24 -5.92
N GLY A 55 2.90 9.57 -5.02
CA GLY A 55 4.15 8.84 -4.95
C GLY A 55 3.95 7.41 -4.46
N CYS A 56 2.76 7.12 -3.98
CA CYS A 56 2.45 5.78 -3.46
C CYS A 56 1.91 4.88 -4.58
N ARG A 57 1.16 5.48 -5.50
CA ARG A 57 0.59 4.74 -6.62
C ARG A 57 1.68 4.07 -7.44
N GLN A 58 2.90 4.59 -7.34
CA GLN A 58 4.04 4.04 -8.08
C GLN A 58 4.71 2.92 -7.29
N ILE A 59 4.74 3.08 -5.97
CA ILE A 59 5.35 2.08 -5.10
C ILE A 59 4.65 0.73 -5.23
N LEU A 60 3.32 0.76 -5.18
CA LEU A 60 2.53 -0.46 -5.29
C LEU A 60 2.74 -1.13 -6.64
N GLY A 61 3.11 -0.33 -7.64
CA GLY A 61 3.34 -0.87 -8.97
C GLY A 61 4.63 -1.66 -9.06
N GLN A 62 5.70 -1.11 -8.49
CA GLN A 62 7.00 -1.77 -8.50
C GLN A 62 7.04 -2.92 -7.51
N LEU A 63 6.22 -2.83 -6.47
CA LEU A 63 6.16 -3.87 -5.44
C LEU A 63 5.29 -5.03 -5.89
N GLN A 64 4.37 -4.76 -6.80
CA GLN A 64 3.46 -5.78 -7.31
C GLN A 64 4.26 -6.98 -7.82
N PRO A 65 5.10 -6.76 -8.84
CA PRO A 65 5.92 -7.81 -9.43
C PRO A 65 7.03 -8.28 -8.49
N SER A 66 7.30 -7.48 -7.47
CA SER A 66 8.34 -7.81 -6.50
C SER A 66 7.81 -8.78 -5.44
N LEU A 67 6.50 -8.76 -5.23
CA LEU A 67 5.87 -9.63 -4.25
C LEU A 67 6.27 -11.08 -4.48
N GLN A 68 6.54 -11.43 -5.73
CA GLN A 68 6.93 -12.79 -6.08
C GLN A 68 8.44 -12.97 -5.94
N THR A 69 9.20 -11.93 -6.28
CA THR A 69 10.65 -11.98 -6.19
C THR A 69 11.10 -12.19 -4.75
N GLY A 70 10.76 -11.24 -3.89
CA GLY A 70 11.13 -11.33 -2.49
C GLY A 70 10.00 -11.83 -1.61
N SER A 71 10.28 -12.00 -0.32
CA SER A 71 9.28 -12.48 0.63
C SER A 71 9.75 -12.29 2.06
N GLU A 72 8.79 -12.23 2.98
CA GLU A 72 9.11 -12.05 4.40
C GLU A 72 9.95 -10.79 4.61
N GLU A 73 9.81 -9.84 3.70
CA GLU A 73 10.55 -8.58 3.79
C GLU A 73 9.79 -7.45 3.11
N LEU A 74 9.21 -7.74 1.95
CA LEU A 74 8.44 -6.75 1.20
C LEU A 74 6.95 -6.97 1.37
N ARG A 75 6.57 -8.16 1.81
CA ARG A 75 5.17 -8.50 2.01
C ARG A 75 4.49 -7.45 2.89
N SER A 76 5.12 -7.12 4.01
CA SER A 76 4.58 -6.14 4.94
C SER A 76 4.48 -4.77 4.28
N LEU A 77 5.42 -4.48 3.39
CA LEU A 77 5.45 -3.19 2.69
C LEU A 77 4.21 -3.04 1.81
N TYR A 78 4.01 -3.99 0.90
CA TYR A 78 2.87 -3.96 0.00
C TYR A 78 1.57 -3.81 0.77
N ASN A 79 1.56 -4.31 2.00
CA ASN A 79 0.37 -4.24 2.85
C ASN A 79 0.19 -2.83 3.41
N THR A 80 1.21 -2.35 4.14
CA THR A 80 1.16 -1.02 4.74
C THR A 80 0.97 0.05 3.67
N ILE A 81 1.80 0.01 2.63
CA ILE A 81 1.72 0.97 1.55
C ILE A 81 0.33 0.99 0.93
N ALA A 82 -0.38 -0.13 1.06
CA ALA A 82 -1.73 -0.24 0.51
C ALA A 82 -2.73 0.51 1.37
N VAL A 83 -2.80 0.14 2.65
CA VAL A 83 -3.73 0.77 3.58
C VAL A 83 -3.53 2.29 3.61
N LEU A 84 -2.27 2.71 3.50
CA LEU A 84 -1.94 4.13 3.51
C LEU A 84 -2.48 4.83 2.27
N TYR A 85 -2.13 4.31 1.10
CA TYR A 85 -2.58 4.88 -0.16
C TYR A 85 -4.10 5.04 -0.18
N CYS A 86 -4.81 3.97 0.17
CA CYS A 86 -6.26 3.98 0.20
C CYS A 86 -6.77 5.16 1.03
N VAL A 87 -6.09 5.44 2.13
CA VAL A 87 -6.47 6.54 3.01
C VAL A 87 -6.19 7.89 2.36
N HIS A 88 -4.96 8.08 1.89
CA HIS A 88 -4.57 9.31 1.24
C HIS A 88 -5.54 9.69 0.13
N GLN A 89 -6.15 8.73 -0.55
CA GLN A 89 -7.10 9.04 -1.62
C GLN A 89 -8.49 9.30 -1.06
N ARG A 90 -9.11 8.27 -0.51
CA ARG A 90 -10.44 8.39 0.06
C ARG A 90 -10.92 7.05 0.64
N ILE A 91 -10.53 5.96 -0.01
CA ILE A 91 -10.90 4.63 0.44
C ILE A 91 -10.56 4.43 1.91
N ASP A 92 -11.53 3.92 2.67
CA ASP A 92 -11.33 3.67 4.09
C ASP A 92 -11.65 2.22 4.44
N VAL A 93 -10.95 1.30 3.80
CA VAL A 93 -11.15 -0.13 4.04
C VAL A 93 -11.08 -0.45 5.53
N LYS A 94 -11.53 -1.64 5.90
CA LYS A 94 -11.52 -2.07 7.29
C LYS A 94 -10.17 -2.68 7.66
N ASP A 95 -9.68 -3.56 6.78
CA ASP A 95 -8.40 -4.22 7.02
C ASP A 95 -7.43 -3.95 5.86
N THR A 96 -6.29 -4.62 5.89
CA THR A 96 -5.28 -4.46 4.85
C THR A 96 -5.70 -5.17 3.56
N LYS A 97 -6.20 -6.39 3.69
CA LYS A 97 -6.63 -7.17 2.55
C LYS A 97 -7.71 -6.43 1.77
N GLU A 98 -8.69 -5.88 2.48
CA GLU A 98 -9.78 -5.14 1.84
C GLU A 98 -9.23 -4.06 0.91
N ALA A 99 -8.15 -3.42 1.34
CA ALA A 99 -7.52 -2.37 0.54
C ALA A 99 -6.87 -2.94 -0.71
N LEU A 100 -6.39 -4.16 -0.62
CA LEU A 100 -5.74 -4.83 -1.75
C LEU A 100 -6.76 -5.15 -2.84
N ASP A 101 -7.89 -5.72 -2.43
CA ASP A 101 -8.94 -6.08 -3.37
C ASP A 101 -9.43 -4.85 -4.14
N LYS A 102 -9.33 -3.69 -3.50
CA LYS A 102 -9.76 -2.44 -4.11
C LYS A 102 -8.74 -1.96 -5.15
N ILE A 103 -7.52 -1.73 -4.69
CA ILE A 103 -6.45 -1.27 -5.58
C ILE A 103 -6.23 -2.24 -6.73
N GLU A 104 -6.25 -3.54 -6.41
CA GLU A 104 -6.06 -4.57 -7.43
C GLU A 104 -7.12 -4.48 -8.51
N GLU A 105 -8.32 -4.04 -8.13
CA GLU A 105 -9.42 -3.91 -9.08
C GLU A 105 -9.21 -2.69 -9.98
N GLU A 106 -8.68 -1.62 -9.40
CA GLU A 106 -8.44 -0.40 -10.16
C GLU A 106 -7.29 -0.58 -11.15
N GLN A 107 -6.39 -1.50 -10.84
CA GLN A 107 -5.25 -1.78 -11.70
C GLN A 107 -5.66 -2.65 -12.89
N ASN A 108 -6.71 -3.44 -12.70
CA ASN A 108 -7.20 -4.32 -13.76
C ASN A 108 -7.45 -3.53 -15.04
N LYS A 109 -8.17 -2.41 -14.91
CA LYS A 109 -8.48 -1.57 -16.06
C LYS A 109 -7.21 -1.11 -16.76
N SER A 110 -6.12 -1.00 -15.99
CA SER A 110 -4.85 -0.56 -16.54
C SER A 110 -4.19 -1.69 -17.32
N LYS A 111 -4.21 -2.89 -16.75
CA LYS A 111 -3.61 -4.06 -17.40
C LYS A 111 -4.21 -4.29 -18.79
N LYS A 112 -5.47 -3.89 -18.95
CA LYS A 112 -6.16 -4.05 -20.23
C LYS A 112 -5.45 -3.26 -21.33
N LYS A 113 -4.87 -2.13 -20.95
CA LYS A 113 -4.16 -1.29 -21.91
C LYS A 113 -2.70 -1.72 -22.04
N ALA A 114 -1.96 -1.65 -20.94
CA ALA A 114 -0.56 -2.05 -20.94
C ALA A 114 0.23 -1.29 -22.00
N GLN A 115 -0.15 -0.04 -22.23
CA GLN A 115 0.52 0.80 -23.21
C GLN A 115 1.97 1.06 -22.82
N GLN A 116 2.18 1.34 -21.54
CA GLN A 116 3.53 1.60 -21.03
C GLN A 116 4.20 0.32 -20.56
N ALA A 117 3.39 -0.63 -20.10
CA ALA A 117 3.91 -1.91 -19.62
C ALA A 117 4.57 -2.69 -20.75
N ALA A 118 4.14 -2.42 -21.98
CA ALA A 118 4.69 -3.11 -23.14
C ALA A 118 6.17 -2.81 -23.31
N ALA A 119 6.58 -1.61 -22.90
CA ALA A 119 7.97 -1.20 -23.00
C ALA A 119 8.88 -2.16 -22.23
N ASP A 120 8.32 -2.81 -21.23
CA ASP A 120 9.07 -3.75 -20.41
C ASP A 120 9.00 -5.17 -21.00
N THR A 121 7.83 -5.52 -21.52
CA THR A 121 7.63 -6.84 -22.11
C THR A 121 7.83 -7.94 -21.08
N GLY A 122 6.80 -8.19 -20.28
CA GLY A 122 6.87 -9.22 -19.26
C GLY A 122 5.51 -9.64 -18.74
N ASN A 123 4.85 -10.52 -19.47
CA ASN A 123 3.52 -10.99 -19.08
C ASN A 123 3.57 -11.66 -17.71
N ASN A 124 2.41 -12.06 -17.21
CA ASN A 124 2.31 -12.72 -15.91
C ASN A 124 1.15 -13.71 -15.88
N SER A 125 1.43 -14.96 -16.22
CA SER A 125 0.42 -16.00 -16.23
C SER A 125 0.73 -17.08 -15.20
N GLN A 126 -0.18 -18.05 -15.07
CA GLN A 126 -0.01 -19.15 -14.13
C GLN A 126 0.13 -18.62 -12.71
N VAL A 127 -0.77 -17.72 -12.32
CA VAL A 127 -0.75 -17.14 -10.98
C VAL A 127 -0.95 -18.21 -9.91
N SER A 128 -0.86 -17.80 -8.66
CA SER A 128 -1.02 -18.72 -7.54
C SER A 128 -1.91 -18.12 -6.46
N GLN A 129 -2.61 -18.98 -5.72
CA GLN A 129 -3.50 -18.53 -4.66
C GLN A 129 -2.69 -17.90 -3.51
N ASN A 130 -1.86 -18.70 -2.87
CA ASN A 130 -1.05 -18.24 -1.75
C ASN A 130 0.07 -19.24 -1.44
N TYR A 131 1.31 -18.78 -1.52
CA TYR A 131 2.46 -19.63 -1.24
C TYR A 131 2.89 -19.51 0.21
C1 PIO B . 3.65 -8.28 11.90
O1 PIO B . 4.95 -7.82 12.57
P1 PIO B . 5.25 -6.89 13.92
C2 PIO B . 2.58 -8.91 12.86
O2 PIO B . 3.10 -10.00 13.62
C3 PIO B . 1.34 -9.37 12.07
O3 PIO B . 0.41 -9.94 13.01
C4 PIO B . 1.74 -10.40 10.94
O4 PIO B . 0.49 -10.79 10.15
P4 PIO B . -0.30 -12.25 10.00
C5 PIO B . 2.80 -9.71 9.99
O5 PIO B . 3.21 -10.69 8.97
P5 PIO B . 4.11 -12.07 9.02
C6 PIO B . 4.05 -9.23 10.76
O6 PIO B . 4.97 -8.51 9.91
O11 PIO B . 4.05 -5.94 13.97
O12 PIO B . 5.37 -7.90 15.04
O13 PIO B . 6.56 -6.21 13.71
C1A PIO B . 5.20 -3.28 10.22
O1A PIO B . 5.23 -2.10 9.92
C1B PIO B . 8.35 -3.44 14.87
O1B PIO B . 8.06 -2.62 15.72
C1C PIO B . 6.84 -5.63 12.45
C2A PIO B . 3.98 -4.13 9.85
C2B PIO B . 9.34 -4.59 15.20
C2C PIO B . 6.07 -4.32 12.24
O2C PIO B . 6.30 -3.87 10.91
C3A PIO B . 3.53 -3.81 8.42
C3B PIO B . 9.93 -4.49 16.63
C3C PIO B . 6.52 -3.21 13.22
O3C PIO B . 7.89 -3.41 13.54
O41 PIO B . -1.67 -11.82 10.51
O42 PIO B . -0.24 -12.58 8.54
O43 PIO B . 0.41 -13.30 10.85
C4A PIO B . 1.99 -3.85 8.34
C4B PIO B . 11.26 -3.70 16.61
O51 PIO B . 3.33 -12.93 8.03
O52 PIO B . 5.49 -11.61 8.61
O53 PIO B . 3.97 -12.51 10.46
C5A PIO B . 1.55 -4.85 7.25
C5B PIO B . 12.12 -4.13 17.82
C6A PIO B . 1.13 -6.18 7.92
C6B PIO B . 13.06 -5.27 17.40
C7A PIO B . 0.22 -6.97 6.96
C7B PIO B . 13.14 -6.31 18.53
C8A PIO B . -1.19 -6.35 6.96
C8B PIO B . 14.08 -5.79 19.63
H1 PIO B . 3.12 -7.41 11.51
H2 PIO B . 2.29 -8.12 13.55
H3 PIO B . 0.87 -8.52 11.58
H4 PIO B . 2.17 -11.30 11.32
H5 PIO B . 2.30 -8.87 9.54
H6 PIO B . 4.57 -10.10 11.15
HO2 PIO B . 3.50 -10.69 13.13
HO3 PIO B . 0.77 -10.75 13.39
HO6 PIO B . 5.49 -9.09 9.38
HC11 PIO B . 7.88 -5.43 12.37
HC12 PIO B . 6.55 -6.30 11.68
HC2 PIO B . 5.04 -4.47 12.42
HC31 PIO B . 6.45 -2.26 12.76
HC32 PIO B . 5.92 -3.20 14.07
H2A1 PIO B . 3.19 -3.92 10.51
H2A2 PIO B . 4.24 -5.14 9.92
H3A1 PIO B . 3.92 -4.53 7.75
H3A2 PIO B . 3.85 -2.86 8.14
H4A1 PIO B . 1.60 -4.15 9.27
H4A2 PIO B . 1.63 -2.90 8.10
H5A1 PIO B . 2.35 -5.03 6.60
H5A2 PIO B . 0.74 -4.45 6.71
H6A1 PIO B . 1.98 -6.74 8.14
H6A2 PIO B . 0.60 -5.97 8.81
H7A1 PIO B . 0.16 -7.97 7.28
H7A2 PIO B . 0.62 -6.93 5.99
H8A1 PIO B . -1.73 -6.71 7.79
H8A2 PIO B . -1.69 -6.61 6.08
H8A3 PIO B . -1.11 -5.30 7.02
H2B1 PIO B . 8.82 -5.51 15.13
H2B2 PIO B . 10.12 -4.55 14.51
H3B1 PIO B . 9.25 -3.98 17.25
H3B2 PIO B . 10.11 -5.45 17.00
H4B1 PIO B . 11.08 -2.67 16.65
H4B2 PIO B . 11.78 -3.92 15.72
H5B1 PIO B . 11.48 -4.46 18.60
H5B2 PIO B . 12.69 -3.31 18.15
H6B1 PIO B . 14.01 -4.89 17.21
H6B2 PIO B . 12.69 -5.73 16.53
H7B1 PIO B . 13.50 -7.21 18.16
H7B2 PIO B . 12.18 -6.46 18.94
H8B1 PIO B . 14.21 -6.53 20.37
H8B2 PIO B . 13.67 -4.93 20.07
H8B3 PIO B . 15.02 -5.56 19.21
N GLY A 1 2.78 26.28 4.03
CA GLY A 1 2.52 24.87 3.80
C GLY A 1 1.22 24.40 4.44
N ALA A 2 0.22 24.17 3.60
CA ALA A 2 -1.08 23.72 4.10
C ALA A 2 -1.02 22.26 4.54
N ARG A 3 -0.52 21.39 3.66
CA ARG A 3 -0.42 19.98 3.96
C ARG A 3 0.84 19.69 4.77
N ALA A 4 0.68 18.92 5.86
CA ALA A 4 1.80 18.58 6.72
C ALA A 4 1.63 17.18 7.31
N SER A 5 2.71 16.63 7.85
CA SER A 5 2.67 15.31 8.44
C SER A 5 2.31 14.25 7.39
N VAL A 6 2.39 12.98 7.79
CA VAL A 6 2.06 11.88 6.89
C VAL A 6 0.55 11.69 6.76
N LEU A 7 -0.11 11.51 7.90
CA LEU A 7 -1.55 11.32 7.92
C LEU A 7 -2.24 12.44 8.69
N SER A 8 -3.23 13.07 8.06
CA SER A 8 -3.96 14.16 8.68
C SER A 8 -4.91 13.64 9.76
N GLY A 9 -5.62 14.55 10.41
CA GLY A 9 -6.55 14.16 11.46
C GLY A 9 -7.50 13.07 11.01
N GLY A 10 -8.09 13.24 9.83
CA GLY A 10 -9.03 12.27 9.31
C GLY A 10 -8.36 10.94 9.01
N GLU A 11 -7.24 11.00 8.29
CA GLU A 11 -6.51 9.79 7.93
C GLU A 11 -6.01 9.06 9.17
N LEU A 12 -5.69 9.82 10.21
CA LEU A 12 -5.20 9.24 11.46
C LEU A 12 -6.31 8.47 12.17
N ASP A 13 -7.51 9.04 12.18
CA ASP A 13 -8.65 8.39 12.82
C ASP A 13 -8.93 7.03 12.20
N LYS A 14 -8.97 6.99 10.87
CA LYS A 14 -9.22 5.75 10.15
C LYS A 14 -8.01 4.82 10.22
N TRP A 15 -6.82 5.40 10.14
CA TRP A 15 -5.59 4.63 10.19
C TRP A 15 -5.51 3.81 11.47
N GLU A 16 -5.99 4.39 12.57
CA GLU A 16 -5.97 3.70 13.86
C GLU A 16 -7.12 2.69 13.95
N LYS A 17 -8.00 2.71 12.96
CA LYS A 17 -9.14 1.80 12.92
C LYS A 17 -8.83 0.58 12.06
N ILE A 18 -8.07 0.79 10.99
CA ILE A 18 -7.71 -0.30 10.09
C ILE A 18 -6.91 -1.38 10.82
N ARG A 19 -7.40 -2.61 10.77
CA ARG A 19 -6.73 -3.73 11.42
C ARG A 19 -5.73 -4.38 10.50
N LEU A 20 -4.60 -4.81 11.06
CA LEU A 20 -3.55 -5.45 10.28
C LEU A 20 -4.09 -6.67 9.54
N ARG A 21 -5.13 -7.28 10.10
CA ARG A 21 -5.74 -8.46 9.49
C ARG A 21 -7.27 -8.35 9.51
N PRO A 22 -7.92 -9.13 8.64
CA PRO A 22 -9.39 -9.13 8.54
C PRO A 22 -10.04 -9.77 9.76
N GLY A 23 -9.38 -10.77 10.33
CA GLY A 23 -9.91 -11.44 11.50
C GLY A 23 -9.13 -11.14 12.76
N GLY A 24 -8.39 -10.04 12.74
CA GLY A 24 -7.59 -9.66 13.90
C GLY A 24 -8.11 -8.40 14.57
N LYS A 25 -7.44 -7.98 15.63
CA LYS A 25 -7.83 -6.78 16.37
C LYS A 25 -6.76 -5.71 16.28
N LYS A 26 -5.51 -6.15 16.09
CA LYS A 26 -4.38 -5.23 15.99
C LYS A 26 -4.67 -4.13 14.96
N GLN A 27 -4.72 -2.89 15.43
CA GLN A 27 -4.98 -1.76 14.56
C GLN A 27 -3.68 -1.20 13.99
N TYR A 28 -3.80 -0.27 13.04
CA TYR A 28 -2.64 0.34 12.42
C TYR A 28 -2.22 1.61 13.15
N LYS A 29 -1.04 1.58 13.75
CA LYS A 29 -0.53 2.73 14.49
C LYS A 29 0.67 3.34 13.78
N LEU A 30 1.26 4.37 14.40
CA LEU A 30 2.42 5.04 13.82
C LEU A 30 3.59 4.06 13.66
N LYS A 31 3.69 3.11 14.58
CA LYS A 31 4.75 2.11 14.54
C LYS A 31 4.82 1.45 13.17
N HIS A 32 3.65 1.17 12.59
CA HIS A 32 3.58 0.53 11.28
C HIS A 32 3.99 1.50 10.18
N ILE A 33 3.70 2.80 10.31
CA ILE A 33 4.07 3.77 9.29
C ILE A 33 5.59 3.91 9.19
N VAL A 34 6.26 3.88 10.34
CA VAL A 34 7.70 4.01 10.39
C VAL A 34 8.38 2.72 9.94
N TRP A 35 7.79 1.59 10.32
CA TRP A 35 8.35 0.29 9.96
C TRP A 35 8.54 0.17 8.46
N ALA A 36 7.62 0.77 7.69
CA ALA A 36 7.70 0.73 6.24
C ALA A 36 8.70 1.77 5.72
N SER A 37 8.63 2.98 6.27
CA SER A 37 9.52 4.06 5.86
C SER A 37 10.98 3.60 5.91
N ARG A 38 11.34 2.92 6.98
CA ARG A 38 12.71 2.42 7.15
C ARG A 38 13.10 1.50 6.00
N GLU A 39 12.20 0.58 5.66
CA GLU A 39 12.45 -0.37 4.58
C GLU A 39 12.52 0.35 3.23
N LEU A 40 11.70 1.38 3.07
CA LEU A 40 11.66 2.15 1.83
C LEU A 40 13.04 2.72 1.50
N GLU A 41 13.63 3.40 2.48
CA GLU A 41 14.95 3.98 2.30
C GLU A 41 15.97 2.94 1.87
N ARG A 42 15.71 1.69 2.23
CA ARG A 42 16.59 0.59 1.88
C ARG A 42 16.51 0.25 0.40
N PHE A 43 15.35 0.55 -0.19
CA PHE A 43 15.13 0.28 -1.62
C PHE A 43 15.40 1.53 -2.45
N ALA A 44 16.28 2.39 -1.94
CA ALA A 44 16.63 3.62 -2.65
C ALA A 44 15.42 4.54 -2.76
N VAL A 45 14.43 4.33 -1.90
CA VAL A 45 13.22 5.15 -1.91
C VAL A 45 13.06 5.91 -0.60
N ASN A 46 13.09 7.23 -0.68
CA ASN A 46 12.95 8.08 0.49
C ASN A 46 11.61 7.82 1.19
N PRO A 47 11.62 7.88 2.53
CA PRO A 47 10.41 7.66 3.33
C PRO A 47 9.41 8.80 3.19
N GLY A 48 9.82 9.87 2.53
CA GLY A 48 8.95 11.01 2.33
C GLY A 48 7.95 10.80 1.21
N LEU A 49 7.90 9.57 0.71
CA LEU A 49 6.98 9.23 -0.39
C LEU A 49 5.71 8.59 0.16
N LEU A 50 5.40 8.86 1.41
CA LEU A 50 4.21 8.30 2.05
C LEU A 50 3.33 9.41 2.61
N GLU A 51 3.43 10.60 2.03
CA GLU A 51 2.63 11.74 2.46
C GLU A 51 1.65 12.17 1.37
N THR A 52 1.78 11.56 0.20
CA THR A 52 0.90 11.88 -0.93
C THR A 52 0.36 10.61 -1.58
N SER A 53 -0.82 10.72 -2.17
CA SER A 53 -1.46 9.58 -2.83
C SER A 53 -0.65 9.15 -4.05
N GLU A 54 0.08 10.09 -4.64
CA GLU A 54 0.89 9.81 -5.81
C GLU A 54 2.15 9.05 -5.43
N GLY A 55 2.83 9.51 -4.38
CA GLY A 55 4.04 8.85 -3.92
C GLY A 55 3.85 7.36 -3.71
N CYS A 56 2.74 6.99 -3.10
CA CYS A 56 2.44 5.59 -2.84
C CYS A 56 2.24 4.82 -4.13
N ARG A 57 1.58 5.45 -5.09
CA ARG A 57 1.32 4.82 -6.38
C ARG A 57 2.60 4.29 -7.00
N GLN A 58 3.72 4.96 -6.71
CA GLN A 58 5.01 4.55 -7.24
C GLN A 58 5.63 3.46 -6.37
N ILE A 59 5.40 3.55 -5.06
CA ILE A 59 5.94 2.57 -4.12
C ILE A 59 5.30 1.19 -4.35
N LEU A 60 4.02 1.18 -4.67
CA LEU A 60 3.30 -0.06 -4.91
C LEU A 60 3.59 -0.60 -6.31
N GLY A 61 3.94 0.31 -7.22
CA GLY A 61 4.24 -0.09 -8.58
C GLY A 61 5.53 -0.87 -8.69
N GLN A 62 6.38 -0.73 -7.68
CA GLN A 62 7.67 -1.43 -7.67
C GLN A 62 7.55 -2.78 -6.95
N LEU A 63 6.58 -2.88 -6.04
CA LEU A 63 6.37 -4.10 -5.28
C LEU A 63 5.35 -4.99 -5.98
N GLN A 64 4.46 -4.37 -6.75
CA GLN A 64 3.42 -5.11 -7.47
C GLN A 64 4.03 -6.24 -8.29
N PRO A 65 4.90 -5.88 -9.25
CA PRO A 65 5.57 -6.86 -10.12
C PRO A 65 6.60 -7.69 -9.36
N SER A 66 6.99 -7.22 -8.19
CA SER A 66 7.97 -7.92 -7.37
C SER A 66 7.30 -8.67 -6.23
N LEU A 67 6.04 -9.03 -6.43
CA LEU A 67 5.28 -9.76 -5.42
C LEU A 67 5.60 -11.25 -5.45
N GLN A 68 5.72 -11.80 -6.66
CA GLN A 68 6.03 -13.21 -6.82
C GLN A 68 7.41 -13.54 -6.26
N THR A 69 8.38 -12.68 -6.57
CA THR A 69 9.75 -12.87 -6.09
C THR A 69 10.04 -12.00 -4.88
N GLY A 70 9.02 -11.77 -4.06
CA GLY A 70 9.19 -10.94 -2.88
C GLY A 70 9.09 -11.75 -1.59
N SER A 71 10.16 -11.74 -0.81
CA SER A 71 10.19 -12.48 0.45
C SER A 71 9.21 -11.88 1.45
N GLU A 72 9.15 -12.48 2.64
CA GLU A 72 8.25 -12.01 3.69
C GLU A 72 8.45 -10.50 3.95
N GLU A 73 9.67 -10.04 3.71
CA GLU A 73 9.99 -8.63 3.92
C GLU A 73 9.23 -7.74 2.93
N LEU A 74 9.17 -8.19 1.69
CA LEU A 74 8.47 -7.44 0.64
C LEU A 74 6.96 -7.51 0.84
N ARG A 75 6.48 -8.66 1.31
CA ARG A 75 5.06 -8.85 1.53
C ARG A 75 4.52 -7.82 2.51
N SER A 76 5.14 -7.74 3.68
CA SER A 76 4.72 -6.79 4.71
C SER A 76 4.63 -5.38 4.14
N LEU A 77 5.61 -5.02 3.31
CA LEU A 77 5.63 -3.70 2.70
C LEU A 77 4.37 -3.45 1.87
N TYR A 78 4.13 -4.30 0.88
CA TYR A 78 2.97 -4.18 0.01
C TYR A 78 1.69 -4.09 0.85
N ASN A 79 1.71 -4.71 2.02
CA ASN A 79 0.54 -4.70 2.90
C ASN A 79 0.35 -3.31 3.52
N THR A 80 1.35 -2.85 4.25
CA THR A 80 1.29 -1.54 4.89
C THR A 80 1.10 -0.43 3.86
N ILE A 81 1.96 -0.44 2.84
CA ILE A 81 1.88 0.56 1.79
C ILE A 81 0.49 0.61 1.15
N ALA A 82 -0.22 -0.52 1.23
CA ALA A 82 -1.56 -0.61 0.67
C ALA A 82 -2.58 0.12 1.54
N VAL A 83 -2.53 -0.16 2.84
CA VAL A 83 -3.45 0.47 3.79
C VAL A 83 -3.31 1.99 3.76
N LEU A 84 -2.08 2.46 3.59
CA LEU A 84 -1.81 3.89 3.53
C LEU A 84 -2.32 4.50 2.24
N TYR A 85 -1.91 3.92 1.11
CA TYR A 85 -2.32 4.40 -0.20
C TYR A 85 -3.84 4.52 -0.28
N CYS A 86 -4.53 3.46 0.13
CA CYS A 86 -5.99 3.46 0.11
C CYS A 86 -6.56 4.67 0.84
N VAL A 87 -5.89 5.06 1.92
CA VAL A 87 -6.33 6.21 2.72
C VAL A 87 -6.08 7.52 1.97
N HIS A 88 -4.86 7.68 1.48
CA HIS A 88 -4.49 8.89 0.75
C HIS A 88 -5.43 9.13 -0.42
N GLN A 89 -6.01 8.09 -1.03
CA GLN A 89 -6.92 8.28 -2.15
C GLN A 89 -8.34 8.51 -1.66
N ARG A 90 -8.95 7.47 -1.07
CA ARG A 90 -10.30 7.58 -0.56
C ARG A 90 -10.74 6.26 0.08
N ILE A 91 -10.30 5.15 -0.50
CA ILE A 91 -10.65 3.83 0.01
C ILE A 91 -10.33 3.72 1.50
N ASP A 92 -11.38 3.55 2.30
CA ASP A 92 -11.21 3.43 3.75
C ASP A 92 -11.51 2.01 4.21
N VAL A 93 -10.76 1.04 3.66
CA VAL A 93 -10.94 -0.35 4.02
C VAL A 93 -10.90 -0.55 5.52
N LYS A 94 -11.27 -1.74 5.97
CA LYS A 94 -11.26 -2.06 7.40
C LYS A 94 -9.99 -2.81 7.79
N ASP A 95 -9.39 -3.49 6.83
CA ASP A 95 -8.17 -4.24 7.07
C ASP A 95 -7.24 -4.19 5.86
N THR A 96 -6.12 -4.90 5.94
CA THR A 96 -5.15 -4.92 4.85
C THR A 96 -5.58 -5.89 3.76
N LYS A 97 -6.39 -6.88 4.14
CA LYS A 97 -6.87 -7.88 3.18
C LYS A 97 -7.76 -7.23 2.13
N GLU A 98 -8.63 -6.33 2.57
CA GLU A 98 -9.55 -5.64 1.67
C GLU A 98 -8.79 -4.65 0.78
N ALA A 99 -7.87 -3.90 1.39
CA ALA A 99 -7.08 -2.91 0.67
C ALA A 99 -6.38 -3.55 -0.53
N LEU A 100 -6.09 -4.84 -0.42
CA LEU A 100 -5.42 -5.57 -1.49
C LEU A 100 -6.41 -5.95 -2.58
N ASP A 101 -7.65 -6.21 -2.18
CA ASP A 101 -8.69 -6.59 -3.13
C ASP A 101 -9.16 -5.38 -3.94
N LYS A 102 -9.03 -4.20 -3.34
CA LYS A 102 -9.44 -2.97 -4.00
C LYS A 102 -8.39 -2.52 -5.01
N ILE A 103 -7.16 -2.33 -4.54
CA ILE A 103 -6.06 -1.91 -5.41
C ILE A 103 -5.86 -2.88 -6.55
N GLU A 104 -6.23 -4.14 -6.33
CA GLU A 104 -6.09 -5.18 -7.34
C GLU A 104 -7.20 -5.08 -8.39
N GLU A 105 -8.38 -4.69 -7.94
CA GLU A 105 -9.53 -4.56 -8.83
C GLU A 105 -9.36 -3.36 -9.76
N GLU A 106 -8.94 -2.23 -9.20
CA GLU A 106 -8.74 -1.02 -9.98
C GLU A 106 -7.73 -1.25 -11.10
N GLN A 107 -6.74 -2.12 -10.83
CA GLN A 107 -5.71 -2.43 -11.82
C GLN A 107 -6.30 -3.18 -13.00
N ASN A 108 -7.24 -4.08 -12.72
CA ASN A 108 -7.88 -4.88 -13.76
C ASN A 108 -8.51 -3.97 -14.82
N LYS A 109 -8.96 -2.80 -14.40
CA LYS A 109 -9.58 -1.84 -15.32
C LYS A 109 -8.55 -1.28 -16.28
N SER A 110 -7.33 -1.07 -15.79
CA SER A 110 -6.26 -0.53 -16.61
C SER A 110 -5.92 -1.47 -17.76
N LYS A 111 -5.99 -2.77 -17.49
CA LYS A 111 -5.70 -3.77 -18.50
C LYS A 111 -6.76 -3.78 -19.60
N LYS A 112 -7.98 -3.43 -19.22
CA LYS A 112 -9.09 -3.39 -20.17
C LYS A 112 -8.92 -2.24 -21.16
N LYS A 113 -8.35 -1.14 -20.68
CA LYS A 113 -8.13 0.03 -21.53
C LYS A 113 -7.25 -0.33 -22.73
N ALA A 114 -6.39 -1.32 -22.56
CA ALA A 114 -5.50 -1.76 -23.63
C ALA A 114 -6.30 -2.16 -24.87
N GLN A 115 -7.54 -2.58 -24.65
CA GLN A 115 -8.41 -2.99 -25.76
C GLN A 115 -8.66 -1.82 -26.72
N GLN A 116 -9.20 -0.74 -26.19
CA GLN A 116 -9.49 0.44 -27.00
C GLN A 116 -10.37 0.07 -28.19
N ALA A 117 -11.18 -0.96 -28.03
CA ALA A 117 -12.07 -1.41 -29.09
C ALA A 117 -13.05 -2.47 -28.59
N ALA A 118 -12.52 -3.43 -27.83
CA ALA A 118 -13.35 -4.50 -27.29
C ALA A 118 -14.13 -4.02 -26.07
N ALA A 119 -13.59 -3.01 -25.39
CA ALA A 119 -14.24 -2.47 -24.21
C ALA A 119 -15.70 -2.11 -24.49
N ASP A 120 -15.97 -1.73 -25.73
CA ASP A 120 -17.33 -1.38 -26.13
C ASP A 120 -18.33 -2.47 -25.76
N THR A 121 -17.92 -3.72 -25.97
CA THR A 121 -18.77 -4.86 -25.67
C THR A 121 -18.06 -5.84 -24.73
N GLY A 122 -18.54 -5.91 -23.50
CA GLY A 122 -17.95 -6.81 -22.52
C GLY A 122 -18.33 -6.47 -21.10
N ASN A 123 -18.37 -7.48 -20.23
CA ASN A 123 -18.73 -7.27 -18.83
C ASN A 123 -17.57 -6.66 -18.06
N ASN A 124 -17.88 -5.65 -17.24
CA ASN A 124 -16.87 -4.98 -16.45
C ASN A 124 -16.82 -5.55 -15.03
N SER A 125 -15.60 -5.76 -14.53
CA SER A 125 -15.43 -6.31 -13.19
C SER A 125 -15.92 -5.33 -12.13
N GLN A 126 -16.86 -5.79 -11.31
CA GLN A 126 -17.42 -4.94 -10.25
C GLN A 126 -16.59 -5.05 -8.98
N VAL A 127 -16.84 -4.14 -8.03
CA VAL A 127 -16.12 -4.13 -6.77
C VAL A 127 -16.78 -5.05 -5.75
N SER A 128 -16.09 -5.29 -4.64
CA SER A 128 -16.62 -6.16 -3.59
C SER A 128 -17.49 -5.37 -2.63
N GLN A 129 -18.80 -5.38 -2.87
CA GLN A 129 -19.75 -4.66 -2.03
C GLN A 129 -19.76 -5.23 -0.62
N ASN A 130 -19.94 -6.56 -0.52
CA ASN A 130 -19.97 -7.23 0.77
C ASN A 130 -18.73 -6.90 1.59
N TYR A 131 -18.92 -6.45 2.82
CA TYR A 131 -17.82 -6.10 3.70
C TYR A 131 -17.16 -7.36 4.27
C1 PIO B . 3.74 -8.24 13.40
O1 PIO B . 4.99 -7.67 14.09
P1 PIO B . 5.27 -6.25 14.91
C2 PIO B . 2.79 -9.08 14.31
O2 PIO B . 3.45 -10.17 14.95
C3 PIO B . 1.60 -9.62 13.50
O3 PIO B . 0.78 -10.39 14.39
C4 PIO B . 2.08 -10.47 12.26
O4 PIO B . 0.88 -10.94 11.46
P4 PIO B . 0.01 -12.36 11.53
C5 PIO B . 3.03 -9.58 11.37
O5 PIO B . 3.53 -10.39 10.25
P5 PIO B . 4.48 -11.73 10.17
C6 PIO B . 4.24 -9.01 12.17
O6 PIO B . 5.02 -8.10 11.38
O11 PIO B . 3.98 -5.47 14.72
O12 PIO B . 5.62 -6.69 16.31
O13 PIO B . 6.47 -5.60 14.27
C1A PIO B . 4.95 -3.96 9.98
O1A PIO B . 4.98 -2.87 9.45
C1B PIO B . 7.29 -2.55 14.77
O1B PIO B . 6.91 -1.49 15.22
C1C PIO B . 6.57 -5.58 12.86
C2A PIO B . 3.81 -4.94 9.66
C2B PIO B . 8.16 -3.51 15.63
C2C PIO B . 5.63 -4.53 12.24
O2C PIO B . 5.97 -4.36 10.88
C3A PIO B . 3.46 -4.88 8.16
C3B PIO B . 9.44 -2.84 16.16
C3C PIO B . 5.72 -3.16 12.96
O3C PIO B . 7.03 -3.00 13.46
O41 PIO B . -1.39 -11.79 11.32
O42 PIO B . 0.52 -13.20 10.38
O43 PIO B . 0.24 -13.05 12.87
C4A PIO B . 1.93 -4.85 7.98
C4B PIO B . 10.46 -3.91 16.62
O51 PIO B . 4.37 -12.05 8.68
O52 PIO B . 5.83 -11.25 10.68
O53 PIO B . 3.76 -12.72 11.07
C5A PIO B . 1.34 -6.17 8.46
C5B PIO B . 11.11 -4.56 15.39
C6A PIO B . 0.80 -6.97 7.26
C6B PIO B . 10.99 -6.08 15.48
C7A PIO B . -0.72 -6.75 7.13
C7B PIO B . 11.83 -6.74 14.36
C8A PIO B . -1.38 -7.99 6.51
C8B PIO B . 11.23 -8.12 14.02
H1 PIO B . 3.10 -7.40 13.10
H2 PIO B . 2.42 -8.41 15.08
H3 PIO B . 1.02 -8.79 13.09
H4 PIO B . 2.64 -11.35 12.54
H5 PIO B . 2.41 -8.75 11.01
H6 PIO B . 4.86 -9.84 12.46
HO2 PIO B . 3.93 -10.75 14.40
HO3 PIO B . 1.24 -11.18 14.68
HO6 PIO B . 5.60 -8.56 10.79
HC11 PIO B . 7.56 -5.35 12.59
HC12 PIO B . 6.30 -6.53 12.48
HC2 PIO B . 4.63 -4.84 12.34
HC31 PIO B . 5.54 -2.38 12.28
HC32 PIO B . 5.00 -3.09 13.72
H2A1 PIO B . 2.95 -4.68 10.22
H2A2 PIO B . 4.11 -5.91 9.91
H3A1 PIO B . 3.86 -5.73 7.67
H3A2 PIO B . 3.87 -4.01 7.73
H4A1 PIO B . 1.54 -4.06 8.54
H4A2 PIO B . 1.70 -4.71 6.96
H5A1 PIO B . 0.54 -5.99 9.13
H5A2 PIO B . 2.07 -6.75 8.95
H6A1 PIO B . 1.27 -6.65 6.38
H6A2 PIO B . 0.98 -8.00 7.40
H7A1 PIO B . -0.90 -5.91 6.50
H7A2 PIO B . -1.14 -6.56 8.08
H8A1 PIO B . -1.27 -7.97 5.47
H8A2 PIO B . -2.40 -8.01 6.76
H8A3 PIO B . -0.91 -8.85 6.89
H2B1 PIO B . 7.57 -3.82 16.46
H2B2 PIO B . 8.41 -4.33 15.05
H3B1 PIO B . 9.87 -2.28 15.39
H3B2 PIO B . 9.21 -2.23 16.97
H4B1 PIO B . 9.99 -4.65 17.19
H4B2 PIO B . 11.20 -3.45 17.20
H5B1 PIO B . 12.12 -4.29 15.35
H5B2 PIO B . 10.63 -4.22 14.51
H6B1 PIO B . 9.98 -6.36 15.38
H6B2 PIO B . 11.35 -6.41 16.41
H7B1 PIO B . 12.82 -6.85 14.68
H7B2 PIO B . 11.79 -6.13 13.51
H8B1 PIO B . 11.84 -8.61 13.32
H8B2 PIO B . 10.27 -8.01 13.63
H8B3 PIO B . 11.18 -8.70 14.90
N GLY A 1 6.46 26.81 7.66
CA GLY A 1 5.59 27.12 6.55
C GLY A 1 4.92 25.87 5.98
N ALA A 2 5.70 25.01 5.35
CA ALA A 2 5.18 23.79 4.77
C ALA A 2 5.15 22.66 5.80
N ARG A 3 4.13 21.81 5.71
CA ARG A 3 3.98 20.69 6.63
C ARG A 3 4.68 19.45 6.10
N ALA A 4 5.49 18.83 6.95
CA ALA A 4 6.23 17.62 6.57
C ALA A 4 5.81 16.43 7.42
N SER A 5 4.82 15.69 6.94
CA SER A 5 4.32 14.52 7.66
C SER A 5 3.72 13.51 6.70
N VAL A 6 3.19 12.41 7.25
CA VAL A 6 2.59 11.36 6.44
C VAL A 6 1.07 11.42 6.52
N LEU A 7 0.53 11.01 7.67
CA LEU A 7 -0.92 11.02 7.87
C LEU A 7 -1.33 12.14 8.81
N SER A 8 -2.28 12.95 8.37
CA SER A 8 -2.77 14.07 9.17
C SER A 8 -3.67 13.58 10.30
N GLY A 9 -4.17 14.52 11.10
CA GLY A 9 -5.04 14.17 12.21
C GLY A 9 -6.18 13.26 11.79
N GLY A 10 -6.85 13.64 10.70
CA GLY A 10 -7.97 12.84 10.21
C GLY A 10 -7.55 11.47 9.75
N GLU A 11 -6.52 11.43 8.90
CA GLU A 11 -6.02 10.16 8.38
C GLU A 11 -5.53 9.26 9.50
N LEU A 12 -4.93 9.87 10.53
CA LEU A 12 -4.42 9.12 11.67
C LEU A 12 -5.55 8.44 12.43
N ASP A 13 -6.64 9.17 12.62
CA ASP A 13 -7.80 8.64 13.33
C ASP A 13 -8.29 7.35 12.68
N LYS A 14 -8.43 7.36 11.36
CA LYS A 14 -8.89 6.19 10.63
C LYS A 14 -7.80 5.14 10.55
N TRP A 15 -6.56 5.59 10.33
CA TRP A 15 -5.42 4.67 10.24
C TRP A 15 -5.35 3.76 11.46
N GLU A 16 -5.63 4.33 12.63
CA GLU A 16 -5.60 3.57 13.87
C GLU A 16 -6.74 2.56 13.93
N LYS A 17 -7.81 2.85 13.20
CA LYS A 17 -8.97 1.96 13.16
C LYS A 17 -8.72 0.79 12.22
N ILE A 18 -8.10 1.06 11.07
CA ILE A 18 -7.80 0.03 10.10
C ILE A 18 -7.05 -1.13 10.73
N ARG A 19 -7.49 -2.35 10.42
CA ARG A 19 -6.85 -3.54 10.96
C ARG A 19 -5.80 -4.09 10.00
N LEU A 20 -4.81 -4.80 10.54
CA LEU A 20 -3.75 -5.37 9.72
C LEU A 20 -4.29 -6.48 8.83
N ARG A 21 -5.26 -7.24 9.35
CA ARG A 21 -5.85 -8.33 8.60
C ARG A 21 -7.38 -8.28 8.69
N PRO A 22 -8.05 -8.95 7.74
CA PRO A 22 -9.52 -8.99 7.70
C PRO A 22 -10.11 -9.82 8.83
N GLY A 23 -9.38 -10.87 9.24
CA GLY A 23 -9.85 -11.72 10.31
C GLY A 23 -9.02 -11.58 11.58
N GLY A 24 -8.29 -10.47 11.67
CA GLY A 24 -7.46 -10.24 12.84
C GLY A 24 -7.95 -9.07 13.67
N LYS A 25 -7.38 -8.92 14.87
CA LYS A 25 -7.76 -7.84 15.77
C LYS A 25 -6.68 -6.76 15.83
N LYS A 26 -5.45 -7.16 15.55
CA LYS A 26 -4.33 -6.24 15.56
C LYS A 26 -4.61 -5.02 14.69
N GLN A 27 -4.83 -3.88 15.33
CA GLN A 27 -5.13 -2.64 14.61
C GLN A 27 -3.84 -1.97 14.13
N TYR A 28 -3.97 -1.00 13.24
CA TYR A 28 -2.83 -0.28 12.70
C TYR A 28 -2.35 0.80 13.67
N LYS A 29 -1.06 1.07 13.67
CA LYS A 29 -0.47 2.08 14.54
C LYS A 29 0.71 2.77 13.86
N LEU A 30 1.11 3.91 14.42
CA LEU A 30 2.23 4.67 13.88
C LEU A 30 3.45 3.78 13.69
N LYS A 31 3.58 2.77 14.53
CA LYS A 31 4.71 1.83 14.46
C LYS A 31 4.85 1.28 13.05
N HIS A 32 3.72 1.03 12.39
CA HIS A 32 3.72 0.50 11.03
C HIS A 32 4.06 1.59 10.03
N ILE A 33 3.63 2.83 10.22
CA ILE A 33 3.93 3.90 9.28
C ILE A 33 5.41 4.22 9.27
N VAL A 34 6.05 4.15 10.43
CA VAL A 34 7.47 4.43 10.55
C VAL A 34 8.30 3.21 10.15
N TRP A 35 7.82 2.03 10.50
CA TRP A 35 8.52 0.79 10.17
C TRP A 35 8.75 0.67 8.67
N ALA A 36 7.80 1.20 7.89
CA ALA A 36 7.91 1.15 6.43
C ALA A 36 8.78 2.29 5.91
N SER A 37 8.76 3.43 6.61
CA SER A 37 9.54 4.59 6.22
C SER A 37 11.04 4.29 6.31
N ARG A 38 11.43 3.68 7.42
CA ARG A 38 12.84 3.34 7.64
C ARG A 38 13.29 2.25 6.67
N GLU A 39 12.41 1.29 6.42
CA GLU A 39 12.72 0.19 5.52
C GLU A 39 12.71 0.66 4.07
N LEU A 40 11.96 1.72 3.80
CA LEU A 40 11.87 2.27 2.45
C LEU A 40 13.19 2.92 2.04
N GLU A 41 13.68 3.83 2.86
CA GLU A 41 14.94 4.52 2.58
C GLU A 41 16.07 3.52 2.35
N ARG A 42 15.94 2.34 2.96
CA ARG A 42 16.95 1.30 2.82
C ARG A 42 16.97 0.74 1.40
N PHE A 43 15.82 0.79 0.73
CA PHE A 43 15.71 0.29 -0.64
C PHE A 43 15.88 1.43 -1.65
N ALA A 44 16.62 2.46 -1.25
CA ALA A 44 16.85 3.61 -2.12
C ALA A 44 15.54 4.34 -2.41
N VAL A 45 14.55 4.15 -1.55
CA VAL A 45 13.26 4.80 -1.72
C VAL A 45 12.95 5.73 -0.55
N ASN A 46 12.87 7.02 -0.83
CA ASN A 46 12.58 8.01 0.20
C ASN A 46 11.20 7.78 0.81
N PRO A 47 11.07 8.04 2.12
CA PRO A 47 9.81 7.87 2.85
C PRO A 47 8.76 8.89 2.45
N GLY A 48 9.19 9.92 1.71
CA GLY A 48 8.28 10.95 1.27
C GLY A 48 7.24 10.43 0.30
N LEU A 49 7.45 9.22 -0.20
CA LEU A 49 6.52 8.61 -1.15
C LEU A 49 5.27 8.10 -0.44
N LEU A 50 5.40 7.86 0.86
CA LEU A 50 4.28 7.37 1.66
C LEU A 50 3.34 8.51 2.03
N GLU A 51 3.86 9.73 1.98
CA GLU A 51 3.05 10.90 2.31
C GLU A 51 2.46 11.53 1.06
N THR A 52 2.33 10.73 0.01
CA THR A 52 1.78 11.20 -1.25
C THR A 52 0.97 10.11 -1.95
N SER A 53 -0.32 10.36 -2.13
CA SER A 53 -1.20 9.40 -2.77
C SER A 53 -0.72 9.08 -4.19
N GLU A 54 0.08 9.99 -4.75
CA GLU A 54 0.61 9.80 -6.10
C GLU A 54 1.93 9.03 -6.07
N GLY A 55 2.81 9.42 -5.16
CA GLY A 55 4.09 8.76 -5.04
C GLY A 55 3.97 7.35 -4.51
N CYS A 56 2.78 7.00 -4.03
CA CYS A 56 2.53 5.66 -3.51
C CYS A 56 2.09 4.71 -4.60
N ARG A 57 1.35 5.23 -5.57
CA ARG A 57 0.85 4.42 -6.68
C ARG A 57 2.01 3.78 -7.45
N GLN A 58 3.20 4.38 -7.32
CA GLN A 58 4.38 3.86 -7.99
C GLN A 58 5.05 2.77 -7.17
N ILE A 59 4.85 2.83 -5.85
CA ILE A 59 5.43 1.84 -4.95
C ILE A 59 4.75 0.48 -5.10
N LEU A 60 3.43 0.50 -5.14
CA LEU A 60 2.66 -0.74 -5.28
C LEU A 60 2.91 -1.38 -6.65
N GLY A 61 3.24 -0.55 -7.63
CA GLY A 61 3.50 -1.06 -8.97
C GLY A 61 4.82 -1.81 -9.05
N GLN A 62 5.79 -1.38 -8.26
CA GLN A 62 7.11 -2.02 -8.25
C GLN A 62 7.09 -3.27 -7.39
N LEU A 63 6.25 -3.27 -6.37
CA LEU A 63 6.14 -4.41 -5.47
C LEU A 63 5.19 -5.46 -6.03
N GLN A 64 4.25 -5.02 -6.87
CA GLN A 64 3.29 -5.93 -7.47
C GLN A 64 3.99 -7.11 -8.14
N PRO A 65 4.82 -6.81 -9.15
CA PRO A 65 5.56 -7.83 -9.89
C PRO A 65 6.66 -8.48 -9.04
N SER A 66 7.01 -7.83 -7.94
CA SER A 66 8.05 -8.33 -7.05
C SER A 66 7.47 -9.36 -6.08
N LEU A 67 6.18 -9.26 -5.80
CA LEU A 67 5.51 -10.17 -4.90
C LEU A 67 5.75 -11.63 -5.32
N GLN A 68 5.94 -11.84 -6.62
CA GLN A 68 6.18 -13.18 -7.15
C GLN A 68 7.37 -13.83 -6.45
N THR A 69 8.49 -13.10 -6.39
CA THR A 69 9.70 -13.61 -5.75
C THR A 69 10.15 -12.70 -4.61
N GLY A 70 9.18 -12.18 -3.87
CA GLY A 70 9.50 -11.29 -2.75
C GLY A 70 9.68 -12.04 -1.45
N SER A 71 10.16 -11.35 -0.43
CA SER A 71 10.39 -11.95 0.87
C SER A 71 9.45 -11.36 1.92
N GLU A 72 9.66 -11.72 3.18
CA GLU A 72 8.83 -11.23 4.27
C GLU A 72 8.93 -9.71 4.38
N GLU A 73 10.13 -9.19 4.22
CA GLU A 73 10.37 -7.75 4.31
C GLU A 73 9.54 -7.00 3.27
N LEU A 74 9.52 -7.53 2.04
CA LEU A 74 8.76 -6.93 0.96
C LEU A 74 7.26 -7.10 1.16
N ARG A 75 6.87 -8.27 1.66
CA ARG A 75 5.47 -8.57 1.90
C ARG A 75 4.85 -7.52 2.82
N SER A 76 5.44 -7.34 4.00
CA SER A 76 4.95 -6.38 4.97
C SER A 76 4.76 -5.01 4.33
N LEU A 77 5.69 -4.65 3.43
CA LEU A 77 5.62 -3.36 2.75
C LEU A 77 4.33 -3.23 1.94
N TYR A 78 4.12 -4.19 1.04
CA TYR A 78 2.93 -4.18 0.19
C TYR A 78 1.67 -4.06 1.03
N ASN A 79 1.73 -4.58 2.25
CA ASN A 79 0.59 -4.53 3.17
C ASN A 79 0.34 -3.11 3.66
N THR A 80 1.35 -2.53 4.31
CA THR A 80 1.25 -1.18 4.83
C THR A 80 0.99 -0.17 3.71
N ILE A 81 1.83 -0.23 2.67
CA ILE A 81 1.70 0.67 1.54
C ILE A 81 0.28 0.66 0.99
N ALA A 82 -0.39 -0.49 1.12
CA ALA A 82 -1.76 -0.62 0.63
C ALA A 82 -2.72 0.21 1.47
N VAL A 83 -2.75 -0.05 2.76
CA VAL A 83 -3.63 0.68 3.67
C VAL A 83 -3.34 2.18 3.63
N LEU A 84 -2.07 2.53 3.51
CA LEU A 84 -1.65 3.92 3.46
C LEU A 84 -2.25 4.62 2.24
N TYR A 85 -1.95 4.09 1.06
CA TYR A 85 -2.45 4.66 -0.18
C TYR A 85 -3.97 4.85 -0.12
N CYS A 86 -4.67 3.81 0.31
CA CYS A 86 -6.13 3.85 0.41
C CYS A 86 -6.57 5.07 1.21
N VAL A 87 -5.94 5.28 2.37
CA VAL A 87 -6.27 6.41 3.22
C VAL A 87 -6.16 7.73 2.47
N HIS A 88 -5.01 7.94 1.83
CA HIS A 88 -4.77 9.16 1.07
C HIS A 88 -5.83 9.35 0.00
N GLN A 89 -6.47 8.28 -0.49
CA GLN A 89 -7.49 8.42 -1.52
C GLN A 89 -8.89 8.42 -0.90
N ARG A 90 -8.98 8.85 0.35
CA ARG A 90 -10.25 8.90 1.05
C ARG A 90 -10.94 7.54 1.05
N ILE A 91 -10.13 6.48 0.95
CA ILE A 91 -10.66 5.12 0.93
C ILE A 91 -10.61 4.50 2.32
N ASP A 92 -11.77 4.13 2.85
CA ASP A 92 -11.85 3.53 4.17
C ASP A 92 -11.92 2.01 4.06
N VAL A 93 -10.85 1.33 4.47
CA VAL A 93 -10.79 -0.12 4.42
C VAL A 93 -10.88 -0.72 5.81
N LYS A 94 -11.50 -1.90 5.91
CA LYS A 94 -11.65 -2.59 7.19
C LYS A 94 -10.37 -3.32 7.55
N ASP A 95 -9.59 -3.70 6.54
CA ASP A 95 -8.33 -4.41 6.77
C ASP A 95 -7.36 -4.15 5.63
N THR A 96 -6.16 -4.71 5.76
CA THR A 96 -5.13 -4.54 4.74
C THR A 96 -5.51 -5.25 3.45
N LYS A 97 -6.20 -6.38 3.57
CA LYS A 97 -6.63 -7.15 2.42
C LYS A 97 -7.59 -6.34 1.55
N GLU A 98 -8.64 -5.81 2.16
CA GLU A 98 -9.63 -5.02 1.45
C GLU A 98 -8.96 -3.89 0.67
N ALA A 99 -7.99 -3.23 1.31
CA ALA A 99 -7.28 -2.13 0.68
C ALA A 99 -6.56 -2.60 -0.59
N LEU A 100 -6.24 -3.88 -0.64
CA LEU A 100 -5.55 -4.45 -1.80
C LEU A 100 -6.53 -4.66 -2.95
N ASP A 101 -7.69 -5.21 -2.66
CA ASP A 101 -8.71 -5.46 -3.67
C ASP A 101 -9.18 -4.15 -4.29
N LYS A 102 -9.27 -3.11 -3.48
CA LYS A 102 -9.70 -1.80 -3.95
C LYS A 102 -8.73 -1.25 -4.99
N ILE A 103 -7.44 -1.49 -4.77
CA ILE A 103 -6.42 -1.01 -5.70
C ILE A 103 -6.29 -1.92 -6.91
N GLU A 104 -6.61 -3.21 -6.71
CA GLU A 104 -6.54 -4.18 -7.79
C GLU A 104 -7.64 -3.95 -8.81
N GLU A 105 -8.75 -3.39 -8.37
CA GLU A 105 -9.89 -3.11 -9.25
C GLU A 105 -9.62 -1.88 -10.09
N GLU A 106 -9.19 -0.80 -9.43
CA GLU A 106 -8.90 0.45 -10.12
C GLU A 106 -7.81 0.25 -11.17
N GLN A 107 -6.93 -0.73 -10.93
CA GLN A 107 -5.84 -1.02 -11.86
C GLN A 107 -6.01 -2.40 -12.49
N ASN A 108 -7.27 -2.85 -12.58
CA ASN A 108 -7.57 -4.16 -13.16
C ASN A 108 -7.31 -4.15 -14.66
N LYS A 109 -7.51 -2.99 -15.28
CA LYS A 109 -7.30 -2.85 -16.72
C LYS A 109 -5.81 -2.78 -17.06
N SER A 110 -5.05 -2.07 -16.22
CA SER A 110 -3.63 -1.92 -16.43
C SER A 110 -2.91 -3.26 -16.32
N LYS A 111 -3.38 -4.10 -15.40
CA LYS A 111 -2.79 -5.42 -15.20
C LYS A 111 -3.06 -6.32 -16.40
N LYS A 112 -4.28 -6.25 -16.93
CA LYS A 112 -4.65 -7.06 -18.08
C LYS A 112 -3.92 -6.59 -19.34
N LYS A 113 -3.57 -5.32 -19.37
CA LYS A 113 -2.86 -4.75 -20.52
C LYS A 113 -1.36 -4.69 -20.25
N ALA A 114 -0.86 -5.66 -19.49
CA ALA A 114 0.56 -5.72 -19.16
C ALA A 114 0.90 -7.03 -18.45
N GLN A 115 0.27 -8.11 -18.88
CA GLN A 115 0.50 -9.42 -18.28
C GLN A 115 1.68 -10.12 -18.95
N GLN A 116 1.72 -10.08 -20.28
CA GLN A 116 2.79 -10.71 -21.03
C GLN A 116 4.16 -10.24 -20.55
N ALA A 117 4.19 -9.01 -20.03
CA ALA A 117 5.43 -8.44 -19.52
C ALA A 117 6.13 -9.38 -18.56
N ALA A 118 5.33 -10.18 -17.85
CA ALA A 118 5.87 -11.14 -16.89
C ALA A 118 5.91 -12.55 -17.47
N ALA A 119 6.16 -13.53 -16.62
CA ALA A 119 6.23 -14.92 -17.05
C ALA A 119 7.38 -15.14 -18.03
N ASP A 120 8.35 -14.25 -17.99
CA ASP A 120 9.52 -14.34 -18.87
C ASP A 120 10.80 -14.52 -18.07
N THR A 121 10.67 -15.13 -16.89
CA THR A 121 11.82 -15.37 -16.02
C THR A 121 11.99 -16.85 -15.73
N GLY A 122 13.23 -17.31 -15.72
CA GLY A 122 13.52 -18.71 -15.45
C GLY A 122 13.95 -18.95 -14.02
N ASN A 123 13.40 -18.18 -13.09
CA ASN A 123 13.74 -18.31 -11.68
C ASN A 123 12.73 -19.19 -10.96
N ASN A 124 13.22 -20.26 -10.32
CA ASN A 124 12.36 -21.17 -9.59
C ASN A 124 11.85 -20.53 -8.31
N SER A 125 10.54 -20.24 -8.27
CA SER A 125 9.93 -19.62 -7.11
C SER A 125 8.93 -20.57 -6.46
N GLN A 126 8.80 -20.48 -5.14
CA GLN A 126 7.87 -21.32 -4.41
C GLN A 126 7.79 -20.90 -2.94
N VAL A 127 7.14 -19.78 -2.68
CA VAL A 127 6.98 -19.26 -1.33
C VAL A 127 5.52 -19.11 -0.95
N SER A 128 5.21 -19.38 0.31
CA SER A 128 3.84 -19.27 0.80
C SER A 128 2.91 -20.19 0.02
N GLN A 129 2.80 -21.43 0.47
CA GLN A 129 1.95 -22.41 -0.19
C GLN A 129 0.49 -22.24 0.23
N ASN A 130 -0.41 -22.80 -0.56
CA ASN A 130 -1.84 -22.71 -0.26
C ASN A 130 -2.23 -23.67 0.86
N TYR A 131 -2.46 -23.12 2.04
CA TYR A 131 -2.84 -23.93 3.19
C TYR A 131 -4.06 -23.34 3.89
C1 PIO B . 3.75 -8.39 12.36
O1 PIO B . 5.09 -7.93 12.94
P1 PIO B . 5.48 -6.88 14.19
C2 PIO B . 2.88 -9.28 13.31
O2 PIO B . 3.55 -10.43 13.78
C3 PIO B . 1.57 -9.71 12.60
O3 PIO B . 0.82 -10.52 13.52
C4 PIO B . 1.88 -10.48 11.26
O4 PIO B . 0.57 -10.84 10.57
P4 PIO B . -0.57 -11.99 10.94
C5 PIO B . 2.76 -9.55 10.34
O5 PIO B . 3.10 -10.28 9.11
P5 PIO B . 2.26 -10.63 7.74
C6 PIO B . 4.07 -9.09 11.02
O6 PIO B . 4.81 -8.15 10.22
O11 PIO B . 4.33 -5.89 14.18
O12 PIO B . 5.61 -7.79 15.39
O13 PIO B . 6.82 -6.28 13.85
C1A PIO B . 5.81 -4.70 9.86
O1A PIO B . 6.26 -5.51 9.08
C1B PIO B . 8.59 -3.49 14.86
O1B PIO B . 8.80 -2.46 15.44
C1C PIO B . 7.06 -5.86 12.53
C2A PIO B . 4.33 -4.27 9.76
C2B PIO B . 8.85 -4.86 15.57
C2C PIO B . 6.34 -4.51 12.23
O2C PIO B . 6.63 -4.15 10.88
C3A PIO B . 3.92 -4.12 8.28
C3B PIO B . 10.09 -4.84 16.47
C3C PIO B . 6.80 -3.38 13.16
O3C PIO B . 8.15 -3.59 13.53
O41 PIO B . -0.82 -12.54 9.54
O42 PIO B . 0.11 -12.95 11.88
O43 PIO B . -1.77 -11.32 11.61
C4A PIO B . 2.39 -4.14 8.17
C4B PIO B . 9.95 -5.87 17.62
O51 PIO B . 2.98 -9.72 6.75
O52 PIO B . 2.46 -12.13 7.57
O53 PIO B . 0.85 -10.21 8.06
C5A PIO B . 1.88 -5.56 8.45
C5B PIO B . 9.78 -5.11 18.96
C6A PIO B . 0.54 -5.79 7.73
C6B PIO B . 10.48 -5.88 20.08
C7A PIO B . 0.47 -7.24 7.21
C7B PIO B . 11.94 -5.38 20.20
C8A PIO B . -0.96 -7.55 6.75
C8B PIO B . 12.30 -5.24 21.70
H1 PIO B . 3.12 -7.51 12.20
H2 PIO B . 2.62 -8.65 14.17
H3 PIO B . 0.98 -8.83 12.34
H4 PIO B . 2.43 -11.40 11.42
H5 PIO B . 2.13 -8.67 10.12
H6 PIO B . 4.69 -9.96 11.18
HO2 PIO B . 3.94 -10.97 13.14
HO3 PIO B . 1.28 -11.34 13.70
HO6 PIO B . 5.29 -8.57 9.54
HC11 PIO B . 8.10 -5.71 12.40
HC12 PIO B . 6.70 -6.57 11.85
HC2 PIO B . 5.31 -4.63 12.38
HC31 PIO B . 6.76 -2.45 12.66
HC32 PIO B . 6.17 -3.31 14.00
H2A1 PIO B . 4.19 -3.36 10.26
H2A2 PIO B . 3.73 -5.02 10.20
H3A1 PIO B . 4.34 -4.90 7.72
H3A2 PIO B . 4.28 -3.20 7.91
H4A1 PIO B . 1.99 -3.48 8.86
H4A2 PIO B . 2.12 -3.86 7.20
H5A1 PIO B . 1.74 -5.68 9.49
H5A2 PIO B . 2.59 -6.27 8.11
H6A1 PIO B . -0.25 -5.62 8.39
H6A2 PIO B . 0.47 -5.12 6.91
H7A1 PIO B . 0.75 -7.89 7.98
H7A2 PIO B . 1.13 -7.35 6.39
H8A1 PIO B . -1.55 -7.81 7.58
H8A2 PIO B . -0.95 -8.36 6.08
H8A3 PIO B . -1.38 -6.71 6.28
H2B1 PIO B . 8.01 -5.10 16.15
H2B2 PIO B . 8.99 -5.58 14.83
H3B1 PIO B . 10.93 -5.10 15.90
H3B2 PIO B . 10.21 -3.88 16.88
H4B1 PIO B . 10.80 -6.48 17.69
H4B2 PIO B . 9.11 -6.46 17.45
H5B1 PIO B . 8.75 -5.03 19.18
H5B2 PIO B . 10.18 -4.15 18.88
H6B1 PIO B . 10.49 -6.90 19.86
H6B2 PIO B . 9.98 -5.72 20.99
H7B1 PIO B . 12.02 -4.44 19.73
H7B2 PIO B . 12.59 -6.07 19.76
H8B1 PIO B . 13.26 -4.81 21.79
H8B2 PIO B . 12.29 -6.17 22.15
H8B3 PIO B . 11.60 -4.60 22.17
N GLY A 1 -2.41 24.45 4.32
CA GLY A 1 -1.00 24.12 4.48
C GLY A 1 -0.75 22.63 4.40
N ALA A 2 0.15 22.22 3.52
CA ALA A 2 0.49 20.82 3.35
C ALA A 2 1.07 20.24 4.64
N ARG A 3 1.23 18.92 4.67
CA ARG A 3 1.78 18.25 5.84
C ARG A 3 3.16 17.67 5.54
N ALA A 4 3.96 17.48 6.60
CA ALA A 4 5.30 16.95 6.45
C ALA A 4 5.35 15.47 6.83
N SER A 5 4.48 15.07 7.75
CA SER A 5 4.43 13.68 8.20
C SER A 5 3.60 12.83 7.24
N VAL A 6 3.50 11.55 7.55
CA VAL A 6 2.73 10.63 6.71
C VAL A 6 1.24 10.85 6.87
N LEU A 7 0.75 10.75 8.10
CA LEU A 7 -0.67 10.95 8.38
C LEU A 7 -0.88 12.06 9.41
N SER A 8 -1.85 12.92 9.16
CA SER A 8 -2.15 14.02 10.06
C SER A 8 -3.11 13.58 11.16
N GLY A 9 -3.59 14.55 11.94
CA GLY A 9 -4.51 14.24 13.02
C GLY A 9 -5.75 13.51 12.53
N GLY A 10 -6.39 14.04 11.49
CA GLY A 10 -7.57 13.41 10.96
C GLY A 10 -7.29 12.04 10.36
N GLU A 11 -6.27 11.96 9.53
CA GLU A 11 -5.89 10.70 8.90
C GLU A 11 -5.55 9.64 9.95
N LEU A 12 -4.83 10.06 10.98
CA LEU A 12 -4.43 9.15 12.06
C LEU A 12 -5.65 8.40 12.61
N ASP A 13 -6.81 9.03 12.54
CA ASP A 13 -8.04 8.42 13.03
C ASP A 13 -8.36 7.15 12.25
N LYS A 14 -8.57 7.30 10.95
CA LYS A 14 -8.88 6.16 10.10
C LYS A 14 -7.77 5.12 10.13
N TRP A 15 -6.53 5.59 10.14
CA TRP A 15 -5.37 4.70 10.18
C TRP A 15 -5.43 3.78 11.39
N GLU A 16 -5.53 4.38 12.57
CA GLU A 16 -5.61 3.61 13.81
C GLU A 16 -6.77 2.63 13.78
N LYS A 17 -7.78 2.94 12.96
CA LYS A 17 -8.95 2.09 12.84
C LYS A 17 -8.65 0.87 11.97
N ILE A 18 -8.08 1.12 10.80
CA ILE A 18 -7.75 0.04 9.88
C ILE A 18 -6.93 -1.04 10.58
N ARG A 19 -7.20 -2.29 10.23
CA ARG A 19 -6.48 -3.42 10.82
C ARG A 19 -5.44 -3.98 9.85
N LEU A 20 -4.41 -4.63 10.40
CA LEU A 20 -3.36 -5.20 9.59
C LEU A 20 -3.86 -6.42 8.81
N ARG A 21 -4.89 -7.07 9.36
CA ARG A 21 -5.47 -8.24 8.71
C ARG A 21 -6.98 -8.30 8.92
N PRO A 22 -7.67 -9.06 8.06
CA PRO A 22 -9.13 -9.20 8.13
C PRO A 22 -9.57 -10.00 9.35
N GLY A 23 -8.81 -11.03 9.69
CA GLY A 23 -9.13 -11.86 10.84
C GLY A 23 -8.13 -11.72 11.97
N GLY A 24 -7.95 -10.50 12.44
CA GLY A 24 -6.99 -10.26 13.52
C GLY A 24 -7.52 -9.30 14.56
N LYS A 25 -6.71 -9.01 15.57
CA LYS A 25 -7.10 -8.10 16.64
C LYS A 25 -6.03 -7.06 16.89
N LYS A 26 -5.22 -6.78 15.86
CA LYS A 26 -4.16 -5.80 15.97
C LYS A 26 -4.34 -4.68 14.95
N GLN A 27 -4.93 -3.57 15.40
CA GLN A 27 -5.17 -2.43 14.53
C GLN A 27 -3.85 -1.83 14.04
N TYR A 28 -3.94 -0.80 13.22
CA TYR A 28 -2.75 -0.14 12.68
C TYR A 28 -2.24 0.93 13.64
N LYS A 29 -0.93 1.13 13.64
CA LYS A 29 -0.30 2.11 14.51
C LYS A 29 0.87 2.79 13.82
N LEU A 30 1.32 3.92 14.37
CA LEU A 30 2.43 4.66 13.80
C LEU A 30 3.63 3.74 13.57
N LYS A 31 3.77 2.73 14.42
CA LYS A 31 4.87 1.79 14.31
C LYS A 31 4.97 1.22 12.89
N HIS A 32 3.81 0.97 12.29
CA HIS A 32 3.77 0.44 10.92
C HIS A 32 4.11 1.52 9.90
N ILE A 33 3.70 2.78 10.11
CA ILE A 33 4.01 3.84 9.16
C ILE A 33 5.51 4.10 9.09
N VAL A 34 6.18 3.99 10.23
CA VAL A 34 7.62 4.21 10.29
C VAL A 34 8.39 2.96 9.87
N TRP A 35 7.87 1.81 10.26
CA TRP A 35 8.50 0.54 9.92
C TRP A 35 8.66 0.39 8.42
N ALA A 36 7.77 1.01 7.66
CA ALA A 36 7.81 0.96 6.21
C ALA A 36 8.69 2.06 5.64
N SER A 37 8.76 3.19 6.35
CA SER A 37 9.56 4.32 5.92
C SER A 37 11.05 3.98 5.99
N ARG A 38 11.46 3.36 7.09
CA ARG A 38 12.86 2.98 7.27
C ARG A 38 13.29 1.97 6.23
N GLU A 39 12.33 1.21 5.70
CA GLU A 39 12.62 0.21 4.69
C GLU A 39 12.68 0.84 3.29
N LEU A 40 11.93 1.91 3.11
CA LEU A 40 11.89 2.61 1.82
C LEU A 40 13.25 3.22 1.50
N GLU A 41 13.83 3.93 2.47
CA GLU A 41 15.13 4.56 2.28
C GLU A 41 16.18 3.54 1.86
N ARG A 42 15.95 2.28 2.24
CA ARG A 42 16.88 1.21 1.91
C ARG A 42 16.78 0.84 0.43
N PHE A 43 15.61 1.09 -0.16
CA PHE A 43 15.38 0.78 -1.57
C PHE A 43 15.63 2.01 -2.44
N ALA A 44 16.48 2.91 -1.96
CA ALA A 44 16.79 4.13 -2.70
C ALA A 44 15.56 5.01 -2.85
N VAL A 45 14.56 4.77 -2.01
CA VAL A 45 13.32 5.54 -2.05
C VAL A 45 13.10 6.31 -0.76
N ASN A 46 13.14 7.64 -0.86
CA ASN A 46 12.95 8.50 0.31
C ASN A 46 11.61 8.20 0.98
N PRO A 47 11.59 8.30 2.32
CA PRO A 47 10.37 8.06 3.11
C PRO A 47 9.33 9.14 2.91
N GLY A 48 9.70 10.21 2.21
CA GLY A 48 8.78 11.30 1.96
C GLY A 48 7.73 10.95 0.93
N LEU A 49 7.81 9.73 0.40
CA LEU A 49 6.86 9.27 -0.60
C LEU A 49 5.72 8.49 0.04
N LEU A 50 5.51 8.71 1.33
CA LEU A 50 4.46 8.02 2.06
C LEU A 50 3.31 8.97 2.37
N GLU A 51 3.59 10.26 2.40
CA GLU A 51 2.58 11.27 2.68
C GLU A 51 1.97 11.81 1.39
N THR A 52 2.14 11.06 0.30
CA THR A 52 1.61 11.45 -0.99
C THR A 52 1.01 10.26 -1.73
N SER A 53 -0.26 10.37 -2.08
CA SER A 53 -0.96 9.30 -2.79
C SER A 53 -0.24 8.96 -4.09
N GLU A 54 0.51 9.92 -4.61
CA GLU A 54 1.25 9.73 -5.86
C GLU A 54 2.56 8.96 -5.60
N GLY A 55 3.25 9.33 -4.54
CA GLY A 55 4.50 8.68 -4.21
C GLY A 55 4.29 7.28 -3.64
N CYS A 56 3.09 7.02 -3.15
CA CYS A 56 2.76 5.72 -2.58
C CYS A 56 2.50 4.70 -3.69
N ARG A 57 1.70 5.09 -4.67
CA ARG A 57 1.38 4.20 -5.78
C ARG A 57 2.64 3.62 -6.42
N GLN A 58 3.63 4.48 -6.63
CA GLN A 58 4.89 4.06 -7.23
C GLN A 58 5.51 2.91 -6.43
N ILE A 59 5.18 2.85 -5.15
CA ILE A 59 5.71 1.80 -4.28
C ILE A 59 5.10 0.45 -4.62
N LEU A 60 3.82 0.46 -4.97
CA LEU A 60 3.12 -0.77 -5.32
C LEU A 60 3.48 -1.23 -6.73
N GLY A 61 3.91 -0.29 -7.56
CA GLY A 61 4.29 -0.61 -8.93
C GLY A 61 5.59 -1.37 -8.99
N GLN A 62 6.39 -1.29 -7.93
CA GLN A 62 7.67 -1.98 -7.88
C GLN A 62 7.56 -3.28 -7.10
N LEU A 63 6.59 -3.35 -6.19
CA LEU A 63 6.38 -4.54 -5.38
C LEU A 63 5.37 -5.47 -6.04
N GLN A 64 4.53 -4.92 -6.90
CA GLN A 64 3.52 -5.70 -7.60
C GLN A 64 4.14 -6.92 -8.28
N PRO A 65 5.06 -6.66 -9.22
CA PRO A 65 5.76 -7.72 -9.96
C PRO A 65 6.74 -8.49 -9.09
N SER A 66 7.04 -7.95 -7.92
CA SER A 66 7.96 -8.59 -6.99
C SER A 66 7.21 -9.17 -5.79
N LEU A 67 5.94 -9.49 -6.01
CA LEU A 67 5.11 -10.07 -4.95
C LEU A 67 5.39 -11.56 -4.78
N GLN A 68 5.55 -12.25 -5.90
CA GLN A 68 5.83 -13.68 -5.88
C GLN A 68 7.26 -13.96 -5.45
N THR A 69 8.19 -13.14 -5.92
CA THR A 69 9.60 -13.29 -5.59
C THR A 69 9.99 -12.38 -4.43
N GLY A 70 9.00 -12.05 -3.59
CA GLY A 70 9.27 -11.19 -2.45
C GLY A 70 9.11 -11.93 -1.13
N SER A 71 10.10 -11.77 -0.26
CA SER A 71 10.07 -12.43 1.05
C SER A 71 9.05 -11.76 1.97
N GLU A 72 8.99 -12.23 3.21
CA GLU A 72 8.06 -11.68 4.19
C GLU A 72 8.18 -10.16 4.28
N GLU A 73 9.39 -9.66 4.08
CA GLU A 73 9.65 -8.22 4.15
C GLU A 73 8.83 -7.48 3.08
N LEU A 74 8.85 -8.00 1.86
CA LEU A 74 8.11 -7.39 0.76
C LEU A 74 6.61 -7.44 1.03
N ARG A 75 6.13 -8.61 1.42
CA ARG A 75 4.70 -8.78 1.70
C ARG A 75 4.21 -7.72 2.70
N SER A 76 4.93 -7.57 3.81
CA SER A 76 4.57 -6.61 4.82
C SER A 76 4.37 -5.22 4.22
N LEU A 77 5.25 -4.87 3.27
CA LEU A 77 5.18 -3.56 2.62
C LEU A 77 3.88 -3.43 1.84
N TYR A 78 3.64 -4.35 0.92
CA TYR A 78 2.43 -4.33 0.10
C TYR A 78 1.19 -4.22 0.98
N ASN A 79 1.27 -4.75 2.19
CA ASN A 79 0.16 -4.71 3.12
C ASN A 79 -0.06 -3.30 3.66
N THR A 80 0.97 -2.75 4.29
CA THR A 80 0.90 -1.40 4.84
C THR A 80 0.60 -0.37 3.76
N ILE A 81 1.33 -0.47 2.65
CA ILE A 81 1.14 0.46 1.54
C ILE A 81 -0.33 0.53 1.13
N ALA A 82 -0.97 -0.63 1.04
CA ALA A 82 -2.38 -0.70 0.66
C ALA A 82 -3.23 0.23 1.52
N VAL A 83 -2.96 0.24 2.82
CA VAL A 83 -3.69 1.08 3.75
C VAL A 83 -3.19 2.52 3.71
N LEU A 84 -1.88 2.68 3.53
CA LEU A 84 -1.26 4.00 3.47
C LEU A 84 -1.79 4.79 2.27
N TYR A 85 -2.41 4.08 1.33
CA TYR A 85 -2.96 4.70 0.13
C TYR A 85 -4.42 5.06 0.33
N CYS A 86 -5.21 4.11 0.80
CA CYS A 86 -6.63 4.31 1.03
C CYS A 86 -6.86 5.50 1.97
N VAL A 87 -5.85 5.80 2.79
CA VAL A 87 -5.93 6.91 3.72
C VAL A 87 -5.86 8.25 3.00
N HIS A 88 -5.03 8.31 1.97
CA HIS A 88 -4.87 9.55 1.20
C HIS A 88 -5.88 9.60 0.06
N GLN A 89 -6.34 8.47 -0.47
CA GLN A 89 -7.30 8.48 -1.57
C GLN A 89 -8.73 8.33 -1.03
N ARG A 90 -8.85 8.08 0.26
CA ARG A 90 -10.15 7.91 0.89
C ARG A 90 -10.88 6.70 0.32
N ILE A 91 -10.18 5.57 0.23
CA ILE A 91 -10.76 4.35 -0.29
C ILE A 91 -11.34 3.49 0.82
N ASP A 92 -12.63 3.22 0.74
CA ASP A 92 -13.31 2.39 1.75
C ASP A 92 -12.63 1.04 1.90
N VAL A 93 -12.21 0.73 3.12
CA VAL A 93 -11.54 -0.54 3.40
C VAL A 93 -11.80 -1.00 4.83
N LYS A 94 -11.86 -2.31 5.02
CA LYS A 94 -12.09 -2.88 6.35
C LYS A 94 -10.79 -3.36 6.97
N ASP A 95 -9.82 -3.70 6.13
CA ASP A 95 -8.53 -4.18 6.61
C ASP A 95 -7.48 -4.08 5.51
N THR A 96 -6.28 -4.57 5.80
CA THR A 96 -5.19 -4.54 4.84
C THR A 96 -5.55 -5.29 3.56
N LYS A 97 -6.28 -6.39 3.72
CA LYS A 97 -6.70 -7.20 2.58
C LYS A 97 -7.63 -6.42 1.67
N GLU A 98 -8.62 -5.75 2.27
CA GLU A 98 -9.58 -4.97 1.51
C GLU A 98 -8.87 -3.91 0.66
N ALA A 99 -8.01 -3.13 1.30
CA ALA A 99 -7.27 -2.09 0.61
C ALA A 99 -6.48 -2.66 -0.57
N LEU A 100 -6.15 -3.94 -0.48
CA LEU A 100 -5.40 -4.61 -1.54
C LEU A 100 -6.26 -4.80 -2.78
N ASP A 101 -7.51 -5.20 -2.58
CA ASP A 101 -8.43 -5.42 -3.68
C ASP A 101 -8.88 -4.09 -4.29
N LYS A 102 -9.21 -3.14 -3.42
CA LYS A 102 -9.65 -1.82 -3.87
C LYS A 102 -8.62 -1.19 -4.80
N ILE A 103 -7.35 -1.53 -4.59
CA ILE A 103 -6.28 -1.00 -5.41
C ILE A 103 -5.94 -1.94 -6.57
N GLU A 104 -6.23 -3.23 -6.37
CA GLU A 104 -5.96 -4.23 -7.39
C GLU A 104 -6.99 -4.16 -8.52
N GLU A 105 -8.22 -3.81 -8.16
CA GLU A 105 -9.30 -3.70 -9.14
C GLU A 105 -9.12 -2.47 -10.02
N GLU A 106 -8.83 -1.34 -9.39
CA GLU A 106 -8.63 -0.09 -10.11
C GLU A 106 -7.62 -0.27 -11.24
N GLN A 107 -6.64 -1.14 -11.01
CA GLN A 107 -5.61 -1.41 -12.00
C GLN A 107 -6.05 -2.49 -12.98
N ASN A 108 -6.67 -3.54 -12.45
CA ASN A 108 -7.16 -4.64 -13.27
C ASN A 108 -8.18 -4.17 -14.29
N LYS A 109 -8.95 -3.14 -13.92
CA LYS A 109 -9.97 -2.58 -14.79
C LYS A 109 -9.34 -1.95 -16.02
N SER A 110 -8.17 -1.34 -15.84
CA SER A 110 -7.46 -0.69 -16.94
C SER A 110 -6.87 -1.73 -17.89
N LYS A 111 -6.53 -2.89 -17.34
CA LYS A 111 -5.96 -3.97 -18.15
C LYS A 111 -6.95 -4.44 -19.21
N LYS A 112 -8.23 -4.42 -18.87
CA LYS A 112 -9.27 -4.85 -19.81
C LYS A 112 -9.34 -3.92 -21.00
N LYS A 113 -9.14 -2.62 -20.76
CA LYS A 113 -9.18 -1.63 -21.83
C LYS A 113 -7.97 -1.77 -22.74
N ALA A 114 -6.80 -1.98 -22.15
CA ALA A 114 -5.58 -2.14 -22.91
C ALA A 114 -5.55 -3.48 -23.64
N GLN A 115 -6.22 -4.47 -23.06
CA GLN A 115 -6.27 -5.81 -23.65
C GLN A 115 -7.63 -6.08 -24.28
N GLN A 116 -8.27 -5.02 -24.77
CA GLN A 116 -9.58 -5.14 -25.39
C GLN A 116 -9.55 -6.17 -26.52
N ALA A 117 -8.38 -6.35 -27.13
CA ALA A 117 -8.22 -7.29 -28.23
C ALA A 117 -7.39 -8.49 -27.79
N ALA A 118 -7.41 -8.78 -26.49
CA ALA A 118 -6.66 -9.91 -25.95
C ALA A 118 -7.33 -10.46 -24.69
N ALA A 119 -8.64 -10.26 -24.58
CA ALA A 119 -9.39 -10.74 -23.44
C ALA A 119 -10.35 -11.85 -23.84
N ASP A 120 -10.95 -11.72 -25.02
CA ASP A 120 -11.90 -12.71 -25.52
C ASP A 120 -11.16 -13.90 -26.14
N THR A 121 -10.35 -14.57 -25.32
CA THR A 121 -9.58 -15.72 -25.79
C THR A 121 -9.86 -16.95 -24.93
N GLY A 122 -9.41 -18.12 -25.40
CA GLY A 122 -9.62 -19.34 -24.66
C GLY A 122 -8.46 -19.67 -23.75
N ASN A 123 -7.99 -18.67 -23.01
CA ASN A 123 -6.87 -18.86 -22.08
C ASN A 123 -7.21 -19.91 -21.02
N ASN A 124 -6.22 -20.23 -20.19
CA ASN A 124 -6.41 -21.22 -19.13
C ASN A 124 -7.33 -20.67 -18.04
N SER A 125 -7.84 -21.57 -17.21
CA SER A 125 -8.74 -21.19 -16.13
C SER A 125 -8.00 -21.15 -14.79
N GLN A 126 -7.82 -19.95 -14.25
CA GLN A 126 -7.12 -19.77 -12.98
C GLN A 126 -7.58 -18.48 -12.29
N VAL A 127 -8.80 -18.49 -11.77
CA VAL A 127 -9.35 -17.33 -11.08
C VAL A 127 -9.16 -17.45 -9.58
N SER A 128 -8.11 -18.16 -9.16
CA SER A 128 -7.83 -18.35 -7.76
C SER A 128 -9.00 -19.02 -7.05
N GLN A 129 -8.93 -19.06 -5.72
CA GLN A 129 -9.99 -19.68 -4.92
C GLN A 129 -9.92 -19.20 -3.48
N ASN A 130 -11.00 -18.57 -3.01
CA ASN A 130 -11.07 -18.07 -1.64
C ASN A 130 -11.08 -19.22 -0.64
N TYR A 131 -9.89 -19.65 -0.22
CA TYR A 131 -9.76 -20.73 0.74
C TYR A 131 -10.00 -20.24 2.16
C1 PIO B . 3.44 -8.36 12.76
O1 PIO B . 4.86 -7.93 13.17
P1 PIO B . 5.43 -6.86 14.32
C2 PIO B . 2.58 -9.02 13.88
O2 PIO B . 3.20 -10.17 14.46
C3 PIO B . 1.19 -9.44 13.34
O3 PIO B . 0.46 -10.05 14.41
C4 PIO B . 1.33 -10.40 12.09
O4 PIO B . -0.05 -10.74 11.56
P4 PIO B . -1.24 -11.73 12.16
C5 PIO B . 2.20 -9.68 10.98
O5 PIO B . 2.39 -10.60 9.86
P5 PIO B . 1.33 -11.37 8.85
C6 PIO B . 3.59 -9.25 11.52
O6 PIO B . 4.33 -8.49 10.55
O11 PIO B . 4.33 -5.80 14.36
O12 PIO B . 5.61 -7.71 15.56
O13 PIO B . 6.75 -6.35 13.84
C1A PIO B . 5.56 -4.87 9.84
O1A PIO B . 5.91 -5.71 9.07
C1B PIO B . 8.80 -3.17 14.43
O1B PIO B . 9.66 -2.31 14.31
C1C PIO B . 6.89 -6.01 12.48
C2A PIO B . 4.11 -4.35 9.80
C2B PIO B . 8.42 -3.70 15.84
C2C PIO B . 6.23 -4.66 12.16
O2C PIO B . 6.46 -4.34 10.79
C3A PIO B . 3.64 -4.19 8.35
C3B PIO B . 9.64 -4.04 16.71
C3C PIO B . 6.79 -3.51 13.05
O3C PIO B . 8.14 -3.79 13.35
O41 PIO B . -2.40 -10.74 12.16
O42 PIO B . -1.38 -12.85 11.15
O43 PIO B . -0.83 -12.27 13.52
C4A PIO B . 2.11 -4.34 8.28
C4B PIO B . 9.40 -3.66 18.18
O51 PIO B . 2.08 -11.24 7.53
O52 PIO B . 1.21 -12.75 9.45
O53 PIO B . 0.08 -10.52 8.93
C5A PIO B . 1.73 -5.39 7.22
C5B PIO B . 9.30 -4.94 19.03
C6A PIO B . 1.69 -6.79 7.85
C6B PIO B . 10.71 -5.36 19.50
C7A PIO B . 0.23 -7.17 8.16
C7B PIO B . 11.08 -6.70 18.83
C8A PIO B . -0.27 -8.17 7.10
C8B PIO B . 10.69 -7.86 19.77
H1 PIO B . 2.86 -7.46 12.52
H2 PIO B . 2.45 -8.27 14.66
H3 PIO B . 0.65 -8.55 12.99
H4 PIO B . 1.82 -11.34 12.33
H5 PIO B . 1.63 -8.80 10.69
H6 PIO B . 4.16 -10.14 11.75
HO2 PIO B . 3.49 -10.83 13.88
HO3 PIO B . 0.87 -10.87 14.66
HO6 PIO B . 4.72 -9.04 9.89
HC11 PIO B . 7.91 -5.95 12.24
HC12 PIO B . 6.43 -6.75 11.86
HC2 PIO B . 5.20 -4.71 12.37
HC31 PIO B . 6.77 -2.60 12.51
HC32 PIO B . 6.21 -3.39 13.91
H2A1 PIO B . 4.06 -3.42 10.28
H2A2 PIO B . 3.49 -5.03 10.30
H3A1 PIO B . 4.09 -4.92 7.75
H3A2 PIO B . 3.90 -3.24 7.98
H4A1 PIO B . 1.75 -4.66 9.22
H4A2 PIO B . 1.68 -3.42 8.03
H5A1 PIO B . 2.45 -5.38 6.45
H5A2 PIO B . 0.80 -5.16 6.80
H6A1 PIO B . 2.11 -7.49 7.20
H6A2 PIO B . 2.24 -6.78 8.75
H7A1 PIO B . -0.37 -6.31 8.14
H7A2 PIO B . 0.18 -7.61 9.11
H8A1 PIO B . -0.57 -7.63 6.24
H8A2 PIO B . -1.08 -8.70 7.48
H8A3 PIO B . 0.50 -8.83 6.84
H2B1 PIO B . 7.86 -2.96 16.33
H2B2 PIO B . 7.84 -4.56 15.70
H3B1 PIO B . 9.80 -5.09 16.66
H3B2 PIO B . 10.48 -3.54 16.35
H4B1 PIO B . 8.51 -3.10 18.28
H4B2 PIO B . 10.20 -3.08 18.51
H5B1 PIO B . 8.86 -5.71 18.47
H5B2 PIO B . 8.69 -4.75 19.87
H6B1 PIO B . 10.71 -5.47 20.54
H6B2 PIO B . 11.40 -4.62 19.22
H7B1 PIO B . 12.11 -6.73 18.66
H7B2 PIO B . 10.56 -6.80 17.92
H8B1 PIO B . 11.02 -8.77 19.35
H8B2 PIO B . 9.64 -7.88 19.89
H8B3 PIO B . 11.14 -7.72 20.70
N GLY A 1 7.12 23.70 8.02
CA GLY A 1 6.18 24.59 7.37
C GLY A 1 4.76 24.09 7.43
N ALA A 2 4.32 23.41 6.37
CA ALA A 2 2.96 22.87 6.31
C ALA A 2 2.99 21.37 6.04
N ARG A 3 3.49 20.99 4.88
CA ARG A 3 3.56 19.58 4.50
C ARG A 3 4.63 18.85 5.31
N ALA A 4 4.21 17.91 6.15
CA ALA A 4 5.13 17.15 6.99
C ALA A 4 4.47 15.89 7.52
N SER A 5 5.28 15.00 8.08
CA SER A 5 4.76 13.74 8.63
C SER A 5 4.07 12.92 7.56
N VAL A 6 3.57 11.76 7.94
CA VAL A 6 2.87 10.87 7.01
C VAL A 6 1.36 11.07 7.08
N LEU A 7 0.80 10.81 8.26
CA LEU A 7 -0.65 10.95 8.47
C LEU A 7 -0.94 12.07 9.47
N SER A 8 -1.87 12.94 9.13
CA SER A 8 -2.25 14.05 9.99
C SER A 8 -3.22 13.58 11.08
N GLY A 9 -3.76 14.54 11.82
CA GLY A 9 -4.70 14.21 12.88
C GLY A 9 -5.92 13.48 12.37
N GLY A 10 -6.55 14.04 11.34
CA GLY A 10 -7.73 13.41 10.77
C GLY A 10 -7.44 12.06 10.16
N GLU A 11 -6.32 11.96 9.44
CA GLU A 11 -5.93 10.71 8.80
C GLU A 11 -5.59 9.65 9.85
N LEU A 12 -4.89 10.06 10.89
CA LEU A 12 -4.50 9.15 11.96
C LEU A 12 -5.70 8.38 12.49
N ASP A 13 -6.86 9.04 12.51
CA ASP A 13 -8.09 8.42 12.98
C ASP A 13 -8.40 7.16 12.20
N LYS A 14 -8.53 7.30 10.88
CA LYS A 14 -8.82 6.18 10.01
C LYS A 14 -7.71 5.14 10.06
N TRP A 15 -6.47 5.60 10.07
CA TRP A 15 -5.32 4.70 10.13
C TRP A 15 -5.40 3.79 11.35
N GLU A 16 -5.50 4.41 12.53
CA GLU A 16 -5.58 3.64 13.76
C GLU A 16 -6.76 2.68 13.74
N LYS A 17 -7.76 2.99 12.93
CA LYS A 17 -8.94 2.15 12.80
C LYS A 17 -8.66 0.93 11.95
N ILE A 18 -8.06 1.16 10.77
CA ILE A 18 -7.74 0.06 9.87
C ILE A 18 -6.95 -1.03 10.58
N ARG A 19 -7.27 -2.28 10.26
CA ARG A 19 -6.58 -3.42 10.87
C ARG A 19 -5.72 -4.14 9.84
N LEU A 20 -4.65 -4.77 10.33
CA LEU A 20 -3.74 -5.51 9.45
C LEU A 20 -4.42 -6.72 8.84
N ARG A 21 -5.05 -7.53 9.68
CA ARG A 21 -5.75 -8.73 9.23
C ARG A 21 -7.26 -8.49 9.16
N PRO A 22 -7.95 -9.33 8.38
CA PRO A 22 -9.41 -9.22 8.19
C PRO A 22 -10.17 -9.61 9.46
N GLY A 23 -9.62 -10.55 10.21
CA GLY A 23 -10.26 -11.00 11.44
C GLY A 23 -9.29 -11.10 12.60
N GLY A 24 -8.54 -10.04 12.82
CA GLY A 24 -7.57 -10.02 13.91
C GLY A 24 -7.95 -9.05 15.01
N LYS A 25 -7.02 -8.80 15.94
CA LYS A 25 -7.26 -7.90 17.04
C LYS A 25 -6.11 -6.91 17.19
N LYS A 26 -5.41 -6.65 16.10
CA LYS A 26 -4.28 -5.72 16.10
C LYS A 26 -4.44 -4.66 15.03
N GLN A 27 -5.00 -3.52 15.42
CA GLN A 27 -5.22 -2.41 14.48
C GLN A 27 -3.89 -1.84 14.02
N TYR A 28 -3.96 -0.79 13.22
CA TYR A 28 -2.76 -0.14 12.69
C TYR A 28 -2.25 0.92 13.66
N LYS A 29 -0.94 1.12 13.66
CA LYS A 29 -0.32 2.12 14.54
C LYS A 29 0.87 2.79 13.85
N LEU A 30 1.33 3.89 14.42
CA LEU A 30 2.46 4.62 13.87
C LEU A 30 3.66 3.71 13.66
N LYS A 31 3.78 2.70 14.51
CA LYS A 31 4.88 1.73 14.41
C LYS A 31 4.98 1.17 13.00
N HIS A 32 3.84 0.95 12.37
CA HIS A 32 3.79 0.41 11.01
C HIS A 32 4.16 1.48 10.00
N ILE A 33 3.78 2.74 10.19
CA ILE A 33 4.10 3.80 9.26
C ILE A 33 5.60 4.05 9.20
N VAL A 34 6.26 3.95 10.35
CA VAL A 34 7.70 4.16 10.43
C VAL A 34 8.46 2.91 10.02
N TRP A 35 7.93 1.75 10.39
CA TRP A 35 8.56 0.48 10.05
C TRP A 35 8.74 0.34 8.55
N ALA A 36 7.83 0.94 7.79
CA ALA A 36 7.89 0.88 6.33
C ALA A 36 8.78 1.98 5.78
N SER A 37 8.63 3.19 6.31
CA SER A 37 9.42 4.33 5.88
C SER A 37 10.91 4.03 5.97
N ARG A 38 11.34 3.56 7.14
CA ARG A 38 12.74 3.23 7.36
C ARG A 38 13.23 2.21 6.35
N GLU A 39 12.32 1.41 5.83
CA GLU A 39 12.65 0.39 4.84
C GLU A 39 12.69 0.98 3.44
N LEU A 40 11.90 2.03 3.22
CA LEU A 40 11.85 2.69 1.93
C LEU A 40 13.19 3.34 1.60
N GLU A 41 13.72 4.10 2.54
CA GLU A 41 15.00 4.79 2.35
C GLU A 41 16.09 3.79 1.97
N ARG A 42 15.92 2.55 2.38
CA ARG A 42 16.89 1.50 2.08
C ARG A 42 16.82 1.09 0.62
N PHE A 43 15.65 1.27 0.01
CA PHE A 43 15.45 0.92 -1.39
C PHE A 43 15.65 2.13 -2.29
N ALA A 44 16.44 3.08 -1.83
CA ALA A 44 16.72 4.29 -2.59
C ALA A 44 15.44 5.12 -2.79
N VAL A 45 14.45 4.87 -1.93
CA VAL A 45 13.19 5.58 -2.01
C VAL A 45 12.93 6.38 -0.74
N ASN A 46 12.90 7.70 -0.87
CA ASN A 46 12.65 8.58 0.27
C ASN A 46 11.27 8.33 0.87
N PRO A 47 11.17 8.44 2.20
CA PRO A 47 9.91 8.24 2.92
C PRO A 47 8.90 9.34 2.65
N GLY A 48 9.34 10.39 1.96
CA GLY A 48 8.46 11.49 1.65
C GLY A 48 7.38 11.12 0.65
N LEU A 49 7.52 9.94 0.06
CA LEU A 49 6.56 9.46 -0.92
C LEU A 49 5.34 8.86 -0.25
N LEU A 50 5.51 8.42 1.00
CA LEU A 50 4.42 7.83 1.76
C LEU A 50 3.40 8.89 2.17
N GLU A 51 3.87 10.12 2.34
CA GLU A 51 3.00 11.22 2.73
C GLU A 51 2.18 11.71 1.54
N THR A 52 2.47 11.16 0.36
CA THR A 52 1.76 11.53 -0.85
C THR A 52 1.13 10.32 -1.52
N SER A 53 -0.17 10.40 -1.79
CA SER A 53 -0.89 9.32 -2.43
C SER A 53 -0.24 8.93 -3.76
N GLU A 54 0.47 9.89 -4.35
CA GLU A 54 1.14 9.66 -5.63
C GLU A 54 2.43 8.87 -5.44
N GLY A 55 3.18 9.24 -4.41
CA GLY A 55 4.44 8.57 -4.13
C GLY A 55 4.23 7.16 -3.61
N CYS A 56 3.04 6.87 -3.12
CA CYS A 56 2.71 5.55 -2.59
C CYS A 56 2.55 4.54 -3.72
N ARG A 57 1.73 4.89 -4.71
CA ARG A 57 1.49 4.01 -5.84
C ARG A 57 2.81 3.54 -6.46
N GLN A 58 3.75 4.48 -6.60
CA GLN A 58 5.05 4.16 -7.18
C GLN A 58 5.71 2.99 -6.45
N ILE A 59 5.36 2.84 -5.17
CA ILE A 59 5.92 1.76 -4.37
C ILE A 59 5.31 0.42 -4.75
N LEU A 60 4.00 0.40 -4.95
CA LEU A 60 3.30 -0.83 -5.33
C LEU A 60 3.67 -1.25 -6.74
N GLY A 61 4.08 -0.30 -7.56
CA GLY A 61 4.47 -0.60 -8.93
C GLY A 61 5.75 -1.42 -8.99
N GLN A 62 6.53 -1.39 -7.91
CA GLN A 62 7.78 -2.13 -7.87
C GLN A 62 7.61 -3.45 -7.11
N LEU A 63 6.64 -3.48 -6.21
CA LEU A 63 6.37 -4.67 -5.41
C LEU A 63 5.38 -5.58 -6.12
N GLN A 64 4.58 -5.01 -7.01
CA GLN A 64 3.59 -5.77 -7.76
C GLN A 64 4.23 -6.98 -8.44
N PRO A 65 5.18 -6.72 -9.34
CA PRO A 65 5.90 -7.76 -10.07
C PRO A 65 6.84 -8.56 -9.17
N SER A 66 7.12 -8.02 -7.99
CA SER A 66 8.02 -8.68 -7.05
C SER A 66 7.25 -9.70 -6.21
N LEU A 67 5.95 -9.47 -6.03
CA LEU A 67 5.11 -10.36 -5.26
C LEU A 67 5.25 -11.81 -5.75
N GLN A 68 5.54 -11.97 -7.03
CA GLN A 68 5.70 -13.28 -7.62
C GLN A 68 6.69 -14.12 -6.82
N THR A 69 7.73 -13.48 -6.31
CA THR A 69 8.74 -14.16 -5.52
C THR A 69 9.33 -13.24 -4.46
N GLY A 70 8.46 -12.51 -3.77
CA GLY A 70 8.91 -11.60 -2.73
C GLY A 70 9.21 -12.32 -1.42
N SER A 71 9.73 -11.57 -0.46
CA SER A 71 10.07 -12.14 0.85
C SER A 71 9.14 -11.59 1.93
N GLU A 72 9.46 -11.90 3.19
CA GLU A 72 8.66 -11.44 4.31
C GLU A 72 8.61 -9.91 4.35
N GLU A 73 9.76 -9.28 4.13
CA GLU A 73 9.84 -7.83 4.14
C GLU A 73 9.08 -7.22 2.97
N LEU A 74 9.30 -7.77 1.79
CA LEU A 74 8.63 -7.28 0.58
C LEU A 74 7.12 -7.47 0.69
N ARG A 75 6.70 -8.45 1.48
CA ARG A 75 5.29 -8.74 1.67
C ARG A 75 4.65 -7.73 2.63
N SER A 76 5.23 -7.59 3.81
CA SER A 76 4.73 -6.66 4.82
C SER A 76 4.56 -5.26 4.22
N LEU A 77 5.43 -4.90 3.29
CA LEU A 77 5.38 -3.61 2.64
C LEU A 77 4.08 -3.44 1.86
N TYR A 78 3.85 -4.35 0.92
CA TYR A 78 2.64 -4.31 0.10
C TYR A 78 1.40 -4.20 0.96
N ASN A 79 1.47 -4.75 2.17
CA ASN A 79 0.34 -4.72 3.10
C ASN A 79 0.12 -3.30 3.62
N THR A 80 1.14 -2.75 4.26
CA THR A 80 1.06 -1.41 4.82
C THR A 80 0.78 -0.38 3.73
N ILE A 81 1.52 -0.47 2.63
CA ILE A 81 1.35 0.45 1.51
C ILE A 81 -0.11 0.54 1.08
N ALA A 82 -0.77 -0.62 1.04
CA ALA A 82 -2.17 -0.67 0.65
C ALA A 82 -3.02 0.27 1.51
N VAL A 83 -2.86 0.16 2.82
CA VAL A 83 -3.61 1.00 3.75
C VAL A 83 -3.11 2.44 3.72
N LEU A 84 -1.81 2.61 3.56
CA LEU A 84 -1.21 3.93 3.49
C LEU A 84 -1.74 4.73 2.31
N TYR A 85 -2.34 4.03 1.36
CA TYR A 85 -2.90 4.66 0.18
C TYR A 85 -4.37 5.02 0.38
N CYS A 86 -5.14 4.05 0.85
CA CYS A 86 -6.57 4.26 1.10
C CYS A 86 -6.79 5.42 2.05
N VAL A 87 -5.78 5.71 2.86
CA VAL A 87 -5.86 6.80 3.83
C VAL A 87 -5.80 8.16 3.14
N HIS A 88 -4.99 8.24 2.09
CA HIS A 88 -4.83 9.49 1.34
C HIS A 88 -5.89 9.59 0.25
N GLN A 89 -6.28 8.49 -0.40
CA GLN A 89 -7.29 8.53 -1.45
C GLN A 89 -8.69 8.36 -0.87
N ARG A 90 -8.76 8.05 0.41
CA ARG A 90 -10.04 7.86 1.09
C ARG A 90 -10.79 6.68 0.50
N ILE A 91 -10.10 5.56 0.34
CA ILE A 91 -10.70 4.35 -0.21
C ILE A 91 -11.29 3.48 0.90
N ASP A 92 -12.59 3.27 0.84
CA ASP A 92 -13.28 2.46 1.84
C ASP A 92 -12.62 1.08 1.96
N VAL A 93 -12.21 0.74 3.18
CA VAL A 93 -11.57 -0.54 3.43
C VAL A 93 -11.83 -1.02 4.86
N LYS A 94 -11.66 -2.31 5.09
CA LYS A 94 -11.87 -2.90 6.40
C LYS A 94 -10.57 -3.46 6.98
N ASP A 95 -9.65 -3.82 6.08
CA ASP A 95 -8.36 -4.36 6.50
C ASP A 95 -7.32 -4.22 5.39
N THR A 96 -6.13 -4.75 5.62
CA THR A 96 -5.05 -4.68 4.64
C THR A 96 -5.43 -5.42 3.37
N LYS A 97 -6.13 -6.53 3.51
CA LYS A 97 -6.56 -7.34 2.37
C LYS A 97 -7.53 -6.55 1.49
N GLU A 98 -8.51 -5.92 2.11
CA GLU A 98 -9.50 -5.13 1.39
C GLU A 98 -8.83 -4.02 0.59
N ALA A 99 -7.98 -3.25 1.26
CA ALA A 99 -7.27 -2.15 0.62
C ALA A 99 -6.44 -2.64 -0.56
N LEU A 100 -6.06 -3.92 -0.52
CA LEU A 100 -5.27 -4.51 -1.59
C LEU A 100 -6.10 -4.68 -2.85
N ASP A 101 -7.34 -5.13 -2.69
CA ASP A 101 -8.24 -5.34 -3.82
C ASP A 101 -8.72 -4.00 -4.38
N LYS A 102 -9.05 -3.08 -3.49
CA LYS A 102 -9.53 -1.76 -3.89
C LYS A 102 -8.50 -1.06 -4.77
N ILE A 103 -7.24 -1.42 -4.59
CA ILE A 103 -6.16 -0.82 -5.37
C ILE A 103 -5.76 -1.72 -6.54
N GLU A 104 -5.98 -3.01 -6.37
CA GLU A 104 -5.64 -3.98 -7.41
C GLU A 104 -6.68 -3.96 -8.54
N GLU A 105 -7.90 -3.60 -8.19
CA GLU A 105 -8.98 -3.53 -9.17
C GLU A 105 -8.85 -2.30 -10.05
N GLU A 106 -8.43 -1.19 -9.45
CA GLU A 106 -8.27 0.06 -10.17
C GLU A 106 -7.17 -0.06 -11.23
N GLN A 107 -6.21 -0.95 -10.97
CA GLN A 107 -5.11 -1.17 -11.89
C GLN A 107 -5.53 -2.08 -13.04
N ASN A 108 -6.44 -3.00 -12.75
CA ASN A 108 -6.92 -3.95 -13.76
C ASN A 108 -7.75 -3.22 -14.81
N LYS A 109 -8.59 -2.30 -14.36
CA LYS A 109 -9.44 -1.53 -15.27
C LYS A 109 -8.62 -0.52 -16.06
N SER A 110 -7.50 -0.10 -15.50
CA SER A 110 -6.63 0.88 -16.14
C SER A 110 -5.32 0.23 -16.57
N LYS A 111 -5.36 -1.08 -16.81
CA LYS A 111 -4.18 -1.82 -17.23
C LYS A 111 -3.74 -1.40 -18.63
N LYS A 112 -4.71 -1.05 -19.47
CA LYS A 112 -4.42 -0.64 -20.84
C LYS A 112 -4.23 0.88 -20.91
N LYS A 113 -4.94 1.60 -20.05
CA LYS A 113 -4.84 3.05 -20.01
C LYS A 113 -3.99 3.51 -18.83
N ALA A 114 -3.06 2.67 -18.40
CA ALA A 114 -2.18 2.99 -17.29
C ALA A 114 -1.18 4.07 -17.68
N GLN A 115 -0.89 4.17 -18.97
CA GLN A 115 0.05 5.17 -19.47
C GLN A 115 -0.68 6.26 -20.25
N GLN A 116 -1.95 6.47 -19.90
CA GLN A 116 -2.76 7.50 -20.57
C GLN A 116 -3.49 8.35 -19.55
N ALA A 117 -4.32 7.71 -18.73
CA ALA A 117 -5.09 8.42 -17.72
C ALA A 117 -4.22 8.77 -16.51
N ALA A 118 -3.51 7.77 -16.00
CA ALA A 118 -2.63 7.97 -14.85
C ALA A 118 -1.58 9.04 -15.14
N ALA A 119 -1.25 9.20 -16.42
CA ALA A 119 -0.25 10.19 -16.83
C ALA A 119 -0.69 11.60 -16.43
N ASP A 120 -1.99 11.82 -16.39
CA ASP A 120 -2.54 13.12 -16.02
C ASP A 120 -3.14 13.09 -14.63
N THR A 121 -2.39 12.54 -13.67
CA THR A 121 -2.85 12.45 -12.30
C THR A 121 -3.00 13.83 -11.67
N GLY A 122 -3.92 13.94 -10.72
CA GLY A 122 -4.15 15.21 -10.06
C GLY A 122 -3.08 15.54 -9.03
N ASN A 123 -3.02 16.80 -8.62
CA ASN A 123 -2.04 17.24 -7.64
C ASN A 123 -2.44 16.83 -6.23
N ASN A 124 -1.49 16.85 -5.30
CA ASN A 124 -1.75 16.48 -3.92
C ASN A 124 -1.19 17.52 -2.96
N SER A 125 -1.49 17.37 -1.68
CA SER A 125 -1.01 18.30 -0.66
C SER A 125 -1.36 17.80 0.74
N GLN A 126 -0.94 18.54 1.75
CA GLN A 126 -1.20 18.18 3.13
C GLN A 126 -1.72 19.37 3.92
N VAL A 127 -3.04 19.59 3.85
CA VAL A 127 -3.66 20.70 4.56
C VAL A 127 -5.06 20.33 5.04
N SER A 128 -5.23 20.25 6.35
CA SER A 128 -6.52 19.90 6.93
C SER A 128 -6.47 20.00 8.46
N GLN A 129 -7.55 19.57 9.11
CA GLN A 129 -7.63 19.62 10.56
C GLN A 129 -7.62 18.21 11.15
N ASN A 130 -7.85 18.12 12.46
CA ASN A 130 -7.87 16.83 13.14
C ASN A 130 -9.28 16.28 13.25
N TYR A 131 -9.43 15.15 13.91
CA TYR A 131 -10.74 14.51 14.08
C TYR A 131 -10.85 13.87 15.46
C1 PIO B . 3.39 -8.43 12.74
O1 PIO B . 4.79 -8.00 13.17
P1 PIO B . 5.34 -6.94 14.35
C2 PIO B . 2.49 -9.01 13.88
O2 PIO B . 3.09 -10.10 14.57
C3 PIO B . 1.11 -9.45 13.33
O3 PIO B . 0.34 -9.97 14.41
C4 PIO B . 1.28 -10.50 12.17
O4 PIO B . -0.09 -10.87 11.61
P4 PIO B . -0.69 -12.32 11.05
C5 PIO B . 2.19 -9.87 11.04
O5 PIO B . 2.40 -10.87 9.99
P5 PIO B . 3.43 -12.15 9.81
C6 PIO B . 3.57 -9.41 11.57
O6 PIO B . 4.35 -8.73 10.57
O11 PIO B . 4.25 -5.86 14.37
O12 PIO B . 5.48 -7.80 15.58
O13 PIO B . 6.68 -6.44 13.90
C1A PIO B . 5.59 -4.89 9.90
O1A PIO B . 5.95 -5.75 9.12
C1B PIO B . 8.64 -3.68 14.75
O1B PIO B . 8.02 -3.89 15.77
C1C PIO B . 6.87 -6.08 12.54
C2A PIO B . 4.15 -4.36 9.84
C2B PIO B . 10.08 -3.11 14.82
C2C PIO B . 6.22 -4.70 12.23
O2C PIO B . 6.48 -4.38 10.87
C3A PIO B . 3.69 -4.20 8.38
C3B PIO B . 10.13 -1.59 15.01
C3C PIO B . 6.78 -3.58 13.13
O3C PIO B . 8.12 -3.87 13.45
O41 PIO B . -1.98 -12.37 11.87
O42 PIO B . -0.90 -12.12 9.57
O43 PIO B . 0.32 -13.43 11.32
C4A PIO B . 2.18 -4.41 8.28
C4B PIO B . 11.51 -1.02 14.61
O51 PIO B . 2.76 -12.89 8.68
O52 PIO B . 4.76 -11.49 9.53
O53 PIO B . 3.33 -12.85 11.15
C5A PIO B . 1.87 -5.47 7.22
C5B PIO B . 11.62 0.44 15.06
C6A PIO B . 1.95 -6.87 7.84
C6B PIO B . 10.65 1.31 14.24
C7A PIO B . 0.62 -7.19 8.57
C7B PIO B . 10.53 2.70 14.89
C8A PIO B . -0.49 -7.41 7.52
C8B PIO B . 9.06 2.96 15.27
H1 PIO B . 2.82 -7.55 12.43
H2 PIO B . 2.34 -8.20 14.60
H3 PIO B . 0.59 -8.59 12.90
H4 PIO B . 1.75 -11.42 12.49
H5 PIO B . 1.63 -9.01 10.66
H6 PIO B . 4.12 -10.29 11.88
HO2 PIO B . 3.38 -10.80 14.04
HO3 PIO B . 0.74 -10.78 14.76
HO6 PIO B . 4.75 -9.33 9.97
HC11 PIO B . 7.90 -6.01 12.34
HC12 PIO B . 6.41 -6.80 11.91
HC2 PIO B . 5.18 -4.76 12.42
HC31 PIO B . 6.77 -2.66 12.61
HC32 PIO B . 6.18 -3.46 13.99
H2A1 PIO B . 4.09 -3.44 10.32
H2A2 PIO B . 3.52 -5.05 10.32
H3A1 PIO B . 4.19 -4.91 7.77
H3A2 PIO B . 3.94 -3.23 8.04
H4A1 PIO B . 1.81 -4.71 9.20
H4A2 PIO B . 1.71 -3.49 8.00
H5A1 PIO B . 2.57 -5.40 6.43
H5A2 PIO B . 0.90 -5.32 6.83
H6A1 PIO B . 2.12 -7.59 7.10
H6A2 PIO B . 2.74 -6.90 8.54
H7A1 PIO B . 0.36 -6.38 9.20
H7A2 PIO B . 0.74 -8.06 9.15
H8A1 PIO B . -0.86 -6.48 7.21
H8A2 PIO B . -1.26 -7.97 7.95
H8A3 PIO B . -0.09 -7.93 6.70
H2B1 PIO B . 10.58 -3.57 15.62
H2B2 PIO B . 10.56 -3.35 13.91
H3B1 PIO B . 9.40 -1.14 14.40
H3B2 PIO B . 9.95 -1.36 16.01
H4B1 PIO B . 11.66 -1.08 13.57
H4B2 PIO B . 12.27 -1.59 15.07
H5B1 PIO B . 12.60 0.78 14.93
H5B2 PIO B . 11.36 0.50 16.09
H6B1 PIO B . 9.71 0.85 14.21
H6B2 PIO B . 11.02 1.41 13.26
H7B1 PIO B . 10.85 3.43 14.21
H7B2 PIO B . 11.12 2.74 15.75
H8B1 PIO B . 8.96 3.93 15.63
H8B2 PIO B . 8.76 2.27 16.01
H8B3 PIO B . 8.45 2.84 14.42
N GLY A 1 1.90 22.95 16.55
CA GLY A 1 0.98 21.86 16.36
C GLY A 1 0.76 21.53 14.89
N ALA A 2 -0.40 20.96 14.58
CA ALA A 2 -0.73 20.60 13.21
C ALA A 2 0.28 19.61 12.64
N ARG A 3 0.74 18.69 13.47
CA ARG A 3 1.72 17.69 13.06
C ARG A 3 1.03 16.54 12.33
N ALA A 4 1.36 16.37 11.05
CA ALA A 4 0.77 15.31 10.24
C ALA A 4 1.87 14.48 9.57
N SER A 5 2.70 15.13 8.77
CA SER A 5 3.78 14.46 8.07
C SER A 5 3.22 13.54 6.97
N VAL A 6 2.68 12.40 7.39
CA VAL A 6 2.12 11.44 6.45
C VAL A 6 0.58 11.45 6.50
N LEU A 7 0.04 10.98 7.62
CA LEU A 7 -1.41 10.93 7.80
C LEU A 7 -1.89 12.13 8.61
N SER A 8 -3.02 12.70 8.21
CA SER A 8 -3.59 13.85 8.90
C SER A 8 -4.43 13.40 10.09
N GLY A 9 -5.11 14.36 10.73
CA GLY A 9 -5.94 14.05 11.86
C GLY A 9 -7.05 13.07 11.54
N GLY A 10 -7.78 13.35 10.47
CA GLY A 10 -8.87 12.48 10.06
C GLY A 10 -8.38 11.11 9.62
N GLU A 11 -7.24 11.09 8.93
CA GLU A 11 -6.67 9.84 8.45
C GLU A 11 -6.11 9.02 9.61
N LEU A 12 -5.55 9.69 10.59
CA LEU A 12 -4.98 9.03 11.76
C LEU A 12 -6.04 8.26 12.52
N ASP A 13 -7.25 8.81 12.58
CA ASP A 13 -8.36 8.18 13.28
C ASP A 13 -8.68 6.82 12.65
N LYS A 14 -9.05 6.84 11.37
CA LYS A 14 -9.38 5.61 10.66
C LYS A 14 -8.17 4.68 10.58
N TRP A 15 -7.00 5.26 10.36
CA TRP A 15 -5.77 4.50 10.26
C TRP A 15 -5.59 3.58 11.48
N GLU A 16 -5.94 4.10 12.65
CA GLU A 16 -5.82 3.34 13.89
C GLU A 16 -6.89 2.25 13.95
N LYS A 17 -7.99 2.46 13.25
CA LYS A 17 -9.08 1.50 13.23
C LYS A 17 -8.76 0.32 12.30
N ILE A 18 -8.20 0.64 11.14
CA ILE A 18 -7.84 -0.38 10.16
C ILE A 18 -7.00 -1.49 10.81
N ARG A 19 -7.37 -2.74 10.56
CA ARG A 19 -6.65 -3.87 11.11
C ARG A 19 -5.68 -4.45 10.08
N LEU A 20 -4.60 -5.05 10.57
CA LEU A 20 -3.61 -5.65 9.69
C LEU A 20 -4.22 -6.77 8.84
N ARG A 21 -5.27 -7.37 9.35
CA ARG A 21 -5.96 -8.46 8.64
C ARG A 21 -7.46 -8.34 8.80
N PRO A 22 -8.21 -8.99 7.89
CA PRO A 22 -9.67 -8.97 7.89
C PRO A 22 -10.25 -9.76 9.07
N GLY A 23 -9.56 -10.83 9.45
CA GLY A 23 -10.01 -11.65 10.55
C GLY A 23 -9.11 -11.56 11.76
N GLY A 24 -8.35 -10.47 11.86
CA GLY A 24 -7.45 -10.28 12.97
C GLY A 24 -7.88 -9.14 13.89
N LYS A 25 -7.12 -8.93 14.95
CA LYS A 25 -7.43 -7.87 15.90
C LYS A 25 -6.33 -6.80 15.89
N LYS A 26 -5.12 -7.20 15.53
CA LYS A 26 -3.99 -6.28 15.48
C LYS A 26 -4.33 -5.05 14.63
N GLN A 27 -4.56 -3.92 15.31
CA GLN A 27 -4.90 -2.69 14.63
C GLN A 27 -3.64 -1.99 14.11
N TYR A 28 -3.83 -1.00 13.25
CA TYR A 28 -2.71 -0.26 12.68
C TYR A 28 -2.30 0.90 13.60
N LYS A 29 -1.02 1.26 13.55
CA LYS A 29 -0.49 2.34 14.36
C LYS A 29 0.63 3.08 13.64
N LEU A 30 1.31 3.97 14.36
CA LEU A 30 2.41 4.73 13.79
C LEU A 30 3.64 3.86 13.59
N LYS A 31 3.80 2.88 14.46
CA LYS A 31 4.94 1.97 14.38
C LYS A 31 5.07 1.37 12.98
N HIS A 32 3.94 1.10 12.35
CA HIS A 32 3.92 0.54 11.02
C HIS A 32 4.26 1.61 9.97
N ILE A 33 3.80 2.84 10.12
CA ILE A 33 4.10 3.89 9.16
C ILE A 33 5.60 4.18 9.10
N VAL A 34 6.25 4.17 10.27
CA VAL A 34 7.68 4.42 10.35
C VAL A 34 8.48 3.19 9.96
N TRP A 35 7.97 2.02 10.36
CA TRP A 35 8.64 0.75 10.04
C TRP A 35 8.88 0.62 8.54
N ALA A 36 7.96 1.16 7.75
CA ALA A 36 8.07 1.10 6.29
C ALA A 36 9.02 2.17 5.78
N SER A 37 9.08 3.30 6.48
CA SER A 37 9.95 4.40 6.08
C SER A 37 11.43 4.01 6.20
N ARG A 38 11.74 3.26 7.27
CA ARG A 38 13.11 2.82 7.49
C ARG A 38 13.52 1.76 6.49
N GLU A 39 12.61 0.83 6.20
CA GLU A 39 12.88 -0.24 5.24
C GLU A 39 12.85 0.28 3.82
N LEU A 40 12.10 1.37 3.59
CA LEU A 40 11.99 1.97 2.28
C LEU A 40 13.31 2.59 1.85
N GLU A 41 13.85 3.47 2.69
CA GLU A 41 15.12 4.13 2.40
C GLU A 41 16.22 3.11 2.10
N ARG A 42 16.07 1.91 2.66
CA ARG A 42 17.05 0.85 2.45
C ARG A 42 17.01 0.35 1.02
N PHE A 43 15.85 0.46 0.38
CA PHE A 43 15.68 0.01 -1.00
C PHE A 43 15.83 1.19 -1.96
N ALA A 44 16.59 2.19 -1.55
CA ALA A 44 16.82 3.37 -2.38
C ALA A 44 15.52 4.13 -2.62
N VAL A 45 14.54 3.92 -1.73
CA VAL A 45 13.26 4.58 -1.86
C VAL A 45 12.98 5.47 -0.65
N ASN A 46 12.91 6.77 -0.90
CA ASN A 46 12.65 7.73 0.18
C ASN A 46 11.28 7.50 0.79
N PRO A 47 11.18 7.72 2.12
CA PRO A 47 9.92 7.54 2.86
C PRO A 47 8.89 8.61 2.51
N GLY A 48 9.33 9.65 1.81
CA GLY A 48 8.43 10.72 1.43
C GLY A 48 7.38 10.26 0.44
N LEU A 49 7.56 9.06 -0.11
CA LEU A 49 6.62 8.51 -1.07
C LEU A 49 5.37 7.99 -0.38
N LEU A 50 5.50 7.67 0.91
CA LEU A 50 4.37 7.16 1.69
C LEU A 50 3.44 8.30 2.12
N GLU A 51 3.97 9.52 2.12
CA GLU A 51 3.20 10.69 2.51
C GLU A 51 2.60 11.37 1.28
N THR A 52 2.46 10.63 0.20
CA THR A 52 1.90 11.16 -1.04
C THR A 52 1.04 10.13 -1.75
N SER A 53 -0.24 10.45 -1.92
CA SER A 53 -1.18 9.55 -2.56
C SER A 53 -0.72 9.24 -3.99
N GLU A 54 0.11 10.12 -4.54
CA GLU A 54 0.62 9.94 -5.90
C GLU A 54 1.92 9.13 -5.89
N GLY A 55 2.88 9.59 -5.11
CA GLY A 55 4.16 8.90 -5.04
C GLY A 55 4.02 7.48 -4.54
N CYS A 56 2.90 7.19 -3.89
CA CYS A 56 2.64 5.84 -3.36
C CYS A 56 2.39 4.86 -4.50
N ARG A 57 1.55 5.24 -5.44
CA ARG A 57 1.22 4.40 -6.58
C ARG A 57 2.49 3.90 -7.27
N GLN A 58 3.48 4.78 -7.37
CA GLN A 58 4.74 4.43 -8.00
C GLN A 58 5.44 3.30 -7.26
N ILE A 59 5.25 3.25 -5.95
CA ILE A 59 5.85 2.20 -5.13
C ILE A 59 5.20 0.85 -5.38
N LEU A 60 3.89 0.77 -5.13
CA LEU A 60 3.15 -0.46 -5.33
C LEU A 60 3.34 -0.99 -6.75
N GLY A 61 3.61 -0.08 -7.68
CA GLY A 61 3.81 -0.47 -9.07
C GLY A 61 5.05 -1.33 -9.25
N GLN A 62 5.95 -1.28 -8.27
CA GLN A 62 7.18 -2.05 -8.33
C GLN A 62 7.08 -3.30 -7.46
N LEU A 63 6.43 -3.16 -6.31
CA LEU A 63 6.26 -4.27 -5.38
C LEU A 63 5.20 -5.24 -5.89
N GLN A 64 4.27 -4.74 -6.69
CA GLN A 64 3.20 -5.56 -7.24
C GLN A 64 3.77 -6.80 -7.92
N PRO A 65 4.58 -6.59 -8.97
CA PRO A 65 5.19 -7.68 -9.72
C PRO A 65 6.27 -8.40 -8.92
N SER A 66 6.72 -7.77 -7.84
CA SER A 66 7.75 -8.36 -6.99
C SER A 66 7.14 -8.90 -5.69
N LEU A 67 5.87 -9.28 -5.76
CA LEU A 67 5.16 -9.81 -4.61
C LEU A 67 5.51 -11.29 -4.40
N GLN A 68 5.58 -12.03 -5.50
CA GLN A 68 5.90 -13.46 -5.43
C GLN A 68 7.36 -13.66 -5.07
N THR A 69 8.24 -12.87 -5.69
CA THR A 69 9.67 -12.98 -5.43
C THR A 69 10.12 -11.94 -4.39
N GLY A 70 9.22 -11.59 -3.49
CA GLY A 70 9.53 -10.62 -2.46
C GLY A 70 9.59 -11.24 -1.08
N SER A 71 10.72 -11.05 -0.39
CA SER A 71 10.90 -11.61 0.95
C SER A 71 9.81 -11.10 1.89
N GLU A 72 9.87 -11.54 3.15
CA GLU A 72 8.90 -11.13 4.14
C GLU A 72 8.84 -9.62 4.28
N GLU A 73 9.98 -8.97 4.06
CA GLU A 73 10.06 -7.52 4.15
C GLU A 73 9.18 -6.85 3.10
N LEU A 74 9.39 -7.22 1.85
CA LEU A 74 8.61 -6.66 0.75
C LEU A 74 7.11 -6.87 0.97
N ARG A 75 6.77 -8.03 1.53
CA ARG A 75 5.37 -8.36 1.80
C ARG A 75 4.75 -7.35 2.75
N SER A 76 5.39 -7.16 3.90
CA SER A 76 4.89 -6.22 4.91
C SER A 76 4.75 -4.82 4.32
N LEU A 77 5.62 -4.49 3.38
CA LEU A 77 5.60 -3.18 2.73
C LEU A 77 4.31 -2.98 1.95
N TYR A 78 4.04 -3.89 1.01
CA TYR A 78 2.84 -3.81 0.20
C TYR A 78 1.60 -3.68 1.08
N ASN A 79 1.66 -4.25 2.28
CA ASN A 79 0.54 -4.19 3.21
C ASN A 79 0.30 -2.76 3.69
N THR A 80 1.34 -2.16 4.26
CA THR A 80 1.26 -0.79 4.77
C THR A 80 0.99 0.20 3.64
N ILE A 81 1.80 0.10 2.58
CA ILE A 81 1.66 0.99 1.43
C ILE A 81 0.24 0.92 0.86
N ALA A 82 -0.42 -0.21 1.08
CA ALA A 82 -1.78 -0.40 0.59
C ALA A 82 -2.79 0.35 1.45
N VAL A 83 -2.89 -0.03 2.72
CA VAL A 83 -3.81 0.61 3.64
C VAL A 83 -3.61 2.12 3.65
N LEU A 84 -2.36 2.55 3.56
CA LEU A 84 -2.03 3.97 3.55
C LEU A 84 -2.57 4.66 2.30
N TYR A 85 -2.19 4.13 1.14
CA TYR A 85 -2.63 4.68 -0.14
C TYR A 85 -4.14 4.84 -0.17
N CYS A 86 -4.85 3.76 0.18
CA CYS A 86 -6.31 3.77 0.19
C CYS A 86 -6.84 4.95 1.00
N VAL A 87 -6.18 5.25 2.11
CA VAL A 87 -6.57 6.35 2.98
C VAL A 87 -6.28 7.69 2.33
N HIS A 88 -5.05 7.88 1.86
CA HIS A 88 -4.65 9.11 1.21
C HIS A 88 -5.61 9.47 0.09
N GLN A 89 -6.15 8.51 -0.65
CA GLN A 89 -7.07 8.81 -1.74
C GLN A 89 -8.47 9.09 -1.20
N ARG A 90 -9.11 8.06 -0.66
CA ARG A 90 -10.46 8.19 -0.12
C ARG A 90 -10.94 6.86 0.46
N ILE A 91 -10.57 5.77 -0.19
CA ILE A 91 -10.97 4.44 0.25
C ILE A 91 -10.64 4.24 1.73
N ASP A 92 -11.68 4.05 2.54
CA ASP A 92 -11.50 3.84 3.97
C ASP A 92 -11.76 2.37 4.33
N VAL A 93 -10.94 1.48 3.79
CA VAL A 93 -11.07 0.05 4.07
C VAL A 93 -11.09 -0.22 5.56
N LYS A 94 -11.44 -1.45 5.92
CA LYS A 94 -11.50 -1.85 7.33
C LYS A 94 -10.29 -2.69 7.71
N ASP A 95 -9.70 -3.36 6.73
CA ASP A 95 -8.53 -4.19 6.96
C ASP A 95 -7.55 -4.09 5.80
N THR A 96 -6.37 -4.69 5.97
CA THR A 96 -5.35 -4.66 4.94
C THR A 96 -5.82 -5.36 3.67
N LYS A 97 -6.43 -6.52 3.83
CA LYS A 97 -6.93 -7.30 2.70
C LYS A 97 -7.90 -6.46 1.87
N GLU A 98 -8.81 -5.76 2.54
CA GLU A 98 -9.79 -4.92 1.87
C GLU A 98 -9.10 -3.91 0.95
N ALA A 99 -8.10 -3.21 1.49
CA ALA A 99 -7.36 -2.22 0.71
C ALA A 99 -6.61 -2.88 -0.45
N LEU A 100 -6.29 -4.15 -0.28
CA LEU A 100 -5.57 -4.88 -1.32
C LEU A 100 -6.49 -5.21 -2.50
N ASP A 101 -7.80 -5.18 -2.24
CA ASP A 101 -8.78 -5.47 -3.29
C ASP A 101 -9.19 -4.20 -4.01
N LYS A 102 -9.37 -3.12 -3.26
CA LYS A 102 -9.76 -1.84 -3.83
C LYS A 102 -8.61 -1.21 -4.61
N ILE A 103 -7.38 -1.56 -4.22
CA ILE A 103 -6.20 -1.03 -4.87
C ILE A 103 -6.14 -1.48 -6.34
N GLU A 104 -6.73 -2.63 -6.63
CA GLU A 104 -6.75 -3.16 -7.98
C GLU A 104 -7.83 -2.49 -8.82
N GLU A 105 -8.93 -2.12 -8.16
CA GLU A 105 -10.04 -1.48 -8.85
C GLU A 105 -9.70 -0.03 -9.19
N GLU A 106 -8.86 0.59 -8.37
CA GLU A 106 -8.45 1.97 -8.59
C GLU A 106 -7.58 2.09 -9.85
N GLN A 107 -6.85 1.02 -10.15
CA GLN A 107 -5.97 1.01 -11.32
C GLN A 107 -6.76 0.66 -12.58
N ASN A 108 -7.59 -0.37 -12.50
CA ASN A 108 -8.39 -0.79 -13.64
C ASN A 108 -9.21 0.38 -14.18
N LYS A 109 -9.57 1.31 -13.32
CA LYS A 109 -10.35 2.47 -13.71
C LYS A 109 -9.45 3.69 -13.89
N SER A 110 -8.23 3.46 -14.34
CA SER A 110 -7.27 4.55 -14.56
C SER A 110 -6.00 4.02 -15.22
N LYS A 111 -6.17 3.06 -16.12
CA LYS A 111 -5.04 2.48 -16.84
C LYS A 111 -4.81 3.19 -18.17
N LYS A 112 -5.88 3.37 -18.93
CA LYS A 112 -5.81 4.04 -20.22
C LYS A 112 -5.65 5.55 -20.05
N LYS A 113 -6.13 6.06 -18.92
CA LYS A 113 -6.05 7.48 -18.63
C LYS A 113 -5.21 7.74 -17.38
N ALA A 114 -4.16 6.94 -17.21
CA ALA A 114 -3.27 7.08 -16.07
C ALA A 114 -2.63 8.46 -16.03
N GLN A 115 -2.49 9.07 -17.20
CA GLN A 115 -1.87 10.39 -17.30
C GLN A 115 -2.91 11.48 -17.02
N GLN A 116 -4.12 11.29 -17.52
CA GLN A 116 -5.20 12.25 -17.33
C GLN A 116 -5.65 12.28 -15.88
N ALA A 117 -6.04 11.11 -15.37
CA ALA A 117 -6.49 10.99 -13.98
C ALA A 117 -5.42 11.47 -13.01
N ALA A 118 -4.16 11.35 -13.42
CA ALA A 118 -3.05 11.77 -12.58
C ALA A 118 -2.56 13.16 -12.97
N ALA A 119 -3.44 14.15 -12.80
CA ALA A 119 -3.11 15.53 -13.13
C ALA A 119 -4.02 16.51 -12.39
N ASP A 120 -4.51 16.10 -11.23
CA ASP A 120 -5.39 16.93 -10.43
C ASP A 120 -4.95 16.96 -8.97
N THR A 121 -3.63 16.96 -8.76
CA THR A 121 -3.07 17.00 -7.42
C THR A 121 -2.83 18.42 -6.94
N GLY A 122 -2.73 18.60 -5.63
CA GLY A 122 -2.50 19.92 -5.07
C GLY A 122 -3.03 20.05 -3.66
N ASN A 123 -2.86 21.23 -3.08
CA ASN A 123 -3.35 21.49 -1.72
C ASN A 123 -2.62 20.59 -0.72
N ASN A 124 -2.86 20.85 0.57
CA ASN A 124 -2.23 20.06 1.62
C ASN A 124 -2.87 20.37 2.98
N SER A 125 -2.45 19.64 4.01
CA SER A 125 -2.98 19.83 5.35
C SER A 125 -2.85 21.28 5.78
N GLN A 126 -3.62 21.66 6.79
CA GLN A 126 -3.59 23.02 7.31
C GLN A 126 -3.58 23.03 8.84
N VAL A 127 -4.67 22.55 9.43
CA VAL A 127 -4.79 22.49 10.88
C VAL A 127 -5.31 21.14 11.35
N SER A 128 -4.77 20.66 12.46
CA SER A 128 -5.18 19.37 13.01
C SER A 128 -4.82 19.27 14.48
N GLN A 129 -5.84 19.13 15.32
CA GLN A 129 -5.63 19.03 16.76
C GLN A 129 -6.85 18.39 17.44
N ASN A 130 -6.58 17.50 18.40
CA ASN A 130 -7.65 16.82 19.12
C ASN A 130 -7.34 16.76 20.62
N TYR A 131 -8.39 16.78 21.43
CA TYR A 131 -8.23 16.73 22.88
C TYR A 131 -8.68 15.38 23.43
C1 PIO B . 3.78 -8.59 11.40
O1 PIO B . 5.14 -8.27 12.04
P1 PIO B . 5.56 -7.45 13.42
C2 PIO B . 2.81 -9.44 12.28
O2 PIO B . 3.37 -10.68 12.72
C3 PIO B . 1.49 -9.73 11.52
O3 PIO B . 0.65 -10.50 12.38
C4 PIO B . 1.78 -10.47 10.15
O4 PIO B . 0.47 -10.68 9.41
P4 PIO B . 0.14 -11.42 7.95
C5 PIO B . 2.76 -9.57 9.29
O5 PIO B . 3.07 -10.28 8.05
P5 PIO B . 3.72 -9.81 6.61
C6 PIO B . 4.08 -9.26 10.04
O6 PIO B . 4.92 -8.35 9.31
O11 PIO B . 4.38 -6.51 13.64
O12 PIO B . 5.77 -8.54 14.45
O13 PIO B . 6.85 -6.74 13.14
C1A PIO B . 5.35 -3.39 10.06
O1A PIO B . 5.47 -2.19 9.90
C1B PIO B . 8.54 -4.42 14.46
O1B PIO B . 8.06 -5.35 15.08
C1C PIO B . 7.02 -6.08 11.90
C2A PIO B . 4.03 -4.07 9.66
C2B PIO B . 9.70 -3.58 15.08
C2C PIO B . 6.23 -4.75 11.86
O2C PIO B . 6.42 -4.16 10.58
C3A PIO B . 3.51 -3.49 8.34
C3B PIO B . 11.07 -3.89 14.47
C3C PIO B . 6.71 -3.76 12.94
O3C PIO B . 8.08 -3.98 13.20
O41 PIO B . -1.38 -11.43 8.03
O42 PIO B . 0.71 -10.51 6.90
O43 PIO B . 0.80 -12.79 7.91
C4A PIO B . 2.45 -4.44 7.74
C4B PIO B . 11.54 -5.30 14.84
O51 PIO B . 3.21 -10.92 5.70
O52 PIO B . 3.15 -8.41 6.40
O53 PIO B . 5.22 -9.86 6.87
C5A PIO B . 1.20 -4.44 8.63
C5B PIO B . 12.29 -5.94 13.66
C6A PIO B . 0.71 -5.89 8.82
C6B PIO B . 13.74 -6.23 14.07
C7A PIO B . -0.27 -6.25 7.68
C7B PIO B . 14.60 -6.45 12.81
C8A PIO B . -0.62 -7.74 7.75
C8B PIO B . 15.52 -5.24 12.58
H1 PIO B . 3.23 -7.66 11.26
H2 PIO B . 2.58 -8.83 13.16
H3 PIO B . 0.99 -8.79 11.27
H4 PIO B . 2.25 -11.43 10.28
H5 PIO B . 2.22 -8.64 9.10
H6 PIO B . 4.62 -10.18 10.17
HO2 PIO B . 3.72 -11.22 12.06
HO3 PIO B . 1.03 -11.37 12.53
HO6 PIO B . 5.39 -8.79 8.61
HC11 PIO B . 8.03 -5.87 11.75
HC12 PIO B . 6.65 -6.70 11.12
HC2 PIO B . 5.21 -4.93 12.05
HC31 PIO B . 6.63 -2.77 12.59
HC32 PIO B . 6.12 -3.83 13.81
H2A1 PIO B . 3.31 -3.91 10.42
H2A2 PIO B . 4.20 -5.10 9.54
H3A1 PIO B . 4.30 -3.37 7.66
H3A2 PIO B . 3.06 -2.55 8.51
H4A1 PIO B . 2.19 -4.12 6.77
H4A2 PIO B . 2.84 -5.41 7.68
H5A1 PIO B . 0.45 -3.87 8.18
H5A2 PIO B . 1.44 -4.03 9.57
H6A1 PIO B . 1.53 -6.55 8.79
H6A2 PIO B . 0.21 -5.98 9.74
H7A1 PIO B . 0.18 -6.05 6.75
H7A2 PIO B . -1.15 -5.68 7.78
H8A1 PIO B . 0.14 -8.31 7.31
H8A2 PIO B . -1.53 -7.92 7.26
H8A3 PIO B . -0.72 -8.03 8.76
H2B1 PIO B . 9.49 -2.56 14.92
H2B2 PIO B . 9.73 -3.79 16.11
H3B1 PIO B . 11.00 -3.83 13.42
H3B2 PIO B . 11.77 -3.19 14.82
H4B1 PIO B . 10.73 -5.92 15.10
H4B2 PIO B . 12.18 -5.24 15.68
H5B1 PIO B . 12.28 -5.27 12.85
H5B2 PIO B . 11.82 -6.83 13.38
H6B1 PIO B . 13.77 -7.09 14.67
H6B2 PIO B . 14.13 -5.41 14.60
H7B1 PIO B . 13.97 -6.58 11.98
H7B2 PIO B . 15.19 -7.32 12.93
H8B1 PIO B . 16.04 -5.36 11.67
H8B2 PIO B . 16.19 -5.16 13.37
H8B3 PIO B . 14.93 -4.37 12.53
N GLY A 1 13.61 8.16 11.32
CA GLY A 1 12.50 7.44 10.75
C GLY A 1 11.47 8.37 10.13
N ALA A 2 10.78 9.13 10.96
CA ALA A 2 9.77 10.07 10.47
C ALA A 2 10.39 11.40 10.09
N ARG A 3 10.15 11.83 8.86
CA ARG A 3 10.70 13.09 8.37
C ARG A 3 9.59 14.13 8.21
N ALA A 4 8.51 13.73 7.55
CA ALA A 4 7.38 14.62 7.33
C ALA A 4 6.06 13.95 7.71
N SER A 5 5.01 14.74 7.82
CA SER A 5 3.69 14.23 8.18
C SER A 5 3.21 13.21 7.15
N VAL A 6 2.53 12.18 7.63
CA VAL A 6 2.01 11.12 6.76
C VAL A 6 0.49 11.11 6.76
N LEU A 7 -0.10 10.95 7.95
CA LEU A 7 -1.55 10.92 8.09
C LEU A 7 -2.04 12.09 8.92
N SER A 8 -3.10 12.75 8.44
CA SER A 8 -3.67 13.90 9.13
C SER A 8 -4.57 13.45 10.28
N GLY A 9 -5.27 14.40 10.88
CA GLY A 9 -6.17 14.08 11.98
C GLY A 9 -7.20 13.04 11.59
N GLY A 10 -7.89 13.27 10.48
CA GLY A 10 -8.91 12.34 10.03
C GLY A 10 -8.32 10.99 9.63
N GLU A 11 -7.21 11.03 8.91
CA GLU A 11 -6.56 9.80 8.46
C GLU A 11 -6.04 9.00 9.65
N LEU A 12 -5.64 9.71 10.70
CA LEU A 12 -5.11 9.06 11.91
C LEU A 12 -6.19 8.22 12.58
N ASP A 13 -7.39 8.78 12.69
CA ASP A 13 -8.51 8.09 13.32
C ASP A 13 -8.79 6.76 12.61
N LYS A 14 -9.06 6.84 11.32
CA LYS A 14 -9.34 5.64 10.52
C LYS A 14 -8.14 4.70 10.52
N TRP A 15 -6.95 5.27 10.47
CA TRP A 15 -5.72 4.47 10.47
C TRP A 15 -5.67 3.56 11.68
N GLU A 16 -5.74 4.16 12.87
CA GLU A 16 -5.69 3.39 14.11
C GLU A 16 -6.79 2.35 14.16
N LYS A 17 -7.87 2.60 13.41
CA LYS A 17 -9.00 1.69 13.36
C LYS A 17 -8.71 0.51 12.44
N ILE A 18 -8.21 0.81 11.24
CA ILE A 18 -7.88 -0.22 10.27
C ILE A 18 -6.99 -1.30 10.88
N ARG A 19 -7.34 -2.56 10.62
CA ARG A 19 -6.58 -3.69 11.15
C ARG A 19 -5.60 -4.22 10.10
N LEU A 20 -4.51 -4.81 10.58
CA LEU A 20 -3.49 -5.36 9.70
C LEU A 20 -4.07 -6.47 8.82
N ARG A 21 -5.12 -7.11 9.32
CA ARG A 21 -5.77 -8.19 8.59
C ARG A 21 -7.26 -8.21 8.85
N PRO A 22 -8.03 -8.86 7.95
CA PRO A 22 -9.48 -8.96 8.08
C PRO A 22 -9.91 -9.87 9.22
N GLY A 23 -9.10 -10.91 9.48
CA GLY A 23 -9.41 -11.83 10.55
C GLY A 23 -8.51 -11.65 11.76
N GLY A 24 -7.88 -10.49 11.85
CA GLY A 24 -6.99 -10.21 12.96
C GLY A 24 -7.52 -9.13 13.87
N LYS A 25 -6.81 -8.89 14.98
CA LYS A 25 -7.22 -7.87 15.94
C LYS A 25 -6.18 -6.76 16.03
N LYS A 26 -4.94 -7.09 15.71
CA LYS A 26 -3.85 -6.12 15.75
C LYS A 26 -4.16 -4.92 14.86
N GLN A 27 -4.62 -3.84 15.47
CA GLN A 27 -4.95 -2.62 14.75
C GLN A 27 -3.70 -1.94 14.21
N TYR A 28 -3.89 -0.97 13.33
CA TYR A 28 -2.76 -0.25 12.73
C TYR A 28 -2.25 0.82 13.69
N LYS A 29 -0.94 1.09 13.63
CA LYS A 29 -0.33 2.09 14.49
C LYS A 29 0.86 2.75 13.79
N LEU A 30 1.34 3.85 14.36
CA LEU A 30 2.46 4.57 13.79
C LEU A 30 3.65 3.62 13.54
N LYS A 31 3.74 2.59 14.36
CA LYS A 31 4.82 1.62 14.24
C LYS A 31 4.92 1.09 12.81
N HIS A 32 3.77 0.89 12.17
CA HIS A 32 3.73 0.40 10.80
C HIS A 32 4.08 1.51 9.81
N ILE A 33 3.69 2.76 10.07
CA ILE A 33 4.01 3.85 9.15
C ILE A 33 5.50 4.12 9.12
N VAL A 34 6.16 4.00 10.27
CA VAL A 34 7.59 4.23 10.37
C VAL A 34 8.38 3.00 9.95
N TRP A 35 7.87 1.82 10.30
CA TRP A 35 8.51 0.57 9.95
C TRP A 35 8.74 0.46 8.45
N ALA A 36 7.81 1.02 7.67
CA ALA A 36 7.91 0.99 6.22
C ALA A 36 8.94 2.02 5.73
N SER A 37 8.93 3.20 6.33
CA SER A 37 9.85 4.26 5.94
C SER A 37 11.30 3.79 6.07
N ARG A 38 11.58 3.04 7.13
CA ARG A 38 12.91 2.53 7.37
C ARG A 38 13.31 1.49 6.33
N GLU A 39 12.30 0.83 5.77
CA GLU A 39 12.54 -0.20 4.75
C GLU A 39 12.62 0.43 3.36
N LEU A 40 11.96 1.57 3.18
CA LEU A 40 11.97 2.26 1.91
C LEU A 40 13.36 2.81 1.59
N GLU A 41 13.96 3.49 2.56
CA GLU A 41 15.29 4.06 2.38
C GLU A 41 16.29 2.99 1.96
N ARG A 42 16.00 1.74 2.32
CA ARG A 42 16.88 0.63 1.98
C ARG A 42 16.78 0.28 0.50
N PHE A 43 15.63 0.59 -0.09
CA PHE A 43 15.40 0.32 -1.51
C PHE A 43 15.69 1.55 -2.35
N ALA A 44 16.55 2.42 -1.85
CA ALA A 44 16.91 3.64 -2.56
C ALA A 44 15.70 4.56 -2.72
N VAL A 45 14.69 4.35 -1.89
CA VAL A 45 13.48 5.16 -1.94
C VAL A 45 13.28 5.94 -0.64
N ASN A 46 13.06 7.23 -0.77
CA ASN A 46 12.84 8.09 0.39
C ASN A 46 11.53 7.76 1.08
N PRO A 47 11.52 7.84 2.42
CA PRO A 47 10.34 7.56 3.23
C PRO A 47 9.24 8.61 3.06
N GLY A 48 9.58 9.70 2.37
CA GLY A 48 8.62 10.76 2.15
C GLY A 48 7.72 10.50 0.96
N LEU A 49 7.76 9.26 0.46
CA LEU A 49 6.94 8.88 -0.69
C LEU A 49 5.71 8.08 -0.24
N LEU A 50 5.30 8.29 1.00
CA LEU A 50 4.14 7.60 1.55
C LEU A 50 3.04 8.60 1.93
N GLU A 51 3.44 9.81 2.26
CA GLU A 51 2.49 10.85 2.64
C GLU A 51 1.77 11.40 1.41
N THR A 52 2.22 10.97 0.23
CA THR A 52 1.63 11.43 -1.02
C THR A 52 0.98 10.27 -1.76
N SER A 53 -0.26 10.49 -2.20
CA SER A 53 -1.00 9.48 -2.94
C SER A 53 -0.22 8.99 -4.16
N GLU A 54 0.65 9.86 -4.66
CA GLU A 54 1.46 9.53 -5.83
C GLU A 54 2.61 8.62 -5.45
N GLY A 55 3.26 8.92 -4.32
CA GLY A 55 4.37 8.12 -3.85
C GLY A 55 4.00 6.66 -3.66
N CYS A 56 2.96 6.42 -2.87
CA CYS A 56 2.50 5.06 -2.60
C CYS A 56 2.26 4.30 -3.90
N ARG A 57 1.48 4.90 -4.79
CA ARG A 57 1.17 4.28 -6.07
C ARG A 57 2.43 4.00 -6.86
N GLN A 58 3.47 4.78 -6.60
CA GLN A 58 4.75 4.62 -7.29
C GLN A 58 5.56 3.50 -6.67
N ILE A 59 5.54 3.41 -5.35
CA ILE A 59 6.28 2.39 -4.63
C ILE A 59 5.68 1.01 -4.87
N LEU A 60 4.35 0.94 -4.85
CA LEU A 60 3.64 -0.32 -5.06
C LEU A 60 3.97 -0.89 -6.43
N GLY A 61 3.94 -0.04 -7.45
CA GLY A 61 4.24 -0.49 -8.79
C GLY A 61 5.58 -1.19 -8.89
N GLN A 62 6.48 -0.87 -7.98
CA GLN A 62 7.81 -1.46 -7.96
C GLN A 62 7.77 -2.85 -7.33
N LEU A 63 6.80 -3.08 -6.45
CA LEU A 63 6.66 -4.36 -5.78
C LEU A 63 5.41 -5.10 -6.27
N GLN A 64 4.99 -4.79 -7.49
CA GLN A 64 3.82 -5.42 -8.08
C GLN A 64 4.09 -6.89 -8.39
N PRO A 65 5.05 -7.13 -9.29
CA PRO A 65 5.44 -8.48 -9.70
C PRO A 65 6.14 -9.25 -8.59
N SER A 66 6.81 -8.52 -7.70
CA SER A 66 7.52 -9.14 -6.60
C SER A 66 6.58 -9.40 -5.41
N LEU A 67 5.31 -9.56 -5.72
CA LEU A 67 4.30 -9.81 -4.69
C LEU A 67 4.33 -11.28 -4.25
N GLN A 68 4.78 -12.15 -5.14
CA GLN A 68 4.86 -13.58 -4.84
C GLN A 68 6.28 -13.98 -4.49
N THR A 69 7.25 -13.39 -5.19
CA THR A 69 8.66 -13.70 -4.94
C THR A 69 9.32 -12.61 -4.11
N GLY A 70 8.52 -11.93 -3.29
CA GLY A 70 9.04 -10.88 -2.44
C GLY A 70 9.23 -11.32 -1.01
N SER A 71 10.36 -10.95 -0.42
CA SER A 71 10.67 -11.32 0.96
C SER A 71 9.61 -10.79 1.92
N GLU A 72 9.81 -11.02 3.21
CA GLU A 72 8.87 -10.57 4.23
C GLU A 72 8.74 -9.05 4.21
N GLU A 73 9.87 -8.36 4.05
CA GLU A 73 9.87 -6.91 4.01
C GLU A 73 9.02 -6.38 2.87
N LEU A 74 9.26 -6.91 1.66
CA LEU A 74 8.51 -6.50 0.49
C LEU A 74 7.01 -6.70 0.69
N ARG A 75 6.62 -7.93 1.02
CA ARG A 75 5.22 -8.25 1.24
C ARG A 75 4.60 -7.30 2.25
N SER A 76 5.27 -7.11 3.38
CA SER A 76 4.78 -6.22 4.43
C SER A 76 4.63 -4.80 3.91
N LEU A 77 5.57 -4.38 3.07
CA LEU A 77 5.54 -3.03 2.51
C LEU A 77 4.27 -2.82 1.68
N TYR A 78 4.07 -3.68 0.69
CA TYR A 78 2.89 -3.58 -0.16
C TYR A 78 1.61 -3.51 0.67
N ASN A 79 1.64 -4.14 1.84
CA ASN A 79 0.48 -4.15 2.73
C ASN A 79 0.26 -2.78 3.35
N THR A 80 1.27 -2.28 4.05
CA THR A 80 1.18 -0.98 4.69
C THR A 80 0.94 0.13 3.67
N ILE A 81 1.73 0.12 2.60
CA ILE A 81 1.60 1.12 1.55
C ILE A 81 0.18 1.14 0.99
N ALA A 82 -0.52 0.02 1.11
CA ALA A 82 -1.89 -0.09 0.62
C ALA A 82 -2.86 0.62 1.55
N VAL A 83 -2.94 0.15 2.79
CA VAL A 83 -3.83 0.74 3.77
C VAL A 83 -3.63 2.25 3.87
N LEU A 84 -2.38 2.69 3.74
CA LEU A 84 -2.06 4.11 3.80
C LEU A 84 -2.45 4.82 2.52
N TYR A 85 -2.34 4.11 1.40
CA TYR A 85 -2.69 4.68 0.10
C TYR A 85 -4.19 4.91 -0.01
N CYS A 86 -4.96 3.88 0.33
CA CYS A 86 -6.42 3.97 0.28
C CYS A 86 -6.92 5.21 1.04
N VAL A 87 -6.19 5.58 2.08
CA VAL A 87 -6.56 6.74 2.89
C VAL A 87 -6.39 8.03 2.10
N HIS A 88 -5.26 8.18 1.44
CA HIS A 88 -4.97 9.37 0.64
C HIS A 88 -5.94 9.47 -0.54
N GLN A 89 -6.35 8.36 -1.15
CA GLN A 89 -7.27 8.41 -2.29
C GLN A 89 -8.69 8.68 -1.82
N ARG A 90 -9.31 7.68 -1.21
CA ARG A 90 -10.68 7.81 -0.71
C ARG A 90 -11.13 6.52 -0.04
N ILE A 91 -10.69 5.40 -0.56
CA ILE A 91 -11.05 4.10 -0.01
C ILE A 91 -10.79 4.05 1.50
N ASP A 92 -11.81 3.67 2.26
CA ASP A 92 -11.68 3.58 3.71
C ASP A 92 -11.84 2.14 4.17
N VAL A 93 -11.01 1.25 3.63
CA VAL A 93 -11.05 -0.16 3.98
C VAL A 93 -10.93 -0.35 5.49
N LYS A 94 -11.34 -1.52 5.97
CA LYS A 94 -11.27 -1.83 7.39
C LYS A 94 -10.03 -2.63 7.72
N ASP A 95 -9.52 -3.37 6.74
CA ASP A 95 -8.33 -4.18 6.93
C ASP A 95 -7.35 -3.98 5.78
N THR A 96 -6.21 -4.68 5.84
CA THR A 96 -5.20 -4.58 4.81
C THR A 96 -5.58 -5.38 3.57
N LYS A 97 -6.36 -6.44 3.77
CA LYS A 97 -6.80 -7.29 2.68
C LYS A 97 -7.71 -6.52 1.72
N GLU A 98 -8.77 -5.93 2.26
CA GLU A 98 -9.71 -5.16 1.45
C GLU A 98 -8.97 -4.12 0.61
N ALA A 99 -7.97 -3.47 1.21
CA ALA A 99 -7.20 -2.46 0.52
C ALA A 99 -6.35 -3.08 -0.58
N LEU A 100 -5.95 -4.32 -0.39
CA LEU A 100 -5.13 -5.03 -1.37
C LEU A 100 -5.97 -5.46 -2.58
N ASP A 101 -7.27 -5.52 -2.38
CA ASP A 101 -8.19 -5.91 -3.44
C ASP A 101 -8.67 -4.69 -4.23
N LYS A 102 -8.97 -3.61 -3.51
CA LYS A 102 -9.43 -2.38 -4.14
C LYS A 102 -8.30 -1.69 -4.88
N ILE A 103 -7.06 -1.93 -4.44
CA ILE A 103 -5.89 -1.32 -5.05
C ILE A 103 -5.73 -1.80 -6.50
N GLU A 104 -6.22 -3.00 -6.78
CA GLU A 104 -6.14 -3.57 -8.12
C GLU A 104 -7.24 -3.00 -9.02
N GLU A 105 -8.39 -2.70 -8.43
CA GLU A 105 -9.52 -2.16 -9.17
C GLU A 105 -9.29 -0.69 -9.51
N GLU A 106 -8.77 0.06 -8.55
CA GLU A 106 -8.50 1.47 -8.74
C GLU A 106 -7.39 1.69 -9.76
N GLN A 107 -6.40 0.81 -9.74
CA GLN A 107 -5.27 0.90 -10.67
C GLN A 107 -5.75 0.78 -12.11
N ASN A 108 -6.69 -0.14 -12.34
CA ASN A 108 -7.23 -0.37 -13.68
C ASN A 108 -7.95 0.87 -14.19
N LYS A 109 -8.47 1.67 -13.27
CA LYS A 109 -9.18 2.90 -13.62
C LYS A 109 -8.20 4.01 -13.97
N SER A 110 -7.01 3.96 -13.38
CA SER A 110 -5.98 4.96 -13.63
C SER A 110 -4.87 4.40 -14.50
N LYS A 111 -5.24 3.54 -15.44
CA LYS A 111 -4.28 2.92 -16.34
C LYS A 111 -4.00 3.84 -17.53
N LYS A 112 -5.00 4.62 -17.93
CA LYS A 112 -4.86 5.53 -19.05
C LYS A 112 -4.27 6.86 -18.59
N LYS A 113 -4.56 7.23 -17.34
CA LYS A 113 -4.05 8.48 -16.78
C LYS A 113 -2.80 8.23 -15.94
N ALA A 114 -2.05 7.18 -16.29
CA ALA A 114 -0.84 6.84 -15.57
C ALA A 114 0.34 7.68 -16.06
N GLN A 115 0.29 8.08 -17.33
CA GLN A 115 1.35 8.88 -17.93
C GLN A 115 1.26 10.33 -17.47
N GLN A 116 0.04 10.78 -17.19
CA GLN A 116 -0.18 12.14 -16.74
C GLN A 116 0.52 12.42 -15.42
N ALA A 117 0.56 11.40 -14.55
CA ALA A 117 1.21 11.53 -13.25
C ALA A 117 2.72 11.70 -13.40
N ALA A 118 3.27 11.09 -14.46
CA ALA A 118 4.70 11.17 -14.72
C ALA A 118 5.14 12.62 -14.95
N ALA A 119 4.26 13.40 -15.57
CA ALA A 119 4.56 14.79 -15.86
C ALA A 119 4.09 15.70 -14.72
N ASP A 120 4.66 16.90 -14.65
CA ASP A 120 4.30 17.85 -13.61
C ASP A 120 4.80 17.38 -12.24
N THR A 121 4.11 16.41 -11.67
CA THR A 121 4.47 15.86 -10.37
C THR A 121 4.62 16.96 -9.34
N GLY A 122 3.49 17.51 -8.89
CA GLY A 122 3.51 18.57 -7.90
C GLY A 122 3.92 18.08 -6.53
N ASN A 123 5.02 18.61 -6.00
CA ASN A 123 5.50 18.21 -4.69
C ASN A 123 6.01 19.42 -3.91
N ASN A 124 5.34 19.73 -2.81
CA ASN A 124 5.72 20.86 -1.97
C ASN A 124 6.42 20.39 -0.69
N SER A 125 7.36 21.19 -0.21
CA SER A 125 8.11 20.86 0.99
C SER A 125 8.76 22.10 1.59
N GLN A 126 7.97 22.89 2.31
CA GLN A 126 8.47 24.10 2.94
C GLN A 126 8.21 24.09 4.43
N VAL A 127 7.05 23.58 4.83
CA VAL A 127 6.67 23.51 6.23
C VAL A 127 7.70 22.72 7.04
N SER A 128 7.92 23.13 8.28
CA SER A 128 8.89 22.46 9.15
C SER A 128 8.38 21.07 9.55
N GLN A 129 9.17 20.39 10.37
CA GLN A 129 8.81 19.05 10.83
C GLN A 129 8.82 18.98 12.35
N ASN A 130 8.46 17.81 12.88
CA ASN A 130 8.41 17.61 14.32
C ASN A 130 8.83 16.19 14.69
N TYR A 131 9.84 16.09 15.56
CA TYR A 131 10.34 14.79 15.99
C TYR A 131 9.60 14.29 17.23
C1 PIO B . 4.02 -8.53 11.88
O1 PIO B . 5.32 -8.15 12.61
P1 PIO B . 5.65 -7.11 13.87
C2 PIO B . 2.99 -9.34 12.74
O2 PIO B . 3.53 -10.53 13.30
C3 PIO B . 1.75 -9.71 11.91
O3 PIO B . 0.84 -10.45 12.75
C4 PIO B . 2.15 -10.51 10.61
O4 PIO B . 0.90 -10.81 9.80
P4 PIO B . -0.57 -10.03 9.73
C5 PIO B . 3.18 -9.66 9.78
O5 PIO B . 3.59 -10.44 8.61
P5 PIO B . 4.25 -11.94 8.41
C6 PIO B . 4.44 -9.27 10.60
O6 PIO B . 5.31 -8.40 9.88
O11 PIO B . 4.38 -6.25 13.94
O12 PIO B . 5.92 -8.02 15.04
O13 PIO B . 6.88 -6.34 13.51
C1A PIO B . 5.28 -3.52 9.97
O1A PIO B . 5.32 -2.34 9.69
C1B PIO B . 8.33 -2.90 14.46
O1B PIO B . 8.47 -1.69 14.58
C1C PIO B . 7.02 -5.85 12.19
C2A PIO B . 4.06 -4.37 9.55
C2B PIO B . 8.77 -3.85 15.62
C2C PIO B . 6.14 -4.60 11.96
O2C PIO B . 6.37 -4.13 10.63
C3A PIO B . 3.60 -3.98 8.14
C3B PIO B . 8.80 -3.16 16.99
C3C PIO B . 6.46 -3.46 12.96
O3C PIO B . 7.82 -3.53 13.31
O41 PIO B . -0.98 -10.42 8.31
O42 PIO B . -1.42 -10.64 10.81
O43 PIO B . -0.38 -8.53 9.97
C4A PIO B . 2.06 -4.02 8.07
C4B PIO B . 9.86 -3.80 17.90
O51 PIO B . 5.20 -11.67 7.27
O52 PIO B . 4.84 -12.24 9.78
O53 PIO B . 3.05 -12.79 8.04
C5A PIO B . 1.61 -5.03 7.00
C5B PIO B . 9.45 -5.24 18.24
C6A PIO B . 1.65 -6.46 7.58
C6B PIO B . 10.56 -6.21 17.81
C7A PIO B . 0.72 -7.37 6.76
C7B PIO B . 11.70 -6.17 18.84
C8A PIO B . -0.75 -7.05 7.09
C8B PIO B . 12.90 -6.99 18.32
H1 PIO B . 3.46 -7.62 11.65
H2 PIO B . 2.69 -8.69 13.57
H3 PIO B . 1.24 -8.80 11.57
H4 PIO B . 2.61 -11.46 10.83
H5 PIO B . 2.64 -8.76 9.49
H6 PIO B . 4.97 -10.18 10.83
HO2 PIO B . 3.96 -11.11 12.71
HO3 PIO B . 1.23 -11.29 12.99
HO6 PIO B . 5.84 -8.86 9.25
HC11 PIO B . 8.02 -5.59 12.03
HC12 PIO B . 6.72 -6.59 11.50
HC2 PIO B . 5.13 -4.86 12.10
HC31 PIO B . 6.30 -2.53 12.50
HC32 PIO B . 5.83 -3.52 13.80
H2A1 PIO B . 3.28 -4.20 10.24
H2A2 PIO B . 4.33 -5.38 9.56
H3A1 PIO B . 4.00 -4.66 7.44
H3A2 PIO B . 3.92 -3.00 7.91
H4A1 PIO B . 1.68 -4.31 9.00
H4A2 PIO B . 1.69 -3.07 7.83
H5A1 PIO B . 2.27 -4.98 6.18
H5A2 PIO B . 0.64 -4.80 6.68
H6A1 PIO B . 2.63 -6.83 7.55
H6A2 PIO B . 1.31 -6.43 8.58
H7A1 PIO B . 0.92 -8.37 6.99
H7A2 PIO B . 0.89 -7.21 5.74
H8A1 PIO B . -1.02 -7.54 7.98
H8A2 PIO B . -1.37 -7.37 6.31
H8A3 PIO B . -0.86 -6.02 7.23
H2B1 PIO B . 8.10 -4.66 15.65
H2B2 PIO B . 9.74 -4.18 15.39
H3B1 PIO B . 9.03 -2.14 16.86
H3B2 PIO B . 7.85 -3.26 17.44
H4B1 PIO B . 9.97 -3.25 18.79
H4B2 PIO B . 10.79 -3.81 17.40
H5B1 PIO B . 8.56 -5.48 17.73
H5B2 PIO B . 9.29 -5.33 19.27
H6B1 PIO B . 10.93 -5.92 16.87
H6B2 PIO B . 10.18 -7.18 17.76
H7B1 PIO B . 11.36 -6.57 19.75
H7B2 PIO B . 12.01 -5.17 18.99
H8B1 PIO B . 13.64 -7.03 19.06
H8B2 PIO B . 13.28 -6.55 17.45
H8B3 PIO B . 12.58 -7.97 18.10
N GLY A 1 -2.44 22.52 5.26
CA GLY A 1 -3.66 22.53 6.04
C GLY A 1 -3.54 21.73 7.32
N ALA A 2 -2.59 22.11 8.16
CA ALA A 2 -2.38 21.42 9.43
C ALA A 2 -2.17 19.92 9.21
N ARG A 3 -1.03 19.55 8.65
CA ARG A 3 -0.71 18.16 8.38
C ARG A 3 0.49 17.70 9.20
N ALA A 4 0.31 16.62 9.96
CA ALA A 4 1.39 16.09 10.79
C ALA A 4 2.58 15.68 9.94
N SER A 5 2.35 14.77 8.99
CA SER A 5 3.40 14.30 8.11
C SER A 5 2.87 13.28 7.11
N VAL A 6 2.59 12.07 7.59
CA VAL A 6 2.07 11.01 6.74
C VAL A 6 0.55 11.00 6.74
N LEU A 7 -0.03 10.86 7.93
CA LEU A 7 -1.49 10.83 8.07
C LEU A 7 -1.97 12.00 8.93
N SER A 8 -2.90 12.78 8.39
CA SER A 8 -3.45 13.92 9.10
C SER A 8 -4.39 13.48 10.22
N GLY A 9 -5.05 14.44 10.86
CA GLY A 9 -5.97 14.13 11.94
C GLY A 9 -7.01 13.10 11.54
N GLY A 10 -7.67 13.34 10.41
CA GLY A 10 -8.69 12.43 9.94
C GLY A 10 -8.13 11.09 9.52
N GLU A 11 -7.03 11.12 8.76
CA GLU A 11 -6.39 9.89 8.29
C GLU A 11 -5.88 9.07 9.47
N LEU A 12 -5.54 9.74 10.55
CA LEU A 12 -5.03 9.07 11.74
C LEU A 12 -6.12 8.21 12.39
N ASP A 13 -7.28 8.81 12.61
CA ASP A 13 -8.40 8.10 13.23
C ASP A 13 -8.69 6.81 12.46
N LYS A 14 -8.85 6.91 11.15
CA LYS A 14 -9.13 5.76 10.32
C LYS A 14 -7.97 4.76 10.36
N TRP A 15 -6.74 5.28 10.30
CA TRP A 15 -5.55 4.43 10.33
C TRP A 15 -5.55 3.55 11.56
N GLU A 16 -5.65 4.17 12.73
CA GLU A 16 -5.66 3.43 13.99
C GLU A 16 -6.79 2.41 14.02
N LYS A 17 -7.84 2.67 13.25
CA LYS A 17 -8.99 1.78 13.17
C LYS A 17 -8.68 0.57 12.29
N ILE A 18 -8.14 0.83 11.10
CA ILE A 18 -7.81 -0.23 10.17
C ILE A 18 -6.95 -1.31 10.84
N ARG A 19 -7.26 -2.56 10.55
CA ARG A 19 -6.52 -3.69 11.13
C ARG A 19 -5.55 -4.28 10.11
N LEU A 20 -4.42 -4.78 10.59
CA LEU A 20 -3.42 -5.38 9.71
C LEU A 20 -4.01 -6.53 8.91
N ARG A 21 -5.05 -7.16 9.46
CA ARG A 21 -5.72 -8.27 8.80
C ARG A 21 -7.21 -8.25 9.06
N PRO A 22 -7.99 -8.93 8.20
CA PRO A 22 -9.44 -9.01 8.33
C PRO A 22 -9.89 -9.84 9.53
N GLY A 23 -9.12 -10.89 9.82
CA GLY A 23 -9.44 -11.75 10.95
C GLY A 23 -8.43 -11.65 12.06
N GLY A 24 -7.84 -10.47 12.23
CA GLY A 24 -6.84 -10.27 13.27
C GLY A 24 -7.33 -9.34 14.36
N LYS A 25 -6.56 -9.25 15.45
CA LYS A 25 -6.92 -8.39 16.57
C LYS A 25 -5.81 -7.36 16.83
N LYS A 26 -5.06 -7.04 15.79
CA LYS A 26 -3.97 -6.07 15.90
C LYS A 26 -4.21 -4.88 14.98
N GLN A 27 -4.78 -3.82 15.52
CA GLN A 27 -5.05 -2.60 14.75
C GLN A 27 -3.77 -1.97 14.24
N TYR A 28 -3.90 -0.98 13.38
CA TYR A 28 -2.75 -0.29 12.82
C TYR A 28 -2.25 0.80 13.77
N LYS A 29 -0.94 1.05 13.74
CA LYS A 29 -0.34 2.07 14.60
C LYS A 29 0.83 2.73 13.89
N LEU A 30 1.27 3.87 14.44
CA LEU A 30 2.39 4.61 13.86
C LEU A 30 3.60 3.70 13.65
N LYS A 31 3.72 2.69 14.50
CA LYS A 31 4.83 1.74 14.41
C LYS A 31 4.95 1.17 13.00
N HIS A 32 3.80 0.92 12.38
CA HIS A 32 3.78 0.38 11.02
C HIS A 32 4.11 1.46 10.00
N ILE A 33 3.71 2.71 10.22
CA ILE A 33 4.01 3.78 9.26
C ILE A 33 5.50 4.07 9.21
N VAL A 34 6.15 4.01 10.37
CA VAL A 34 7.59 4.27 10.46
C VAL A 34 8.39 3.04 10.01
N TRP A 35 7.90 1.87 10.36
CA TRP A 35 8.57 0.62 10.00
C TRP A 35 8.79 0.53 8.50
N ALA A 36 7.85 1.09 7.74
CA ALA A 36 7.94 1.08 6.28
C ALA A 36 8.87 2.18 5.78
N SER A 37 8.95 3.28 6.53
CA SER A 37 9.80 4.41 6.16
C SER A 37 11.28 4.02 6.25
N ARG A 38 11.61 3.23 7.26
CA ARG A 38 12.99 2.79 7.46
C ARG A 38 13.38 1.74 6.43
N GLU A 39 12.40 0.96 5.98
CA GLU A 39 12.64 -0.09 4.99
C GLU A 39 12.62 0.49 3.58
N LEU A 40 11.90 1.59 3.40
CA LEU A 40 11.80 2.23 2.10
C LEU A 40 13.13 2.86 1.70
N GLU A 41 13.71 3.63 2.60
CA GLU A 41 15.00 4.28 2.34
C GLU A 41 16.05 3.27 1.94
N ARG A 42 15.87 2.03 2.38
CA ARG A 42 16.82 0.96 2.07
C ARG A 42 16.70 0.54 0.60
N PHE A 43 15.51 0.74 0.03
CA PHE A 43 15.27 0.38 -1.36
C PHE A 43 15.44 1.60 -2.27
N ALA A 44 16.27 2.54 -1.83
CA ALA A 44 16.52 3.75 -2.61
C ALA A 44 15.25 4.59 -2.75
N VAL A 45 14.30 4.36 -1.85
CA VAL A 45 13.04 5.10 -1.89
C VAL A 45 12.84 5.91 -0.61
N ASN A 46 12.82 7.23 -0.75
CA ASN A 46 12.65 8.11 0.40
C ASN A 46 11.29 7.89 1.05
N PRO A 47 11.24 8.01 2.39
CA PRO A 47 10.01 7.83 3.16
C PRO A 47 9.01 8.95 2.92
N GLY A 48 9.46 10.02 2.27
CA GLY A 48 8.59 11.14 2.00
C GLY A 48 7.48 10.79 1.02
N LEU A 49 7.64 9.68 0.32
CA LEU A 49 6.65 9.23 -0.65
C LEU A 49 5.44 8.63 0.05
N LEU A 50 5.64 8.14 1.28
CA LEU A 50 4.56 7.55 2.05
C LEU A 50 3.48 8.58 2.35
N GLU A 51 3.85 9.85 2.36
CA GLU A 51 2.92 10.93 2.63
C GLU A 51 2.45 11.58 1.33
N THR A 52 2.50 10.82 0.25
CA THR A 52 2.08 11.32 -1.05
C THR A 52 1.20 10.31 -1.78
N SER A 53 0.00 10.73 -2.16
CA SER A 53 -0.94 9.85 -2.85
C SER A 53 -0.32 9.31 -4.14
N GLU A 54 0.66 10.04 -4.67
CA GLU A 54 1.33 9.63 -5.89
C GLU A 54 2.45 8.63 -5.60
N GLY A 55 3.28 8.95 -4.62
CA GLY A 55 4.38 8.07 -4.24
C GLY A 55 3.90 6.68 -3.90
N CYS A 56 2.92 6.59 -3.02
CA CYS A 56 2.38 5.30 -2.59
C CYS A 56 1.98 4.45 -3.79
N ARG A 57 1.39 5.09 -4.79
CA ARG A 57 0.95 4.40 -6.00
C ARG A 57 2.17 3.86 -6.77
N GLN A 58 3.26 4.61 -6.74
CA GLN A 58 4.47 4.21 -7.43
C GLN A 58 5.18 3.07 -6.70
N ILE A 59 5.30 3.21 -5.39
CA ILE A 59 5.95 2.20 -4.56
C ILE A 59 5.31 0.83 -4.76
N LEU A 60 3.99 0.83 -4.92
CA LEU A 60 3.25 -0.41 -5.13
C LEU A 60 3.47 -0.95 -6.53
N GLY A 61 3.79 -0.07 -7.46
CA GLY A 61 4.04 -0.48 -8.84
C GLY A 61 5.30 -1.31 -8.97
N GLN A 62 6.18 -1.22 -7.99
CA GLN A 62 7.43 -1.97 -8.01
C GLN A 62 7.29 -3.28 -7.24
N LEU A 63 6.59 -3.23 -6.11
CA LEU A 63 6.39 -4.42 -5.29
C LEU A 63 5.31 -5.31 -5.88
N GLN A 64 4.40 -4.71 -6.64
CA GLN A 64 3.31 -5.45 -7.28
C GLN A 64 3.85 -6.65 -8.06
N PRO A 65 4.71 -6.36 -9.05
CA PRO A 65 5.31 -7.40 -9.89
C PRO A 65 6.32 -8.25 -9.13
N SER A 66 6.76 -7.74 -7.99
CA SER A 66 7.74 -8.45 -7.16
C SER A 66 7.08 -9.08 -5.95
N LEU A 67 5.78 -9.39 -6.09
CA LEU A 67 5.02 -10.00 -5.00
C LEU A 67 5.29 -11.50 -4.92
N GLN A 68 5.45 -12.13 -6.09
CA GLN A 68 5.71 -13.56 -6.15
C GLN A 68 7.04 -13.90 -5.49
N THR A 69 8.11 -13.24 -5.93
CA THR A 69 9.43 -13.48 -5.38
C THR A 69 9.77 -12.46 -4.30
N GLY A 70 8.74 -11.97 -3.62
CA GLY A 70 8.94 -11.00 -2.57
C GLY A 70 9.03 -11.63 -1.19
N SER A 71 10.05 -11.25 -0.44
CA SER A 71 10.25 -11.79 0.91
C SER A 71 9.28 -11.16 1.90
N GLU A 72 9.42 -11.54 3.17
CA GLU A 72 8.55 -11.01 4.22
C GLU A 72 8.57 -9.49 4.23
N GLU A 73 9.74 -8.92 3.91
CA GLU A 73 9.90 -7.47 3.89
C GLU A 73 9.05 -6.85 2.79
N LEU A 74 8.97 -7.52 1.65
CA LEU A 74 8.19 -7.03 0.52
C LEU A 74 6.70 -7.10 0.81
N ARG A 75 6.23 -8.27 1.22
CA ARG A 75 4.82 -8.47 1.53
C ARG A 75 4.35 -7.44 2.56
N SER A 76 5.14 -7.26 3.62
CA SER A 76 4.80 -6.30 4.67
C SER A 76 4.64 -4.90 4.10
N LEU A 77 5.53 -4.52 3.20
CA LEU A 77 5.49 -3.21 2.57
C LEU A 77 4.19 -3.01 1.80
N TYR A 78 3.94 -3.91 0.85
CA TYR A 78 2.73 -3.83 0.03
C TYR A 78 1.48 -3.73 0.91
N ASN A 79 1.56 -4.31 2.11
CA ASN A 79 0.44 -4.28 3.04
C ASN A 79 0.23 -2.87 3.60
N THR A 80 1.26 -2.35 4.28
CA THR A 80 1.18 -1.02 4.86
C THR A 80 0.93 0.04 3.78
N ILE A 81 1.72 -0.02 2.72
CA ILE A 81 1.59 0.93 1.62
C ILE A 81 0.18 0.93 1.06
N ALA A 82 -0.52 -0.20 1.22
CA ALA A 82 -1.88 -0.34 0.74
C ALA A 82 -2.86 0.44 1.62
N VAL A 83 -2.96 0.03 2.87
CA VAL A 83 -3.87 0.68 3.82
C VAL A 83 -3.64 2.19 3.83
N LEU A 84 -2.37 2.59 3.72
CA LEU A 84 -2.02 4.01 3.73
C LEU A 84 -2.44 4.68 2.42
N TYR A 85 -2.11 4.05 1.30
CA TYR A 85 -2.46 4.58 -0.01
C TYR A 85 -3.96 4.83 -0.12
N CYS A 86 -4.74 3.83 0.23
CA CYS A 86 -6.20 3.93 0.17
C CYS A 86 -6.68 5.17 0.91
N VAL A 87 -5.94 5.57 1.94
CA VAL A 87 -6.28 6.74 2.74
C VAL A 87 -5.97 8.03 2.00
N HIS A 88 -4.82 8.05 1.32
CA HIS A 88 -4.40 9.22 0.56
C HIS A 88 -5.22 9.36 -0.72
N GLN A 89 -5.96 8.34 -1.14
CA GLN A 89 -6.76 8.44 -2.36
C GLN A 89 -8.22 8.73 -2.02
N ARG A 90 -8.91 7.73 -1.48
CA ARG A 90 -10.32 7.87 -1.12
C ARG A 90 -10.86 6.59 -0.49
N ILE A 91 -10.40 5.45 -1.01
CA ILE A 91 -10.83 4.15 -0.51
C ILE A 91 -10.67 4.08 1.01
N ASP A 92 -11.79 3.83 1.70
CA ASP A 92 -11.77 3.73 3.16
C ASP A 92 -12.01 2.29 3.60
N VAL A 93 -11.03 1.42 3.34
CA VAL A 93 -11.13 0.02 3.71
C VAL A 93 -11.17 -0.15 5.23
N LYS A 94 -11.32 -1.39 5.67
CA LYS A 94 -11.38 -1.69 7.10
C LYS A 94 -10.14 -2.47 7.54
N ASP A 95 -9.55 -3.20 6.61
CA ASP A 95 -8.35 -3.99 6.90
C ASP A 95 -7.34 -3.90 5.75
N THR A 96 -6.24 -4.64 5.88
CA THR A 96 -5.21 -4.64 4.86
C THR A 96 -5.64 -5.45 3.64
N LYS A 97 -6.41 -6.50 3.88
CA LYS A 97 -6.89 -7.36 2.80
C LYS A 97 -7.84 -6.59 1.87
N GLU A 98 -8.88 -6.00 2.45
CA GLU A 98 -9.85 -5.24 1.67
C GLU A 98 -9.15 -4.20 0.81
N ALA A 99 -8.09 -3.60 1.35
CA ALA A 99 -7.34 -2.58 0.62
C ALA A 99 -6.51 -3.21 -0.49
N LEU A 100 -6.04 -4.43 -0.27
CA LEU A 100 -5.23 -5.13 -1.26
C LEU A 100 -6.10 -5.67 -2.39
N ASP A 101 -7.34 -6.03 -2.06
CA ASP A 101 -8.27 -6.55 -3.05
C ASP A 101 -8.67 -5.47 -4.05
N LYS A 102 -8.86 -4.25 -3.56
CA LYS A 102 -9.24 -3.14 -4.40
C LYS A 102 -8.14 -2.82 -5.41
N ILE A 103 -6.93 -2.62 -4.92
CA ILE A 103 -5.79 -2.32 -5.78
C ILE A 103 -5.58 -3.41 -6.82
N GLU A 104 -5.70 -4.66 -6.38
CA GLU A 104 -5.52 -5.80 -7.28
C GLU A 104 -6.61 -5.83 -8.34
N GLU A 105 -7.79 -5.33 -7.99
CA GLU A 105 -8.91 -5.30 -8.92
C GLU A 105 -8.68 -4.27 -10.02
N GLU A 106 -8.28 -3.07 -9.63
CA GLU A 106 -8.03 -2.00 -10.58
C GLU A 106 -6.92 -2.39 -11.56
N GLN A 107 -5.98 -3.20 -11.08
CA GLN A 107 -4.87 -3.65 -11.91
C GLN A 107 -4.97 -5.14 -12.19
N ASN A 108 -6.19 -5.66 -12.17
CA ASN A 108 -6.43 -7.08 -12.42
C ASN A 108 -6.16 -7.42 -13.89
N LYS A 109 -6.43 -6.46 -14.77
CA LYS A 109 -6.23 -6.66 -16.20
C LYS A 109 -4.73 -6.68 -16.54
N SER A 110 -3.99 -5.72 -15.98
CA SER A 110 -2.56 -5.63 -16.22
C SER A 110 -1.85 -6.90 -15.76
N LYS A 111 -2.25 -7.40 -14.60
CA LYS A 111 -1.65 -8.62 -14.04
C LYS A 111 -1.67 -9.75 -15.07
N LYS A 112 -2.70 -9.78 -15.90
CA LYS A 112 -2.83 -10.80 -16.93
C LYS A 112 -1.64 -10.79 -17.87
N LYS A 113 -1.10 -9.60 -18.11
CA LYS A 113 0.06 -9.45 -18.99
C LYS A 113 1.29 -10.11 -18.38
N ALA A 114 1.34 -10.17 -17.05
CA ALA A 114 2.46 -10.78 -16.36
C ALA A 114 2.69 -12.21 -16.82
N GLN A 115 1.60 -12.90 -17.15
CA GLN A 115 1.67 -14.28 -17.61
C GLN A 115 0.93 -14.46 -18.93
N GLN A 116 1.19 -13.57 -19.87
CA GLN A 116 0.53 -13.64 -21.17
C GLN A 116 1.53 -14.02 -22.26
N ALA A 117 2.78 -13.63 -22.08
CA ALA A 117 3.83 -13.94 -23.04
C ALA A 117 4.42 -15.32 -22.80
N ALA A 118 4.46 -15.73 -21.53
CA ALA A 118 4.99 -17.04 -21.16
C ALA A 118 4.29 -18.15 -21.93
N ALA A 119 3.01 -17.94 -22.24
CA ALA A 119 2.22 -18.92 -22.98
C ALA A 119 2.75 -19.08 -24.40
N ASP A 120 3.36 -18.03 -24.92
CA ASP A 120 3.90 -18.06 -26.28
C ASP A 120 5.22 -18.83 -26.31
N THR A 121 6.00 -18.71 -25.25
CA THR A 121 7.29 -19.40 -25.16
C THR A 121 7.89 -19.25 -23.77
N GLY A 122 8.61 -20.28 -23.34
CA GLY A 122 9.24 -20.25 -22.02
C GLY A 122 9.14 -21.57 -21.29
N ASN A 123 7.98 -22.23 -21.41
CA ASN A 123 7.76 -23.51 -20.76
C ASN A 123 8.00 -23.40 -19.26
N ASN A 124 6.94 -23.03 -18.52
CA ASN A 124 7.04 -22.89 -17.07
C ASN A 124 5.66 -22.68 -16.46
N SER A 125 4.91 -23.77 -16.33
CA SER A 125 3.56 -23.71 -15.76
C SER A 125 3.48 -24.53 -14.47
N GLN A 126 3.33 -23.85 -13.34
CA GLN A 126 3.25 -24.51 -12.05
C GLN A 126 1.95 -24.13 -11.33
N VAL A 127 1.01 -25.08 -11.28
CA VAL A 127 -0.26 -24.84 -10.62
C VAL A 127 -0.45 -25.78 -9.43
N SER A 128 -0.30 -25.24 -8.23
CA SER A 128 -0.45 -26.02 -7.01
C SER A 128 -1.43 -25.34 -6.04
N GLN A 129 -1.62 -25.97 -4.89
CA GLN A 129 -2.52 -25.42 -3.88
C GLN A 129 -1.73 -24.77 -2.74
N ASN A 130 -1.82 -23.45 -2.66
CA ASN A 130 -1.12 -22.70 -1.62
C ASN A 130 -2.04 -22.41 -0.45
N TYR A 131 -1.56 -22.71 0.76
CA TYR A 131 -2.35 -22.49 1.97
C TYR A 131 -1.57 -21.63 2.96
C1 PIO B . 3.72 -8.52 12.12
O1 PIO B . 5.09 -8.13 12.68
P1 PIO B . 5.55 -7.12 13.93
C2 PIO B . 2.75 -9.21 13.14
O2 PIO B . 3.31 -10.38 13.74
C3 PIO B . 1.42 -9.59 12.44
O3 PIO B . 0.58 -10.23 13.42
C4 PIO B . 1.68 -10.53 11.19
O4 PIO B . 0.35 -10.83 10.52
P4 PIO B . -0.75 -12.06 10.76
C5 PIO B . 2.65 -9.78 10.19
O5 PIO B . 2.94 -10.66 9.07
P5 PIO B . 2.81 -10.50 7.43
C6 PIO B . 3.98 -9.38 10.87
O6 PIO B . 4.83 -8.60 10.00
O11 PIO B . 4.40 -6.10 13.98
O12 PIO B . 5.72 -8.03 15.12
O13 PIO B . 6.87 -6.51 13.55
C1A PIO B . 5.76 -4.79 9.63
O1A PIO B . 6.16 -5.59 8.81
C1B PIO B . 8.62 -4.15 14.57
O1B PIO B . 9.00 -5.25 14.92
C1C PIO B . 7.06 -6.06 12.22
C2A PIO B . 4.28 -4.33 9.58
C2B PIO B . 8.50 -3.00 15.60
C2C PIO B . 6.35 -4.70 11.98
O2C PIO B . 6.61 -4.30 10.64
C3A PIO B . 3.85 -4.10 8.13
C3B PIO B . 9.64 -1.97 15.48
C3C PIO B . 6.85 -3.61 12.95
O3C PIO B . 8.19 -3.84 13.26
O41 PIO B . -1.95 -11.45 10.05
O42 PIO B . -0.16 -13.27 10.09
O43 PIO B . -0.93 -12.30 12.26
C4A PIO B . 2.33 -4.32 8.00
C4B PIO B . 11.02 -2.65 15.48
O51 PIO B . 1.70 -11.49 7.14
O52 PIO B . 2.49 -9.02 7.25
O53 PIO B . 4.17 -10.92 6.93
C5A PIO B . 2.05 -5.82 7.76
C5B PIO B . 11.80 -2.19 14.23
C6A PIO B . 0.78 -6.23 8.52
C6B PIO B . 12.49 -0.85 14.53
C7A PIO B . -0.35 -6.55 7.51
C7B PIO B . 13.88 -1.10 15.14
C8A PIO B . -0.58 -8.06 7.47
C8B PIO B . 14.67 0.21 15.18
H1 PIO B . 3.17 -7.61 11.85
H2 PIO B . 2.54 -8.48 13.92
H3 PIO B . 0.92 -8.69 12.07
H4 PIO B . 2.13 -11.47 11.45
H5 PIO B . 2.12 -8.89 9.88
H6 PIO B . 4.52 -10.28 11.13
HO2 PIO B . 3.65 -11.02 13.16
HO3 PIO B . 0.97 -11.06 13.69
HO6 PIO B . 5.27 -9.13 9.37
HC11 PIO B . 8.09 -5.94 12.05
HC12 PIO B . 6.66 -6.76 11.54
HC2 PIO B . 5.32 -4.82 12.14
HC31 PIO B . 6.79 -2.67 12.47
HC32 PIO B . 6.24 -3.56 13.80
H2A1 PIO B . 4.18 -3.43 10.12
H2A2 PIO B . 3.67 -5.07 10.01
H3A1 PIO B . 4.36 -4.77 7.50
H3A2 PIO B . 4.07 -3.11 7.84
H4A1 PIO B . 1.85 -4.01 8.89
H4A2 PIO B . 1.95 -3.76 7.19
H5A1 PIO B . 2.86 -6.38 8.11
H5A2 PIO B . 1.91 -5.99 6.73
H6A1 PIO B . 0.97 -7.07 9.10
H6A2 PIO B . 0.47 -5.43 9.15
H7A1 PIO B . -0.07 -6.20 6.56
H7A2 PIO B . -1.23 -6.07 7.81
H8A1 PIO B . 0.14 -8.51 6.83
H8A2 PIO B . -1.54 -8.27 7.10
H8A3 PIO B . -0.48 -8.46 8.43
H2B1 PIO B . 7.59 -2.51 15.45
H2B2 PIO B . 8.54 -3.42 16.55
H3B1 PIO B . 9.52 -1.43 14.60
H3B2 PIO B . 9.59 -1.31 16.30
H4B1 PIO B . 10.92 -3.69 15.46
H4B2 PIO B . 11.54 -2.38 16.34
H5B1 PIO B . 11.14 -2.07 13.42
H5B2 PIO B . 12.53 -2.91 13.99
H6B1 PIO B . 11.91 -0.30 15.21
H6B2 PIO B . 12.60 -0.30 13.64
H7B1 PIO B . 14.40 -1.80 14.55
H7B2 PIO B . 13.78 -1.48 16.12
H8B1 PIO B . 15.65 0.02 15.52
H8B2 PIO B . 14.20 0.89 15.84
H8B3 PIO B . 14.71 0.64 14.22
#